data_6MAT
#
_entry.id   6MAT
#
loop_
_entity.id
_entity.type
_entity.pdbx_description
1 polymer 'Rix7 mutant'
2 polymer 'unknown protein'
3 non-polymer "ADENOSINE-5'-TRIPHOSPHATE"
#
loop_
_entity_poly.entity_id
_entity_poly.type
_entity_poly.pdbx_seq_one_letter_code
_entity_poly.pdbx_strand_id
1 'polypeptide(L)'
;MSRRPTLRLGLDRDVYNIVLNLEQQGTDENGKRPRLTVDYVYDTIKRSNSSLARQKKRMLEDSIERVLAVRKEQAKAEEE
TDSDDLIEAQERERERQKAAQAQRDANLLNRQIAKSWGFASSPGAKAADGEKGTDTGSIATPAPATPAVAENMAADTPTT
STGPVLPASSTDRQPNGEPRPKKRKAAPKEIDRTPPTKVSILDIAGVDDTLQRLLKEVWFPLRGGEACEKMGYRYDNGVL
LHGPSGCGKTTLAHAIAGSIGVAFIPVSAPSVIGGTSGESEKNIRDVFDEAIRLAPCLIFLDQIDAIAGRRESANKGMES
RIVAEIMNGMDRIRQNTPLGKNVVVLAATNRPEFLDPAIRRRFSVEIDMGMPSERAREQILRSLTRDLSLADDINFKELA
KMTPGYVGSDLQYVVKAAVSESFQANIDSLLAQARAKHPADHLANVSQPQRDWLLLEAHRDEEVSWPSTKITMEQFRKAV
SLVQPASKREGFSTIPDTTWSHVGALEDVRKKLEMSIIGPIKNPELFTRVGIKPAAGILLWGPPGCGKTLVAKAVANESK
ANFISIKGPELLNKYVGESERAVRQLFSRAKSSAPCILFFDQMDALVPRRDDSLSDASARVVNTLLTELDGVGDRSGIYV
IGATNRPDMIDEAIRRPGRLGTSIYVGLPSAEDRVKILKTLYRNTVKAPKKREGTNGEDVDMTDAAAEQQHQGTTDADLE
KVALDLRCTGFSGADLGNLMQAAAQACLERVYTQRQQKRKEGGSVAEEEEIEPVITMEDWEKALNEVKPSVKDPEKYMHS
GFAAALEHHHHHH
;
A,B,C,D,E,F
2 'polypeptide(L)'
;(UNK)(UNK)(UNK)(UNK)(UNK)(UNK)(UNK)(UNK)(UNK)(UNK)(UNK)(UNK)(UNK)(UNK)(UNK)(UNK)
(UNK)(UNK)(UNK)(UNK)(UNK)(UNK)(UNK)(UNK)(UNK)(UNK)(UNK)
;
G
#
loop_
_chem_comp.id
_chem_comp.type
_chem_comp.name
_chem_comp.formula
ATP non-polymer ADENOSINE-5'-TRIPHOSPHATE 'C10 H16 N5 O13 P3'
#
# COMPACT_ATOMS: atom_id res chain seq x y z
N ARG A 193 14.66 -19.69 53.17
CA ARG A 193 15.16 -21.01 52.69
C ARG A 193 14.11 -21.71 51.83
N THR A 194 14.56 -22.38 50.76
CA THR A 194 13.69 -23.09 49.84
C THR A 194 14.24 -24.51 49.52
N PRO A 195 13.78 -25.55 50.26
CA PRO A 195 14.20 -26.95 50.08
C PRO A 195 13.51 -27.63 48.86
N PRO A 196 14.08 -28.73 48.29
CA PRO A 196 13.47 -29.43 47.14
C PRO A 196 12.15 -30.17 47.39
N THR A 197 11.41 -30.42 46.31
CA THR A 197 10.11 -31.11 46.34
C THR A 197 10.19 -32.60 45.97
N LYS A 198 9.13 -33.33 46.27
CA LYS A 198 9.02 -34.78 46.01
C LYS A 198 8.08 -35.11 44.84
N VAL A 199 8.66 -35.14 43.64
CA VAL A 199 7.95 -35.46 42.40
C VAL A 199 8.50 -36.79 41.86
N SER A 200 7.63 -37.58 41.22
CA SER A 200 8.00 -38.87 40.64
C SER A 200 8.83 -38.73 39.36
N ILE A 201 9.99 -39.38 39.35
CA ILE A 201 10.94 -39.37 38.23
C ILE A 201 10.60 -40.46 37.21
N LEU A 202 9.82 -41.44 37.67
CA LEU A 202 9.39 -42.58 36.85
C LEU A 202 8.14 -42.25 36.03
N ASP A 203 7.73 -40.98 36.05
CA ASP A 203 6.55 -40.50 35.33
C ASP A 203 6.84 -40.08 33.89
N ILE A 204 8.01 -39.48 33.66
CA ILE A 204 8.41 -39.02 32.32
C ILE A 204 9.20 -40.10 31.58
N ALA A 205 8.80 -40.35 30.32
CA ALA A 205 9.45 -41.34 29.46
C ALA A 205 9.30 -40.96 27.99
N GLY A 206 10.19 -41.51 27.16
CA GLY A 206 10.18 -41.23 25.73
C GLY A 206 11.17 -40.18 25.30
N VAL A 207 11.91 -39.68 26.29
CA VAL A 207 12.93 -38.64 26.12
C VAL A 207 14.32 -39.21 26.42
N ASP A 208 14.62 -40.40 25.87
CA ASP A 208 15.89 -41.09 26.08
C ASP A 208 17.17 -40.30 25.73
N ASP A 209 17.25 -39.87 24.47
CA ASP A 209 18.41 -39.11 23.96
C ASP A 209 18.61 -37.75 24.63
N THR A 210 17.51 -36.99 24.76
CA THR A 210 17.51 -35.66 25.39
C THR A 210 17.86 -35.68 26.88
N LEU A 211 17.28 -36.63 27.62
CA LEU A 211 17.53 -36.80 29.06
C LEU A 211 19.01 -37.15 29.31
N GLN A 212 19.58 -37.98 28.44
CA GLN A 212 21.00 -38.36 28.49
C GLN A 212 21.92 -37.13 28.37
N ARG A 213 21.65 -36.27 27.38
CA ARG A 213 22.39 -35.03 27.17
C ARG A 213 22.32 -34.11 28.39
N LEU A 214 21.10 -33.94 28.92
CA LEU A 214 20.82 -33.14 30.11
C LEU A 214 21.63 -33.66 31.30
N LEU A 215 21.65 -34.98 31.48
CA LEU A 215 22.43 -35.65 32.54
C LEU A 215 23.90 -35.29 32.48
N LYS A 216 24.50 -35.44 31.29
CA LYS A 216 25.91 -35.13 31.03
C LYS A 216 26.29 -33.69 31.43
N GLU A 217 25.48 -32.74 30.96
CA GLU A 217 25.68 -31.31 31.23
C GLU A 217 25.44 -30.85 32.67
N VAL A 218 24.47 -31.48 33.35
CA VAL A 218 24.10 -31.10 34.71
C VAL A 218 24.74 -31.90 35.86
N TRP A 219 25.00 -33.20 35.63
CA TRP A 219 25.58 -34.07 36.65
C TRP A 219 26.97 -33.69 37.17
N PHE A 220 27.93 -33.50 36.28
CA PHE A 220 29.31 -33.15 36.66
C PHE A 220 29.45 -31.87 37.52
N PRO A 221 28.88 -30.70 37.10
CA PRO A 221 29.03 -29.50 37.94
C PRO A 221 28.35 -29.53 39.31
N LEU A 222 27.14 -30.12 39.37
CA LEU A 222 26.39 -30.22 40.61
C LEU A 222 26.84 -31.27 41.62
N ARG A 223 27.06 -32.49 41.15
CA ARG A 223 27.45 -33.63 41.98
C ARG A 223 28.90 -33.71 42.44
N GLY A 224 29.83 -33.41 41.53
CA GLY A 224 31.25 -33.48 41.85
C GLY A 224 31.83 -32.08 41.88
N GLY A 225 31.37 -31.29 42.85
CA GLY A 225 31.81 -29.92 43.04
C GLY A 225 33.27 -29.72 43.40
N GLU A 226 33.79 -30.61 44.25
CA GLU A 226 35.18 -30.60 44.70
C GLU A 226 36.16 -30.79 43.54
N ALA A 227 35.80 -31.71 42.64
CA ALA A 227 36.57 -32.06 41.44
C ALA A 227 36.73 -30.89 40.45
N CYS A 228 35.63 -30.21 40.16
CA CYS A 228 35.62 -29.07 39.23
C CYS A 228 36.43 -27.87 39.76
N GLU A 229 36.33 -27.63 41.08
CA GLU A 229 37.09 -26.58 41.78
C GLU A 229 38.60 -26.79 41.67
N LYS A 230 39.04 -28.04 41.93
CA LYS A 230 40.45 -28.45 41.85
C LYS A 230 41.07 -28.30 40.45
N MET A 231 40.32 -28.75 39.45
CA MET A 231 40.74 -28.68 38.04
C MET A 231 40.87 -27.24 37.49
N GLY A 232 39.90 -26.39 37.85
CA GLY A 232 39.91 -24.99 37.41
C GLY A 232 39.25 -24.71 36.09
N TYR A 233 38.68 -25.76 35.47
CA TYR A 233 38.00 -25.66 34.17
C TYR A 233 36.57 -25.14 34.36
N ARG A 234 36.05 -24.42 33.37
CA ARG A 234 34.69 -23.87 33.42
C ARG A 234 33.62 -24.76 32.79
N TYR A 235 32.40 -24.68 33.34
CA TYR A 235 31.26 -25.49 32.90
C TYR A 235 30.05 -24.77 32.27
N ASP A 236 28.92 -25.50 32.16
CA ASP A 236 27.67 -25.01 31.58
C ASP A 236 26.84 -24.19 32.57
N ASN A 237 26.38 -23.02 32.12
CA ASN A 237 25.60 -22.10 32.94
C ASN A 237 24.08 -22.10 32.73
N GLY A 238 23.66 -21.90 31.47
CA GLY A 238 22.24 -21.86 31.16
C GLY A 238 21.72 -22.94 30.23
N VAL A 239 20.61 -23.57 30.64
CA VAL A 239 19.97 -24.64 29.87
C VAL A 239 18.53 -24.22 29.53
N LEU A 240 18.27 -24.05 28.23
CA LEU A 240 16.95 -23.64 27.74
C LEU A 240 16.16 -24.82 27.15
N LEU A 241 14.95 -25.02 27.67
CA LEU A 241 14.05 -26.08 27.22
C LEU A 241 12.93 -25.47 26.39
N HIS A 242 12.80 -25.95 25.15
CA HIS A 242 11.74 -25.44 24.27
C HIS A 242 10.88 -26.57 23.69
N GLY A 243 9.74 -26.17 23.15
CA GLY A 243 8.79 -27.10 22.56
C GLY A 243 7.36 -26.63 22.82
N PRO A 244 6.32 -27.37 22.36
CA PRO A 244 4.92 -26.98 22.58
C PRO A 244 4.45 -27.03 24.06
N SER A 245 3.27 -26.48 24.32
CA SER A 245 2.69 -26.44 25.67
C SER A 245 2.27 -27.83 26.15
N GLY A 246 2.46 -28.09 27.44
CA GLY A 246 2.10 -29.37 28.03
C GLY A 246 3.01 -30.53 27.68
N CYS A 247 4.20 -30.20 27.16
CA CYS A 247 5.20 -31.20 26.76
C CYS A 247 6.01 -31.77 27.91
N GLY A 248 5.73 -31.28 29.12
CA GLY A 248 6.42 -31.76 30.30
C GLY A 248 7.68 -31.00 30.64
N LYS A 249 7.75 -29.73 30.26
CA LYS A 249 8.91 -28.88 30.54
C LYS A 249 9.04 -28.57 32.03
N THR A 250 7.93 -28.14 32.63
CA THR A 250 7.85 -27.81 34.05
C THR A 250 8.10 -29.06 34.93
N THR A 251 7.49 -30.17 34.53
CA THR A 251 7.65 -31.45 35.23
C THR A 251 9.09 -31.98 35.19
N LEU A 252 9.72 -31.94 34.01
CA LEU A 252 11.10 -32.37 33.80
C LEU A 252 12.04 -31.62 34.73
N ALA A 253 11.88 -30.30 34.81
CA ALA A 253 12.67 -29.43 35.68
C ALA A 253 12.51 -29.80 37.17
N HIS A 254 11.25 -29.98 37.59
CA HIS A 254 10.89 -30.39 38.96
C HIS A 254 11.49 -31.75 39.33
N ALA A 255 11.38 -32.70 38.38
CA ALA A 255 11.91 -34.06 38.50
C ALA A 255 13.42 -34.06 38.70
N ILE A 256 14.12 -33.32 37.84
CA ILE A 256 15.57 -33.16 37.86
C ILE A 256 16.06 -32.62 39.22
N ALA A 257 15.35 -31.61 39.74
CA ALA A 257 15.63 -31.03 41.05
C ALA A 257 15.54 -32.06 42.18
N GLY A 258 14.40 -32.76 42.20
CA GLY A 258 14.14 -33.81 43.18
C GLY A 258 15.14 -34.94 43.12
N SER A 259 15.41 -35.43 41.91
CA SER A 259 16.36 -36.52 41.65
C SER A 259 17.82 -36.27 42.11
N ILE A 260 18.35 -35.10 41.75
CA ILE A 260 19.70 -34.68 42.15
C ILE A 260 19.75 -34.35 43.65
N GLY A 261 18.71 -33.69 44.15
CA GLY A 261 18.61 -33.36 45.56
C GLY A 261 19.12 -31.99 45.91
N VAL A 262 19.24 -31.15 44.89
CA VAL A 262 19.70 -29.77 45.04
C VAL A 262 18.55 -28.81 45.39
N ALA A 263 18.88 -27.59 45.80
CA ALA A 263 17.88 -26.59 46.18
C ALA A 263 17.15 -26.01 44.95
N PHE A 264 15.83 -26.02 45.01
CA PHE A 264 15.01 -25.54 43.90
C PHE A 264 14.41 -24.17 44.17
N ILE A 265 14.76 -23.21 43.30
CA ILE A 265 14.25 -21.84 43.39
C ILE A 265 13.35 -21.64 42.15
N PRO A 266 12.01 -21.70 42.33
CA PRO A 266 11.09 -21.53 41.19
C PRO A 266 10.76 -20.07 40.91
N VAL A 267 11.12 -19.62 39.71
CA VAL A 267 10.85 -18.24 39.30
C VAL A 267 9.85 -18.33 38.15
N SER A 268 8.58 -18.02 38.48
CA SER A 268 7.50 -18.02 37.50
C SER A 268 7.46 -16.64 36.85
N ALA A 269 6.81 -16.55 35.69
CA ALA A 269 6.70 -15.30 34.94
C ALA A 269 6.21 -14.02 35.67
N PRO A 270 5.15 -14.10 36.53
CA PRO A 270 4.72 -12.87 37.22
C PRO A 270 5.07 -12.77 38.71
N SER A 271 5.83 -13.74 39.23
CA SER A 271 6.21 -13.80 40.65
C SER A 271 7.16 -12.72 41.18
N VAL A 272 7.95 -12.13 40.29
CA VAL A 272 8.92 -11.09 40.65
C VAL A 272 8.43 -9.63 40.54
N ILE A 273 7.35 -9.43 39.80
CA ILE A 273 6.76 -8.09 39.57
C ILE A 273 6.04 -7.55 40.82
N GLY A 274 6.37 -6.30 41.16
CA GLY A 274 5.77 -5.65 42.32
C GLY A 274 4.85 -4.48 41.97
N GLY A 275 4.56 -3.66 42.97
CA GLY A 275 3.69 -2.50 42.80
C GLY A 275 4.40 -1.24 42.33
N THR A 276 5.44 -0.85 43.06
CA THR A 276 6.24 0.34 42.74
C THR A 276 7.33 0.05 41.71
N SER A 277 7.78 1.11 41.01
CA SER A 277 8.82 1.01 40.00
C SER A 277 10.22 1.00 40.63
N GLY A 278 10.59 -0.17 41.15
CA GLY A 278 11.88 -0.36 41.80
C GLY A 278 11.91 -1.68 42.57
N GLU A 279 10.74 -2.08 43.08
CA GLU A 279 10.58 -3.32 43.85
C GLU A 279 10.86 -4.57 43.00
N SER A 280 10.48 -4.50 41.72
CA SER A 280 10.68 -5.59 40.74
C SER A 280 12.17 -5.90 40.55
N GLU A 281 12.96 -4.84 40.34
CA GLU A 281 14.41 -4.91 40.14
C GLU A 281 15.14 -5.38 41.40
N LYS A 282 14.70 -4.85 42.56
CA LYS A 282 15.25 -5.21 43.88
C LYS A 282 15.09 -6.71 44.14
N ASN A 283 13.91 -7.25 43.83
CA ASN A 283 13.61 -8.68 43.97
C ASN A 283 14.51 -9.56 43.09
N ILE A 284 14.72 -9.16 41.82
CA ILE A 284 15.60 -9.87 40.87
C ILE A 284 17.02 -9.98 41.48
N ARG A 285 17.52 -8.87 42.01
CA ARG A 285 18.83 -8.80 42.68
C ARG A 285 18.90 -9.78 43.86
N ASP A 286 17.91 -9.70 44.76
CA ASP A 286 17.81 -10.57 45.95
C ASP A 286 17.79 -12.07 45.60
N VAL A 287 17.07 -12.42 44.52
CA VAL A 287 16.98 -13.79 43.99
C VAL A 287 18.39 -14.30 43.62
N PHE A 288 19.09 -13.53 42.78
CA PHE A 288 20.46 -13.87 42.36
C PHE A 288 21.46 -13.87 43.53
N ASP A 289 21.34 -12.89 44.43
CA ASP A 289 22.20 -12.77 45.62
C ASP A 289 22.10 -13.97 46.58
N GLU A 290 20.87 -14.36 46.92
CA GLU A 290 20.63 -15.52 47.79
C GLU A 290 21.06 -16.82 47.10
N ALA A 291 20.76 -16.92 45.80
CA ALA A 291 21.12 -18.06 44.96
C ALA A 291 22.64 -18.33 44.89
N ILE A 292 23.44 -17.28 44.65
CA ILE A 292 24.90 -17.43 44.61
C ILE A 292 25.48 -17.77 46.00
N ARG A 293 24.92 -17.17 47.04
CA ARG A 293 25.31 -17.41 48.44
C ARG A 293 25.14 -18.90 48.84
N LEU A 294 23.97 -19.46 48.56
CA LEU A 294 23.65 -20.87 48.86
C LEU A 294 23.84 -21.78 47.64
N ALA A 295 24.61 -22.85 47.81
CA ALA A 295 24.91 -23.80 46.72
C ALA A 295 24.97 -25.25 47.22
N PRO A 296 24.65 -26.26 46.35
CA PRO A 296 24.21 -26.27 44.95
C PRO A 296 22.69 -26.04 44.77
N CYS A 297 22.36 -25.22 43.78
CA CYS A 297 20.98 -24.85 43.48
C CYS A 297 20.60 -24.85 42.00
N LEU A 298 19.30 -24.95 41.75
CA LEU A 298 18.73 -24.92 40.41
C LEU A 298 17.66 -23.84 40.32
N ILE A 299 17.96 -22.80 39.53
CA ILE A 299 17.04 -21.69 39.32
C ILE A 299 16.24 -22.02 38.06
N PHE A 300 14.92 -22.05 38.20
CA PHE A 300 14.05 -22.37 37.08
C PHE A 300 13.16 -21.18 36.68
N LEU A 301 13.39 -20.70 35.47
CA LEU A 301 12.64 -19.59 34.88
C LEU A 301 11.54 -20.16 33.98
N ASP A 302 10.33 -20.28 34.53
CA ASP A 302 9.19 -20.82 33.80
C ASP A 302 8.50 -19.68 33.06
N GLN A 303 8.22 -19.91 31.77
CA GLN A 303 7.58 -18.94 30.85
C GLN A 303 8.38 -17.62 30.83
N ILE A 304 9.44 -17.59 30.05
CA ILE A 304 10.34 -16.45 29.97
C ILE A 304 9.98 -15.32 28.97
N ASP A 305 9.11 -15.60 28.00
CA ASP A 305 8.71 -14.61 27.00
C ASP A 305 7.86 -13.45 27.56
N ALA A 306 7.30 -13.67 28.75
CA ALA A 306 6.48 -12.68 29.45
C ALA A 306 7.34 -11.65 30.18
N ILE A 307 8.54 -12.08 30.58
CA ILE A 307 9.50 -11.23 31.27
C ILE A 307 10.43 -10.55 30.26
N ALA A 308 11.10 -11.37 29.45
CA ALA A 308 12.04 -10.88 28.46
C ALA A 308 11.67 -11.14 27.00
N GLY A 309 10.79 -10.27 26.49
CA GLY A 309 10.38 -10.34 25.09
C GLY A 309 11.34 -9.43 24.34
N ARG A 310 11.12 -9.24 23.04
CA ARG A 310 11.98 -8.36 22.22
C ARG A 310 11.84 -6.92 22.71
N ARG A 311 12.99 -6.26 22.93
CA ARG A 311 13.01 -4.87 23.42
C ARG A 311 12.47 -3.81 22.46
N GLU A 312 12.25 -4.22 21.20
CA GLU A 312 11.69 -3.35 20.17
C GLU A 312 10.15 -3.43 20.23
N SER A 313 9.64 -4.58 20.67
CA SER A 313 8.21 -4.84 20.81
C SER A 313 7.64 -4.31 22.13
N ALA A 314 8.55 -3.94 23.04
CA ALA A 314 8.21 -3.38 24.35
C ALA A 314 8.58 -1.90 24.39
N ASN A 315 7.55 -1.05 24.37
CA ASN A 315 7.72 0.41 24.41
C ASN A 315 7.71 1.00 25.82
N LYS A 316 7.76 0.12 26.82
CA LYS A 316 7.75 0.51 28.23
C LYS A 316 9.20 0.61 28.76
N GLY A 317 9.42 1.55 29.67
CA GLY A 317 10.73 1.76 30.28
C GLY A 317 11.08 0.80 31.41
N MET A 318 10.09 0.03 31.86
CA MET A 318 10.25 -0.94 32.93
C MET A 318 10.71 -2.31 32.41
N GLU A 319 10.12 -2.73 31.28
CA GLU A 319 10.43 -4.02 30.64
C GLU A 319 11.88 -4.14 30.16
N SER A 320 12.38 -3.06 29.56
CA SER A 320 13.77 -2.97 29.07
C SER A 320 14.76 -3.02 30.24
N ARG A 321 14.37 -2.38 31.34
CA ARG A 321 15.15 -2.31 32.58
C ARG A 321 15.28 -3.68 33.25
N ILE A 322 14.21 -4.47 33.18
CA ILE A 322 14.17 -5.83 33.73
C ILE A 322 15.14 -6.76 32.97
N VAL A 323 15.13 -6.67 31.63
CA VAL A 323 16.05 -7.45 30.77
C VAL A 323 17.51 -7.14 31.16
N ALA A 324 17.81 -5.85 31.35
CA ALA A 324 19.12 -5.36 31.79
C ALA A 324 19.55 -5.97 33.14
N GLU A 325 18.62 -6.01 34.09
CA GLU A 325 18.83 -6.62 35.42
C GLU A 325 19.26 -8.09 35.33
N ILE A 326 18.59 -8.85 34.46
CA ILE A 326 18.90 -10.25 34.20
C ILE A 326 20.33 -10.40 33.66
N MET A 327 20.70 -9.60 32.66
CA MET A 327 22.06 -9.60 32.07
C MET A 327 23.15 -9.36 33.10
N ASN A 328 22.93 -8.35 33.95
CA ASN A 328 23.84 -7.98 35.04
C ASN A 328 24.04 -9.16 36.00
N GLY A 329 22.94 -9.80 36.39
CA GLY A 329 22.96 -10.98 37.24
C GLY A 329 23.78 -12.13 36.66
N MET A 330 23.59 -12.40 35.37
CA MET A 330 24.31 -13.45 34.62
C MET A 330 25.84 -13.26 34.68
N ASP A 331 26.28 -12.02 34.48
CA ASP A 331 27.70 -11.65 34.56
C ASP A 331 28.29 -11.88 35.96
N ARG A 332 27.55 -11.47 36.99
CA ARG A 332 27.95 -11.65 38.41
C ARG A 332 28.26 -13.11 38.77
N ILE A 333 27.39 -14.02 38.28
CA ILE A 333 27.55 -15.46 38.48
C ILE A 333 28.90 -15.92 37.88
N ARG A 334 29.14 -15.56 36.61
CA ARG A 334 30.38 -15.92 35.88
C ARG A 334 31.67 -15.55 36.63
N GLN A 335 31.70 -14.34 37.21
CA GLN A 335 32.84 -13.84 37.99
C GLN A 335 33.08 -14.61 39.29
N ASN A 336 32.01 -14.83 40.06
CA ASN A 336 32.05 -15.56 41.34
C ASN A 336 32.39 -17.07 41.27
N THR A 337 31.95 -17.74 40.20
CA THR A 337 32.16 -19.18 39.91
C THR A 337 33.46 -19.96 40.30
N PRO A 338 34.70 -19.42 40.06
CA PRO A 338 35.90 -20.20 40.45
C PRO A 338 36.15 -20.48 41.94
N LEU A 339 35.35 -19.86 42.81
CA LEU A 339 35.48 -20.02 44.27
C LEU A 339 34.89 -21.34 44.80
N GLY A 340 33.60 -21.55 44.54
CA GLY A 340 32.91 -22.75 44.98
C GLY A 340 31.41 -22.62 44.81
N LYS A 341 31.02 -21.68 43.96
CA LYS A 341 29.62 -21.38 43.65
C LYS A 341 29.14 -22.27 42.50
N ASN A 342 28.12 -23.09 42.79
CA ASN A 342 27.55 -24.03 41.82
C ASN A 342 26.03 -23.84 41.62
N VAL A 343 25.67 -23.02 40.63
CA VAL A 343 24.26 -22.75 40.29
C VAL A 343 24.01 -22.87 38.78
N VAL A 344 23.01 -23.67 38.42
CA VAL A 344 22.64 -23.87 37.02
C VAL A 344 21.26 -23.25 36.80
N VAL A 345 21.16 -22.41 35.77
CA VAL A 345 19.91 -21.74 35.44
C VAL A 345 19.15 -22.44 34.32
N LEU A 346 18.03 -23.04 34.70
CA LEU A 346 17.15 -23.73 33.77
C LEU A 346 16.05 -22.76 33.35
N ALA A 347 15.57 -22.91 32.12
CA ALA A 347 14.52 -22.04 31.60
C ALA A 347 13.61 -22.77 30.61
N ALA A 348 12.33 -22.40 30.63
CA ALA A 348 11.34 -23.01 29.75
C ALA A 348 10.54 -21.97 28.98
N THR A 349 10.41 -22.20 27.67
CA THR A 349 9.65 -21.33 26.77
C THR A 349 8.87 -22.17 25.75
N ASN A 350 7.81 -21.57 25.20
CA ASN A 350 6.95 -22.23 24.22
C ASN A 350 7.28 -21.80 22.79
N ARG A 351 7.91 -20.64 22.65
CA ARG A 351 8.30 -20.07 21.35
C ARG A 351 9.66 -19.34 21.39
N PRO A 352 10.64 -19.82 20.59
CA PRO A 352 11.99 -19.21 20.53
C PRO A 352 12.10 -17.87 19.80
N GLU A 353 11.17 -17.62 18.88
CA GLU A 353 11.11 -16.40 18.07
C GLU A 353 10.72 -15.14 18.84
N PHE A 354 9.95 -15.32 19.92
CA PHE A 354 9.49 -14.22 20.76
C PHE A 354 10.54 -13.72 21.74
N LEU A 355 11.54 -14.56 22.00
CA LEU A 355 12.63 -14.24 22.92
C LEU A 355 13.60 -13.23 22.29
N ASP A 356 14.15 -12.35 23.11
CA ASP A 356 15.11 -11.33 22.70
C ASP A 356 16.44 -12.00 22.28
N PRO A 357 16.93 -11.74 21.04
CA PRO A 357 18.18 -12.32 20.53
C PRO A 357 19.39 -12.18 21.48
N ALA A 358 19.35 -11.14 22.31
CA ALA A 358 20.38 -10.85 23.30
C ALA A 358 20.47 -11.94 24.40
N ILE A 359 19.33 -12.31 24.98
CA ILE A 359 19.29 -13.37 26.01
C ILE A 359 19.60 -14.76 25.42
N ARG A 360 19.21 -14.95 24.14
CA ARG A 360 19.48 -16.20 23.39
C ARG A 360 20.99 -16.47 23.35
N ARG A 361 21.77 -15.42 23.06
CA ARG A 361 23.24 -15.47 23.05
C ARG A 361 23.82 -15.83 24.41
N ARG A 362 23.28 -15.23 25.49
CA ARG A 362 23.69 -15.52 26.88
C ARG A 362 23.56 -17.01 27.24
N PHE A 363 22.42 -17.61 26.87
CA PHE A 363 22.16 -19.04 27.09
C PHE A 363 22.92 -19.90 26.09
N SER A 364 23.64 -20.89 26.61
CA SER A 364 24.47 -21.77 25.79
C SER A 364 23.91 -23.12 25.36
N VAL A 365 23.26 -23.84 26.28
CA VAL A 365 22.71 -25.17 26.00
C VAL A 365 21.21 -25.11 25.72
N GLU A 366 20.79 -25.84 24.68
CA GLU A 366 19.39 -25.90 24.25
C GLU A 366 18.91 -27.33 24.02
N ILE A 367 17.75 -27.67 24.60
CA ILE A 367 17.14 -29.00 24.46
C ILE A 367 15.73 -28.87 23.86
N ASP A 368 15.49 -29.61 22.78
CA ASP A 368 14.21 -29.61 22.08
C ASP A 368 13.32 -30.77 22.57
N MET A 369 12.26 -30.42 23.29
CA MET A 369 11.29 -31.38 23.83
C MET A 369 10.10 -31.34 22.86
N GLY A 370 10.25 -32.06 21.76
CA GLY A 370 9.21 -32.08 20.73
C GLY A 370 8.20 -33.22 20.74
N MET A 371 8.08 -33.83 19.55
CA MET A 371 7.16 -34.93 19.23
C MET A 371 7.82 -36.33 19.38
N PRO A 372 7.18 -37.26 20.13
CA PRO A 372 7.66 -38.63 20.38
C PRO A 372 7.55 -39.66 19.22
N SER A 373 8.10 -40.86 19.45
CA SER A 373 8.10 -41.98 18.49
C SER A 373 7.17 -43.10 18.96
N GLU A 374 7.11 -44.18 18.18
CA GLU A 374 6.27 -45.35 18.47
C GLU A 374 6.59 -45.99 19.82
N ARG A 375 7.89 -46.17 20.06
CA ARG A 375 8.45 -46.75 21.28
C ARG A 375 8.17 -45.84 22.48
N ALA A 376 8.36 -44.53 22.24
CA ALA A 376 8.15 -43.47 23.21
C ALA A 376 6.71 -43.39 23.71
N ARG A 377 5.76 -43.42 22.76
CA ARG A 377 4.32 -43.40 23.05
C ARG A 377 3.89 -44.60 23.90
N GLU A 378 4.41 -45.78 23.54
CA GLU A 378 4.18 -47.04 24.26
C GLU A 378 4.55 -46.87 25.74
N GLN A 379 5.74 -46.31 25.97
CA GLN A 379 6.25 -46.01 27.31
C GLN A 379 5.36 -45.05 28.09
N ILE A 380 4.93 -43.96 27.45
CA ILE A 380 4.03 -42.95 28.04
C ILE A 380 2.71 -43.61 28.45
N LEU A 381 2.13 -44.42 27.55
CA LEU A 381 0.89 -45.15 27.82
C LEU A 381 0.99 -46.00 29.08
N ARG A 382 2.10 -46.74 29.21
CA ARG A 382 2.39 -47.58 30.39
C ARG A 382 2.46 -46.78 31.70
N SER A 383 3.09 -45.60 31.65
CA SER A 383 3.21 -44.69 32.79
C SER A 383 1.85 -44.23 33.33
N LEU A 384 0.95 -43.88 32.41
CA LEU A 384 -0.42 -43.44 32.72
C LEU A 384 -1.34 -44.58 33.21
N THR A 385 -1.24 -45.72 32.54
CA THR A 385 -2.02 -46.93 32.87
C THR A 385 -1.67 -47.58 34.22
N ARG A 386 -0.43 -47.38 34.66
CA ARG A 386 0.14 -47.84 35.95
C ARG A 386 -0.82 -48.01 37.16
N ASP A 387 -1.73 -47.06 37.35
CA ASP A 387 -2.69 -47.09 38.46
C ASP A 387 -4.04 -47.77 38.13
N LEU A 388 -4.24 -48.06 36.84
CA LEU A 388 -5.47 -48.69 36.34
C LEU A 388 -5.37 -50.21 36.19
N SER A 389 -6.53 -50.88 36.31
CA SER A 389 -6.63 -52.32 36.17
C SER A 389 -7.06 -52.65 34.74
N LEU A 390 -6.07 -52.88 33.88
CA LEU A 390 -6.28 -53.20 32.48
C LEU A 390 -6.66 -54.66 32.26
N ALA A 391 -7.48 -54.89 31.23
CA ALA A 391 -7.91 -56.23 30.87
C ALA A 391 -6.83 -56.88 30.00
N ASP A 392 -6.92 -58.19 29.82
CA ASP A 392 -5.96 -58.97 29.03
C ASP A 392 -5.99 -58.72 27.52
N ASP A 393 -7.12 -58.23 27.01
CA ASP A 393 -7.30 -57.94 25.58
C ASP A 393 -6.63 -56.64 25.11
N ILE A 394 -6.21 -55.82 26.08
CA ILE A 394 -5.56 -54.53 25.81
C ILE A 394 -4.08 -54.69 25.48
N ASN A 395 -3.71 -54.22 24.30
CA ASN A 395 -2.33 -54.27 23.84
C ASN A 395 -1.90 -52.82 23.58
N PHE A 396 -1.20 -52.26 24.57
CA PHE A 396 -0.66 -50.88 24.53
C PHE A 396 0.23 -50.62 23.31
N LYS A 397 0.85 -51.69 22.82
CA LYS A 397 1.72 -51.68 21.65
C LYS A 397 0.91 -51.32 20.40
N GLU A 398 -0.28 -51.92 20.27
CA GLU A 398 -1.20 -51.67 19.16
C GLU A 398 -1.72 -50.23 19.18
N LEU A 399 -2.05 -49.75 20.38
CA LEU A 399 -2.51 -48.36 20.57
C LEU A 399 -1.44 -47.38 20.08
N ALA A 400 -0.21 -47.54 20.57
CA ALA A 400 0.96 -46.70 20.22
C ALA A 400 1.24 -46.64 18.71
N LYS A 401 1.17 -47.81 18.05
CA LYS A 401 1.36 -47.95 16.59
C LYS A 401 0.36 -47.10 15.80
N MET A 402 -0.92 -47.23 16.15
CA MET A 402 -2.02 -46.50 15.51
C MET A 402 -2.36 -45.15 16.16
N THR A 403 -1.32 -44.45 16.61
CA THR A 403 -1.44 -43.13 17.26
C THR A 403 -0.34 -42.27 16.63
N PRO A 404 -0.58 -41.69 15.44
CA PRO A 404 0.40 -40.86 14.72
C PRO A 404 0.99 -39.58 15.35
N GLY A 405 0.25 -38.47 15.28
CA GLY A 405 0.74 -37.20 15.80
C GLY A 405 0.24 -36.75 17.16
N TYR A 406 0.27 -37.66 18.14
CA TYR A 406 -0.19 -37.35 19.49
C TYR A 406 0.98 -37.12 20.44
N VAL A 407 0.82 -36.15 21.34
CA VAL A 407 1.86 -35.77 22.31
C VAL A 407 1.57 -36.40 23.68
N GLY A 408 2.46 -36.14 24.65
CA GLY A 408 2.35 -36.65 26.02
C GLY A 408 1.05 -36.29 26.72
N SER A 409 0.60 -35.06 26.46
CA SER A 409 -0.65 -34.55 27.01
C SER A 409 -1.86 -35.24 26.35
N ASP A 410 -1.78 -35.45 25.04
CA ASP A 410 -2.83 -36.11 24.25
C ASP A 410 -3.08 -37.54 24.70
N LEU A 411 -2.00 -38.29 24.89
CA LEU A 411 -2.04 -39.68 25.38
C LEU A 411 -2.66 -39.74 26.78
N GLN A 412 -2.29 -38.78 27.63
CA GLN A 412 -2.83 -38.62 28.99
C GLN A 412 -4.36 -38.53 28.94
N TYR A 413 -4.85 -37.72 28.02
CA TYR A 413 -6.28 -37.55 27.78
C TYR A 413 -7.00 -38.78 27.24
N VAL A 414 -6.37 -39.51 26.32
CA VAL A 414 -6.91 -40.75 25.76
C VAL A 414 -7.24 -41.74 26.90
N VAL A 415 -6.32 -41.83 27.87
CA VAL A 415 -6.49 -42.66 29.07
C VAL A 415 -7.71 -42.19 29.88
N LYS A 416 -7.82 -40.87 30.11
CA LYS A 416 -8.97 -40.26 30.82
C LYS A 416 -10.31 -40.51 30.10
N ALA A 417 -10.28 -40.41 28.77
CA ALA A 417 -11.43 -40.66 27.89
C ALA A 417 -11.99 -42.08 28.06
N ALA A 418 -11.08 -43.05 28.12
CA ALA A 418 -11.41 -44.47 28.33
C ALA A 418 -12.17 -44.69 29.66
N VAL A 419 -11.70 -44.02 30.72
CA VAL A 419 -12.31 -44.06 32.06
C VAL A 419 -13.80 -43.65 32.02
N SER A 420 -14.07 -42.50 31.38
CA SER A 420 -15.45 -42.00 31.21
C SER A 420 -16.35 -42.97 30.41
N GLU A 421 -15.81 -43.53 29.32
CA GLU A 421 -16.51 -44.49 28.46
C GLU A 421 -16.95 -45.78 29.18
N SER A 422 -16.09 -46.29 30.05
CA SER A 422 -16.38 -47.48 30.87
C SER A 422 -17.53 -47.28 31.85
N PHE A 423 -17.53 -46.13 32.53
CA PHE A 423 -18.57 -45.78 33.49
C PHE A 423 -19.96 -45.37 32.98
N GLN A 424 -20.30 -45.83 31.78
CA GLN A 424 -21.61 -45.55 31.15
C GLN A 424 -22.63 -46.59 31.62
N ALA A 425 -22.12 -47.77 31.97
CA ALA A 425 -22.91 -48.91 32.46
C ALA A 425 -23.59 -48.56 33.78
N ASN A 426 -22.84 -47.88 34.66
CA ASN A 426 -23.31 -47.43 35.96
C ASN A 426 -24.40 -46.37 35.84
N ILE A 427 -24.27 -45.52 34.82
CA ILE A 427 -25.25 -44.46 34.52
C ILE A 427 -26.60 -45.09 34.14
N ASP A 428 -26.57 -46.08 33.24
CA ASP A 428 -27.77 -46.81 32.79
C ASP A 428 -28.49 -47.49 33.97
N SER A 429 -27.69 -48.12 34.85
CA SER A 429 -28.18 -48.80 36.06
C SER A 429 -28.93 -47.83 36.99
N LEU A 430 -28.32 -46.67 37.26
CA LEU A 430 -28.89 -45.61 38.09
C LEU A 430 -30.21 -45.06 37.55
N LEU A 431 -30.28 -44.88 36.22
CA LEU A 431 -31.49 -44.42 35.52
C LEU A 431 -32.69 -45.35 35.76
N ALA A 432 -32.46 -46.65 35.55
CA ALA A 432 -33.47 -47.70 35.75
C ALA A 432 -33.93 -47.75 37.22
N GLN A 433 -32.96 -47.68 38.13
CA GLN A 433 -33.18 -47.67 39.59
C GLN A 433 -34.01 -46.46 40.05
N ALA A 434 -33.66 -45.28 39.55
CA ALA A 434 -34.36 -44.01 39.84
C ALA A 434 -35.83 -44.02 39.42
N ARG A 435 -36.10 -44.52 38.21
CA ARG A 435 -37.46 -44.64 37.65
C ARG A 435 -38.37 -45.64 38.39
N ALA A 436 -37.79 -46.38 39.33
CA ALA A 436 -38.50 -47.36 40.15
C ALA A 436 -38.81 -46.81 41.54
N LYS A 437 -37.89 -45.99 42.07
CA LYS A 437 -38.03 -45.35 43.40
C LYS A 437 -39.03 -44.20 43.33
N HIS A 438 -38.81 -43.31 42.36
CA HIS A 438 -39.67 -42.15 42.11
C HIS A 438 -40.16 -42.30 40.67
N PRO A 439 -41.37 -42.88 40.47
CA PRO A 439 -41.94 -43.07 39.12
C PRO A 439 -42.32 -41.77 38.42
N ALA A 440 -43.14 -40.96 39.09
CA ALA A 440 -43.65 -39.66 38.62
C ALA A 440 -44.47 -39.75 37.32
N ASP A 441 -44.80 -40.99 36.94
CA ASP A 441 -45.56 -41.36 35.73
C ASP A 441 -45.00 -40.80 34.41
N HIS A 442 -45.71 -39.86 33.80
CA HIS A 442 -45.31 -39.23 32.55
C HIS A 442 -45.26 -37.70 32.63
N LEU A 443 -45.31 -37.18 33.86
CA LEU A 443 -45.28 -35.75 34.15
C LEU A 443 -43.86 -35.17 34.13
N ALA A 444 -42.90 -36.03 34.47
CA ALA A 444 -41.48 -35.65 34.52
C ALA A 444 -40.76 -35.70 33.16
N ASN A 445 -41.48 -36.05 32.10
CA ASN A 445 -40.87 -36.15 30.77
C ASN A 445 -41.50 -35.36 29.62
N VAL A 446 -40.62 -34.60 28.94
CA VAL A 446 -40.93 -33.79 27.77
C VAL A 446 -39.93 -34.28 26.70
N SER A 447 -38.73 -34.63 27.17
CA SER A 447 -37.63 -35.16 26.36
C SER A 447 -36.82 -36.16 27.20
N GLN A 448 -35.74 -36.70 26.63
CA GLN A 448 -34.89 -37.69 27.32
C GLN A 448 -33.83 -37.15 28.30
N PRO A 449 -33.01 -36.13 27.91
CA PRO A 449 -31.99 -35.62 28.84
C PRO A 449 -32.59 -34.97 30.09
N GLN A 450 -33.63 -34.17 29.89
CA GLN A 450 -34.33 -33.46 30.95
C GLN A 450 -34.93 -34.34 32.04
N ARG A 451 -35.53 -35.48 31.64
CA ARG A 451 -36.13 -36.41 32.59
C ARG A 451 -35.04 -37.05 33.49
N ASP A 452 -33.91 -37.42 32.88
CA ASP A 452 -32.76 -37.99 33.60
C ASP A 452 -32.28 -37.03 34.69
N TRP A 453 -32.07 -35.77 34.30
CA TRP A 453 -31.63 -34.70 35.20
C TRP A 453 -32.53 -34.53 36.42
N LEU A 454 -33.84 -34.44 36.17
CA LEU A 454 -34.86 -34.28 37.20
C LEU A 454 -34.85 -35.37 38.27
N LEU A 455 -34.72 -36.63 37.85
CA LEU A 455 -34.65 -37.78 38.77
C LEU A 455 -33.48 -37.67 39.76
N LEU A 456 -32.30 -37.32 39.25
CA LEU A 456 -31.09 -37.14 40.05
C LEU A 456 -31.24 -36.02 41.08
N GLU A 457 -31.85 -34.91 40.65
CA GLU A 457 -32.15 -33.74 41.49
C GLU A 457 -33.03 -34.10 42.69
N ALA A 458 -34.04 -34.96 42.45
CA ALA A 458 -34.95 -35.45 43.49
C ALA A 458 -34.23 -36.26 44.58
N HIS A 459 -33.34 -37.16 44.15
CA HIS A 459 -32.55 -38.02 45.06
C HIS A 459 -31.63 -37.31 46.06
N ARG A 460 -30.75 -36.45 45.56
CA ARG A 460 -29.78 -35.65 46.37
C ARG A 460 -28.85 -36.38 47.37
N ASP A 461 -29.38 -36.67 48.57
CA ASP A 461 -28.65 -37.32 49.66
C ASP A 461 -28.55 -38.86 49.59
N GLU A 462 -28.78 -39.41 48.40
CA GLU A 462 -28.72 -40.86 48.19
C GLU A 462 -27.34 -41.30 47.69
N GLU A 463 -26.61 -41.99 48.57
CA GLU A 463 -25.26 -42.50 48.27
C GLU A 463 -25.33 -43.91 47.67
N VAL A 464 -24.62 -44.10 46.55
CA VAL A 464 -24.59 -45.37 45.84
C VAL A 464 -23.16 -45.94 45.70
N SER A 465 -23.05 -47.26 45.84
CA SER A 465 -21.78 -47.98 45.72
C SER A 465 -21.46 -48.31 44.26
N TRP A 466 -20.28 -47.90 43.82
CA TRP A 466 -19.82 -48.12 42.45
C TRP A 466 -18.83 -49.28 42.30
N PRO A 467 -19.18 -50.30 41.48
CA PRO A 467 -18.32 -51.47 41.25
C PRO A 467 -17.11 -51.13 40.35
N SER A 468 -15.95 -51.64 40.72
CA SER A 468 -14.70 -51.42 39.96
C SER A 468 -14.60 -52.35 38.76
N THR A 469 -14.88 -51.80 37.58
CA THR A 469 -14.86 -52.54 36.32
C THR A 469 -13.57 -52.34 35.51
N LYS A 470 -13.27 -53.32 34.65
CA LYS A 470 -12.10 -53.30 33.79
C LYS A 470 -12.44 -52.78 32.40
N ILE A 471 -11.48 -52.09 31.79
CA ILE A 471 -11.61 -51.51 30.45
C ILE A 471 -11.25 -52.50 29.34
N THR A 472 -11.95 -52.42 28.21
CA THR A 472 -11.71 -53.28 27.05
C THR A 472 -10.98 -52.53 25.94
N MET A 473 -10.52 -53.25 24.93
CA MET A 473 -9.82 -52.68 23.77
C MET A 473 -10.82 -51.90 22.90
N GLU A 474 -12.07 -52.36 22.90
CA GLU A 474 -13.17 -51.74 22.16
C GLU A 474 -13.46 -50.34 22.69
N GLN A 475 -13.44 -50.20 24.02
CA GLN A 475 -13.67 -48.93 24.71
C GLN A 475 -12.58 -47.91 24.40
N PHE A 476 -11.36 -48.39 24.21
CA PHE A 476 -10.22 -47.55 23.84
C PHE A 476 -10.38 -47.01 22.42
N ARG A 477 -10.78 -47.90 21.49
CA ARG A 477 -11.03 -47.52 20.09
C ARG A 477 -12.14 -46.46 19.97
N LYS A 478 -13.19 -46.62 20.77
CA LYS A 478 -14.30 -45.68 20.85
C LYS A 478 -13.78 -44.32 21.36
N ALA A 479 -12.97 -44.36 22.44
CA ALA A 479 -12.34 -43.17 23.02
C ALA A 479 -11.46 -42.44 22.01
N VAL A 480 -10.62 -43.20 21.27
CA VAL A 480 -9.73 -42.67 20.21
C VAL A 480 -10.49 -41.93 19.10
N SER A 481 -11.61 -42.50 18.63
CA SER A 481 -12.46 -41.89 17.61
C SER A 481 -12.96 -40.49 18.00
N LEU A 482 -13.39 -40.35 19.26
CA LEU A 482 -13.87 -39.08 19.81
C LEU A 482 -12.81 -38.04 20.21
N VAL A 483 -11.53 -38.37 20.04
CA VAL A 483 -10.45 -37.45 20.40
C VAL A 483 -9.95 -36.65 19.18
N GLN A 484 -9.71 -35.35 19.39
CA GLN A 484 -9.19 -34.43 18.36
C GLN A 484 -8.42 -33.35 19.14
N PRO A 485 -7.10 -33.56 19.33
CA PRO A 485 -6.27 -32.60 20.06
C PRO A 485 -5.06 -32.01 19.30
N ALA A 486 -4.19 -31.32 20.05
CA ALA A 486 -2.96 -30.68 19.58
C ALA A 486 -3.10 -29.75 18.38
N SER A 487 -3.20 -30.35 17.19
CA SER A 487 -3.35 -29.62 15.93
C SER A 487 -4.82 -29.65 15.52
N LYS A 488 -5.68 -29.24 16.46
CA LYS A 488 -7.13 -29.18 16.29
C LYS A 488 -7.58 -27.82 15.74
N ARG A 489 -6.82 -26.78 16.09
CA ARG A 489 -7.08 -25.41 15.67
C ARG A 489 -6.51 -25.08 14.27
N GLU A 490 -5.81 -26.07 13.70
CA GLU A 490 -5.19 -25.97 12.37
C GLU A 490 -6.18 -25.66 11.24
N GLY A 491 -7.37 -26.25 11.36
CA GLY A 491 -8.40 -26.08 10.35
C GLY A 491 -8.46 -27.38 9.57
N PHE A 492 -8.51 -28.47 10.32
CA PHE A 492 -8.58 -29.82 9.76
C PHE A 492 -9.93 -30.10 9.13
N SER A 493 -9.90 -30.23 7.80
CA SER A 493 -11.10 -30.51 7.01
C SER A 493 -11.35 -32.02 7.05
N THR A 494 -12.56 -32.41 7.43
CA THR A 494 -12.93 -33.82 7.54
C THR A 494 -13.11 -34.52 6.19
N ILE A 495 -12.73 -35.80 6.16
CA ILE A 495 -12.82 -36.63 4.96
C ILE A 495 -14.26 -37.05 4.61
N PRO A 496 -14.73 -36.75 3.38
CA PRO A 496 -16.10 -37.10 2.93
C PRO A 496 -16.30 -38.60 2.69
N ASP A 497 -17.55 -38.97 2.39
CA ASP A 497 -17.94 -40.36 2.14
C ASP A 497 -17.62 -40.87 0.72
N THR A 498 -16.63 -40.24 0.08
CA THR A 498 -16.21 -40.60 -1.27
C THR A 498 -15.22 -41.76 -1.30
N THR A 499 -15.63 -42.84 -1.97
CA THR A 499 -14.82 -44.05 -2.12
C THR A 499 -14.54 -44.25 -3.62
N TRP A 500 -13.94 -45.38 -3.96
CA TRP A 500 -13.61 -45.71 -5.35
C TRP A 500 -14.83 -46.07 -6.18
N SER A 501 -15.90 -46.49 -5.50
CA SER A 501 -17.17 -46.87 -6.12
C SER A 501 -17.92 -45.65 -6.68
N HIS A 502 -17.52 -44.46 -6.23
CA HIS A 502 -18.10 -43.19 -6.67
C HIS A 502 -17.43 -42.70 -7.96
N VAL A 503 -16.26 -43.25 -8.26
CA VAL A 503 -15.49 -42.91 -9.45
C VAL A 503 -15.64 -44.00 -10.51
N GLY A 504 -16.21 -43.60 -11.65
CA GLY A 504 -16.41 -44.53 -12.76
C GLY A 504 -15.14 -44.63 -13.59
N ALA A 505 -14.65 -45.86 -13.76
CA ALA A 505 -13.43 -46.20 -14.50
C ALA A 505 -12.15 -45.65 -13.87
N LEU A 506 -11.20 -45.22 -14.70
CA LEU A 506 -9.88 -44.68 -14.29
C LEU A 506 -9.13 -45.67 -13.40
N GLU A 507 -9.32 -46.95 -13.70
CA GLU A 507 -8.74 -48.08 -12.96
C GLU A 507 -7.20 -48.05 -12.92
N ASP A 508 -6.60 -47.57 -14.01
CA ASP A 508 -5.14 -47.45 -14.14
C ASP A 508 -4.62 -46.39 -13.17
N VAL A 509 -5.32 -45.26 -13.13
CA VAL A 509 -5.00 -44.13 -12.25
C VAL A 509 -5.15 -44.54 -10.78
N ARG A 510 -6.20 -45.30 -10.49
CA ARG A 510 -6.50 -45.81 -9.13
C ARG A 510 -5.32 -46.62 -8.59
N LYS A 511 -4.82 -47.56 -9.39
CA LYS A 511 -3.67 -48.41 -9.06
C LYS A 511 -2.39 -47.61 -8.79
N LYS A 512 -2.10 -46.64 -9.67
CA LYS A 512 -0.94 -45.75 -9.55
C LYS A 512 -0.97 -44.95 -8.25
N LEU A 513 -2.15 -44.42 -7.93
CA LEU A 513 -2.40 -43.67 -6.70
C LEU A 513 -2.20 -44.52 -5.45
N GLU A 514 -2.73 -45.75 -5.49
CA GLU A 514 -2.58 -46.73 -4.40
C GLU A 514 -1.10 -46.97 -4.10
N MET A 515 -0.32 -47.20 -5.15
CA MET A 515 1.14 -47.43 -5.05
C MET A 515 1.84 -46.28 -4.31
N SER A 516 1.66 -45.07 -4.82
CA SER A 516 2.26 -43.86 -4.27
C SER A 516 1.88 -43.45 -2.84
N ILE A 517 0.59 -43.30 -2.56
CA ILE A 517 0.12 -42.88 -1.24
C ILE A 517 -0.17 -43.96 -0.17
N ILE A 518 -0.90 -45.00 -0.56
CA ILE A 518 -1.35 -46.06 0.34
C ILE A 518 -0.18 -47.02 0.61
N GLY A 519 0.73 -47.10 -0.37
CA GLY A 519 1.89 -47.97 -0.26
C GLY A 519 2.72 -47.56 0.94
N PRO A 520 3.20 -46.29 1.03
CA PRO A 520 4.00 -45.89 2.20
C PRO A 520 3.29 -45.79 3.55
N ILE A 521 2.04 -45.33 3.55
CA ILE A 521 1.24 -45.21 4.78
C ILE A 521 0.94 -46.55 5.47
N LYS A 522 0.36 -47.48 4.69
CA LYS A 522 -0.01 -48.80 5.19
C LYS A 522 1.12 -49.83 5.32
N ASN A 523 2.08 -49.78 4.40
CA ASN A 523 3.24 -50.70 4.39
C ASN A 523 4.64 -50.06 4.47
N PRO A 524 5.01 -49.44 5.64
CA PRO A 524 6.33 -48.81 5.80
C PRO A 524 7.45 -49.85 5.79
N GLU A 525 7.13 -51.04 6.28
CA GLU A 525 8.02 -52.20 6.35
C GLU A 525 8.55 -52.60 4.97
N LEU A 526 7.66 -52.60 3.99
CA LEU A 526 7.95 -52.95 2.60
C LEU A 526 8.95 -51.95 1.98
N PHE A 527 8.67 -50.65 2.16
CA PHE A 527 9.54 -49.59 1.64
C PHE A 527 10.95 -49.52 2.21
N THR A 528 11.07 -49.70 3.53
CA THR A 528 12.35 -49.72 4.22
C THR A 528 13.24 -50.89 3.77
N ARG A 529 12.62 -52.07 3.62
CA ARG A 529 13.30 -53.29 3.15
C ARG A 529 13.83 -53.22 1.71
N VAL A 530 13.02 -52.72 0.78
CA VAL A 530 13.45 -52.55 -0.62
C VAL A 530 14.54 -51.49 -0.81
N GLY A 531 14.40 -50.36 -0.11
CA GLY A 531 15.40 -49.31 -0.16
C GLY A 531 15.05 -47.95 -0.72
N ILE A 532 13.80 -47.73 -1.11
CA ILE A 532 13.38 -46.43 -1.65
C ILE A 532 12.70 -45.50 -0.65
N LYS A 533 12.90 -44.19 -0.86
CA LYS A 533 12.34 -43.13 -0.03
C LYS A 533 10.85 -42.90 -0.39
N PRO A 534 10.00 -42.54 0.61
CA PRO A 534 8.57 -42.30 0.33
C PRO A 534 8.36 -41.02 -0.52
N ALA A 535 7.20 -40.94 -1.19
CA ALA A 535 6.82 -39.82 -2.09
C ALA A 535 6.72 -38.41 -1.49
N ALA A 536 6.59 -37.43 -2.38
CA ALA A 536 6.48 -36.01 -2.01
C ALA A 536 5.22 -35.38 -2.58
N GLY A 537 4.99 -35.58 -3.89
CA GLY A 537 3.82 -34.99 -4.51
C GLY A 537 3.45 -35.36 -5.93
N ILE A 538 2.18 -35.14 -6.25
CA ILE A 538 1.61 -35.43 -7.57
C ILE A 538 0.83 -34.24 -8.13
N LEU A 539 0.69 -34.19 -9.46
CA LEU A 539 -0.06 -33.14 -10.14
C LEU A 539 -1.16 -33.73 -11.03
N LEU A 540 -2.39 -33.28 -10.78
CA LEU A 540 -3.55 -33.71 -11.55
C LEU A 540 -3.85 -32.60 -12.54
N TRP A 541 -3.77 -32.91 -13.84
CA TRP A 541 -4.03 -31.92 -14.87
C TRP A 541 -4.92 -32.43 -16.01
N GLY A 542 -5.73 -31.53 -16.55
CA GLY A 542 -6.60 -31.89 -17.67
C GLY A 542 -7.86 -31.05 -17.78
N PRO A 543 -8.85 -31.45 -18.62
CA PRO A 543 -10.12 -30.72 -18.80
C PRO A 543 -10.96 -30.58 -17.50
N PRO A 544 -11.74 -29.48 -17.36
CA PRO A 544 -12.58 -29.21 -16.17
C PRO A 544 -13.71 -30.21 -15.90
N GLY A 545 -13.91 -30.49 -14.61
CA GLY A 545 -14.97 -31.40 -14.16
C GLY A 545 -14.78 -32.87 -14.49
N CYS A 546 -13.54 -33.33 -14.39
CA CYS A 546 -13.22 -34.72 -14.70
C CYS A 546 -12.91 -35.57 -13.48
N GLY A 547 -13.15 -34.99 -12.29
CA GLY A 547 -12.92 -35.71 -11.05
C GLY A 547 -11.61 -35.51 -10.34
N LYS A 548 -10.90 -34.42 -10.64
CA LYS A 548 -9.60 -34.13 -10.00
C LYS A 548 -9.72 -33.90 -8.48
N THR A 549 -10.68 -33.06 -8.10
CA THR A 549 -10.96 -32.72 -6.69
C THR A 549 -11.44 -33.96 -5.91
N LEU A 550 -12.28 -34.77 -6.57
CA LEU A 550 -12.84 -36.02 -6.02
C LEU A 550 -11.75 -37.03 -5.71
N VAL A 551 -10.86 -37.23 -6.68
CA VAL A 551 -9.71 -38.14 -6.58
C VAL A 551 -8.87 -37.81 -5.34
N ALA A 552 -8.53 -36.52 -5.16
CA ALA A 552 -7.77 -36.05 -4.00
C ALA A 552 -8.41 -36.49 -2.66
N LYS A 553 -9.71 -36.22 -2.54
CA LYS A 553 -10.50 -36.59 -1.35
C LYS A 553 -10.59 -38.11 -1.16
N ALA A 554 -10.89 -38.81 -2.26
CA ALA A 554 -11.01 -40.28 -2.31
C ALA A 554 -9.79 -41.01 -1.79
N VAL A 555 -8.61 -40.55 -2.21
CA VAL A 555 -7.32 -41.08 -1.79
C VAL A 555 -7.14 -40.86 -0.27
N ALA A 556 -7.39 -39.63 0.18
CA ALA A 556 -7.30 -39.25 1.60
C ALA A 556 -8.19 -40.14 2.47
N ASN A 557 -9.44 -40.35 2.00
CA ASN A 557 -10.42 -41.21 2.65
C ASN A 557 -9.85 -42.63 2.82
N GLU A 558 -9.52 -43.27 1.67
CA GLU A 558 -8.97 -44.64 1.57
C GLU A 558 -7.84 -44.91 2.57
N SER A 559 -6.89 -43.97 2.63
CA SER A 559 -5.77 -44.00 3.56
C SER A 559 -6.15 -43.74 5.02
N LYS A 560 -7.38 -43.26 5.25
CA LYS A 560 -7.96 -42.89 6.56
C LYS A 560 -7.11 -41.79 7.19
N ALA A 561 -6.43 -41.08 6.28
CA ALA A 561 -5.52 -39.99 6.65
C ALA A 561 -6.20 -38.63 6.63
N ASN A 562 -5.52 -37.60 7.16
CA ASN A 562 -6.06 -36.24 7.22
C ASN A 562 -6.03 -35.53 5.86
N PHE A 563 -6.90 -34.54 5.69
CA PHE A 563 -7.01 -33.81 4.44
C PHE A 563 -7.18 -32.31 4.64
N ILE A 564 -6.36 -31.53 3.94
CA ILE A 564 -6.44 -30.07 3.98
C ILE A 564 -6.50 -29.58 2.53
N SER A 565 -7.49 -28.73 2.24
CA SER A 565 -7.69 -28.17 0.90
C SER A 565 -7.58 -26.64 0.86
N ILE A 566 -6.54 -26.16 0.20
CA ILE A 566 -6.32 -24.72 0.02
C ILE A 566 -6.53 -24.48 -1.47
N LYS A 567 -7.53 -23.64 -1.76
CA LYS A 567 -7.91 -23.32 -3.12
C LYS A 567 -7.43 -21.95 -3.55
N GLY A 568 -6.92 -21.86 -4.78
CA GLY A 568 -6.45 -20.61 -5.39
C GLY A 568 -5.74 -19.53 -4.56
N PRO A 569 -6.42 -18.43 -4.14
CA PRO A 569 -5.79 -17.36 -3.36
C PRO A 569 -6.12 -17.25 -1.85
N GLU A 570 -6.37 -18.38 -1.19
CA GLU A 570 -6.68 -18.41 0.24
C GLU A 570 -5.46 -18.23 1.16
N LEU A 571 -4.45 -17.52 0.64
CA LEU A 571 -3.19 -17.27 1.34
C LEU A 571 -2.94 -15.78 1.61
N LEU A 572 -3.13 -14.97 0.59
CA LEU A 572 -2.90 -13.51 0.61
C LEU A 572 -3.65 -12.66 1.62
N ASN A 573 -2.93 -11.69 2.19
CA ASN A 573 -3.45 -10.75 3.18
C ASN A 573 -3.26 -9.31 2.70
N LYS A 574 -3.78 -8.35 3.48
CA LYS A 574 -3.66 -6.92 3.16
C LYS A 574 -2.33 -6.33 3.62
N TYR A 575 -1.70 -6.99 4.60
CA TYR A 575 -0.41 -6.56 5.14
C TYR A 575 0.79 -7.00 4.32
N VAL A 576 1.92 -6.34 4.57
CA VAL A 576 3.19 -6.57 3.87
C VAL A 576 3.99 -7.81 4.27
N GLY A 577 3.74 -8.34 5.46
CA GLY A 577 4.48 -9.50 5.92
C GLY A 577 3.65 -10.64 6.48
N GLU A 578 2.44 -10.86 5.94
CA GLU A 578 1.60 -11.94 6.45
C GLU A 578 1.42 -13.14 5.52
N SER A 579 1.39 -12.92 4.21
CA SER A 579 1.22 -14.00 3.21
C SER A 579 2.33 -15.05 3.30
N GLU A 580 3.58 -14.59 3.33
CA GLU A 580 4.76 -15.45 3.44
C GLU A 580 4.84 -16.18 4.79
N ARG A 581 4.49 -15.47 5.87
CA ARG A 581 4.47 -15.99 7.24
C ARG A 581 3.43 -17.10 7.37
N ALA A 582 2.27 -16.90 6.75
CA ALA A 582 1.18 -17.88 6.71
C ALA A 582 1.58 -19.18 6.01
N VAL A 583 2.25 -19.09 4.86
CA VAL A 583 2.74 -20.26 4.11
C VAL A 583 3.71 -21.06 4.99
N ARG A 584 4.63 -20.37 5.66
CA ARG A 584 5.60 -20.95 6.58
C ARG A 584 4.85 -21.72 7.68
N GLN A 585 3.81 -21.08 8.25
CA GLN A 585 2.96 -21.68 9.27
C GLN A 585 2.29 -22.98 8.84
N LEU A 586 1.78 -23.02 7.60
CA LEU A 586 1.16 -24.23 7.02
C LEU A 586 2.09 -25.42 7.02
N PHE A 587 3.31 -25.21 6.53
CA PHE A 587 4.34 -26.26 6.51
C PHE A 587 4.76 -26.71 7.89
N SER A 588 4.83 -25.77 8.84
CA SER A 588 5.16 -26.05 10.25
C SER A 588 4.09 -26.96 10.89
N ARG A 589 2.82 -26.63 10.65
CA ARG A 589 1.66 -27.41 11.12
C ARG A 589 1.68 -28.83 10.53
N ALA A 590 1.95 -28.92 9.23
CA ALA A 590 2.08 -30.18 8.49
C ALA A 590 3.21 -31.05 9.03
N LYS A 591 4.38 -30.43 9.28
CA LYS A 591 5.55 -31.08 9.86
C LYS A 591 5.27 -31.70 11.24
N SER A 592 4.57 -30.94 12.09
CA SER A 592 4.17 -31.37 13.43
C SER A 592 3.27 -32.62 13.40
N SER A 593 2.25 -32.64 12.54
CA SER A 593 1.33 -33.78 12.41
C SER A 593 1.31 -34.47 11.04
N ALA A 594 1.38 -35.81 11.08
CA ALA A 594 1.38 -36.66 9.89
C ALA A 594 0.81 -38.04 10.28
N PRO A 595 0.15 -38.80 9.34
CA PRO A 595 -0.17 -38.63 7.91
C PRO A 595 -1.30 -37.68 7.49
N CYS A 596 -0.97 -36.88 6.47
CA CYS A 596 -1.88 -35.89 5.91
C CYS A 596 -1.59 -35.61 4.44
N ILE A 597 -2.67 -35.34 3.71
CA ILE A 597 -2.60 -35.00 2.29
C ILE A 597 -2.90 -33.50 2.18
N LEU A 598 -1.97 -32.76 1.61
CA LEU A 598 -2.10 -31.32 1.43
C LEU A 598 -2.50 -31.08 -0.02
N PHE A 599 -3.73 -30.61 -0.22
CA PHE A 599 -4.26 -30.38 -1.54
C PHE A 599 -4.33 -28.91 -1.95
N PHE A 600 -3.76 -28.63 -3.11
CA PHE A 600 -3.75 -27.30 -3.70
C PHE A 600 -4.58 -27.31 -4.97
N ASP A 601 -5.78 -26.73 -4.89
CA ASP A 601 -6.70 -26.68 -6.01
C ASP A 601 -6.49 -25.38 -6.78
N GLN A 602 -6.46 -25.50 -8.11
CA GLN A 602 -6.25 -24.42 -9.05
C GLN A 602 -4.93 -23.66 -8.84
N MET A 603 -3.84 -24.38 -9.14
CA MET A 603 -2.50 -23.82 -9.04
C MET A 603 -2.22 -22.91 -10.23
N ASP A 604 -3.21 -22.84 -11.13
CA ASP A 604 -3.19 -22.01 -12.33
C ASP A 604 -3.15 -20.51 -12.01
N ALA A 605 -3.46 -20.15 -10.77
CA ALA A 605 -3.43 -18.77 -10.28
C ALA A 605 -2.04 -18.25 -9.87
N LEU A 606 -1.39 -18.97 -8.96
CA LEU A 606 -0.08 -18.64 -8.39
C LEU A 606 1.18 -18.80 -9.26
N VAL A 607 1.23 -19.91 -10.01
CA VAL A 607 2.37 -20.30 -10.86
C VAL A 607 2.73 -19.57 -12.19
N PRO A 608 1.74 -19.10 -13.01
CA PRO A 608 2.07 -18.42 -14.29
C PRO A 608 2.69 -17.03 -14.20
N ARG A 609 2.58 -16.39 -13.04
CA ARG A 609 3.09 -15.03 -12.83
C ARG A 609 4.61 -14.90 -12.67
N ARG A 610 5.33 -15.83 -13.28
CA ARG A 610 6.80 -15.88 -13.26
C ARG A 610 7.41 -15.61 -14.64
N ASP A 611 6.86 -16.26 -15.68
CA ASP A 611 7.35 -16.11 -17.07
C ASP A 611 7.21 -14.70 -17.66
N ASP A 612 6.24 -13.95 -17.14
CA ASP A 612 5.97 -12.57 -17.56
C ASP A 612 5.89 -11.68 -16.31
N SER A 613 6.59 -10.55 -16.38
CA SER A 613 6.68 -9.58 -15.28
C SER A 613 5.41 -8.81 -14.93
N LEU A 614 4.89 -9.07 -13.72
CA LEU A 614 3.68 -8.42 -13.20
C LEU A 614 3.72 -7.82 -11.79
N SER A 615 4.08 -8.62 -10.77
CA SER A 615 4.07 -8.13 -9.38
C SER A 615 5.23 -8.56 -8.46
N ASP A 616 5.33 -7.87 -7.31
CA ASP A 616 6.35 -8.10 -6.28
C ASP A 616 5.83 -9.03 -5.17
N ALA A 617 4.55 -8.89 -4.82
CA ALA A 617 3.90 -9.72 -3.79
C ALA A 617 3.85 -11.18 -4.22
N SER A 618 3.43 -11.40 -5.47
CA SER A 618 3.33 -12.72 -6.10
C SER A 618 4.69 -13.41 -6.18
N ALA A 619 5.73 -12.60 -6.44
CA ALA A 619 7.12 -13.06 -6.55
C ALA A 619 7.61 -13.64 -5.22
N ARG A 620 7.39 -12.90 -4.12
CA ARG A 620 7.78 -13.34 -2.77
C ARG A 620 7.12 -14.66 -2.35
N VAL A 621 5.80 -14.74 -2.55
CA VAL A 621 5.01 -15.95 -2.21
C VAL A 621 5.50 -17.21 -2.93
N VAL A 622 5.63 -17.15 -4.26
CA VAL A 622 6.08 -18.29 -5.06
C VAL A 622 7.51 -18.74 -4.68
N ASN A 623 8.40 -17.77 -4.44
CA ASN A 623 9.77 -18.05 -4.02
C ASN A 623 9.82 -18.76 -2.65
N THR A 624 8.97 -18.34 -1.72
CA THR A 624 8.84 -18.96 -0.39
C THR A 624 8.33 -20.42 -0.55
N LEU A 625 7.36 -20.60 -1.45
CA LEU A 625 6.79 -21.91 -1.77
C LEU A 625 7.86 -22.90 -2.29
N LEU A 626 8.67 -22.45 -3.25
CA LEU A 626 9.78 -23.23 -3.83
C LEU A 626 10.76 -23.65 -2.74
N THR A 627 11.08 -22.70 -1.86
CA THR A 627 11.96 -22.88 -0.69
C THR A 627 11.43 -23.96 0.26
N GLU A 628 10.14 -23.86 0.61
CA GLU A 628 9.48 -24.83 1.49
C GLU A 628 9.44 -26.25 0.93
N LEU A 629 9.18 -26.37 -0.38
CA LEU A 629 9.17 -27.65 -1.11
C LEU A 629 10.54 -28.35 -1.07
N ASP A 630 11.60 -27.60 -1.37
CA ASP A 630 12.98 -28.10 -1.33
C ASP A 630 13.39 -28.58 0.07
N GLY A 631 13.00 -27.81 1.09
CA GLY A 631 13.27 -28.14 2.49
C GLY A 631 12.54 -29.33 3.11
N VAL A 632 12.00 -30.22 2.26
CA VAL A 632 11.30 -31.43 2.70
C VAL A 632 11.44 -32.57 1.66
N GLY A 633 11.92 -33.71 2.13
CA GLY A 633 12.13 -34.89 1.31
C GLY A 633 12.26 -36.12 2.20
N ASP A 634 13.01 -35.95 3.28
CA ASP A 634 13.23 -36.97 4.30
C ASP A 634 12.17 -36.72 5.38
N ARG A 635 11.71 -37.78 6.04
CA ARG A 635 10.66 -37.75 7.08
C ARG A 635 9.36 -37.19 6.52
N SER A 636 8.80 -37.99 5.62
CA SER A 636 7.56 -37.73 4.88
C SER A 636 6.27 -37.77 5.75
N GLY A 637 5.23 -38.43 5.23
CA GLY A 637 3.95 -38.52 5.91
C GLY A 637 3.01 -37.49 5.30
N ILE A 638 3.60 -36.39 4.83
CA ILE A 638 2.89 -35.29 4.20
C ILE A 638 3.08 -35.41 2.69
N TYR A 639 1.97 -35.70 2.00
CA TYR A 639 1.98 -35.86 0.55
C TYR A 639 1.17 -34.73 -0.06
N VAL A 640 1.83 -33.95 -0.92
CA VAL A 640 1.23 -32.79 -1.56
C VAL A 640 0.62 -33.11 -2.93
N ILE A 641 -0.66 -32.81 -3.09
CA ILE A 641 -1.35 -33.04 -4.35
C ILE A 641 -1.77 -31.70 -4.94
N GLY A 642 -1.42 -31.49 -6.21
CA GLY A 642 -1.78 -30.27 -6.90
C GLY A 642 -2.73 -30.56 -8.04
N ALA A 643 -3.67 -29.65 -8.29
CA ALA A 643 -4.63 -29.80 -9.38
C ALA A 643 -4.83 -28.52 -10.16
N THR A 644 -4.89 -28.65 -11.49
CA THR A 644 -5.11 -27.52 -12.39
C THR A 644 -5.86 -27.92 -13.66
N ASN A 645 -6.76 -27.01 -14.07
CA ASN A 645 -7.58 -27.18 -15.26
C ASN A 645 -6.80 -26.67 -16.46
N ARG A 646 -5.71 -25.95 -16.16
CA ARG A 646 -4.84 -25.35 -17.16
C ARG A 646 -3.36 -25.68 -16.91
N PRO A 647 -2.85 -26.72 -17.61
CA PRO A 647 -1.44 -27.11 -17.45
C PRO A 647 -0.48 -26.21 -18.25
N ASP A 648 -1.05 -25.39 -19.14
CA ASP A 648 -0.32 -24.48 -20.03
C ASP A 648 0.73 -23.58 -19.41
N MET A 649 0.30 -22.46 -18.82
CA MET A 649 1.23 -21.51 -18.19
C MET A 649 1.51 -21.87 -16.74
N ILE A 650 2.65 -22.55 -16.56
CA ILE A 650 3.17 -23.01 -15.26
C ILE A 650 4.71 -22.96 -15.40
N ASP A 651 5.39 -22.59 -14.32
CA ASP A 651 6.86 -22.52 -14.30
C ASP A 651 7.46 -23.93 -14.12
N GLU A 652 8.40 -24.25 -15.02
CA GLU A 652 9.11 -25.53 -15.04
C GLU A 652 9.83 -25.85 -13.73
N ALA A 653 10.20 -24.80 -12.98
CA ALA A 653 10.88 -24.91 -11.68
C ALA A 653 10.03 -25.71 -10.68
N ILE A 654 8.72 -25.46 -10.66
CA ILE A 654 7.78 -26.17 -9.79
C ILE A 654 7.66 -27.63 -10.25
N ARG A 655 7.63 -27.84 -11.56
CA ARG A 655 7.56 -29.20 -12.15
C ARG A 655 8.74 -30.16 -11.87
N ARG A 656 9.94 -29.60 -11.68
CA ARG A 656 11.17 -30.34 -11.33
C ARG A 656 11.05 -31.39 -10.22
N PRO A 657 11.68 -32.58 -10.39
CA PRO A 657 11.65 -33.67 -9.39
C PRO A 657 12.15 -33.26 -8.00
N GLY A 658 11.38 -33.64 -6.99
CA GLY A 658 11.70 -33.29 -5.61
C GLY A 658 10.62 -32.35 -5.10
N ARG A 659 9.95 -31.69 -6.05
CA ARG A 659 8.85 -30.77 -5.78
C ARG A 659 7.55 -31.50 -6.20
N LEU A 660 6.98 -31.25 -7.37
CA LEU A 660 5.76 -31.94 -7.84
C LEU A 660 6.06 -32.69 -9.16
N GLY A 661 6.72 -33.83 -9.03
CA GLY A 661 7.14 -34.62 -10.18
C GLY A 661 6.20 -35.56 -10.92
N THR A 662 5.27 -36.20 -10.21
CA THR A 662 4.35 -37.14 -10.85
C THR A 662 3.13 -36.48 -11.51
N SER A 663 3.23 -36.28 -12.81
CA SER A 663 2.19 -35.66 -13.63
C SER A 663 1.16 -36.69 -14.10
N ILE A 664 -0.03 -36.64 -13.50
CA ILE A 664 -1.11 -37.55 -13.82
C ILE A 664 -2.17 -36.80 -14.64
N TYR A 665 -2.47 -37.34 -15.82
CA TYR A 665 -3.46 -36.77 -16.72
C TYR A 665 -4.84 -37.41 -16.50
N VAL A 666 -5.83 -36.55 -16.28
CA VAL A 666 -7.23 -36.96 -16.06
C VAL A 666 -8.08 -36.52 -17.27
N GLY A 667 -8.36 -37.46 -18.17
CA GLY A 667 -9.16 -37.22 -19.37
C GLY A 667 -10.22 -38.30 -19.57
N LEU A 668 -11.08 -38.13 -20.59
CA LEU A 668 -12.14 -39.11 -20.85
C LEU A 668 -12.59 -39.27 -22.33
N PRO A 669 -12.18 -40.36 -23.02
CA PRO A 669 -12.56 -40.59 -24.43
C PRO A 669 -13.09 -41.99 -24.86
N SER A 670 -13.34 -42.91 -23.92
CA SER A 670 -13.78 -44.28 -24.26
C SER A 670 -15.16 -44.80 -23.82
N ALA A 671 -15.70 -45.71 -24.63
CA ALA A 671 -17.02 -46.34 -24.45
C ALA A 671 -17.24 -47.15 -23.17
N GLU A 672 -16.29 -48.04 -22.87
CA GLU A 672 -16.34 -48.91 -21.69
C GLU A 672 -16.42 -48.09 -20.40
N ASP A 673 -15.64 -47.01 -20.38
CA ASP A 673 -15.56 -46.07 -19.26
C ASP A 673 -16.91 -45.40 -19.01
N ARG A 674 -17.53 -44.91 -20.09
CA ARG A 674 -18.85 -44.27 -20.03
C ARG A 674 -19.93 -45.14 -19.43
N VAL A 675 -19.96 -46.43 -19.80
CA VAL A 675 -20.93 -47.41 -19.26
C VAL A 675 -20.75 -47.51 -17.73
N LYS A 676 -19.49 -47.61 -17.29
CA LYS A 676 -19.15 -47.68 -15.87
C LYS A 676 -19.63 -46.45 -15.10
N ILE A 677 -19.42 -45.25 -15.67
CA ILE A 677 -19.88 -43.98 -15.08
C ILE A 677 -21.41 -43.95 -14.96
N LEU A 678 -22.10 -44.32 -16.03
CA LEU A 678 -23.57 -44.37 -16.05
C LEU A 678 -24.13 -45.28 -14.95
N LYS A 679 -23.51 -46.46 -14.81
CA LYS A 679 -23.87 -47.42 -13.77
C LYS A 679 -23.62 -46.87 -12.37
N THR A 680 -22.46 -46.22 -12.19
CA THR A 680 -22.05 -45.59 -10.93
C THR A 680 -23.05 -44.50 -10.46
N LEU A 681 -23.48 -43.65 -11.39
CA LEU A 681 -24.47 -42.60 -11.10
C LEU A 681 -25.86 -43.15 -10.78
N TYR A 682 -26.33 -44.08 -11.61
CA TYR A 682 -27.63 -44.74 -11.44
C TYR A 682 -27.63 -45.83 -10.36
N ARG A 683 -26.50 -45.96 -9.66
CA ARG A 683 -26.31 -46.92 -8.59
C ARG A 683 -26.95 -46.34 -7.33
N ASN A 684 -26.77 -45.02 -7.17
CA ASN A 684 -27.30 -44.24 -6.05
C ASN A 684 -28.69 -43.71 -6.36
N THR A 685 -29.68 -44.60 -6.26
CA THR A 685 -31.09 -44.26 -6.49
C THR A 685 -31.95 -44.53 -5.25
N VAL A 686 -31.87 -45.75 -4.74
CA VAL A 686 -32.62 -46.17 -3.54
C VAL A 686 -31.72 -46.28 -2.30
N GLN A 712 -40.23 -51.62 -8.91
CA GLN A 712 -38.79 -51.81 -9.09
C GLN A 712 -38.41 -51.98 -10.56
N GLY A 713 -37.25 -51.45 -10.93
CA GLY A 713 -36.76 -51.53 -12.29
C GLY A 713 -35.39 -50.89 -12.44
N THR A 714 -34.38 -51.73 -12.66
CA THR A 714 -33.00 -51.28 -12.81
C THR A 714 -32.57 -51.10 -14.29
N THR A 715 -32.94 -52.07 -15.13
CA THR A 715 -32.65 -52.12 -16.58
C THR A 715 -31.21 -51.83 -17.02
N ASP A 716 -30.45 -52.90 -17.27
CA ASP A 716 -29.04 -52.79 -17.68
C ASP A 716 -28.86 -52.52 -19.18
N ALA A 717 -29.64 -53.22 -20.00
CA ALA A 717 -29.61 -53.13 -21.46
C ALA A 717 -29.76 -51.70 -22.00
N ASP A 718 -30.63 -50.93 -21.33
CA ASP A 718 -30.90 -49.52 -21.65
C ASP A 718 -29.67 -48.64 -21.50
N LEU A 719 -28.90 -48.85 -20.43
CA LEU A 719 -27.66 -48.10 -20.14
C LEU A 719 -26.61 -48.27 -21.23
N GLU A 720 -26.41 -49.52 -21.67
CA GLU A 720 -25.46 -49.83 -22.75
C GLU A 720 -25.80 -49.14 -24.08
N LYS A 721 -27.07 -49.22 -24.48
CA LYS A 721 -27.58 -48.60 -25.72
C LYS A 721 -27.37 -47.07 -25.73
N VAL A 722 -27.67 -46.43 -24.58
CA VAL A 722 -27.50 -44.98 -24.38
C VAL A 722 -26.04 -44.59 -24.66
N ALA A 723 -25.10 -45.37 -24.10
CA ALA A 723 -23.65 -45.15 -24.31
C ALA A 723 -23.22 -45.24 -25.78
N LEU A 724 -23.77 -46.22 -26.51
CA LEU A 724 -23.48 -46.43 -27.94
C LEU A 724 -23.71 -45.24 -28.88
N ASP A 725 -24.81 -44.50 -28.67
CA ASP A 725 -25.15 -43.30 -29.47
C ASP A 725 -24.03 -42.27 -29.73
N LEU A 726 -24.06 -41.66 -30.92
CA LEU A 726 -23.08 -40.67 -31.39
C LEU A 726 -22.90 -39.43 -30.50
N ARG A 727 -24.03 -38.89 -30.04
CA ARG A 727 -24.08 -37.71 -29.16
C ARG A 727 -23.34 -37.99 -27.85
N CYS A 728 -23.48 -39.22 -27.36
CA CYS A 728 -22.83 -39.68 -26.12
C CYS A 728 -21.31 -39.80 -26.27
N THR A 729 -20.85 -40.22 -27.46
CA THR A 729 -19.42 -40.34 -27.79
C THR A 729 -18.67 -39.02 -27.55
N GLY A 730 -19.26 -37.90 -27.99
CA GLY A 730 -18.63 -36.60 -27.76
C GLY A 730 -19.02 -35.93 -26.45
N PHE A 731 -18.90 -36.65 -25.32
CA PHE A 731 -19.25 -36.15 -23.98
C PHE A 731 -18.13 -36.22 -22.93
N SER A 732 -18.47 -35.84 -21.69
CA SER A 732 -17.56 -35.85 -20.52
C SER A 732 -18.34 -36.29 -19.27
N GLY A 733 -17.64 -36.42 -18.14
CA GLY A 733 -18.25 -36.83 -16.87
C GLY A 733 -19.37 -35.92 -16.38
N ALA A 734 -19.14 -34.61 -16.53
CA ALA A 734 -20.09 -33.57 -16.16
C ALA A 734 -21.34 -33.62 -17.04
N ASP A 735 -21.14 -33.89 -18.33
CA ASP A 735 -22.22 -33.99 -19.32
C ASP A 735 -23.17 -35.14 -19.02
N LEU A 736 -22.60 -36.32 -18.71
CA LEU A 736 -23.36 -37.51 -18.36
C LEU A 736 -24.23 -37.28 -17.12
N GLY A 737 -23.66 -36.58 -16.13
CA GLY A 737 -24.38 -36.22 -14.91
C GLY A 737 -25.59 -35.33 -15.23
N ASN A 738 -25.39 -34.34 -16.10
CA ASN A 738 -26.43 -33.42 -16.56
C ASN A 738 -27.55 -34.17 -17.31
N LEU A 739 -27.16 -35.10 -18.20
CA LEU A 739 -28.10 -35.94 -18.97
C LEU A 739 -29.03 -36.69 -18.03
N MET A 740 -28.45 -37.30 -16.99
CA MET A 740 -29.19 -38.02 -15.95
C MET A 740 -30.23 -37.12 -15.28
N GLN A 741 -29.79 -35.91 -14.89
CA GLN A 741 -30.69 -34.91 -14.28
C GLN A 741 -31.81 -34.47 -15.20
N ALA A 742 -31.47 -34.20 -16.47
CA ALA A 742 -32.42 -33.78 -17.52
C ALA A 742 -33.52 -34.82 -17.72
N ALA A 743 -33.11 -36.10 -17.78
CA ALA A 743 -34.03 -37.25 -17.93
C ALA A 743 -35.00 -37.31 -16.75
N ALA A 744 -34.47 -37.11 -15.55
CA ALA A 744 -35.26 -37.09 -14.31
C ALA A 744 -36.33 -35.99 -14.34
N GLN A 745 -35.96 -34.78 -14.79
CA GLN A 745 -36.87 -33.64 -14.92
C GLN A 745 -38.03 -33.91 -15.90
N ALA A 746 -37.71 -34.48 -17.05
CA ALA A 746 -38.69 -34.84 -18.09
C ALA A 746 -39.71 -35.86 -17.55
N CYS A 747 -39.20 -36.85 -16.80
CA CYS A 747 -40.02 -37.88 -16.15
C CYS A 747 -41.02 -37.25 -15.17
N LEU A 748 -40.55 -36.29 -14.37
CA LEU A 748 -41.39 -35.55 -13.41
C LEU A 748 -42.55 -34.84 -14.10
N GLU A 749 -42.27 -34.22 -15.25
CA GLU A 749 -43.29 -33.53 -16.06
C GLU A 749 -44.41 -34.49 -16.47
N ARG A 750 -44.03 -35.68 -16.95
CA ARG A 750 -44.96 -36.75 -17.33
C ARG A 750 -45.84 -37.19 -16.15
N VAL A 751 -45.21 -37.44 -15.00
CA VAL A 751 -45.90 -37.85 -13.76
C VAL A 751 -46.90 -36.78 -13.30
N TYR A 752 -46.49 -35.52 -13.28
CA TYR A 752 -47.34 -34.39 -12.89
C TYR A 752 -48.58 -34.18 -13.76
N THR A 753 -48.38 -34.12 -15.08
CA THR A 753 -49.48 -33.93 -16.05
C THR A 753 -50.53 -35.04 -16.03
N GLN A 754 -50.05 -36.29 -16.01
CA GLN A 754 -50.90 -37.49 -15.97
C GLN A 754 -51.69 -37.62 -14.66
N ARG A 755 -50.99 -37.47 -13.52
CA ARG A 755 -51.58 -37.56 -12.18
C ARG A 755 -52.66 -36.51 -11.90
N GLN A 756 -52.37 -35.24 -12.21
CA GLN A 756 -53.31 -34.14 -12.03
C GLN A 756 -54.60 -34.31 -12.84
N GLN A 757 -54.46 -34.72 -14.10
CA GLN A 757 -55.58 -34.99 -15.00
C GLN A 757 -56.53 -36.07 -14.42
N LYS A 758 -55.95 -37.20 -14.02
CA LYS A 758 -56.68 -38.33 -13.42
C LYS A 758 -57.34 -38.05 -12.06
N ARG A 759 -56.62 -37.41 -11.14
CA ARG A 759 -57.12 -37.05 -9.80
C ARG A 759 -58.33 -36.11 -9.80
N LYS A 760 -58.24 -35.03 -10.59
CA LYS A 760 -59.31 -34.03 -10.72
C LYS A 760 -60.57 -34.54 -11.40
N GLU A 761 -60.41 -35.21 -12.55
CA GLU A 761 -61.54 -35.78 -13.32
C GLU A 761 -62.19 -37.00 -12.66
N GLY A 762 -61.35 -37.93 -12.18
CA GLY A 762 -61.81 -39.14 -11.52
C GLY A 762 -62.37 -38.96 -10.12
N GLU A 768 -57.75 -39.73 -4.61
CA GLU A 768 -56.30 -39.56 -4.68
C GLU A 768 -55.59 -40.89 -4.95
N GLU A 769 -54.74 -40.89 -5.98
CA GLU A 769 -53.98 -42.08 -6.38
C GLU A 769 -52.51 -42.04 -5.91
N GLU A 770 -51.74 -43.06 -6.33
CA GLU A 770 -50.32 -43.19 -5.96
C GLU A 770 -49.36 -42.52 -6.95
N ILE A 771 -48.17 -42.19 -6.43
CA ILE A 771 -47.11 -41.54 -7.22
C ILE A 771 -46.08 -42.59 -7.70
N GLU A 772 -45.73 -42.51 -8.98
CA GLU A 772 -44.78 -43.44 -9.60
C GLU A 772 -43.43 -42.75 -9.93
N PRO A 773 -42.33 -43.13 -9.22
CA PRO A 773 -41.01 -42.55 -9.45
C PRO A 773 -40.17 -43.26 -10.53
N VAL A 774 -40.80 -44.16 -11.27
CA VAL A 774 -40.14 -44.96 -12.33
C VAL A 774 -39.75 -44.14 -13.58
N ILE A 775 -38.56 -44.45 -14.12
CA ILE A 775 -38.01 -43.79 -15.29
C ILE A 775 -37.73 -44.78 -16.43
N THR A 776 -38.40 -44.56 -17.56
CA THR A 776 -38.27 -45.40 -18.76
C THR A 776 -37.32 -44.82 -19.81
N MET A 777 -37.25 -45.47 -20.98
CA MET A 777 -36.37 -45.04 -22.08
C MET A 777 -36.81 -43.80 -22.85
N GLU A 778 -38.12 -43.59 -22.98
CA GLU A 778 -38.70 -42.43 -23.69
C GLU A 778 -38.22 -41.09 -23.10
N ASP A 779 -38.08 -41.07 -21.77
CA ASP A 779 -37.61 -39.90 -21.02
C ASP A 779 -36.14 -39.62 -21.34
N TRP A 780 -35.34 -40.70 -21.38
CA TRP A 780 -33.90 -40.65 -21.69
C TRP A 780 -33.67 -40.16 -23.12
N GLU A 781 -34.43 -40.72 -24.07
CA GLU A 781 -34.34 -40.34 -25.49
C GLU A 781 -34.62 -38.87 -25.77
N LYS A 782 -35.70 -38.33 -25.20
CA LYS A 782 -36.06 -36.91 -25.35
C LYS A 782 -34.98 -35.97 -24.79
N ALA A 783 -34.52 -36.28 -23.58
CA ALA A 783 -33.46 -35.52 -22.90
C ALA A 783 -32.15 -35.52 -23.71
N LEU A 784 -31.82 -36.71 -24.23
CA LEU A 784 -30.66 -36.95 -25.09
C LEU A 784 -30.66 -36.09 -26.35
N ASN A 785 -31.81 -36.02 -27.02
CA ASN A 785 -32.01 -35.22 -28.23
C ASN A 785 -31.67 -33.74 -28.04
N GLU A 786 -32.17 -33.15 -26.95
CA GLU A 786 -31.93 -31.74 -26.62
C GLU A 786 -30.51 -31.33 -26.17
N VAL A 787 -29.96 -32.03 -25.17
CA VAL A 787 -28.63 -31.72 -24.60
C VAL A 787 -27.41 -31.72 -25.55
N LYS A 788 -26.59 -30.69 -25.41
CA LYS A 788 -25.38 -30.47 -26.21
C LYS A 788 -24.13 -30.45 -25.30
N PRO A 789 -22.93 -30.85 -25.82
CA PRO A 789 -21.68 -30.86 -25.01
C PRO A 789 -21.14 -29.50 -24.56
N SER A 790 -20.27 -29.53 -23.54
CA SER A 790 -19.66 -28.33 -22.97
C SER A 790 -18.28 -28.00 -23.54
N VAL A 791 -17.32 -28.91 -23.39
CA VAL A 791 -15.95 -28.73 -23.88
C VAL A 791 -15.90 -29.05 -25.38
N LYS A 792 -15.32 -28.13 -26.16
CA LYS A 792 -15.22 -28.27 -27.61
C LYS A 792 -13.88 -28.79 -28.16
N ASP A 793 -12.81 -28.01 -27.95
CA ASP A 793 -11.48 -28.37 -28.44
C ASP A 793 -10.53 -28.99 -27.40
N PRO A 794 -10.11 -30.27 -27.61
CA PRO A 794 -9.19 -30.97 -26.69
C PRO A 794 -7.72 -30.65 -26.99
N GLU A 795 -7.49 -30.04 -28.15
CA GLU A 795 -6.18 -29.65 -28.67
C GLU A 795 -5.37 -28.73 -27.75
N LYS A 796 -6.07 -27.81 -27.08
CA LYS A 796 -5.49 -26.84 -26.15
C LYS A 796 -4.80 -27.52 -24.96
N TYR A 797 -5.53 -28.45 -24.32
CA TYR A 797 -5.06 -29.21 -23.16
C TYR A 797 -3.91 -30.18 -23.45
N MET A 798 -4.05 -30.96 -24.54
CA MET A 798 -3.04 -31.94 -24.96
C MET A 798 -1.68 -31.39 -25.41
N HIS A 799 -1.70 -30.40 -26.31
CA HIS A 799 -0.47 -29.78 -26.83
C HIS A 799 0.31 -28.92 -25.81
N SER A 800 -0.41 -28.04 -25.12
CA SER A 800 0.19 -27.15 -24.13
C SER A 800 0.46 -27.81 -22.78
N ARG B 193 -18.22 -16.06 50.35
CA ARG B 193 -19.02 -17.26 49.92
C ARG B 193 -19.91 -16.92 48.73
N THR B 194 -20.04 -17.87 47.80
CA THR B 194 -20.86 -17.69 46.60
C THR B 194 -21.72 -18.95 46.32
N PRO B 195 -22.99 -18.96 46.81
CA PRO B 195 -23.95 -20.07 46.63
C PRO B 195 -24.59 -20.08 45.22
N PRO B 196 -25.13 -21.25 44.75
CA PRO B 196 -25.75 -21.33 43.42
C PRO B 196 -27.07 -20.56 43.21
N THR B 197 -27.40 -20.31 41.95
CA THR B 197 -28.62 -19.58 41.55
C THR B 197 -29.77 -20.50 41.10
N LYS B 198 -30.98 -19.92 41.04
CA LYS B 198 -32.20 -20.63 40.63
C LYS B 198 -32.67 -20.27 39.22
N VAL B 199 -32.17 -21.00 38.23
CA VAL B 199 -32.50 -20.82 36.81
C VAL B 199 -33.25 -22.09 36.34
N SER B 200 -34.17 -21.91 35.40
CA SER B 200 -34.98 -23.00 34.84
C SER B 200 -34.20 -23.89 33.87
N ILE B 201 -34.18 -25.19 34.17
CA ILE B 201 -33.49 -26.21 33.38
C ILE B 201 -34.38 -26.67 32.21
N LEU B 202 -35.67 -26.45 32.35
CA LEU B 202 -36.68 -26.81 31.35
C LEU B 202 -36.81 -25.77 30.23
N ASP B 203 -35.92 -24.79 30.24
CA ASP B 203 -35.89 -23.70 29.26
C ASP B 203 -35.06 -24.00 28.01
N ILE B 204 -33.99 -24.78 28.16
CA ILE B 204 -33.11 -25.13 27.04
C ILE B 204 -33.48 -26.49 26.46
N ALA B 205 -33.61 -26.53 25.12
CA ALA B 205 -33.96 -27.75 24.38
C ALA B 205 -33.39 -27.72 22.96
N GLY B 206 -33.29 -28.90 22.34
CA GLY B 206 -32.76 -29.04 21.00
C GLY B 206 -31.29 -29.42 20.98
N VAL B 207 -30.72 -29.56 22.18
CA VAL B 207 -29.33 -29.92 22.39
C VAL B 207 -29.20 -31.31 23.04
N ASP B 208 -29.95 -32.28 22.50
CA ASP B 208 -29.98 -33.66 23.00
C ASP B 208 -28.64 -34.38 23.10
N ASP B 209 -27.94 -34.50 21.97
CA ASP B 209 -26.64 -35.17 21.89
C ASP B 209 -25.53 -34.50 22.71
N THR B 210 -25.44 -33.18 22.57
CA THR B 210 -24.44 -32.37 23.27
C THR B 210 -24.62 -32.37 24.80
N LEU B 211 -25.86 -32.22 25.26
CA LEU B 211 -26.20 -32.23 26.70
C LEU B 211 -25.85 -33.58 27.32
N GLN B 212 -26.10 -34.67 26.58
CA GLN B 212 -25.75 -36.03 27.01
C GLN B 212 -24.25 -36.18 27.26
N ARG B 213 -23.42 -35.71 26.32
CA ARG B 213 -21.97 -35.73 26.44
C ARG B 213 -21.48 -34.95 27.65
N LEU B 214 -22.03 -33.75 27.82
CA LEU B 214 -21.73 -32.85 28.94
C LEU B 214 -22.04 -33.54 30.28
N LEU B 215 -23.21 -34.18 30.35
CA LEU B 215 -23.66 -34.94 31.51
C LEU B 215 -22.65 -36.02 31.90
N LYS B 216 -22.22 -36.82 30.93
CA LYS B 216 -21.24 -37.91 31.11
C LYS B 216 -19.92 -37.40 31.71
N GLU B 217 -19.37 -36.33 31.11
CA GLU B 217 -18.12 -35.71 31.54
C GLU B 217 -18.15 -34.98 32.90
N VAL B 218 -19.29 -34.37 33.22
CA VAL B 218 -19.43 -33.59 34.46
C VAL B 218 -20.07 -34.31 35.66
N TRP B 219 -21.00 -35.24 35.40
CA TRP B 219 -21.70 -35.96 36.47
C TRP B 219 -20.82 -36.79 37.40
N PHE B 220 -20.01 -37.70 36.84
CA PHE B 220 -19.14 -38.58 37.62
C PHE B 220 -18.17 -37.87 38.59
N PRO B 221 -17.36 -36.87 38.13
CA PRO B 221 -16.44 -36.20 39.07
C PRO B 221 -17.09 -35.38 40.19
N LEU B 222 -18.17 -34.67 39.85
CA LEU B 222 -18.89 -33.84 40.82
C LEU B 222 -19.79 -34.55 41.82
N ARG B 223 -20.62 -35.46 41.32
CA ARG B 223 -21.58 -36.21 42.14
C ARG B 223 -21.06 -37.37 42.97
N GLY B 224 -20.17 -38.17 42.39
CA GLY B 224 -19.61 -39.32 43.07
C GLY B 224 -18.16 -39.09 43.40
N GLY B 225 -17.91 -38.09 44.26
CA GLY B 225 -16.57 -37.70 44.67
C GLY B 225 -15.79 -38.74 45.46
N GLU B 226 -16.49 -39.47 46.34
CA GLU B 226 -15.90 -40.53 47.18
C GLU B 226 -15.36 -41.68 46.33
N ALA B 227 -16.11 -42.04 45.30
CA ALA B 227 -15.77 -43.11 44.35
C ALA B 227 -14.49 -42.83 43.55
N CYS B 228 -14.37 -41.61 43.02
CA CYS B 228 -13.20 -41.21 42.23
C CYS B 228 -11.91 -41.15 43.07
N GLU B 229 -12.04 -40.68 44.32
CA GLU B 229 -10.93 -40.62 45.28
C GLU B 229 -10.37 -42.01 45.60
N LYS B 230 -11.27 -42.96 45.87
CA LYS B 230 -10.93 -44.36 46.16
C LYS B 230 -10.21 -45.08 45.02
N MET B 231 -10.72 -44.91 43.79
CA MET B 231 -10.15 -45.50 42.58
C MET B 231 -8.76 -44.97 42.23
N GLY B 232 -8.58 -43.65 42.35
CA GLY B 232 -7.29 -43.02 42.06
C GLY B 232 -7.08 -42.59 40.62
N TYR B 233 -8.10 -42.78 39.78
CA TYR B 233 -8.05 -42.44 38.35
C TYR B 233 -8.33 -40.94 38.16
N ARG B 234 -7.76 -40.35 37.12
CA ARG B 234 -7.96 -38.92 36.83
C ARG B 234 -9.09 -38.61 35.85
N TYR B 235 -9.72 -37.45 36.03
CA TYR B 235 -10.88 -37.00 35.23
C TYR B 235 -10.70 -35.75 34.34
N ASP B 236 -11.83 -35.22 33.84
CA ASP B 236 -11.90 -34.03 32.97
C ASP B 236 -11.81 -32.72 33.75
N ASN B 237 -10.93 -31.83 33.29
CA ASN B 237 -10.70 -30.55 33.94
C ASN B 237 -11.37 -29.33 33.29
N GLY B 238 -11.13 -29.13 32.01
CA GLY B 238 -11.70 -27.99 31.30
C GLY B 238 -12.67 -28.31 30.18
N VAL B 239 -13.82 -27.62 30.20
CA VAL B 239 -14.87 -27.78 29.19
C VAL B 239 -15.12 -26.45 28.50
N LEU B 240 -14.81 -26.39 27.20
CA LEU B 240 -14.98 -25.20 26.38
C LEU B 240 -16.23 -25.26 25.51
N LEU B 241 -17.09 -24.24 25.63
CA LEU B 241 -18.31 -24.14 24.86
C LEU B 241 -18.15 -23.06 23.80
N HIS B 242 -18.35 -23.44 22.54
CA HIS B 242 -18.24 -22.48 21.43
C HIS B 242 -19.47 -22.46 20.53
N GLY B 243 -19.57 -21.41 19.72
CA GLY B 243 -20.69 -21.21 18.81
C GLY B 243 -21.03 -19.73 18.70
N PRO B 244 -22.05 -19.33 17.89
CA PRO B 244 -22.44 -17.91 17.74
C PRO B 244 -23.00 -17.26 19.02
N SER B 245 -23.16 -15.93 18.98
CA SER B 245 -23.69 -15.17 20.11
C SER B 245 -25.19 -15.43 20.33
N GLY B 246 -25.60 -15.47 21.60
CA GLY B 246 -27.00 -15.71 21.95
C GLY B 246 -27.46 -17.15 21.79
N CYS B 247 -26.51 -18.07 21.65
CA CYS B 247 -26.78 -19.50 21.47
C CYS B 247 -27.14 -20.24 22.76
N GLY B 248 -27.12 -19.51 23.87
CA GLY B 248 -27.47 -20.08 25.15
C GLY B 248 -26.31 -20.68 25.91
N LYS B 249 -25.10 -20.17 25.65
CA LYS B 249 -23.90 -20.65 26.31
C LYS B 249 -23.89 -20.30 27.80
N THR B 250 -24.18 -19.02 28.09
CA THR B 250 -24.25 -18.50 29.46
C THR B 250 -25.37 -19.17 30.25
N THR B 251 -26.53 -19.34 29.61
CA THR B 251 -27.70 -19.98 30.21
C THR B 251 -27.45 -21.47 30.54
N LEU B 252 -26.85 -22.19 29.59
CA LEU B 252 -26.50 -23.61 29.76
C LEU B 252 -25.63 -23.81 30.98
N ALA B 253 -24.59 -22.98 31.13
CA ALA B 253 -23.67 -23.00 32.27
C ALA B 253 -24.40 -22.76 33.61
N HIS B 254 -25.23 -21.72 33.63
CA HIS B 254 -26.05 -21.35 34.79
C HIS B 254 -27.00 -22.49 35.19
N ALA B 255 -27.66 -23.08 34.18
CA ALA B 255 -28.59 -24.20 34.32
C ALA B 255 -27.91 -25.43 34.94
N ILE B 256 -26.76 -25.79 34.38
CA ILE B 256 -25.95 -26.92 34.84
C ILE B 256 -25.55 -26.77 36.32
N ALA B 257 -25.15 -25.55 36.71
CA ALA B 257 -24.80 -25.23 38.10
C ALA B 257 -25.96 -25.47 39.06
N GLY B 258 -27.12 -24.89 38.72
CA GLY B 258 -28.34 -25.03 39.50
C GLY B 258 -28.84 -26.45 39.63
N SER B 259 -28.86 -27.18 38.52
CA SER B 259 -29.30 -28.58 38.44
C SER B 259 -28.45 -29.54 39.31
N ILE B 260 -27.13 -29.43 39.20
CA ILE B 260 -26.21 -30.27 40.00
C ILE B 260 -26.25 -29.84 41.48
N GLY B 261 -26.27 -28.53 41.71
CA GLY B 261 -26.35 -28.00 43.06
C GLY B 261 -25.01 -27.63 43.64
N VAL B 262 -24.01 -27.51 42.77
CA VAL B 262 -22.64 -27.15 43.15
C VAL B 262 -22.46 -25.63 43.24
N ALA B 263 -21.33 -25.20 43.83
CA ALA B 263 -21.06 -23.76 44.00
C ALA B 263 -20.64 -23.11 42.67
N PHE B 264 -21.29 -22.00 42.35
CA PHE B 264 -21.03 -21.29 41.10
C PHE B 264 -20.21 -20.02 41.30
N ILE B 265 -19.04 -19.99 40.66
CA ILE B 265 -18.12 -18.84 40.70
C ILE B 265 -18.11 -18.25 39.28
N PRO B 266 -18.85 -17.14 39.05
CA PRO B 266 -18.89 -16.52 37.72
C PRO B 266 -17.73 -15.55 37.49
N VAL B 267 -16.92 -15.85 36.48
CA VAL B 267 -15.78 -15.00 36.13
C VAL B 267 -16.09 -14.43 34.75
N SER B 268 -16.50 -13.17 34.73
CA SER B 268 -16.81 -12.46 33.49
C SER B 268 -15.50 -11.85 32.99
N ALA B 269 -15.48 -11.50 31.69
CA ALA B 269 -14.29 -10.92 31.06
C ALA B 269 -13.58 -9.72 31.73
N PRO B 270 -14.33 -8.71 32.26
CA PRO B 270 -13.60 -7.59 32.91
C PRO B 270 -13.74 -7.47 34.44
N SER B 271 -14.28 -8.52 35.07
CA SER B 271 -14.50 -8.53 36.53
C SER B 271 -13.24 -8.65 37.41
N VAL B 272 -12.17 -9.20 36.84
CA VAL B 272 -10.90 -9.40 37.55
C VAL B 272 -9.87 -8.28 37.43
N ILE B 273 -10.04 -7.43 36.40
CA ILE B 273 -9.12 -6.31 36.13
C ILE B 273 -9.27 -5.17 37.15
N GLY B 274 -8.13 -4.71 37.67
CA GLY B 274 -8.11 -3.63 38.65
C GLY B 274 -7.48 -2.34 38.14
N GLY B 275 -7.14 -1.46 39.08
CA GLY B 275 -6.53 -0.17 38.76
C GLY B 275 -5.02 -0.19 38.63
N THR B 276 -4.36 -0.72 39.66
CA THR B 276 -2.89 -0.82 39.70
C THR B 276 -2.37 -2.08 39.00
N SER B 277 -1.11 -2.05 38.59
CA SER B 277 -0.45 -3.18 37.91
C SER B 277 0.05 -4.24 38.91
N GLY B 278 -0.88 -5.06 39.38
CA GLY B 278 -0.58 -6.11 40.34
C GLY B 278 -1.85 -6.66 40.97
N GLU B 279 -2.86 -5.80 41.10
CA GLU B 279 -4.16 -6.14 41.68
C GLU B 279 -4.89 -7.19 40.85
N SER B 280 -4.76 -7.09 39.52
CA SER B 280 -5.37 -8.01 38.55
C SER B 280 -4.89 -9.45 38.77
N GLU B 281 -3.57 -9.61 38.87
CA GLU B 281 -2.90 -10.90 39.08
C GLU B 281 -3.22 -11.49 40.45
N LYS B 282 -3.22 -10.62 41.48
CA LYS B 282 -3.55 -10.98 42.87
C LYS B 282 -4.96 -11.58 42.94
N ASN B 283 -5.91 -10.93 42.26
CA ASN B 283 -7.30 -11.40 42.19
C ASN B 283 -7.44 -12.77 41.53
N ILE B 284 -6.73 -13.00 40.42
CA ILE B 284 -6.71 -14.30 39.71
C ILE B 284 -6.26 -15.42 40.68
N ARG B 285 -5.20 -15.14 41.42
CA ARG B 285 -4.67 -16.07 42.43
C ARG B 285 -5.71 -16.40 43.50
N ASP B 286 -6.31 -15.36 44.09
CA ASP B 286 -7.36 -15.48 45.11
C ASP B 286 -8.57 -16.31 44.65
N VAL B 287 -8.98 -16.09 43.39
CA VAL B 287 -10.09 -16.84 42.76
C VAL B 287 -9.77 -18.34 42.75
N PHE B 288 -8.61 -18.71 42.22
CA PHE B 288 -8.17 -20.09 42.17
C PHE B 288 -7.94 -20.70 43.56
N ASP B 289 -7.34 -19.92 44.47
CA ASP B 289 -7.09 -20.33 45.87
C ASP B 289 -8.37 -20.67 46.65
N GLU B 290 -9.35 -19.78 46.60
CA GLU B 290 -10.65 -19.99 47.26
C GLU B 290 -11.40 -21.17 46.62
N ALA B 291 -11.34 -21.22 45.29
CA ALA B 291 -11.97 -22.29 44.48
C ALA B 291 -11.45 -23.69 44.83
N ILE B 292 -10.14 -23.87 44.90
CA ILE B 292 -9.57 -25.17 45.27
C ILE B 292 -9.89 -25.55 46.73
N ARG B 293 -9.86 -24.56 47.63
CA ARG B 293 -10.18 -24.73 49.04
C ARG B 293 -11.61 -25.28 49.26
N LEU B 294 -12.60 -24.65 48.61
CA LEU B 294 -14.01 -25.05 48.70
C LEU B 294 -14.43 -25.93 47.50
N ALA B 295 -15.02 -27.09 47.79
CA ALA B 295 -15.45 -28.04 46.75
C ALA B 295 -16.77 -28.76 47.12
N PRO B 296 -17.59 -29.19 46.12
CA PRO B 296 -17.51 -29.11 44.64
C PRO B 296 -17.99 -27.77 44.06
N CYS B 297 -17.21 -27.26 43.10
CA CYS B 297 -17.51 -25.98 42.45
C CYS B 297 -17.36 -25.96 40.92
N LEU B 298 -18.02 -24.98 40.31
CA LEU B 298 -17.98 -24.76 38.88
C LEU B 298 -17.54 -23.34 38.58
N ILE B 299 -16.34 -23.21 38.01
CA ILE B 299 -15.79 -21.90 37.63
C ILE B 299 -16.18 -21.66 36.18
N PHE B 300 -16.87 -20.56 35.94
CA PHE B 300 -17.29 -20.21 34.59
C PHE B 300 -16.62 -18.95 34.07
N LEU B 301 -15.84 -19.14 33.00
CA LEU B 301 -15.13 -18.06 32.33
C LEU B 301 -15.94 -17.62 31.11
N ASP B 302 -16.74 -16.57 31.28
CA ASP B 302 -17.59 -16.04 30.21
C ASP B 302 -16.79 -15.04 29.40
N GLN B 303 -16.82 -15.20 28.07
CA GLN B 303 -16.10 -14.35 27.09
C GLN B 303 -14.60 -14.32 27.41
N ILE B 304 -13.90 -15.35 26.95
CA ILE B 304 -12.47 -15.52 27.24
C ILE B 304 -11.47 -14.84 26.28
N ASP B 305 -11.92 -14.46 25.08
CA ASP B 305 -11.05 -13.80 24.09
C ASP B 305 -10.59 -12.39 24.48
N ALA B 306 -11.29 -11.80 25.46
CA ALA B 306 -11.00 -10.46 25.97
C ALA B 306 -9.88 -10.50 27.00
N ILE B 307 -9.74 -11.64 27.68
CA ILE B 307 -8.71 -11.85 28.70
C ILE B 307 -7.47 -12.48 28.06
N ALA B 308 -7.68 -13.61 27.38
CA ALA B 308 -6.59 -14.34 26.75
C ALA B 308 -6.68 -14.46 25.23
N GLY B 309 -6.24 -13.40 24.56
CA GLY B 309 -6.19 -13.39 23.10
C GLY B 309 -4.79 -13.86 22.74
N ARG B 310 -4.45 -13.85 21.45
CA ARG B 310 -3.12 -14.28 21.00
C ARG B 310 -2.07 -13.32 21.54
N ARG B 311 -1.01 -13.87 22.14
CA ARG B 311 0.07 -13.05 22.73
C ARG B 311 0.92 -12.25 21.74
N GLU B 312 0.75 -12.55 20.44
CA GLU B 312 1.46 -11.85 19.38
C GLU B 312 0.65 -10.61 18.97
N SER B 313 -0.68 -10.68 19.16
CA SER B 313 -1.60 -9.58 18.86
C SER B 313 -1.70 -8.57 20.00
N ALA B 314 -1.14 -8.95 21.15
CA ALA B 314 -1.12 -8.11 22.36
C ALA B 314 0.31 -7.65 22.64
N ASN B 315 0.55 -6.36 22.41
CA ASN B 315 1.88 -5.74 22.61
C ASN B 315 2.07 -5.17 24.01
N LYS B 316 1.08 -5.40 24.88
CA LYS B 316 1.10 -4.93 26.26
C LYS B 316 1.74 -5.97 27.17
N GLY B 317 2.47 -5.49 28.19
CA GLY B 317 3.15 -6.36 29.14
C GLY B 317 2.27 -6.91 30.25
N MET B 318 1.04 -6.40 30.33
CA MET B 318 0.05 -6.82 31.33
C MET B 318 -0.78 -8.00 30.84
N GLU B 319 -1.17 -7.97 29.56
CA GLU B 319 -1.99 -9.01 28.93
C GLU B 319 -1.30 -10.37 28.87
N SER B 320 -0.02 -10.36 28.53
CA SER B 320 0.82 -11.57 28.46
C SER B 320 1.00 -12.18 29.86
N ARG B 321 1.13 -11.29 30.85
CA ARG B 321 1.29 -11.66 32.26
C ARG B 321 0.05 -12.35 32.81
N ILE B 322 -1.13 -11.87 32.39
CA ILE B 322 -2.42 -12.44 32.80
C ILE B 322 -2.58 -13.87 32.27
N VAL B 323 -2.22 -14.10 30.99
CA VAL B 323 -2.26 -15.43 30.36
C VAL B 323 -1.38 -16.41 31.16
N ALA B 324 -0.20 -15.94 31.56
CA ALA B 324 0.76 -16.70 32.38
C ALA B 324 0.15 -17.10 33.73
N GLU B 325 -0.55 -16.16 34.39
CA GLU B 325 -1.24 -16.40 35.66
C GLU B 325 -2.27 -17.52 35.57
N ILE B 326 -3.06 -17.52 34.48
CA ILE B 326 -4.06 -18.56 34.21
C ILE B 326 -3.39 -19.93 34.09
N MET B 327 -2.31 -20.01 33.31
CA MET B 327 -1.53 -21.24 33.09
C MET B 327 -1.01 -21.84 34.40
N ASN B 328 -0.44 -20.98 35.26
CA ASN B 328 0.07 -21.33 36.59
C ASN B 328 -1.05 -21.93 37.45
N GLY B 329 -2.21 -21.25 37.47
CA GLY B 329 -3.38 -21.70 38.19
C GLY B 329 -3.85 -23.10 37.78
N MET B 330 -3.90 -23.33 36.48
CA MET B 330 -4.28 -24.63 35.88
C MET B 330 -3.42 -25.78 36.39
N ASP B 331 -2.10 -25.56 36.43
CA ASP B 331 -1.13 -26.54 36.94
C ASP B 331 -1.35 -26.87 38.44
N ARG B 332 -1.57 -25.83 39.26
CA ARG B 332 -1.84 -25.98 40.70
C ARG B 332 -3.02 -26.90 40.99
N ILE B 333 -4.09 -26.76 40.20
CA ILE B 333 -5.30 -27.61 40.31
C ILE B 333 -4.92 -29.08 40.09
N ARG B 334 -4.22 -29.35 38.98
CA ARG B 334 -3.77 -30.71 38.61
C ARG B 334 -3.01 -31.44 39.73
N GLN B 335 -2.09 -30.72 40.38
CA GLN B 335 -1.30 -31.25 41.51
C GLN B 335 -2.13 -31.59 42.76
N ASN B 336 -2.99 -30.66 43.17
CA ASN B 336 -3.87 -30.81 44.34
C ASN B 336 -4.97 -31.88 44.25
N THR B 337 -5.50 -32.10 43.04
CA THR B 337 -6.57 -33.08 42.71
C THR B 337 -6.69 -34.48 43.40
N PRO B 338 -5.60 -35.28 43.56
CA PRO B 338 -5.76 -36.60 44.20
C PRO B 338 -6.22 -36.66 45.67
N LEU B 339 -6.25 -35.51 46.34
CA LEU B 339 -6.65 -35.41 47.75
C LEU B 339 -8.16 -35.50 47.96
N GLY B 340 -8.89 -34.57 47.34
CA GLY B 340 -10.34 -34.53 47.45
C GLY B 340 -10.91 -33.25 46.86
N LYS B 341 -10.11 -32.62 46.01
CA LYS B 341 -10.44 -31.37 45.34
C LYS B 341 -11.20 -31.65 44.03
N ASN B 342 -12.45 -31.17 43.97
CA ASN B 342 -13.32 -31.37 42.80
C ASN B 342 -13.83 -30.06 42.19
N VAL B 343 -13.09 -29.53 41.22
CA VAL B 343 -13.48 -28.29 40.52
C VAL B 343 -13.37 -28.44 39.00
N VAL B 344 -14.44 -28.09 38.30
CA VAL B 344 -14.48 -28.18 36.84
C VAL B 344 -14.57 -26.75 36.29
N VAL B 345 -13.68 -26.44 35.36
CA VAL B 345 -13.62 -25.12 34.73
C VAL B 345 -14.34 -25.08 33.39
N LEU B 346 -15.47 -24.37 33.38
CA LEU B 346 -16.28 -24.18 32.19
C LEU B 346 -15.88 -22.86 31.56
N ALA B 347 -15.98 -22.78 30.24
CA ALA B 347 -15.62 -21.55 29.51
C ALA B 347 -16.45 -21.38 28.26
N ALA B 348 -16.75 -20.11 27.93
CA ALA B 348 -17.54 -19.78 26.75
C ALA B 348 -16.88 -18.73 25.87
N THR B 349 -16.86 -19.00 24.57
CA THR B 349 -16.28 -18.10 23.58
C THR B 349 -17.14 -18.09 22.32
N ASN B 350 -17.01 -17.01 21.54
CA ASN B 350 -17.76 -16.82 20.30
C ASN B 350 -16.94 -17.16 19.06
N ARG B 351 -15.61 -17.11 19.22
CA ARG B 351 -14.66 -17.38 18.13
C ARG B 351 -13.40 -18.14 18.60
N PRO B 352 -13.18 -19.37 18.09
CA PRO B 352 -12.00 -20.18 18.47
C PRO B 352 -10.65 -19.73 17.91
N GLU B 353 -10.69 -19.00 16.79
CA GLU B 353 -9.50 -18.49 16.10
C GLU B 353 -8.78 -17.36 16.83
N PHE B 354 -9.53 -16.62 17.64
CA PHE B 354 -8.99 -15.48 18.40
C PHE B 354 -8.27 -15.91 19.67
N LEU B 355 -8.56 -17.12 20.13
CA LEU B 355 -7.95 -17.68 21.35
C LEU B 355 -6.51 -18.10 21.09
N ASP B 356 -5.69 -17.95 22.13
CA ASP B 356 -4.26 -18.30 22.08
C ASP B 356 -4.12 -19.83 22.00
N PRO B 357 -3.39 -20.36 20.98
CA PRO B 357 -3.18 -21.81 20.81
C PRO B 357 -2.71 -22.54 22.06
N ALA B 358 -2.01 -21.81 22.94
CA ALA B 358 -1.50 -22.32 24.21
C ALA B 358 -2.61 -22.74 25.18
N ILE B 359 -3.61 -21.87 25.38
CA ILE B 359 -4.75 -22.19 26.26
C ILE B 359 -5.65 -23.27 25.66
N ARG B 360 -5.73 -23.30 24.32
CA ARG B 360 -6.50 -24.33 23.58
C ARG B 360 -6.00 -25.73 23.94
N ARG B 361 -4.67 -25.88 23.97
CA ARG B 361 -4.00 -27.13 24.37
C ARG B 361 -4.32 -27.53 25.82
N ARG B 362 -4.32 -26.55 26.73
CA ARG B 362 -4.67 -26.76 28.16
C ARG B 362 -6.08 -27.34 28.35
N PHE B 363 -7.05 -26.80 27.61
CA PHE B 363 -8.43 -27.28 27.63
C PHE B 363 -8.58 -28.57 26.84
N SER B 364 -9.23 -29.56 27.44
CA SER B 364 -9.40 -30.87 26.82
C SER B 364 -10.73 -31.18 26.14
N VAL B 365 -11.83 -30.84 26.78
CA VAL B 365 -13.17 -31.13 26.22
C VAL B 365 -13.78 -29.91 25.54
N GLU B 366 -14.36 -30.14 24.36
CA GLU B 366 -14.99 -29.09 23.56
C GLU B 366 -16.38 -29.47 23.05
N ILE B 367 -17.35 -28.57 23.26
CA ILE B 367 -18.74 -28.76 22.84
C ILE B 367 -19.16 -27.65 21.88
N ASP B 368 -19.67 -28.05 20.72
CA ASP B 368 -20.14 -27.12 19.68
C ASP B 368 -21.66 -26.89 19.81
N MET B 369 -22.02 -25.68 20.22
CA MET B 369 -23.42 -25.27 20.38
C MET B 369 -23.76 -24.46 19.13
N GLY B 370 -24.05 -25.18 18.05
CA GLY B 370 -24.33 -24.56 16.77
C GLY B 370 -25.75 -24.23 16.37
N MET B 371 -26.03 -24.57 15.11
CA MET B 371 -27.29 -24.35 14.39
C MET B 371 -28.35 -25.46 14.53
N PRO B 372 -29.62 -25.12 14.85
CA PRO B 372 -30.75 -26.06 15.01
C PRO B 372 -31.40 -26.63 13.73
N SER B 373 -32.27 -27.63 13.90
CA SER B 373 -33.02 -28.29 12.82
C SER B 373 -34.53 -28.08 13.04
N GLU B 374 -35.36 -28.69 12.18
CA GLU B 374 -36.83 -28.59 12.26
C GLU B 374 -37.39 -29.05 13.61
N ARG B 375 -36.89 -30.21 14.04
CA ARG B 375 -37.26 -30.86 15.30
C ARG B 375 -36.80 -30.02 16.49
N ALA B 376 -35.57 -29.51 16.39
CA ALA B 376 -34.94 -28.67 17.40
C ALA B 376 -35.68 -27.36 17.62
N ARG B 377 -36.06 -26.70 16.53
CA ARG B 377 -36.83 -25.44 16.57
C ARG B 377 -38.18 -25.63 17.26
N GLU B 378 -38.85 -26.73 16.94
CA GLU B 378 -40.15 -27.13 17.53
C GLU B 378 -40.02 -27.19 19.05
N GLN B 379 -38.96 -27.85 19.51
CA GLN B 379 -38.63 -27.99 20.92
C GLN B 379 -38.40 -26.64 21.60
N ILE B 380 -37.60 -25.77 20.96
CA ILE B 380 -37.30 -24.42 21.47
C ILE B 380 -38.59 -23.60 21.62
N LEU B 381 -39.45 -23.66 20.59
CA LEU B 381 -40.74 -22.96 20.60
C LEU B 381 -41.59 -23.37 21.81
N ARG B 382 -41.66 -24.67 22.07
CA ARG B 382 -42.37 -25.23 23.22
C ARG B 382 -41.86 -24.73 24.58
N SER B 383 -40.53 -24.63 24.71
CA SER B 383 -39.84 -24.13 25.90
C SER B 383 -40.24 -22.69 26.24
N LEU B 384 -40.27 -21.85 25.21
CA LEU B 384 -40.67 -20.44 25.32
C LEU B 384 -42.15 -20.23 25.59
N THR B 385 -42.99 -20.98 24.87
CA THR B 385 -44.45 -20.93 25.01
C THR B 385 -45.01 -21.43 26.35
N ARG B 386 -44.25 -22.32 26.99
CA ARG B 386 -44.52 -22.90 28.32
C ARG B 386 -45.32 -22.06 29.36
N ASP B 387 -45.02 -20.77 29.45
CA ASP B 387 -45.71 -19.86 30.37
C ASP B 387 -46.93 -19.12 29.79
N LEU B 388 -47.11 -19.24 28.48
CA LEU B 388 -48.21 -18.60 27.75
C LEU B 388 -49.41 -19.51 27.53
N SER B 389 -50.58 -18.88 27.41
CA SER B 389 -51.84 -19.59 27.17
C SER B 389 -52.15 -19.55 25.67
N LEU B 390 -51.71 -20.59 24.98
CA LEU B 390 -51.90 -20.73 23.53
C LEU B 390 -53.30 -21.21 23.17
N ALA B 391 -53.78 -20.76 22.02
CA ALA B 391 -55.09 -21.17 21.51
C ALA B 391 -54.95 -22.50 20.79
N ASP B 392 -56.08 -23.13 20.50
CA ASP B 392 -56.13 -24.44 19.83
C ASP B 392 -55.73 -24.45 18.36
N ASP B 393 -55.83 -23.29 17.70
CA ASP B 393 -55.48 -23.14 16.28
C ASP B 393 -53.97 -23.05 16.01
N ILE B 394 -53.20 -22.86 17.08
CA ILE B 394 -51.73 -22.75 16.99
C ILE B 394 -51.06 -24.13 16.91
N ASN B 395 -50.30 -24.30 15.83
CA ASN B 395 -49.56 -25.53 15.60
C ASN B 395 -48.08 -25.16 15.51
N PHE B 396 -47.37 -25.35 16.64
CA PHE B 396 -45.94 -25.06 16.76
C PHE B 396 -45.09 -25.80 15.72
N LYS B 397 -45.60 -26.95 15.28
CA LYS B 397 -44.97 -27.80 14.27
C LYS B 397 -44.92 -27.05 12.93
N GLU B 398 -46.03 -26.40 12.57
CA GLU B 398 -46.13 -25.60 11.32
C GLU B 398 -45.19 -24.41 11.35
N LEU B 399 -45.11 -23.74 12.51
CA LEU B 399 -44.21 -22.59 12.70
C LEU B 399 -42.76 -23.02 12.46
N ALA B 400 -42.33 -24.08 13.14
CA ALA B 400 -40.98 -24.66 13.03
C ALA B 400 -40.58 -25.03 11.60
N LYS B 401 -41.50 -25.66 10.86
CA LYS B 401 -41.32 -26.04 9.46
C LYS B 401 -41.01 -24.83 8.55
N MET B 402 -41.83 -23.79 8.69
CA MET B 402 -41.68 -22.55 7.92
C MET B 402 -40.81 -21.47 8.58
N THR B 403 -39.74 -21.92 9.23
CA THR B 403 -38.77 -21.05 9.94
C THR B 403 -37.38 -21.60 9.55
N PRO B 404 -36.86 -21.20 8.37
CA PRO B 404 -35.55 -21.65 7.85
C PRO B 404 -34.27 -21.42 8.67
N GLY B 405 -33.69 -20.22 8.56
CA GLY B 405 -32.45 -19.91 9.25
C GLY B 405 -32.52 -19.10 10.52
N TYR B 406 -33.41 -19.49 11.43
CA TYR B 406 -33.58 -18.80 12.70
C TYR B 406 -32.89 -19.55 13.83
N VAL B 407 -32.28 -18.80 14.75
CA VAL B 407 -31.56 -19.36 15.90
C VAL B 407 -32.43 -19.31 17.17
N GLY B 408 -31.89 -19.81 18.29
CA GLY B 408 -32.57 -19.85 19.57
C GLY B 408 -33.04 -18.49 20.08
N SER B 409 -32.20 -17.49 19.83
CA SER B 409 -32.49 -16.11 20.18
C SER B 409 -33.60 -15.53 19.29
N ASP B 410 -33.56 -15.87 18.00
CA ASP B 410 -34.56 -15.42 17.01
C ASP B 410 -35.96 -15.92 17.34
N LEU B 411 -36.05 -17.21 17.66
CA LEU B 411 -37.31 -17.86 18.04
C LEU B 411 -37.88 -17.22 19.32
N GLN B 412 -36.99 -16.93 20.28
CA GLN B 412 -37.31 -16.24 21.55
C GLN B 412 -38.03 -14.91 21.26
N TYR B 413 -37.47 -14.17 20.31
CA TYR B 413 -38.02 -12.90 19.84
C TYR B 413 -39.36 -13.01 19.13
N VAL B 414 -39.53 -14.04 18.28
CA VAL B 414 -40.79 -14.29 17.56
C VAL B 414 -41.93 -14.43 18.58
N VAL B 415 -41.67 -15.14 19.68
CA VAL B 415 -42.62 -15.32 20.79
C VAL B 415 -42.97 -13.94 21.40
N LYS B 416 -41.95 -13.14 21.69
CA LYS B 416 -42.10 -11.78 22.25
C LYS B 416 -42.93 -10.86 21.33
N ALA B 417 -42.65 -10.95 20.03
CA ALA B 417 -43.34 -10.20 18.97
C ALA B 417 -44.84 -10.48 18.96
N ALA B 418 -45.20 -11.77 19.08
CA ALA B 418 -46.60 -12.20 19.13
C ALA B 418 -47.35 -11.55 20.30
N VAL B 419 -46.70 -11.49 21.47
CA VAL B 419 -47.23 -10.87 22.70
C VAL B 419 -47.64 -9.39 22.45
N SER B 420 -46.74 -8.62 21.86
CA SER B 420 -47.01 -7.21 21.52
C SER B 420 -48.18 -7.04 20.52
N GLU B 421 -48.21 -7.90 19.48
CA GLU B 421 -49.26 -7.92 18.46
C GLU B 421 -50.68 -8.15 19.01
N SER B 422 -50.80 -9.07 19.97
CA SER B 422 -52.08 -9.37 20.63
C SER B 422 -52.63 -8.19 21.43
N PHE B 423 -51.75 -7.52 22.18
CA PHE B 423 -52.12 -6.37 22.99
C PHE B 423 -52.43 -5.04 22.28
N GLN B 424 -52.84 -5.12 21.01
CA GLN B 424 -53.19 -3.95 20.19
C GLN B 424 -54.66 -3.60 20.41
N ALA B 425 -55.45 -4.61 20.79
CA ALA B 425 -56.88 -4.47 21.08
C ALA B 425 -57.11 -3.57 22.29
N ASN B 426 -56.28 -3.76 23.31
CA ASN B 426 -56.32 -2.99 24.55
C ASN B 426 -55.96 -1.52 24.33
N ILE B 427 -55.03 -1.27 23.39
CA ILE B 427 -54.59 0.07 23.02
C ILE B 427 -55.77 0.84 22.38
N ASP B 428 -56.46 0.20 21.42
CA ASP B 428 -57.63 0.77 20.75
C ASP B 428 -58.74 1.13 21.75
N SER B 429 -58.99 0.23 22.71
CA SER B 429 -59.98 0.41 23.78
C SER B 429 -59.67 1.65 24.63
N LEU B 430 -58.42 1.78 25.07
CA LEU B 430 -57.93 2.91 25.86
C LEU B 430 -58.08 4.25 25.14
N LEU B 431 -57.78 4.26 23.84
CA LEU B 431 -57.92 5.45 22.99
C LEU B 431 -59.36 5.99 22.97
N ALA B 432 -60.31 5.08 22.70
CA ALA B 432 -61.75 5.40 22.68
C ALA B 432 -62.23 5.92 24.04
N GLN B 433 -61.79 5.24 25.11
CA GLN B 433 -62.09 5.56 26.50
C GLN B 433 -61.57 6.96 26.91
N ALA B 434 -60.31 7.25 26.55
CA ALA B 434 -59.65 8.53 26.80
C ALA B 434 -60.36 9.73 26.15
N ARG B 435 -60.75 9.56 24.89
CA ARG B 435 -61.48 10.58 24.12
C ARG B 435 -62.89 10.90 24.64
N ALA B 436 -63.34 10.12 25.62
CA ALA B 436 -64.66 10.28 26.25
C ALA B 436 -64.54 10.99 27.60
N LYS B 437 -63.47 10.70 28.33
CA LYS B 437 -63.19 11.29 29.66
C LYS B 437 -62.70 12.74 29.49
N HIS B 438 -61.71 12.91 28.62
CA HIS B 438 -61.13 14.21 28.29
C HIS B 438 -61.33 14.40 26.78
N PRO B 439 -62.41 15.11 26.37
CA PRO B 439 -62.68 15.34 24.93
C PRO B 439 -61.68 16.28 24.26
N ALA B 440 -61.52 17.47 24.85
CA ALA B 440 -60.62 18.54 24.37
C ALA B 440 -60.94 19.04 22.95
N ASP B 441 -62.11 18.61 22.44
CA ASP B 441 -62.64 18.92 21.11
C ASP B 441 -61.70 18.62 19.93
N HIS B 442 -61.17 19.66 19.28
CA HIS B 442 -60.26 19.52 18.14
C HIS B 442 -58.96 20.32 18.33
N LEU B 443 -58.71 20.74 19.57
CA LEU B 443 -57.52 21.52 19.94
C LEU B 443 -56.30 20.63 20.19
N ALA B 444 -56.55 19.40 20.63
CA ALA B 444 -55.51 18.42 20.93
C ALA B 444 -54.99 17.65 19.72
N ASN B 445 -55.53 17.93 18.53
CA ASN B 445 -55.12 17.24 17.31
C ASN B 445 -54.60 18.06 16.13
N VAL B 446 -53.43 17.64 15.64
CA VAL B 446 -52.73 18.22 14.49
C VAL B 446 -52.49 17.00 13.57
N SER B 447 -52.23 15.86 14.21
CA SER B 447 -51.99 14.56 13.55
C SER B 447 -52.55 13.44 14.44
N GLN B 448 -52.37 12.18 14.03
CA GLN B 448 -52.86 11.02 14.78
C GLN B 448 -51.98 10.51 15.95
N PRO B 449 -50.65 10.34 15.75
CA PRO B 449 -49.82 9.86 16.86
C PRO B 449 -49.74 10.83 18.04
N GLN B 450 -49.59 12.12 17.72
CA GLN B 450 -49.49 13.19 18.70
C GLN B 450 -50.69 13.34 19.62
N ARG B 451 -51.91 13.20 19.06
CA ARG B 451 -53.15 13.30 19.85
C ARG B 451 -53.23 12.16 20.87
N ASP B 452 -52.87 10.94 20.43
CA ASP B 452 -52.86 9.74 21.29
C ASP B 452 -51.95 9.96 22.50
N TRP B 453 -50.72 10.41 22.22
CA TRP B 453 -49.71 10.70 23.25
C TRP B 453 -50.20 11.68 24.31
N LEU B 454 -50.77 12.80 23.86
CA LEU B 454 -51.33 13.86 24.72
C LEU B 454 -52.38 13.38 25.71
N LEU B 455 -53.32 12.55 25.24
CA LEU B 455 -54.39 11.97 26.08
C LEU B 455 -53.82 11.17 27.26
N LEU B 456 -52.85 10.29 26.95
CA LEU B 456 -52.18 9.45 27.95
C LEU B 456 -51.45 10.28 29.02
N GLU B 457 -50.78 11.34 28.55
CA GLU B 457 -50.05 12.30 29.40
C GLU B 457 -50.98 12.97 30.42
N ALA B 458 -52.19 13.34 29.98
CA ALA B 458 -53.22 13.94 30.83
C ALA B 458 -53.69 13.03 31.97
N HIS B 459 -53.94 11.76 31.64
CA HIS B 459 -54.37 10.74 32.62
C HIS B 459 -53.43 10.45 33.80
N ARG B 460 -52.17 10.11 33.49
CA ARG B 460 -51.11 9.81 34.50
C ARG B 460 -51.38 8.76 35.59
N ASP B 461 -52.08 9.16 36.65
CA ASP B 461 -52.40 8.31 37.80
C ASP B 461 -53.63 7.40 37.66
N GLU B 462 -54.07 7.17 36.43
CA GLU B 462 -55.23 6.33 36.14
C GLU B 462 -54.82 4.87 35.85
N GLU B 463 -55.14 3.99 36.79
CA GLU B 463 -54.84 2.56 36.69
C GLU B 463 -55.98 1.81 36.00
N VAL B 464 -55.61 1.01 35.01
CA VAL B 464 -56.58 0.23 34.22
C VAL B 464 -56.30 -1.29 34.29
N SER B 465 -57.38 -2.07 34.35
CA SER B 465 -57.31 -3.53 34.40
C SER B 465 -57.24 -4.12 32.99
N TRP B 466 -56.22 -4.95 32.77
CA TRP B 466 -55.99 -5.59 31.48
C TRP B 466 -56.43 -7.06 31.42
N PRO B 467 -57.35 -7.40 30.48
CA PRO B 467 -57.85 -8.78 30.33
C PRO B 467 -56.82 -9.69 29.66
N SER B 468 -56.71 -10.92 30.16
CA SER B 468 -55.78 -11.92 29.63
C SER B 468 -56.36 -12.63 28.41
N THR B 469 -55.88 -12.23 27.23
CA THR B 469 -56.33 -12.77 25.95
C THR B 469 -55.39 -13.84 25.36
N LYS B 470 -55.95 -14.69 24.50
CA LYS B 470 -55.22 -15.76 23.83
C LYS B 470 -54.77 -15.32 22.43
N ILE B 471 -53.67 -15.92 21.98
CA ILE B 471 -53.07 -15.63 20.67
C ILE B 471 -53.55 -16.55 19.55
N THR B 472 -53.66 -16.01 18.33
CA THR B 472 -54.09 -16.78 17.16
C THR B 472 -52.89 -17.13 16.27
N MET B 473 -53.12 -17.99 15.27
CA MET B 473 -52.10 -18.42 14.31
C MET B 473 -51.77 -17.27 13.35
N GLU B 474 -52.78 -16.43 13.10
CA GLU B 474 -52.67 -15.26 12.23
C GLU B 474 -51.71 -14.23 12.83
N GLN B 475 -51.79 -14.04 14.15
CA GLN B 475 -50.94 -13.12 14.91
C GLN B 475 -49.47 -13.55 14.87
N PHE B 476 -49.25 -14.87 14.86
CA PHE B 476 -47.91 -15.44 14.77
C PHE B 476 -47.30 -15.18 13.40
N ARG B 477 -48.09 -15.39 12.34
CA ARG B 477 -47.66 -15.14 10.96
C ARG B 477 -47.28 -13.67 10.74
N LYS B 478 -48.07 -12.76 11.34
CA LYS B 478 -47.83 -11.32 11.31
C LYS B 478 -46.49 -11.01 12.02
N ALA B 479 -46.31 -11.61 13.20
CA ALA B 479 -45.08 -11.48 14.00
C ALA B 479 -43.85 -11.97 13.22
N VAL B 480 -43.97 -13.13 12.58
CA VAL B 480 -42.91 -13.75 11.74
C VAL B 480 -42.46 -12.82 10.59
N SER B 481 -43.43 -12.22 9.89
CA SER B 481 -43.14 -11.29 8.78
C SER B 481 -42.26 -10.11 9.22
N LEU B 482 -42.57 -9.54 10.39
CA LEU B 482 -41.82 -8.42 10.96
C LEU B 482 -40.47 -8.76 11.62
N VAL B 483 -40.10 -10.05 11.66
CA VAL B 483 -38.84 -10.46 12.29
C VAL B 483 -37.65 -10.53 11.32
N GLN B 484 -36.50 -10.06 11.84
CA GLN B 484 -35.21 -10.03 11.16
C GLN B 484 -34.57 -11.42 11.22
N PRO B 485 -34.05 -11.94 10.06
CA PRO B 485 -33.42 -13.27 10.05
C PRO B 485 -31.99 -13.30 10.63
N ALA B 486 -31.84 -12.67 11.81
CA ALA B 486 -30.57 -12.53 12.56
C ALA B 486 -29.49 -11.77 11.81
N SER B 487 -29.00 -12.38 10.74
CA SER B 487 -27.97 -11.82 9.88
C SER B 487 -28.62 -11.12 8.68
N LYS B 488 -28.75 -9.81 8.78
CA LYS B 488 -29.32 -8.99 7.71
C LYS B 488 -28.26 -7.94 7.40
N ARG B 489 -27.11 -8.44 6.92
CA ARG B 489 -25.96 -7.62 6.57
C ARG B 489 -25.88 -7.35 5.08
N GLU B 490 -26.22 -6.11 4.71
CA GLU B 490 -26.19 -5.58 3.34
C GLU B 490 -26.85 -6.32 2.17
N GLY B 491 -26.27 -7.47 1.80
CA GLY B 491 -26.72 -8.29 0.69
C GLY B 491 -28.19 -8.64 0.52
N PHE B 492 -28.92 -8.70 1.63
CA PHE B 492 -30.35 -9.03 1.63
C PHE B 492 -31.25 -7.93 1.05
N SER B 493 -31.44 -8.00 -0.27
CA SER B 493 -32.28 -7.08 -1.04
C SER B 493 -33.70 -7.64 -1.08
N THR B 494 -34.69 -6.77 -0.87
CA THR B 494 -36.10 -7.17 -0.87
C THR B 494 -36.68 -7.46 -2.27
N ILE B 495 -37.58 -8.44 -2.32
CA ILE B 495 -38.25 -8.87 -3.56
C ILE B 495 -39.34 -7.90 -4.04
N PRO B 496 -39.23 -7.40 -5.31
CA PRO B 496 -40.22 -6.47 -5.88
C PRO B 496 -41.59 -7.10 -6.19
N ASP B 497 -42.54 -6.26 -6.60
CA ASP B 497 -43.90 -6.68 -6.93
C ASP B 497 -44.07 -7.30 -8.34
N THR B 498 -42.98 -7.84 -8.87
CA THR B 498 -42.96 -8.46 -10.19
C THR B 498 -43.41 -9.92 -10.18
N THR B 499 -44.49 -10.18 -10.92
CA THR B 499 -45.06 -11.53 -11.05
C THR B 499 -44.96 -11.96 -12.52
N TRP B 500 -45.59 -13.10 -12.85
CA TRP B 500 -45.58 -13.63 -14.22
C TRP B 500 -46.47 -12.83 -15.17
N SER B 501 -47.43 -12.12 -14.58
CA SER B 501 -48.39 -11.29 -15.32
C SER B 501 -47.73 -10.05 -15.92
N HIS B 502 -46.55 -9.71 -15.39
CA HIS B 502 -45.77 -8.55 -15.85
C HIS B 502 -44.91 -8.92 -17.06
N VAL B 503 -44.71 -10.23 -17.26
CA VAL B 503 -43.91 -10.74 -18.37
C VAL B 503 -44.82 -11.26 -19.47
N GLY B 504 -44.72 -10.65 -20.65
CA GLY B 504 -45.50 -11.03 -21.80
C GLY B 504 -44.85 -12.20 -22.53
N ALA B 505 -45.62 -13.29 -22.67
CA ALA B 505 -45.20 -14.55 -23.31
C ALA B 505 -44.08 -15.29 -22.56
N LEU B 506 -43.15 -15.91 -23.30
CA LEU B 506 -42.01 -16.69 -22.75
C LEU B 506 -42.49 -17.81 -21.83
N GLU B 507 -43.64 -18.39 -22.18
CA GLU B 507 -44.31 -19.46 -21.44
C GLU B 507 -43.46 -20.72 -21.26
N ASP B 508 -42.64 -21.02 -22.27
CA ASP B 508 -41.73 -22.16 -22.28
C ASP B 508 -40.63 -21.98 -21.23
N VAL B 509 -40.07 -20.78 -21.21
CA VAL B 509 -39.02 -20.36 -20.29
C VAL B 509 -39.56 -20.39 -18.85
N ARG B 510 -40.79 -19.91 -18.67
CA ARG B 510 -41.48 -19.88 -17.37
C ARG B 510 -41.55 -21.27 -16.75
N LYS B 511 -42.01 -22.25 -17.54
CA LYS B 511 -42.11 -23.67 -17.14
C LYS B 511 -40.77 -24.27 -16.73
N LYS B 512 -39.74 -24.02 -17.54
CA LYS B 512 -38.36 -24.48 -17.30
C LYS B 512 -37.81 -23.96 -15.98
N LEU B 513 -38.04 -22.67 -15.73
CA LEU B 513 -37.63 -21.97 -14.50
C LEU B 513 -38.33 -22.54 -13.26
N GLU B 514 -39.65 -22.79 -13.40
CA GLU B 514 -40.46 -23.39 -12.34
C GLU B 514 -39.88 -24.73 -11.92
N MET B 515 -39.56 -25.57 -12.91
CA MET B 515 -38.95 -26.89 -12.70
C MET B 515 -37.67 -26.82 -11.86
N SER B 516 -36.72 -26.02 -12.34
CA SER B 516 -35.43 -25.83 -11.68
C SER B 516 -35.42 -25.21 -10.29
N ILE B 517 -36.03 -24.04 -10.12
CA ILE B 517 -36.04 -23.35 -8.82
C ILE B 517 -37.17 -23.64 -7.82
N ILE B 518 -38.42 -23.63 -8.30
CA ILE B 518 -39.62 -23.81 -7.48
C ILE B 518 -39.78 -25.28 -7.14
N GLY B 519 -39.29 -26.13 -8.04
CA GLY B 519 -39.37 -27.57 -7.86
C GLY B 519 -38.66 -27.98 -6.58
N PRO B 520 -37.35 -27.69 -6.42
CA PRO B 520 -36.67 -28.08 -5.17
C PRO B 520 -37.09 -27.36 -3.89
N ILE B 521 -37.39 -26.05 -3.99
CA ILE B 521 -37.82 -25.27 -2.81
C ILE B 521 -39.16 -25.74 -2.22
N LYS B 522 -40.19 -25.82 -3.07
CA LYS B 522 -41.52 -26.23 -2.65
C LYS B 522 -41.75 -27.72 -2.46
N ASN B 523 -41.10 -28.54 -3.30
CA ASN B 523 -41.22 -30.01 -3.23
C ASN B 523 -39.91 -30.82 -2.99
N PRO B 524 -39.29 -30.71 -1.78
CA PRO B 524 -38.05 -31.43 -1.48
C PRO B 524 -38.28 -32.95 -1.45
N GLU B 525 -39.49 -33.32 -1.02
CA GLU B 525 -39.97 -34.70 -0.91
C GLU B 525 -39.89 -35.44 -2.26
N LEU B 526 -40.32 -34.75 -3.32
CA LEU B 526 -40.32 -35.27 -4.68
C LEU B 526 -38.89 -35.57 -5.17
N PHE B 527 -37.99 -34.60 -4.97
CA PHE B 527 -36.58 -34.75 -5.37
C PHE B 527 -35.78 -35.85 -4.67
N THR B 528 -35.98 -35.97 -3.36
CA THR B 528 -35.32 -37.01 -2.55
C THR B 528 -35.78 -38.42 -2.97
N ARG B 529 -37.09 -38.57 -3.21
CA ARG B 529 -37.69 -39.83 -3.66
C ARG B 529 -37.21 -40.32 -5.04
N VAL B 530 -37.16 -39.42 -6.03
CA VAL B 530 -36.68 -39.77 -7.37
C VAL B 530 -35.18 -40.09 -7.43
N GLY B 531 -34.38 -39.31 -6.71
CA GLY B 531 -32.95 -39.58 -6.64
C GLY B 531 -31.96 -38.55 -7.15
N ILE B 532 -32.44 -37.41 -7.65
CA ILE B 532 -31.54 -36.36 -8.16
C ILE B 532 -31.23 -35.23 -7.18
N LYS B 533 -30.02 -34.70 -7.32
CA LYS B 533 -29.52 -33.59 -6.51
C LYS B 533 -30.16 -32.29 -6.99
N PRO B 534 -30.47 -31.34 -6.06
CA PRO B 534 -31.10 -30.08 -6.48
C PRO B 534 -30.15 -29.23 -7.32
N ALA B 535 -30.74 -28.37 -8.16
CA ALA B 535 -30.04 -27.48 -9.08
C ALA B 535 -28.95 -26.60 -8.44
N ALA B 536 -28.07 -26.08 -9.30
CA ALA B 536 -26.98 -25.23 -8.86
C ALA B 536 -27.09 -23.86 -9.52
N GLY B 537 -27.32 -23.86 -10.84
CA GLY B 537 -27.43 -22.60 -11.55
C GLY B 537 -27.82 -22.57 -13.01
N ILE B 538 -28.32 -21.39 -13.43
CA ILE B 538 -28.76 -21.13 -14.81
C ILE B 538 -28.12 -19.86 -15.39
N LEU B 539 -28.05 -19.79 -16.71
CA LEU B 539 -27.50 -18.64 -17.41
C LEU B 539 -28.50 -18.06 -18.41
N LEU B 540 -28.79 -16.76 -18.25
CA LEU B 540 -29.70 -16.03 -19.12
C LEU B 540 -28.85 -15.23 -20.10
N TRP B 541 -28.96 -15.55 -21.38
CA TRP B 541 -28.19 -14.87 -22.41
C TRP B 541 -28.98 -14.45 -23.64
N GLY B 542 -28.61 -13.31 -24.22
CA GLY B 542 -29.28 -12.83 -25.42
C GLY B 542 -29.22 -11.32 -25.61
N PRO B 543 -30.03 -10.74 -26.52
CA PRO B 543 -30.06 -9.28 -26.77
C PRO B 543 -30.46 -8.43 -25.54
N PRO B 544 -29.95 -7.18 -25.43
CA PRO B 544 -30.25 -6.28 -24.31
C PRO B 544 -31.71 -5.84 -24.17
N GLY B 545 -32.15 -5.74 -22.91
CA GLY B 545 -33.51 -5.31 -22.58
C GLY B 545 -34.62 -6.25 -22.95
N CYS B 546 -34.37 -7.54 -22.78
CA CYS B 546 -35.37 -8.55 -23.10
C CYS B 546 -36.01 -9.21 -21.88
N GLY B 547 -35.75 -8.64 -20.71
CA GLY B 547 -36.33 -9.14 -19.47
C GLY B 547 -35.53 -10.11 -18.65
N LYS B 548 -34.22 -10.16 -18.85
CA LYS B 548 -33.34 -11.07 -18.10
C LYS B 548 -33.31 -10.76 -16.60
N THR B 549 -33.14 -9.47 -16.26
CA THR B 549 -33.10 -8.99 -14.87
C THR B 549 -34.47 -9.19 -14.18
N LEU B 550 -35.53 -8.95 -14.94
CA LEU B 550 -36.92 -9.10 -14.49
C LEU B 550 -37.22 -10.54 -14.12
N VAL B 551 -36.86 -11.46 -15.01
CA VAL B 551 -37.03 -12.91 -14.86
C VAL B 551 -36.41 -13.37 -13.53
N ALA B 552 -35.17 -12.95 -13.27
CA ALA B 552 -34.45 -13.28 -12.03
C ALA B 552 -35.25 -12.90 -10.77
N LYS B 553 -35.72 -11.66 -10.74
CA LYS B 553 -36.54 -11.12 -9.64
C LYS B 553 -37.89 -11.83 -9.50
N ALA B 554 -38.55 -12.03 -10.65
CA ALA B 554 -39.85 -12.71 -10.77
C ALA B 554 -39.87 -14.11 -10.17
N VAL B 555 -38.83 -14.87 -10.49
CA VAL B 555 -38.64 -16.24 -9.99
C VAL B 555 -38.47 -16.20 -8.46
N ALA B 556 -37.60 -15.29 -7.98
CA ALA B 556 -37.34 -15.09 -6.54
C ALA B 556 -38.63 -14.76 -5.78
N ASN B 557 -39.41 -13.84 -6.37
CA ASN B 557 -40.71 -13.43 -5.82
C ASN B 557 -41.62 -14.65 -5.65
N GLU B 558 -41.90 -15.33 -6.79
CA GLU B 558 -42.76 -16.52 -6.90
C GLU B 558 -42.47 -17.57 -5.81
N SER B 559 -41.18 -17.89 -5.63
CA SER B 559 -40.70 -18.82 -4.62
C SER B 559 -40.77 -18.27 -3.19
N LYS B 560 -41.03 -16.96 -3.05
CA LYS B 560 -41.11 -16.20 -1.77
C LYS B 560 -39.78 -16.31 -1.04
N ALA B 561 -38.76 -16.58 -1.86
CA ALA B 561 -37.39 -16.77 -1.36
C ALA B 561 -36.58 -15.46 -1.39
N ASN B 562 -35.39 -15.47 -0.77
CA ASN B 562 -34.52 -14.27 -0.71
C ASN B 562 -33.80 -14.00 -2.03
N PHE B 563 -33.42 -12.74 -2.25
CA PHE B 563 -32.77 -12.33 -3.49
C PHE B 563 -31.60 -11.38 -3.25
N ILE B 564 -30.45 -11.70 -3.85
CA ILE B 564 -29.25 -10.87 -3.78
C ILE B 564 -28.76 -10.62 -5.21
N SER B 565 -28.53 -9.35 -5.54
CA SER B 565 -28.07 -8.96 -6.87
C SER B 565 -26.73 -8.25 -6.85
N ILE B 566 -25.72 -8.92 -7.42
CA ILE B 566 -24.37 -8.36 -7.53
C ILE B 566 -24.18 -8.12 -9.01
N LYS B 567 -23.96 -6.86 -9.36
CA LYS B 567 -23.80 -6.44 -10.74
C LYS B 567 -22.34 -6.15 -11.08
N GLY B 568 -21.92 -6.62 -12.26
CA GLY B 568 -20.58 -6.39 -12.79
C GLY B 568 -19.36 -6.40 -11.87
N PRO B 569 -18.85 -5.23 -11.44
CA PRO B 569 -17.67 -5.20 -10.56
C PRO B 569 -17.86 -4.70 -9.11
N GLU B 570 -19.01 -4.99 -8.50
CA GLU B 570 -19.30 -4.56 -7.12
C GLU B 570 -18.60 -5.42 -6.05
N LEU B 571 -17.45 -5.99 -6.43
CA LEU B 571 -16.65 -6.86 -5.56
C LEU B 571 -15.25 -6.32 -5.28
N LEU B 572 -14.59 -5.86 -6.34
CA LEU B 572 -13.20 -5.33 -6.30
C LEU B 572 -12.87 -4.16 -5.38
N ASN B 573 -11.71 -4.26 -4.74
CA ASN B 573 -11.19 -3.24 -3.82
C ASN B 573 -9.80 -2.78 -4.29
N LYS B 574 -9.24 -1.77 -3.62
CA LYS B 574 -7.92 -1.24 -3.95
C LYS B 574 -6.79 -2.03 -3.30
N TYR B 575 -7.14 -2.78 -2.25
CA TYR B 575 -6.19 -3.62 -1.51
C TYR B 575 -5.93 -4.96 -2.19
N VAL B 576 -4.82 -5.60 -1.83
CA VAL B 576 -4.41 -6.88 -2.39
C VAL B 576 -5.12 -8.13 -1.87
N GLY B 577 -5.88 -7.98 -0.79
CA GLY B 577 -6.57 -9.13 -0.21
C GLY B 577 -7.98 -8.95 0.30
N GLU B 578 -8.78 -8.09 -0.34
CA GLU B 578 -10.16 -7.91 0.10
C GLU B 578 -11.22 -8.43 -0.85
N SER B 579 -10.93 -8.40 -2.16
CA SER B 579 -11.85 -8.88 -3.21
C SER B 579 -12.20 -10.36 -3.04
N GLU B 580 -11.16 -11.19 -2.87
CA GLU B 580 -11.30 -12.63 -2.69
C GLU B 580 -12.00 -12.99 -1.36
N ARG B 581 -11.66 -12.25 -0.30
CA ARG B 581 -12.23 -12.43 1.04
C ARG B 581 -13.73 -12.11 1.01
N ALA B 582 -14.10 -11.05 0.29
CA ALA B 582 -15.49 -10.63 0.12
C ALA B 582 -16.35 -11.69 -0.58
N VAL B 583 -15.82 -12.28 -1.66
CA VAL B 583 -16.50 -13.37 -2.41
C VAL B 583 -16.77 -14.56 -1.48
N ARG B 584 -15.75 -14.92 -0.69
CA ARG B 584 -15.84 -15.99 0.31
C ARG B 584 -16.96 -15.68 1.30
N GLN B 585 -17.00 -14.43 1.78
CA GLN B 585 -18.04 -13.94 2.70
C GLN B 585 -19.46 -14.07 2.15
N LEU B 586 -19.66 -13.74 0.86
CA LEU B 586 -20.96 -13.88 0.18
C LEU B 586 -21.50 -15.30 0.23
N PHE B 587 -20.64 -16.26 -0.13
CA PHE B 587 -21.01 -17.67 -0.10
C PHE B 587 -21.30 -18.17 1.32
N SER B 588 -20.54 -17.68 2.29
CA SER B 588 -20.73 -18.01 3.73
C SER B 588 -22.11 -17.53 4.22
N ARG B 589 -22.47 -16.29 3.87
CA ARG B 589 -23.78 -15.69 4.19
C ARG B 589 -24.92 -16.49 3.56
N ALA B 590 -24.74 -16.85 2.28
CA ALA B 590 -25.70 -17.66 1.52
C ALA B 590 -25.90 -19.04 2.13
N LYS B 591 -24.79 -19.69 2.52
CA LYS B 591 -24.80 -21.00 3.18
C LYS B 591 -25.59 -20.99 4.49
N SER B 592 -25.36 -19.95 5.30
CA SER B 592 -26.03 -19.75 6.58
C SER B 592 -27.56 -19.64 6.44
N SER B 593 -28.02 -18.82 5.48
CA SER B 593 -29.45 -18.65 5.21
C SER B 593 -29.89 -19.08 3.81
N ALA B 594 -30.68 -20.15 3.79
CA ALA B 594 -31.24 -20.71 2.55
C ALA B 594 -32.72 -20.93 2.84
N PRO B 595 -33.62 -20.81 1.83
CA PRO B 595 -33.55 -20.50 0.39
C PRO B 595 -33.29 -19.06 -0.10
N CYS B 596 -32.37 -18.97 -1.05
CA CYS B 596 -31.95 -17.71 -1.67
C CYS B 596 -31.45 -17.88 -3.09
N ILE B 597 -31.74 -16.86 -3.91
CA ILE B 597 -31.30 -16.82 -5.31
C ILE B 597 -30.19 -15.78 -5.38
N LEU B 598 -29.03 -16.22 -5.87
CA LEU B 598 -27.86 -15.35 -5.99
C LEU B 598 -27.76 -14.95 -7.47
N PHE B 599 -27.99 -13.67 -7.73
CA PHE B 599 -27.97 -13.16 -9.09
C PHE B 599 -26.73 -12.34 -9.46
N PHE B 600 -26.11 -12.74 -10.57
CA PHE B 600 -24.93 -12.08 -11.10
C PHE B 600 -25.28 -11.46 -12.46
N ASP B 601 -25.39 -10.12 -12.47
CA ASP B 601 -25.73 -9.37 -13.68
C ASP B 601 -24.45 -8.93 -14.40
N GLN B 602 -24.43 -9.13 -15.72
CA GLN B 602 -23.31 -8.80 -16.62
C GLN B 602 -21.99 -9.51 -16.26
N MET B 603 -21.94 -10.80 -16.62
CA MET B 603 -20.79 -11.66 -16.37
C MET B 603 -19.70 -11.58 -17.43
N ASP B 604 -19.95 -10.78 -18.47
CA ASP B 604 -19.03 -10.55 -19.58
C ASP B 604 -17.71 -9.88 -19.17
N ALA B 605 -17.70 -9.30 -17.97
CA ALA B 605 -16.51 -8.64 -17.40
C ALA B 605 -15.48 -9.57 -16.74
N LEU B 606 -15.94 -10.36 -15.77
CA LEU B 606 -15.12 -11.28 -14.97
C LEU B 606 -14.58 -12.54 -15.65
N VAL B 607 -15.44 -13.18 -16.43
CA VAL B 607 -15.18 -14.45 -17.12
C VAL B 607 -14.15 -14.59 -18.29
N PRO B 608 -14.09 -13.65 -19.26
CA PRO B 608 -13.13 -13.79 -20.37
C PRO B 608 -11.63 -13.57 -20.11
N ARG B 609 -11.29 -13.09 -18.92
CA ARG B 609 -9.89 -12.82 -18.55
C ARG B 609 -9.07 -14.05 -18.13
N ARG B 610 -9.47 -15.21 -18.65
CA ARG B 610 -8.81 -16.48 -18.38
C ARG B 610 -8.05 -17.00 -19.60
N ASP B 611 -8.74 -17.02 -20.75
CA ASP B 611 -8.17 -17.50 -22.03
C ASP B 611 -6.91 -16.79 -22.52
N ASP B 612 -6.76 -15.52 -22.11
CA ASP B 612 -5.61 -14.69 -22.45
C ASP B 612 -5.05 -14.04 -21.19
N SER B 613 -3.73 -14.15 -21.01
CA SER B 613 -3.02 -13.61 -19.85
C SER B 613 -2.94 -12.08 -19.84
N LEU B 614 -3.78 -11.47 -18.98
CA LEU B 614 -3.84 -10.01 -18.85
C LEU B 614 -3.51 -9.49 -17.46
N SER B 615 -4.46 -9.58 -16.52
CA SER B 615 -4.26 -9.10 -15.15
C SER B 615 -4.17 -10.21 -14.11
N ASP B 616 -3.59 -9.85 -12.96
CA ASP B 616 -3.40 -10.76 -11.83
C ASP B 616 -4.57 -10.73 -10.84
N ALA B 617 -5.14 -9.54 -10.63
CA ALA B 617 -6.28 -9.35 -9.72
C ALA B 617 -7.52 -10.09 -10.22
N SER B 618 -7.80 -9.93 -11.51
CA SER B 618 -8.92 -10.58 -12.21
C SER B 618 -8.80 -12.10 -12.19
N ALA B 619 -7.55 -12.58 -12.31
CA ALA B 619 -7.22 -14.00 -12.29
C ALA B 619 -7.59 -14.64 -10.95
N ARG B 620 -7.16 -14.00 -9.85
CA ARG B 620 -7.47 -14.47 -8.49
C ARG B 620 -8.95 -14.56 -8.18
N VAL B 621 -9.70 -13.50 -8.51
CA VAL B 621 -11.14 -13.44 -8.30
C VAL B 621 -11.91 -14.55 -9.02
N VAL B 622 -11.67 -14.71 -10.33
CA VAL B 622 -12.34 -15.75 -11.11
C VAL B 622 -12.03 -17.17 -10.62
N ASN B 623 -10.77 -17.42 -10.26
CA ASN B 623 -10.34 -18.70 -9.71
C ASN B 623 -11.05 -19.02 -8.39
N THR B 624 -11.20 -18.02 -7.52
CA THR B 624 -11.93 -18.15 -6.24
C THR B 624 -13.40 -18.49 -6.51
N LEU B 625 -13.98 -17.82 -7.51
CA LEU B 625 -15.38 -18.04 -7.93
C LEU B 625 -15.60 -19.49 -8.39
N LEU B 626 -14.71 -20.00 -9.25
CA LEU B 626 -14.76 -21.38 -9.76
C LEU B 626 -14.72 -22.38 -8.62
N THR B 627 -13.82 -22.10 -7.67
CA THR B 627 -13.63 -22.85 -6.44
C THR B 627 -14.90 -22.91 -5.58
N GLU B 628 -15.52 -21.75 -5.35
CA GLU B 628 -16.75 -21.63 -4.57
C GLU B 628 -17.93 -22.39 -5.19
N LEU B 629 -18.02 -22.35 -6.52
CA LEU B 629 -19.05 -23.07 -7.28
C LEU B 629 -18.95 -24.60 -7.21
N ASP B 630 -17.80 -25.16 -7.64
CA ASP B 630 -17.55 -26.62 -7.66
C ASP B 630 -16.93 -27.32 -6.43
N GLY B 631 -16.14 -26.57 -5.67
CA GLY B 631 -15.39 -27.02 -4.48
C GLY B 631 -15.69 -28.23 -3.60
N VAL B 632 -15.99 -27.95 -2.32
CA VAL B 632 -16.30 -28.99 -1.34
C VAL B 632 -17.83 -29.15 -1.13
N GLY B 633 -18.29 -29.13 0.12
CA GLY B 633 -19.70 -29.29 0.43
C GLY B 633 -20.57 -28.05 0.43
N ASP B 634 -20.76 -27.45 -0.74
CA ASP B 634 -21.60 -26.26 -0.91
C ASP B 634 -23.00 -26.75 -1.25
N ARG B 635 -23.79 -26.97 -0.20
CA ARG B 635 -25.17 -27.46 -0.27
C ARG B 635 -26.16 -26.64 -1.10
N SER B 636 -27.34 -27.23 -1.30
CA SER B 636 -28.41 -26.59 -2.07
C SER B 636 -29.21 -25.55 -1.26
N GLY B 637 -30.29 -25.05 -1.88
CA GLY B 637 -31.12 -24.02 -1.28
C GLY B 637 -30.71 -22.71 -1.91
N ILE B 638 -29.43 -22.66 -2.30
CA ILE B 638 -28.80 -21.50 -2.94
C ILE B 638 -28.70 -21.81 -4.44
N TYR B 639 -29.47 -21.07 -5.23
CA TYR B 639 -29.48 -21.24 -6.68
C TYR B 639 -28.92 -19.99 -7.31
N VAL B 640 -27.86 -20.19 -8.10
CA VAL B 640 -27.15 -19.10 -8.74
C VAL B 640 -27.64 -18.82 -10.17
N ILE B 641 -28.04 -17.58 -10.42
CA ILE B 641 -28.52 -17.18 -11.74
C ILE B 641 -27.54 -16.16 -12.31
N GLY B 642 -27.09 -16.41 -13.54
CA GLY B 642 -26.18 -15.50 -14.22
C GLY B 642 -26.85 -14.91 -15.44
N ALA B 643 -26.56 -13.65 -15.73
CA ALA B 643 -27.10 -12.98 -16.92
C ALA B 643 -26.06 -12.17 -17.67
N THR B 644 -26.11 -12.25 -19.00
CA THR B 644 -25.20 -11.52 -19.87
C THR B 644 -25.83 -11.16 -21.21
N ASN B 645 -25.51 -9.95 -21.66
CA ASN B 645 -25.99 -9.40 -22.92
C ASN B 645 -25.06 -9.86 -24.04
N ARG B 646 -23.90 -10.37 -23.62
CA ARG B 646 -22.86 -10.87 -24.52
C ARG B 646 -22.40 -12.28 -24.16
N PRO B 647 -23.00 -13.31 -24.80
CA PRO B 647 -22.63 -14.71 -24.52
C PRO B 647 -21.31 -15.13 -25.17
N ASP B 648 -20.82 -14.29 -26.08
CA ASP B 648 -19.58 -14.50 -26.85
C ASP B 648 -18.32 -14.88 -26.07
N MET B 649 -17.63 -13.89 -25.51
CA MET B 649 -16.40 -14.12 -24.75
C MET B 649 -16.65 -14.47 -23.29
N ILE B 650 -16.74 -15.77 -23.05
CA ILE B 650 -16.97 -16.38 -21.74
C ILE B 650 -16.14 -17.68 -21.72
N ASP B 651 -15.52 -17.99 -20.58
CA ASP B 651 -14.72 -19.21 -20.40
C ASP B 651 -15.63 -20.43 -20.21
N GLU B 652 -15.35 -21.45 -21.01
CA GLU B 652 -16.08 -22.72 -21.04
C GLU B 652 -16.12 -23.42 -19.67
N ALA B 653 -15.10 -23.15 -18.85
CA ALA B 653 -14.97 -23.70 -17.49
C ALA B 653 -16.16 -23.32 -16.60
N ILE B 654 -16.61 -22.07 -16.72
CA ILE B 654 -17.77 -21.56 -15.96
C ILE B 654 -19.05 -22.26 -16.48
N ARG B 655 -19.14 -22.41 -17.81
CA ARG B 655 -20.29 -23.08 -18.45
C ARG B 655 -20.55 -24.56 -18.09
N ARG B 656 -19.48 -25.29 -17.77
CA ARG B 656 -19.49 -26.70 -17.32
C ARG B 656 -20.59 -27.05 -16.28
N PRO B 657 -21.29 -28.21 -16.45
CA PRO B 657 -22.35 -28.65 -15.53
C PRO B 657 -21.88 -28.80 -14.07
N GLY B 658 -22.68 -28.27 -13.15
CA GLY B 658 -22.33 -28.30 -11.74
C GLY B 658 -22.11 -26.86 -11.29
N ARG B 659 -21.74 -26.02 -12.25
CA ARG B 659 -21.52 -24.60 -12.04
C ARG B 659 -22.75 -23.90 -12.65
N LEU B 660 -22.64 -23.39 -13.89
CA LEU B 660 -23.76 -22.74 -14.56
C LEU B 660 -24.05 -23.47 -15.88
N GLY B 661 -24.66 -24.65 -15.75
CA GLY B 661 -24.95 -25.50 -16.89
C GLY B 661 -26.18 -25.26 -17.75
N THR B 662 -27.27 -24.76 -17.14
CA THR B 662 -28.52 -24.52 -17.87
C THR B 662 -28.55 -23.17 -18.60
N SER B 663 -28.22 -23.22 -19.89
CA SER B 663 -28.18 -22.04 -20.75
C SER B 663 -29.57 -21.75 -21.35
N ILE B 664 -30.18 -20.68 -20.86
CA ILE B 664 -31.51 -20.26 -21.31
C ILE B 664 -31.36 -19.01 -22.18
N TYR B 665 -31.89 -19.11 -23.40
CA TYR B 665 -31.86 -18.02 -24.36
C TYR B 665 -33.13 -17.16 -24.29
N VAL B 666 -32.94 -15.85 -24.13
CA VAL B 666 -34.04 -14.89 -24.04
C VAL B 666 -34.01 -13.99 -25.29
N GLY B 667 -34.90 -14.28 -26.25
CA GLY B 667 -35.02 -13.52 -27.50
C GLY B 667 -36.47 -13.18 -27.82
N LEU B 668 -36.71 -12.40 -28.87
CA LEU B 668 -38.07 -11.99 -29.24
C LEU B 668 -38.34 -11.76 -30.75
N PRO B 669 -39.00 -12.73 -31.44
CA PRO B 669 -39.30 -12.59 -32.87
C PRO B 669 -40.74 -12.90 -33.40
N SER B 670 -41.71 -13.13 -32.51
CA SER B 670 -43.08 -13.49 -32.93
C SER B 670 -44.26 -12.54 -32.65
N ALA B 671 -45.24 -12.60 -33.55
CA ALA B 671 -46.47 -11.79 -33.53
C ALA B 671 -47.37 -11.92 -32.31
N GLU B 672 -47.69 -13.16 -31.95
CA GLU B 672 -48.56 -13.49 -30.81
C GLU B 672 -48.00 -12.92 -29.50
N ASP B 673 -46.68 -13.02 -29.36
CA ASP B 673 -45.93 -12.53 -28.21
C ASP B 673 -46.07 -11.01 -28.08
N ARG B 674 -45.86 -10.31 -29.20
CA ARG B 674 -45.98 -8.85 -29.25
C ARG B 674 -47.34 -8.32 -28.79
N VAL B 675 -48.43 -8.98 -29.22
CA VAL B 675 -49.79 -8.62 -28.81
C VAL B 675 -49.92 -8.72 -27.28
N LYS B 676 -49.42 -9.82 -26.72
CA LYS B 676 -49.42 -10.04 -25.27
C LYS B 676 -48.67 -8.95 -24.51
N ILE B 677 -47.48 -8.56 -25.01
CA ILE B 677 -46.67 -7.49 -24.42
C ILE B 677 -47.43 -6.15 -24.46
N LEU B 678 -48.01 -5.82 -25.62
CA LEU B 678 -48.80 -4.59 -25.79
C LEU B 678 -49.94 -4.50 -24.79
N LYS B 679 -50.65 -5.62 -24.62
CA LYS B 679 -51.75 -5.73 -23.66
C LYS B 679 -51.27 -5.57 -22.22
N THR B 680 -50.14 -6.21 -21.89
CA THR B 680 -49.50 -6.14 -20.56
C THR B 680 -49.12 -4.70 -20.16
N LEU B 681 -48.53 -3.95 -21.10
CA LEU B 681 -48.15 -2.55 -20.88
C LEU B 681 -49.36 -1.62 -20.73
N TYR B 682 -50.32 -1.76 -21.63
CA TYR B 682 -51.56 -0.97 -21.64
C TYR B 682 -52.59 -1.45 -20.60
N ARG B 683 -52.18 -2.44 -19.80
CA ARG B 683 -53.02 -3.02 -18.74
C ARG B 683 -52.94 -2.08 -17.54
N ASN B 684 -51.73 -1.55 -17.34
CA ASN B 684 -51.41 -0.62 -16.25
C ASN B 684 -51.64 0.84 -16.67
N THR B 685 -52.92 1.23 -16.70
CA THR B 685 -53.33 2.59 -17.07
C THR B 685 -54.09 3.28 -15.93
N VAL B 686 -55.15 2.63 -15.46
CA VAL B 686 -55.98 3.14 -14.36
C VAL B 686 -55.73 2.39 -13.04
N GLN B 712 -64.06 6.49 -20.71
CA GLN B 712 -63.48 5.14 -20.74
C GLN B 712 -63.32 4.63 -22.17
N GLY B 713 -62.23 3.89 -22.40
CA GLY B 713 -61.93 3.32 -23.70
C GLY B 713 -60.69 2.46 -23.69
N THR B 714 -60.87 1.15 -23.83
CA THR B 714 -59.77 0.18 -23.83
C THR B 714 -59.29 -0.20 -25.23
N THR B 715 -60.25 -0.44 -26.14
CA THR B 715 -60.02 -0.82 -27.55
C THR B 715 -58.98 -1.93 -27.83
N ASP B 716 -59.48 -3.15 -28.03
CA ASP B 716 -58.65 -4.33 -28.29
C ASP B 716 -58.19 -4.44 -29.75
N ALA B 717 -59.12 -4.20 -30.67
CA ALA B 717 -58.89 -4.27 -32.12
C ALA B 717 -57.69 -3.44 -32.61
N ASP B 718 -57.54 -2.26 -32.02
CA ASP B 718 -56.44 -1.32 -32.32
C ASP B 718 -55.08 -1.92 -32.01
N LEU B 719 -54.96 -2.61 -30.86
CA LEU B 719 -53.73 -3.26 -30.41
C LEU B 719 -53.25 -4.33 -31.40
N GLU B 720 -54.17 -5.17 -31.86
CA GLU B 720 -53.87 -6.22 -32.84
C GLU B 720 -53.33 -5.67 -34.17
N LYS B 721 -54.01 -4.66 -34.72
CA LYS B 721 -53.62 -3.99 -35.98
C LYS B 721 -52.21 -3.39 -35.91
N VAL B 722 -51.92 -2.71 -34.79
CA VAL B 722 -50.60 -2.10 -34.52
C VAL B 722 -49.51 -3.18 -34.62
N ALA B 723 -49.74 -4.33 -33.99
CA ALA B 723 -48.82 -5.47 -34.04
C ALA B 723 -48.54 -6.01 -35.46
N LEU B 724 -49.59 -6.08 -36.28
CA LEU B 724 -49.52 -6.53 -37.68
C LEU B 724 -48.52 -5.79 -38.59
N ASP B 725 -48.46 -4.46 -38.46
CA ASP B 725 -47.54 -3.61 -39.25
C ASP B 725 -46.06 -4.07 -39.35
N LEU B 726 -45.45 -3.81 -40.51
CA LEU B 726 -44.06 -4.18 -40.84
C LEU B 726 -42.98 -3.63 -39.90
N ARG B 727 -43.13 -2.36 -39.53
CA ARG B 727 -42.23 -1.66 -38.61
C ARG B 727 -42.20 -2.33 -37.23
N CYS B 728 -43.36 -2.83 -36.81
CA CYS B 728 -43.54 -3.54 -35.54
C CYS B 728 -42.86 -4.91 -35.53
N THR B 729 -42.88 -5.59 -36.69
CA THR B 729 -42.23 -6.90 -36.86
C THR B 729 -40.74 -6.85 -36.48
N GLY B 730 -40.04 -5.82 -36.95
CA GLY B 730 -38.62 -5.67 -36.61
C GLY B 730 -38.35 -4.90 -35.31
N PHE B 731 -39.03 -5.28 -34.22
CA PHE B 731 -38.90 -4.63 -32.90
C PHE B 731 -38.48 -5.55 -31.74
N SER B 732 -38.41 -4.98 -30.53
CA SER B 732 -38.06 -5.68 -29.28
C SER B 732 -38.94 -5.15 -28.14
N GLY B 733 -38.79 -5.73 -26.94
CA GLY B 733 -39.56 -5.33 -25.76
C GLY B 733 -39.38 -3.87 -25.36
N ALA B 734 -38.13 -3.42 -25.43
CA ALA B 734 -37.76 -2.04 -25.13
C ALA B 734 -38.35 -1.06 -26.13
N ASP B 735 -38.38 -1.45 -27.41
CA ASP B 735 -38.92 -0.66 -28.51
C ASP B 735 -40.42 -0.41 -28.36
N LEU B 736 -41.16 -1.48 -28.02
CA LEU B 736 -42.60 -1.41 -27.80
C LEU B 736 -42.95 -0.46 -26.64
N GLY B 737 -42.15 -0.53 -25.57
CA GLY B 737 -42.30 0.37 -24.43
C GLY B 737 -42.14 1.84 -24.83
N ASN B 738 -41.11 2.10 -25.64
CA ASN B 738 -40.81 3.44 -26.18
C ASN B 738 -41.94 3.96 -27.07
N LEU B 739 -42.47 3.08 -27.94
CA LEU B 739 -43.60 3.40 -28.85
C LEU B 739 -44.80 3.88 -28.02
N MET B 740 -45.11 3.15 -26.96
CA MET B 740 -46.20 3.47 -26.04
C MET B 740 -46.00 4.88 -25.44
N GLN B 741 -44.78 5.15 -24.96
CA GLN B 741 -44.42 6.47 -24.40
C GLN B 741 -44.53 7.60 -25.44
N ALA B 742 -44.02 7.36 -26.64
CA ALA B 742 -44.06 8.30 -27.77
C ALA B 742 -45.49 8.70 -28.12
N ALA B 743 -46.38 7.70 -28.20
CA ALA B 743 -47.80 7.89 -28.47
C ALA B 743 -48.46 8.77 -27.41
N ALA B 744 -48.12 8.50 -26.14
CA ALA B 744 -48.60 9.28 -25.00
C ALA B 744 -48.19 10.75 -25.10
N GLN B 745 -46.94 11.02 -25.46
CA GLN B 745 -46.41 12.38 -25.65
C GLN B 745 -47.13 13.17 -26.75
N ALA B 746 -47.37 12.52 -27.89
CA ALA B 746 -48.09 13.10 -29.04
C ALA B 746 -49.52 13.49 -28.64
N CYS B 747 -50.17 12.60 -27.88
CA CYS B 747 -51.53 12.81 -27.35
C CYS B 747 -51.58 14.06 -26.46
N LEU B 748 -50.58 14.20 -25.58
CA LEU B 748 -50.46 15.37 -24.68
C LEU B 748 -50.37 16.68 -25.46
N GLU B 749 -49.61 16.68 -26.55
CA GLU B 749 -49.46 17.84 -27.45
C GLU B 749 -50.82 18.29 -28.00
N ARG B 750 -51.61 17.32 -28.48
CA ARG B 750 -52.96 17.55 -29.00
C ARG B 750 -53.89 18.16 -27.93
N VAL B 751 -53.88 17.57 -26.73
CA VAL B 751 -54.69 18.03 -25.58
C VAL B 751 -54.32 19.47 -25.19
N TYR B 752 -53.03 19.76 -25.08
CA TYR B 752 -52.52 21.10 -24.74
C TYR B 752 -52.89 22.21 -25.73
N THR B 753 -52.64 21.97 -27.02
CA THR B 753 -52.94 22.94 -28.09
C THR B 753 -54.44 23.27 -28.22
N GLN B 754 -55.27 22.23 -28.20
CA GLN B 754 -56.72 22.35 -28.29
C GLN B 754 -57.34 23.05 -27.08
N ARG B 755 -56.97 22.61 -25.87
CA ARG B 755 -57.46 23.16 -24.60
C ARG B 755 -57.13 24.65 -24.39
N GLN B 756 -55.87 25.02 -24.63
CA GLN B 756 -55.40 26.42 -24.50
C GLN B 756 -56.14 27.37 -25.44
N GLN B 757 -56.31 26.95 -26.70
CA GLN B 757 -57.03 27.71 -27.72
C GLN B 757 -58.48 28.01 -27.28
N LYS B 758 -59.19 26.96 -26.86
CA LYS B 758 -60.59 27.06 -26.38
C LYS B 758 -60.80 27.86 -25.09
N ARG B 759 -59.95 27.63 -24.07
CA ARG B 759 -60.02 28.34 -22.78
C ARG B 759 -59.81 29.86 -22.88
N LYS B 760 -58.78 30.27 -23.62
CA LYS B 760 -58.45 31.69 -23.82
C LYS B 760 -59.48 32.47 -24.65
N GLU B 761 -59.87 31.91 -25.81
CA GLU B 761 -60.86 32.53 -26.70
C GLU B 761 -62.30 32.50 -26.16
N GLY B 762 -62.70 31.35 -25.63
CA GLY B 762 -64.04 31.16 -25.08
C GLY B 762 -64.28 31.85 -23.74
N GLU B 768 -63.07 27.86 -17.79
CA GLU B 768 -62.19 26.70 -17.69
C GLU B 768 -62.96 25.40 -17.93
N GLU B 769 -62.45 24.60 -18.86
CA GLU B 769 -63.04 23.31 -19.24
C GLU B 769 -62.30 22.11 -18.61
N GLU B 770 -62.74 20.89 -18.99
CA GLU B 770 -62.18 19.65 -18.49
C GLU B 770 -61.03 19.09 -19.34
N ILE B 771 -60.17 18.28 -18.71
CA ILE B 771 -59.01 17.65 -19.35
C ILE B 771 -59.35 16.21 -19.76
N GLU B 772 -59.00 15.84 -20.99
CA GLU B 772 -59.25 14.51 -21.55
C GLU B 772 -57.96 13.69 -21.71
N PRO B 773 -57.79 12.60 -20.91
CA PRO B 773 -56.60 11.74 -20.98
C PRO B 773 -56.70 10.59 -22.00
N VAL B 774 -57.74 10.62 -22.83
CA VAL B 774 -58.00 9.58 -23.85
C VAL B 774 -56.98 9.56 -25.01
N ILE B 775 -56.62 8.36 -25.43
CA ILE B 775 -55.65 8.13 -26.51
C ILE B 775 -56.28 7.30 -27.65
N THR B 776 -56.33 7.90 -28.84
CA THR B 776 -56.89 7.27 -30.03
C THR B 776 -55.81 6.69 -30.96
N MET B 777 -56.23 6.23 -32.15
CA MET B 777 -55.34 5.61 -33.13
C MET B 777 -54.42 6.57 -33.90
N GLU B 778 -54.89 7.80 -34.14
CA GLU B 778 -54.13 8.83 -34.86
C GLU B 778 -52.79 9.14 -34.19
N ASP B 779 -52.81 9.14 -32.85
CA ASP B 779 -51.63 9.38 -32.01
C ASP B 779 -50.62 8.23 -32.17
N TRP B 780 -51.14 7.00 -32.17
CA TRP B 780 -50.34 5.78 -32.33
C TRP B 780 -49.68 5.72 -33.70
N GLU B 781 -50.46 6.02 -34.75
CA GLU B 781 -49.99 6.04 -36.13
C GLU B 781 -48.83 7.01 -36.38
N LYS B 782 -48.97 8.25 -35.90
CA LYS B 782 -47.92 9.29 -36.03
C LYS B 782 -46.61 8.88 -35.34
N ALA B 783 -46.74 8.41 -34.08
CA ALA B 783 -45.62 7.93 -33.28
C ALA B 783 -44.90 6.76 -33.95
N LEU B 784 -45.70 5.84 -34.48
CA LEU B 784 -45.25 4.65 -35.23
C LEU B 784 -44.40 5.01 -36.45
N ASN B 785 -44.87 5.97 -37.23
CA ASN B 785 -44.17 6.47 -38.43
C ASN B 785 -42.75 6.96 -38.15
N GLU B 786 -42.59 7.76 -37.10
CA GLU B 786 -41.28 8.29 -36.68
C GLU B 786 -40.25 7.32 -36.08
N VAL B 787 -40.65 6.56 -35.05
CA VAL B 787 -39.77 5.63 -34.33
C VAL B 787 -39.08 4.51 -35.15
N LYS B 788 -37.78 4.34 -34.90
CA LYS B 788 -36.92 3.34 -35.55
C LYS B 788 -36.35 2.35 -34.52
N PRO B 789 -36.04 1.09 -34.93
CA PRO B 789 -35.48 0.09 -33.99
C PRO B 789 -34.06 0.36 -33.47
N SER B 790 -33.71 -0.27 -32.35
CA SER B 790 -32.40 -0.11 -31.71
C SER B 790 -31.38 -1.17 -32.13
N VAL B 791 -31.74 -2.45 -31.95
CA VAL B 791 -30.86 -3.57 -32.32
C VAL B 791 -31.04 -3.86 -33.81
N LYS B 792 -29.92 -3.90 -34.52
CA LYS B 792 -29.92 -4.14 -35.97
C LYS B 792 -29.63 -5.58 -36.41
N ASP B 793 -28.45 -6.10 -36.07
CA ASP B 793 -28.04 -7.45 -36.47
C ASP B 793 -28.13 -8.52 -35.37
N PRO B 794 -29.03 -9.53 -35.55
CA PRO B 794 -29.20 -10.61 -34.58
C PRO B 794 -28.18 -11.76 -34.76
N GLU B 795 -27.44 -11.68 -35.87
CA GLU B 795 -26.41 -12.64 -36.27
C GLU B 795 -25.27 -12.80 -35.26
N LYS B 796 -24.91 -11.68 -34.64
CA LYS B 796 -23.84 -11.60 -33.62
C LYS B 796 -24.15 -12.48 -32.40
N TYR B 797 -25.35 -12.30 -31.85
CA TYR B 797 -25.85 -13.02 -30.67
C TYR B 797 -26.06 -14.52 -30.89
N MET B 798 -26.72 -14.88 -31.99
CA MET B 798 -27.01 -16.27 -32.35
C MET B 798 -25.81 -17.17 -32.67
N HIS B 799 -24.91 -16.69 -33.53
CA HIS B 799 -23.71 -17.43 -33.93
C HIS B 799 -22.66 -17.60 -32.82
N SER B 800 -22.31 -16.50 -32.16
CA SER B 800 -21.32 -16.49 -31.08
C SER B 800 -21.84 -17.01 -29.75
N ARG C 193 -28.93 10.78 41.48
CA ARG C 193 -30.29 10.77 40.88
C ARG C 193 -30.32 11.58 39.58
N THR C 194 -31.06 11.09 38.59
CA THR C 194 -31.19 11.75 37.29
C THR C 194 -32.66 11.81 36.81
N PRO C 195 -33.37 12.94 37.08
CA PRO C 195 -34.78 13.17 36.69
C PRO C 195 -34.92 13.55 35.20
N PRO C 196 -36.12 13.34 34.57
CA PRO C 196 -36.32 13.69 33.15
C PRO C 196 -36.31 15.18 32.78
N THR C 197 -36.10 15.45 31.49
CA THR C 197 -36.04 16.81 30.94
C THR C 197 -37.35 17.28 30.26
N LYS C 198 -37.45 18.60 30.05
CA LYS C 198 -38.62 19.21 29.42
C LYS C 198 -38.36 19.66 27.97
N VAL C 199 -38.62 18.74 27.04
CA VAL C 199 -38.44 18.97 25.60
C VAL C 199 -39.84 18.91 24.96
N SER C 200 -40.03 19.69 23.89
CA SER C 200 -41.30 19.75 23.16
C SER C 200 -41.53 18.52 22.27
N ILE C 201 -42.67 17.87 22.48
CA ILE C 201 -43.09 16.66 21.75
C ILE C 201 -43.78 17.04 20.44
N LEU C 202 -44.26 18.28 20.38
CA LEU C 202 -44.95 18.82 19.21
C LEU C 202 -43.98 19.34 18.14
N ASP C 203 -42.68 19.11 18.36
CA ASP C 203 -41.63 19.56 17.45
C ASP C 203 -41.30 18.57 16.33
N ILE C 204 -41.43 17.27 16.62
CA ILE C 204 -41.13 16.23 15.63
C ILE C 204 -42.40 15.78 14.92
N ALA C 205 -42.33 15.70 13.59
CA ALA C 205 -43.45 15.29 12.74
C ALA C 205 -42.96 14.68 11.43
N GLY C 206 -43.83 13.90 10.78
CA GLY C 206 -43.51 13.24 9.53
C GLY C 206 -43.10 11.80 9.72
N VAL C 207 -43.09 11.38 10.98
CA VAL C 207 -42.72 10.03 11.39
C VAL C 207 -43.93 9.27 11.97
N ASP C 208 -45.05 9.34 11.26
CA ASP C 208 -46.32 8.72 11.67
C ASP C 208 -46.27 7.21 11.94
N ASP C 209 -45.88 6.43 10.93
CA ASP C 209 -45.78 4.97 11.01
C ASP C 209 -44.76 4.46 12.03
N THR C 210 -43.58 5.06 11.99
CA THR C 210 -42.47 4.71 12.88
C THR C 210 -42.76 5.03 14.36
N LEU C 211 -43.31 6.21 14.63
CA LEU C 211 -43.67 6.64 15.99
C LEU C 211 -44.72 5.71 16.58
N GLN C 212 -45.69 5.28 15.75
CA GLN C 212 -46.73 4.32 16.14
C GLN C 212 -46.13 3.00 16.64
N ARG C 213 -45.19 2.45 15.85
CA ARG C 213 -44.49 1.21 16.20
C ARG C 213 -43.74 1.33 17.52
N LEU C 214 -43.01 2.44 17.67
CA LEU C 214 -42.25 2.77 18.88
C LEU C 214 -43.16 2.81 20.10
N LEU C 215 -44.31 3.49 19.95
CA LEU C 215 -45.33 3.61 20.99
C LEU C 215 -45.81 2.22 21.48
N LYS C 216 -46.15 1.34 20.53
CA LYS C 216 -46.60 -0.03 20.81
C LYS C 216 -45.57 -0.82 21.64
N GLU C 217 -44.32 -0.81 21.20
CA GLU C 217 -43.21 -1.50 21.87
C GLU C 217 -42.78 -0.96 23.22
N VAL C 218 -42.87 0.36 23.39
CA VAL C 218 -42.44 1.03 24.63
C VAL C 218 -43.53 1.31 25.67
N TRP C 219 -44.75 1.60 25.22
CA TRP C 219 -45.86 1.93 26.12
C TRP C 219 -46.26 0.86 27.14
N PHE C 220 -46.54 -0.36 26.65
CA PHE C 220 -46.97 -1.47 27.52
C PHE C 220 -45.99 -1.82 28.67
N PRO C 221 -44.66 -2.05 28.40
CA PRO C 221 -43.77 -2.37 29.51
C PRO C 221 -43.53 -1.27 30.55
N LEU C 222 -43.43 -0.03 30.09
CA LEU C 222 -43.20 1.11 30.97
C LEU C 222 -44.39 1.62 31.78
N ARG C 223 -45.53 1.79 31.09
CA ARG C 223 -46.76 2.31 31.70
C ARG C 223 -47.58 1.36 32.55
N GLY C 224 -47.75 0.12 32.08
CA GLY C 224 -48.55 -0.87 32.79
C GLY C 224 -47.66 -1.95 33.35
N GLY C 225 -46.79 -1.54 34.30
CA GLY C 225 -45.84 -2.44 34.94
C GLY C 225 -46.44 -3.56 35.77
N GLU C 226 -47.53 -3.25 36.48
CA GLU C 226 -48.23 -4.21 37.34
C GLU C 226 -48.84 -5.36 36.52
N ALA C 227 -49.40 -5.02 35.36
CA ALA C 227 -50.01 -5.97 34.42
C ALA C 227 -49.03 -7.00 33.85
N CYS C 228 -47.86 -6.52 33.42
CA CYS C 228 -46.81 -7.39 32.85
C CYS C 228 -46.23 -8.36 33.88
N GLU C 229 -46.06 -7.88 35.12
CA GLU C 229 -45.56 -8.68 36.25
C GLU C 229 -46.51 -9.84 36.58
N LYS C 230 -47.82 -9.54 36.64
CA LYS C 230 -48.89 -10.52 36.90
C LYS C 230 -48.97 -11.63 35.84
N MET C 231 -48.93 -11.23 34.57
CA MET C 231 -48.98 -12.15 33.44
C MET C 231 -47.78 -13.10 33.34
N GLY C 232 -46.58 -12.57 33.57
CA GLY C 232 -45.36 -13.36 33.53
C GLY C 232 -44.69 -13.48 32.17
N TYR C 233 -45.27 -12.80 31.18
CA TYR C 233 -44.76 -12.81 29.80
C TYR C 233 -43.60 -11.81 29.65
N ARG C 234 -42.67 -12.10 28.74
CA ARG C 234 -41.51 -11.23 28.51
C ARG C 234 -41.69 -10.21 27.37
N TYR C 235 -41.05 -9.05 27.52
CA TYR C 235 -41.14 -7.94 26.56
C TYR C 235 -39.87 -7.52 25.79
N ASP C 236 -39.92 -6.34 25.15
CA ASP C 236 -38.82 -5.77 24.35
C ASP C 236 -37.75 -5.08 25.20
N ASN C 237 -36.50 -5.41 24.94
CA ASN C 237 -35.37 -4.87 25.69
C ASN C 237 -34.59 -3.73 25.01
N GLY C 238 -34.12 -3.98 23.78
CA GLY C 238 -33.35 -2.99 23.06
C GLY C 238 -33.96 -2.45 21.79
N VAL C 239 -33.96 -1.13 21.66
CA VAL C 239 -34.49 -0.42 20.48
C VAL C 239 -33.38 0.42 19.83
N LEU C 240 -33.02 0.04 18.61
CA LEU C 240 -31.98 0.73 17.85
C LEU C 240 -32.54 1.66 16.78
N LEU C 241 -32.14 2.92 16.83
CA LEU C 241 -32.57 3.95 15.88
C LEU C 241 -31.42 4.25 14.92
N HIS C 242 -31.67 4.08 13.63
CA HIS C 242 -30.66 4.37 12.62
C HIS C 242 -31.14 5.33 11.53
N GLY C 243 -30.19 5.86 10.77
CA GLY C 243 -30.48 6.81 9.70
C GLY C 243 -29.38 7.86 9.62
N PRO C 244 -29.43 8.84 8.69
CA PRO C 244 -28.39 9.90 8.57
C PRO C 244 -28.29 10.86 9.78
N SER C 245 -27.24 11.68 9.78
CA SER C 245 -27.00 12.65 10.85
C SER C 245 -28.00 13.80 10.82
N GLY C 246 -28.41 14.27 12.00
CA GLY C 246 -29.35 15.37 12.12
C GLY C 246 -30.79 15.00 11.80
N CYS C 247 -31.08 13.70 11.77
CA CYS C 247 -32.43 13.19 11.47
C CYS C 247 -33.40 13.24 12.64
N GLY C 248 -32.91 13.71 13.78
CA GLY C 248 -33.74 13.83 14.96
C GLY C 248 -33.77 12.61 15.85
N LYS C 249 -32.70 11.82 15.82
CA LYS C 249 -32.59 10.62 16.63
C LYS C 249 -32.47 10.96 18.12
N THR C 250 -31.57 11.90 18.43
CA THR C 250 -31.33 12.37 19.81
C THR C 250 -32.58 13.06 20.37
N THR C 251 -33.21 13.89 19.54
CA THR C 251 -34.43 14.61 19.92
C THR C 251 -35.62 13.68 20.20
N LEU C 252 -35.80 12.69 19.32
CA LEU C 252 -36.87 11.68 19.44
C LEU C 252 -36.76 10.96 20.78
N ALA C 253 -35.55 10.54 21.14
CA ALA C 253 -35.25 9.87 22.40
C ALA C 253 -35.59 10.76 23.61
N HIS C 254 -35.12 12.01 23.56
CA HIS C 254 -35.39 13.02 24.59
C HIS C 254 -36.88 13.29 24.78
N ALA C 255 -37.58 13.43 23.65
CA ALA C 255 -39.03 13.65 23.58
C ALA C 255 -39.81 12.51 24.23
N ILE C 256 -39.48 11.27 23.84
CA ILE C 256 -40.09 10.05 24.36
C ILE C 256 -39.96 9.95 25.88
N ALA C 257 -38.77 10.28 26.40
CA ALA C 257 -38.49 10.30 27.84
C ALA C 257 -39.40 11.27 28.59
N GLY C 258 -39.44 12.51 28.10
CA GLY C 258 -40.28 13.56 28.68
C GLY C 258 -41.76 13.26 28.65
N SER C 259 -42.23 12.77 27.50
CA SER C 259 -43.65 12.41 27.28
C SER C 259 -44.17 11.29 28.21
N ILE C 260 -43.39 10.21 28.34
CA ILE C 260 -43.73 9.09 29.21
C ILE C 260 -43.58 9.51 30.69
N GLY C 261 -42.51 10.23 30.99
CA GLY C 261 -42.26 10.72 32.34
C GLY C 261 -41.35 9.82 33.14
N VAL C 262 -40.63 8.95 32.45
CA VAL C 262 -39.69 8.00 33.06
C VAL C 262 -38.31 8.64 33.27
N ALA C 263 -37.45 7.99 34.05
CA ALA C 263 -36.11 8.50 34.34
C ALA C 263 -35.17 8.34 33.13
N PHE C 264 -34.51 9.44 32.78
CA PHE C 264 -33.61 9.46 31.63
C PHE C 264 -32.13 9.43 32.02
N ILE C 265 -31.44 8.38 31.58
CA ILE C 265 -30.00 8.21 31.83
C ILE C 265 -29.31 8.36 30.47
N PRO C 266 -28.69 9.53 30.19
CA PRO C 266 -28.01 9.75 28.92
C PRO C 266 -26.57 9.25 28.92
N VAL C 267 -26.28 8.28 28.04
CA VAL C 267 -24.94 7.73 27.92
C VAL C 267 -24.43 8.13 26.54
N SER C 268 -23.55 9.14 26.53
CA SER C 268 -22.95 9.63 25.30
C SER C 268 -21.70 8.79 25.04
N ALA C 269 -21.23 8.80 23.79
CA ALA C 269 -20.06 8.02 23.38
C ALA C 269 -18.76 8.11 24.23
N PRO C 270 -18.33 9.31 24.68
CA PRO C 270 -17.09 9.33 25.48
C PRO C 270 -17.27 9.66 26.97
N SER C 271 -18.51 9.66 27.45
CA SER C 271 -18.84 9.99 28.84
C SER C 271 -18.43 8.97 29.90
N VAL C 272 -18.27 7.71 29.49
CA VAL C 272 -17.90 6.62 30.39
C VAL C 272 -16.40 6.31 30.48
N ILE C 273 -15.63 6.79 29.51
CA ILE C 273 -14.18 6.55 29.44
C ILE C 273 -13.41 7.38 30.50
N GLY C 274 -12.49 6.71 31.20
CA GLY C 274 -11.69 7.36 32.23
C GLY C 274 -10.20 7.44 31.93
N GLY C 275 -9.40 7.70 32.96
CA GLY C 275 -7.96 7.82 32.81
C GLY C 275 -7.19 6.51 32.92
N THR C 276 -7.41 5.78 34.01
CA THR C 276 -6.77 4.49 34.27
C THR C 276 -7.50 3.32 33.60
N SER C 277 -6.79 2.22 33.38
CA SER C 277 -7.34 1.02 32.76
C SER C 277 -8.11 0.15 33.76
N GLY C 278 -9.35 0.57 34.05
CA GLY C 278 -10.21 -0.12 34.98
C GLY C 278 -11.41 0.73 35.37
N GLU C 279 -11.20 2.05 35.39
CA GLU C 279 -12.23 3.04 35.74
C GLU C 279 -13.39 3.03 34.72
N SER C 280 -13.07 2.82 33.45
CA SER C 280 -14.04 2.76 32.35
C SER C 280 -15.06 1.63 32.56
N GLU C 281 -14.53 0.44 32.85
CA GLU C 281 -15.32 -0.77 33.11
C GLU C 281 -16.17 -0.65 34.38
N LYS C 282 -15.56 -0.09 35.43
CA LYS C 282 -16.23 0.14 36.72
C LYS C 282 -17.46 1.04 36.54
N ASN C 283 -17.30 2.11 35.75
CA ASN C 283 -18.38 3.04 35.43
C ASN C 283 -19.54 2.37 34.69
N ILE C 284 -19.23 1.53 33.69
CA ILE C 284 -20.24 0.77 32.93
C ILE C 284 -21.09 -0.08 33.88
N ARG C 285 -20.42 -0.77 34.81
CA ARG C 285 -21.06 -1.59 35.84
C ARG C 285 -22.02 -0.76 36.70
N ASP C 286 -21.51 0.35 37.24
CA ASP C 286 -22.29 1.29 38.08
C ASP C 286 -23.53 1.83 37.38
N VAL C 287 -23.39 2.15 36.08
CA VAL C 287 -24.49 2.63 35.22
C VAL C 287 -25.61 1.59 35.20
N PHE C 288 -25.28 0.36 34.83
CA PHE C 288 -26.23 -0.75 34.78
C PHE C 288 -26.81 -1.10 36.16
N ASP C 289 -25.97 -1.10 37.19
CA ASP C 289 -26.38 -1.37 38.58
C ASP C 289 -27.42 -0.38 39.12
N GLU C 290 -27.15 0.92 38.97
CA GLU C 290 -28.08 1.98 39.40
C GLU C 290 -29.37 1.94 38.59
N ALA C 291 -29.22 1.71 37.29
CA ALA C 291 -30.34 1.60 36.33
C ALA C 291 -31.31 0.48 36.68
N ILE C 292 -30.81 -0.73 36.96
CA ILE C 292 -31.69 -1.85 37.33
C ILE C 292 -32.37 -1.62 38.70
N ARG C 293 -31.63 -1.03 39.64
CA ARG C 293 -32.12 -0.70 40.98
C ARG C 293 -33.34 0.27 40.92
N LEU C 294 -33.20 1.36 40.17
CA LEU C 294 -34.26 2.35 40.00
C LEU C 294 -35.07 2.13 38.71
N ALA C 295 -36.40 2.06 38.83
CA ALA C 295 -37.29 1.82 37.70
C ALA C 295 -38.61 2.60 37.81
N PRO C 296 -39.26 2.99 36.68
CA PRO C 296 -38.97 2.79 35.24
C PRO C 296 -37.99 3.82 34.66
N CYS C 297 -37.04 3.34 33.86
CA CYS C 297 -36.02 4.18 33.25
C CYS C 297 -35.74 3.89 31.77
N LEU C 298 -35.14 4.90 31.12
CA LEU C 298 -34.74 4.82 29.72
C LEU C 298 -33.27 5.16 29.57
N ILE C 299 -32.48 4.15 29.21
CA ILE C 299 -31.04 4.32 29.01
C ILE C 299 -30.85 4.62 27.52
N PHE C 300 -30.22 5.75 27.24
CA PHE C 300 -29.96 6.15 25.86
C PHE C 300 -28.48 6.17 25.51
N LEU C 301 -28.11 5.30 24.59
CA LEU C 301 -26.74 5.18 24.09
C LEU C 301 -26.61 5.97 22.79
N ASP C 302 -26.13 7.21 22.89
CA ASP C 302 -25.98 8.08 21.73
C ASP C 302 -24.61 7.84 21.12
N GLN C 303 -24.58 7.65 19.79
CA GLN C 303 -23.37 7.36 18.98
C GLN C 303 -22.65 6.14 19.54
N ILE C 304 -23.10 4.96 19.13
CA ILE C 304 -22.55 3.70 19.63
C ILE C 304 -21.34 3.10 18.88
N ASP C 305 -21.08 3.54 17.65
CA ASP C 305 -19.96 3.03 16.85
C ASP C 305 -18.57 3.40 17.38
N ALA C 306 -18.54 4.41 18.26
CA ALA C 306 -17.31 4.90 18.89
C ALA C 306 -16.92 4.04 20.09
N ILE C 307 -17.92 3.42 20.72
CA ILE C 307 -17.72 2.55 21.87
C ILE C 307 -17.56 1.10 21.40
N ALA C 308 -18.55 0.61 20.65
CA ALA C 308 -18.54 -0.76 20.16
C ALA C 308 -18.48 -0.92 18.64
N GLY C 309 -17.27 -0.80 18.11
CA GLY C 309 -17.03 -1.00 16.69
C GLY C 309 -16.69 -2.47 16.52
N ARG C 310 -16.34 -2.89 15.31
CA ARG C 310 -15.99 -4.29 15.05
C ARG C 310 -14.72 -4.65 15.81
N ARG C 311 -14.73 -5.78 16.53
CA ARG C 311 -13.57 -6.21 17.32
C ARG C 311 -12.33 -6.63 16.54
N GLU C 312 -12.49 -6.77 15.22
CA GLU C 312 -11.39 -7.12 14.32
C GLU C 312 -10.68 -5.83 13.88
N SER C 313 -11.43 -4.72 13.84
CA SER C 313 -10.92 -3.40 13.45
C SER C 313 -10.27 -2.67 14.63
N ALA C 314 -10.45 -3.22 15.83
CA ALA C 314 -9.89 -2.66 17.06
C ALA C 314 -8.80 -3.60 17.59
N ASN C 315 -7.55 -3.18 17.47
CA ASN C 315 -6.39 -3.95 17.92
C ASN C 315 -5.97 -3.66 19.37
N LYS C 316 -6.80 -2.86 20.05
CA LYS C 316 -6.56 -2.47 21.45
C LYS C 316 -7.25 -3.46 22.40
N GLY C 317 -6.60 -3.73 23.53
CA GLY C 317 -7.11 -4.64 24.54
C GLY C 317 -8.19 -4.05 25.44
N MET C 318 -8.36 -2.73 25.37
CA MET C 318 -9.35 -2.01 26.16
C MET C 318 -10.71 -1.97 25.49
N GLU C 319 -10.71 -1.76 24.17
CA GLU C 319 -11.92 -1.68 23.36
C GLU C 319 -12.73 -2.98 23.34
N SER C 320 -12.03 -4.11 23.20
CA SER C 320 -12.64 -5.44 23.20
C SER C 320 -13.25 -5.75 24.57
N ARG C 321 -12.57 -5.29 25.62
CA ARG C 321 -12.98 -5.46 27.02
C ARG C 321 -14.28 -4.69 27.32
N ILE C 322 -14.41 -3.51 26.73
CA ILE C 322 -15.60 -2.66 26.89
C ILE C 322 -16.83 -3.33 26.26
N VAL C 323 -16.67 -3.89 25.05
CA VAL C 323 -17.75 -4.61 24.35
C VAL C 323 -18.25 -5.76 25.23
N ALA C 324 -17.31 -6.49 25.83
CA ALA C 324 -17.58 -7.58 26.76
C ALA C 324 -18.41 -7.13 27.97
N GLU C 325 -18.04 -5.98 28.56
CA GLU C 325 -18.75 -5.37 29.69
C GLU C 325 -20.23 -5.10 29.36
N ILE C 326 -20.47 -4.57 28.16
CA ILE C 326 -21.83 -4.28 27.66
C ILE C 326 -22.66 -5.57 27.58
N MET C 327 -22.08 -6.60 26.98
CA MET C 327 -22.70 -7.93 26.83
C MET C 327 -23.12 -8.54 28.18
N ASN C 328 -22.21 -8.47 29.15
CA ASN C 328 -22.43 -8.95 30.52
C ASN C 328 -23.62 -8.22 31.16
N GLY C 329 -23.63 -6.89 31.02
CA GLY C 329 -24.70 -6.04 31.52
C GLY C 329 -26.07 -6.40 30.96
N MET C 330 -26.13 -6.63 29.64
CA MET C 330 -27.35 -7.05 28.92
C MET C 330 -27.98 -8.32 29.51
N ASP C 331 -27.12 -9.31 29.78
CA ASP C 331 -27.52 -10.59 30.40
C ASP C 331 -28.11 -10.40 31.81
N ARG C 332 -27.44 -9.60 32.65
CA ARG C 332 -27.89 -9.29 34.01
C ARG C 332 -29.31 -8.74 34.08
N ILE C 333 -29.63 -7.84 33.13
CA ILE C 333 -30.97 -7.25 33.00
C ILE C 333 -32.01 -8.35 32.76
N ARG C 334 -31.76 -9.20 31.75
CA ARG C 334 -32.66 -10.32 31.38
C ARG C 334 -33.03 -11.23 32.57
N GLN C 335 -32.04 -11.57 33.40
CA GLN C 335 -32.23 -12.41 34.59
C GLN C 335 -33.09 -11.75 35.68
N ASN C 336 -32.79 -10.49 36.00
CA ASN C 336 -33.51 -9.69 36.99
C ASN C 336 -34.97 -9.32 36.68
N THR C 337 -35.27 -9.12 35.39
CA THR C 337 -36.59 -8.76 34.84
C THR C 337 -37.94 -9.31 35.41
N PRO C 338 -38.09 -10.64 35.71
CA PRO C 338 -39.38 -11.11 36.25
C PRO C 338 -39.85 -10.61 37.63
N LEU C 339 -38.98 -9.89 38.35
CA LEU C 339 -39.28 -9.34 39.67
C LEU C 339 -40.14 -8.08 39.65
N GLY C 340 -39.64 -7.03 39.00
CA GLY C 340 -40.35 -5.77 38.88
C GLY C 340 -39.47 -4.69 38.28
N LYS C 341 -38.42 -5.13 37.59
CA LYS C 341 -37.43 -4.27 36.93
C LYS C 341 -37.89 -3.93 35.52
N ASN C 342 -38.08 -2.62 35.26
CA ASN C 342 -38.55 -2.13 33.96
C ASN C 342 -37.61 -1.08 33.36
N VAL C 343 -36.66 -1.53 32.53
CA VAL C 343 -35.71 -0.65 31.86
C VAL C 343 -35.58 -0.99 30.37
N VAL C 344 -35.74 0.03 29.53
CA VAL C 344 -35.63 -0.13 28.08
C VAL C 344 -34.39 0.63 27.60
N VAL C 345 -33.55 -0.07 26.84
CA VAL C 345 -32.32 0.50 26.32
C VAL C 345 -32.47 1.00 24.87
N LEU C 346 -32.42 2.32 24.73
CA LEU C 346 -32.51 2.98 23.43
C LEU C 346 -31.10 3.25 22.94
N ALA C 347 -30.91 3.23 21.62
CA ALA C 347 -29.59 3.47 21.03
C ALA C 347 -29.70 4.14 19.68
N ALA C 348 -28.74 5.02 19.38
CA ALA C 348 -28.69 5.74 18.12
C ALA C 348 -27.34 5.63 17.42
N THR C 349 -27.40 5.33 16.13
CA THR C 349 -26.21 5.21 15.29
C THR C 349 -26.47 5.81 13.92
N ASN C 350 -25.39 6.16 13.22
CA ASN C 350 -25.44 6.77 11.89
C ASN C 350 -25.15 5.75 10.80
N ARG C 351 -24.46 4.66 11.17
CA ARG C 351 -24.08 3.59 10.23
C ARG C 351 -24.15 2.19 10.86
N PRO C 352 -25.00 1.30 10.31
CA PRO C 352 -25.16 -0.07 10.83
C PRO C 352 -24.02 -1.05 10.53
N GLU C 353 -23.28 -0.77 9.45
CA GLU C 353 -22.16 -1.59 8.98
C GLU C 353 -20.92 -1.56 9.89
N PHE C 354 -20.75 -0.44 10.59
CA PHE C 354 -19.62 -0.22 11.49
C PHE C 354 -19.78 -0.92 12.84
N LEU C 355 -21.04 -1.24 13.19
CA LEU C 355 -21.37 -1.91 14.44
C LEU C 355 -20.96 -3.38 14.40
N ASP C 356 -20.55 -3.89 15.56
CA ASP C 356 -20.13 -5.28 15.73
C ASP C 356 -21.35 -6.21 15.59
N PRO C 357 -21.30 -7.20 14.66
CA PRO C 357 -22.40 -8.15 14.45
C PRO C 357 -22.96 -8.81 15.72
N ALA C 358 -22.09 -8.92 16.73
CA ALA C 358 -22.43 -9.48 18.05
C ALA C 358 -23.48 -8.65 18.80
N ILE C 359 -23.28 -7.33 18.87
CA ILE C 359 -24.24 -6.43 19.54
C ILE C 359 -25.54 -6.29 18.74
N ARG C 360 -25.44 -6.37 17.41
CA ARG C 360 -26.59 -6.33 16.50
C ARG C 360 -27.59 -7.43 16.85
N ARG C 361 -27.07 -8.64 17.09
CA ARG C 361 -27.84 -9.82 17.51
C ARG C 361 -28.53 -9.59 18.87
N ARG C 362 -27.81 -9.00 19.83
CA ARG C 362 -28.36 -8.65 21.15
C ARG C 362 -29.59 -7.74 21.09
N PHE C 363 -29.51 -6.72 20.23
CA PHE C 363 -30.61 -5.78 19.98
C PHE C 363 -31.69 -6.41 19.10
N SER C 364 -32.93 -6.32 19.55
CA SER C 364 -34.07 -6.90 18.85
C SER C 364 -34.91 -6.01 17.94
N VAL C 365 -35.26 -4.82 18.42
CA VAL C 365 -36.12 -3.89 17.66
C VAL C 365 -35.29 -2.82 16.95
N GLU C 366 -35.62 -2.57 15.68
CA GLU C 366 -34.93 -1.58 14.84
C GLU C 366 -35.90 -0.65 14.13
N ILE C 367 -35.64 0.67 14.23
CA ILE C 367 -36.46 1.69 13.57
C ILE C 367 -35.59 2.53 12.63
N ASP C 368 -36.05 2.65 11.37
CA ASP C 368 -35.36 3.40 10.34
C ASP C 368 -35.95 4.82 10.23
N MET C 369 -35.14 5.81 10.63
CA MET C 369 -35.51 7.22 10.58
C MET C 369 -34.84 7.80 9.33
N GLY C 370 -35.48 7.56 8.18
CA GLY C 370 -34.97 8.03 6.90
C GLY C 370 -35.32 9.43 6.44
N MET C 371 -35.67 9.54 5.16
CA MET C 371 -36.01 10.80 4.47
C MET C 371 -37.52 11.16 4.39
N PRO C 372 -37.87 12.48 4.43
CA PRO C 372 -39.26 12.96 4.36
C PRO C 372 -39.90 13.07 2.95
N SER C 373 -41.22 13.32 2.93
CA SER C 373 -42.02 13.48 1.70
C SER C 373 -42.64 14.89 1.72
N GLU C 374 -43.47 15.21 0.72
CA GLU C 374 -44.14 16.52 0.58
C GLU C 374 -44.98 16.88 1.80
N ARG C 375 -45.78 15.91 2.24
CA ARG C 375 -46.67 16.01 3.38
C ARG C 375 -45.88 16.17 4.68
N ALA C 376 -44.81 15.37 4.78
CA ALA C 376 -43.90 15.34 5.91
C ALA C 376 -43.18 16.68 6.11
N ARG C 377 -42.65 17.24 5.02
CA ARG C 377 -41.96 18.53 5.02
C ARG C 377 -42.88 19.65 5.50
N GLU C 378 -44.13 19.63 5.02
CA GLU C 378 -45.20 20.58 5.39
C GLU C 378 -45.37 20.58 6.91
N GLN C 379 -45.47 19.38 7.47
CA GLN C 379 -45.59 19.15 8.91
C GLN C 379 -44.40 19.70 9.69
N ILE C 380 -43.18 19.40 9.22
CA ILE C 380 -41.93 19.90 9.85
C ILE C 380 -41.90 21.44 9.87
N LEU C 381 -42.24 22.05 8.73
CA LEU C 381 -42.30 23.51 8.60
C LEU C 381 -43.21 24.13 9.66
N ARG C 382 -44.41 23.55 9.82
CA ARG C 382 -45.40 23.98 10.82
C ARG C 382 -44.87 23.91 12.27
N SER C 383 -44.13 22.85 12.58
CA SER C 383 -43.51 22.63 13.89
C SER C 383 -42.52 23.74 14.26
N LEU C 384 -41.69 24.11 13.28
CA LEU C 384 -40.69 25.17 13.43
C LEU C 384 -41.29 26.58 13.48
N THR C 385 -42.27 26.84 12.61
CA THR C 385 -42.97 28.12 12.54
C THR C 385 -43.85 28.46 13.76
N ARG C 386 -44.31 27.42 14.45
CA ARG C 386 -45.10 27.47 15.70
C ARG C 386 -44.91 28.68 16.65
N ASP C 387 -43.66 29.09 16.86
CA ASP C 387 -43.34 30.22 17.75
C ASP C 387 -43.25 31.59 17.04
N LEU C 388 -43.28 31.57 15.71
CA LEU C 388 -43.18 32.77 14.87
C LEU C 388 -44.54 33.31 14.43
N SER C 389 -44.59 34.63 14.18
CA SER C 389 -45.79 35.32 13.72
C SER C 389 -45.73 35.46 12.21
N LEU C 390 -46.32 34.48 11.51
CA LEU C 390 -46.35 34.44 10.06
C LEU C 390 -47.42 35.35 9.48
N ALA C 391 -47.13 35.89 8.28
CA ALA C 391 -48.06 36.76 7.58
C ALA C 391 -49.06 35.89 6.79
N ASP C 392 -50.13 36.51 6.32
CA ASP C 392 -51.19 35.82 5.59
C ASP C 392 -50.81 35.33 4.18
N ASP C 393 -49.79 35.97 3.59
CA ASP C 393 -49.31 35.61 2.24
C ASP C 393 -48.44 34.34 2.19
N ILE C 394 -48.02 33.87 3.38
CA ILE C 394 -47.19 32.68 3.50
C ILE C 394 -48.01 31.39 3.43
N ASN C 395 -47.66 30.55 2.46
CA ASN C 395 -48.30 29.26 2.25
C ASN C 395 -47.23 28.19 2.40
N PHE C 396 -47.19 27.60 3.60
CA PHE C 396 -46.23 26.53 3.95
C PHE C 396 -46.31 25.33 3.00
N LYS C 397 -47.50 25.14 2.42
CA LYS C 397 -47.78 24.07 1.46
C LYS C 397 -46.95 24.29 0.18
N GLU C 398 -46.90 25.54 -0.29
CA GLU C 398 -46.12 25.92 -1.47
C GLU C 398 -44.63 25.73 -1.25
N LEU C 399 -44.16 26.11 -0.05
CA LEU C 399 -42.76 25.94 0.34
C LEU C 399 -42.36 24.47 0.28
N ALA C 400 -43.14 23.61 0.94
CA ALA C 400 -42.94 22.15 0.99
C ALA C 400 -42.88 21.49 -0.39
N LYS C 401 -43.79 21.89 -1.28
CA LYS C 401 -43.85 21.40 -2.67
C LYS C 401 -42.56 21.68 -3.45
N MET C 402 -42.09 22.92 -3.37
CA MET C 402 -40.86 23.36 -4.05
C MET C 402 -39.59 23.24 -3.20
N THR C 403 -39.52 22.16 -2.42
CA THR C 403 -38.38 21.86 -1.53
C THR C 403 -38.10 20.35 -1.74
N PRO C 404 -37.36 20.00 -2.81
CA PRO C 404 -37.02 18.61 -3.14
C PRO C 404 -36.26 17.70 -2.17
N GLY C 405 -34.93 17.81 -2.14
CA GLY C 405 -34.12 16.97 -1.28
C GLY C 405 -33.63 17.56 0.02
N TYR C 406 -34.52 18.19 0.78
CA TYR C 406 -34.17 18.80 2.06
C TYR C 406 -34.61 17.93 3.22
N VAL C 407 -33.78 17.89 4.26
CA VAL C 407 -34.04 17.08 5.47
C VAL C 407 -34.59 17.97 6.61
N GLY C 408 -34.89 17.35 7.76
CA GLY C 408 -35.43 18.03 8.94
C GLY C 408 -34.56 19.17 9.45
N SER C 409 -33.25 18.95 9.37
CA SER C 409 -32.24 19.93 9.77
C SER C 409 -32.20 21.10 8.77
N ASP C 410 -32.30 20.78 7.47
CA ASP C 410 -32.28 21.77 6.39
C ASP C 410 -33.46 22.75 6.48
N LEU C 411 -34.66 22.19 6.70
CA LEU C 411 -35.89 22.96 6.86
C LEU C 411 -35.80 23.89 8.08
N GLN C 412 -35.23 23.36 9.17
CA GLN C 412 -34.95 24.11 10.42
C GLN C 412 -34.14 25.37 10.11
N TYR C 413 -33.10 25.20 9.29
CA TYR C 413 -32.24 26.28 8.84
C TYR C 413 -32.91 27.30 7.94
N VAL C 414 -33.77 26.84 7.01
CA VAL C 414 -34.53 27.72 6.11
C VAL C 414 -35.34 28.73 6.94
N VAL C 415 -35.97 28.24 8.01
CA VAL C 415 -36.73 29.06 8.96
C VAL C 415 -35.82 30.13 9.62
N LYS C 416 -34.66 29.69 10.12
CA LYS C 416 -33.65 30.58 10.73
C LYS C 416 -33.15 31.66 9.75
N ALA C 417 -32.92 31.24 8.50
CA ALA C 417 -32.49 32.11 7.40
C ALA C 417 -33.48 33.25 7.16
N ALA C 418 -34.78 32.92 7.15
CA ALA C 418 -35.87 33.89 6.98
C ALA C 418 -35.83 34.98 8.07
N VAL C 419 -35.59 34.56 9.31
CA VAL C 419 -35.47 35.46 10.48
C VAL C 419 -34.38 36.53 10.26
N SER C 420 -33.19 36.09 9.85
CA SER C 420 -32.09 37.01 9.55
C SER C 420 -32.41 38.01 8.42
N GLU C 421 -33.05 37.51 7.34
CA GLU C 421 -33.47 38.32 6.19
C GLU C 421 -34.44 39.45 6.52
N SER C 422 -35.40 39.17 7.41
CA SER C 422 -36.38 40.15 7.88
C SER C 422 -35.75 41.31 8.65
N PHE C 423 -34.81 40.98 9.54
CA PHE C 423 -34.12 41.98 10.36
C PHE C 423 -33.05 42.86 9.70
N GLN C 424 -33.13 43.01 8.38
CA GLN C 424 -32.21 43.84 7.60
C GLN C 424 -32.67 45.31 7.63
N ALA C 425 -33.97 45.49 7.81
CA ALA C 425 -34.61 46.80 7.89
C ALA C 425 -34.11 47.58 9.12
N ASN C 426 -33.98 46.85 10.23
CA ASN C 426 -33.49 47.39 11.50
C ASN C 426 -32.03 47.83 11.41
N ILE C 427 -31.25 47.08 10.65
CA ILE C 427 -29.82 47.37 10.41
C ILE C 427 -29.69 48.71 9.68
N ASP C 428 -30.47 48.88 8.59
CA ASP C 428 -30.49 50.12 7.80
C ASP C 428 -30.86 51.34 8.65
N SER C 429 -31.88 51.17 9.50
CA SER C 429 -32.35 52.19 10.45
C SER C 429 -31.24 52.65 11.40
N LEU C 430 -30.54 51.67 12.00
CA LEU C 430 -29.42 51.92 12.91
C LEU C 430 -28.27 52.68 12.26
N LEU C 431 -27.95 52.30 11.01
CA LEU C 431 -26.90 52.96 10.20
C LEU C 431 -27.16 54.46 10.02
N ALA C 432 -28.37 54.79 9.58
CA ALA C 432 -28.81 56.19 9.38
C ALA C 432 -28.79 56.98 10.70
N GLN C 433 -29.28 56.35 11.76
CA GLN C 433 -29.33 56.90 13.12
C GLN C 433 -27.93 57.21 13.67
N ALA C 434 -27.00 56.25 13.51
CA ALA C 434 -25.59 56.38 13.92
C ALA C 434 -24.84 57.54 13.25
N ARG C 435 -25.02 57.68 11.94
CA ARG C 435 -24.41 58.75 11.12
C ARG C 435 -24.92 60.16 11.46
N ALA C 436 -25.92 60.24 12.33
CA ALA C 436 -26.53 61.49 12.78
C ALA C 436 -26.03 61.88 14.18
N LYS C 437 -25.83 60.88 15.03
CA LYS C 437 -25.35 61.07 16.41
C LYS C 437 -23.85 61.39 16.40
N HIS C 438 -23.09 60.55 15.70
CA HIS C 438 -21.64 60.69 15.55
C HIS C 438 -21.40 60.81 14.03
N PRO C 439 -21.28 62.07 13.51
CA PRO C 439 -21.05 62.29 12.08
C PRO C 439 -19.66 61.86 11.60
N ALA C 440 -18.63 62.38 12.28
CA ALA C 440 -17.21 62.12 12.00
C ALA C 440 -16.77 62.51 10.58
N ASP C 441 -17.66 63.24 9.89
CA ASP C 441 -17.49 63.74 8.51
C ASP C 441 -17.14 62.66 7.47
N HIS C 442 -15.91 62.69 6.95
CA HIS C 442 -15.43 61.74 5.95
C HIS C 442 -14.12 61.05 6.36
N LEU C 443 -13.77 61.18 7.64
CA LEU C 443 -12.56 60.59 8.22
C LEU C 443 -12.74 59.12 8.59
N ALA C 444 -13.98 58.75 8.92
CA ALA C 444 -14.33 57.39 9.31
C ALA C 444 -14.57 56.42 8.14
N ASN C 445 -14.47 56.92 6.91
CA ASN C 445 -14.70 56.09 5.73
C ASN C 445 -13.59 55.98 4.68
N VAL C 446 -13.30 54.72 4.34
CA VAL C 446 -12.32 54.32 3.32
C VAL C 446 -13.12 53.40 2.37
N SER C 447 -14.05 52.66 2.96
CA SER C 447 -14.95 51.72 2.27
C SER C 447 -16.30 51.71 3.01
N GLN C 448 -17.23 50.85 2.55
CA GLN C 448 -18.57 50.75 3.16
C GLN C 448 -18.70 49.84 4.40
N PRO C 449 -18.15 48.59 4.38
CA PRO C 449 -18.29 47.74 5.57
C PRO C 449 -17.58 48.28 6.80
N GLN C 450 -16.35 48.77 6.59
CA GLN C 450 -15.51 49.34 7.65
C GLN C 450 -16.11 50.53 8.39
N ARG C 451 -16.76 51.44 7.65
CA ARG C 451 -17.40 52.62 8.26
C ARG C 451 -18.54 52.20 9.19
N ASP C 452 -19.34 51.23 8.73
CA ASP C 452 -20.47 50.69 9.52
C ASP C 452 -19.98 50.13 10.85
N TRP C 453 -18.94 49.29 10.79
CA TRP C 453 -18.31 48.68 11.96
C TRP C 453 -17.86 49.70 13.00
N LEU C 454 -17.12 50.71 12.53
CA LEU C 454 -16.61 51.80 13.38
C LEU C 454 -17.67 52.56 14.18
N LEU C 455 -18.80 52.89 13.53
CA LEU C 455 -19.92 53.58 14.18
C LEU C 455 -20.48 52.79 15.36
N LEU C 456 -20.69 51.49 15.16
CA LEU C 456 -21.21 50.57 16.19
C LEU C 456 -20.26 50.46 17.39
N GLU C 457 -18.96 50.39 17.09
CA GLU C 457 -17.88 50.35 18.08
C GLU C 457 -17.89 51.57 19.00
N ALA C 458 -18.13 52.75 18.41
CA ALA C 458 -18.24 54.02 19.14
C ALA C 458 -19.40 54.06 20.14
N HIS C 459 -20.57 53.58 19.72
CA HIS C 459 -21.78 53.51 20.55
C HIS C 459 -21.70 52.67 21.84
N ARG C 460 -21.32 51.40 21.70
CA ARG C 460 -21.18 50.44 22.82
C ARG C 460 -22.35 50.22 23.78
N ASP C 461 -22.47 51.11 24.77
CA ASP C 461 -23.50 51.05 25.82
C ASP C 461 -24.88 51.63 25.45
N GLU C 462 -25.13 51.78 24.15
CA GLU C 462 -26.40 52.31 23.66
C GLU C 462 -27.40 51.19 23.34
N GLU C 463 -28.44 51.09 24.18
CA GLU C 463 -29.50 50.09 24.03
C GLU C 463 -30.62 50.61 23.14
N VAL C 464 -31.01 49.80 22.16
CA VAL C 464 -32.06 50.15 21.21
C VAL C 464 -33.23 49.14 21.22
N SER C 465 -34.45 49.67 21.08
CA SER C 465 -35.68 48.88 21.05
C SER C 465 -35.98 48.39 19.63
N TRP C 466 -36.15 47.07 19.51
CA TRP C 466 -36.42 46.42 18.23
C TRP C 466 -37.90 46.05 18.03
N PRO C 467 -38.55 46.59 16.97
CA PRO C 467 -39.96 46.30 16.67
C PRO C 467 -40.14 44.88 16.09
N SER C 468 -41.20 44.21 16.53
CA SER C 468 -41.52 42.84 16.08
C SER C 468 -42.26 42.86 14.74
N THR C 469 -41.52 42.54 13.68
CA THR C 469 -42.05 42.52 12.31
C THR C 469 -42.43 41.12 11.81
N LYS C 470 -43.34 41.10 10.83
CA LYS C 470 -43.80 39.86 10.20
C LYS C 470 -43.05 39.58 8.90
N ILE C 471 -42.93 38.30 8.59
CA ILE C 471 -42.23 37.80 7.40
C ILE C 471 -43.12 37.62 6.16
N THR C 472 -42.56 37.88 4.98
CA THR C 472 -43.28 37.73 3.70
C THR C 472 -42.85 36.46 2.98
N MET C 473 -43.57 36.11 1.92
CA MET C 473 -43.29 34.94 1.08
C MET C 473 -42.01 35.17 0.27
N GLU C 474 -41.79 36.45 -0.08
CA GLU C 474 -40.62 36.89 -0.85
C GLU C 474 -39.33 36.66 -0.04
N GLN C 475 -39.40 36.96 1.26
CA GLN C 475 -38.29 36.77 2.20
C GLN C 475 -37.90 35.30 2.34
N PHE C 476 -38.90 34.42 2.28
CA PHE C 476 -38.70 32.98 2.35
C PHE C 476 -37.98 32.48 1.11
N ARG C 477 -38.42 32.94 -0.07
CA ARG C 477 -37.80 32.59 -1.36
C ARG C 477 -36.33 33.02 -1.41
N LYS C 478 -36.03 34.21 -0.88
CA LYS C 478 -34.67 34.76 -0.78
C LYS C 478 -33.84 33.85 0.14
N ALA C 479 -34.40 33.49 1.29
CA ALA C 479 -33.78 32.58 2.27
C ALA C 479 -33.47 31.22 1.64
N VAL C 480 -34.43 30.64 0.92
CA VAL C 480 -34.30 29.35 0.21
C VAL C 480 -33.14 29.34 -0.80
N SER C 481 -33.02 30.42 -1.59
CA SER C 481 -31.94 30.56 -2.58
C SER C 481 -30.54 30.46 -1.95
N LEU C 482 -30.37 31.13 -0.80
CA LEU C 482 -29.11 31.12 -0.04
C LEU C 482 -28.79 29.86 0.80
N VAL C 483 -29.69 28.88 0.80
CA VAL C 483 -29.50 27.66 1.60
C VAL C 483 -28.88 26.50 0.80
N GLN C 484 -28.09 25.68 1.51
CA GLN C 484 -27.43 24.49 0.97
C GLN C 484 -28.26 23.25 1.33
N PRO C 485 -28.39 22.27 0.41
CA PRO C 485 -29.17 21.05 0.69
C PRO C 485 -28.43 20.02 1.56
N ALA C 486 -27.39 20.47 2.27
CA ALA C 486 -26.51 19.65 3.14
C ALA C 486 -25.67 18.65 2.36
N SER C 487 -25.94 18.60 1.05
CA SER C 487 -25.26 17.73 0.10
C SER C 487 -24.67 18.64 -0.98
N LYS C 488 -24.06 19.73 -0.52
CA LYS C 488 -23.43 20.71 -1.40
C LYS C 488 -21.99 20.26 -1.71
N ARG C 489 -21.49 19.36 -0.88
CA ARG C 489 -20.15 18.76 -0.97
C ARG C 489 -20.02 17.90 -2.24
N GLU C 490 -21.17 17.39 -2.70
CA GLU C 490 -21.36 16.53 -3.88
C GLU C 490 -20.53 16.89 -5.12
N GLY C 491 -20.85 18.03 -5.72
CA GLY C 491 -20.20 18.51 -6.92
C GLY C 491 -21.27 19.34 -7.59
N PHE C 492 -21.84 20.24 -6.78
CA PHE C 492 -22.90 21.15 -7.18
C PHE C 492 -22.43 22.25 -8.14
N SER C 493 -22.57 21.96 -9.43
CA SER C 493 -22.21 22.92 -10.48
C SER C 493 -23.45 23.82 -10.70
N THR C 494 -23.27 25.12 -10.45
CA THR C 494 -24.34 26.10 -10.57
C THR C 494 -24.77 26.37 -12.03
N ILE C 495 -26.07 26.61 -12.19
CA ILE C 495 -26.68 26.88 -13.50
C ILE C 495 -26.36 28.29 -14.04
N PRO C 496 -25.79 28.38 -15.27
CA PRO C 496 -25.45 29.67 -15.88
C PRO C 496 -26.66 30.50 -16.33
N ASP C 497 -26.39 31.71 -16.80
CA ASP C 497 -27.43 32.64 -17.26
C ASP C 497 -27.93 32.39 -18.70
N THR C 498 -27.77 31.15 -19.16
CA THR C 498 -28.19 30.73 -20.49
C THR C 498 -29.67 30.37 -20.58
N THR C 499 -30.40 31.11 -21.42
CA THR C 499 -31.83 30.91 -21.65
C THR C 499 -32.04 30.52 -23.11
N TRP C 500 -33.31 30.44 -23.54
CA TRP C 500 -33.65 30.08 -24.91
C TRP C 500 -33.35 31.20 -25.91
N SER C 501 -33.27 32.43 -25.40
CA SER C 501 -32.99 33.62 -26.20
C SER C 501 -31.54 33.66 -26.67
N HIS C 502 -30.69 32.86 -26.03
CA HIS C 502 -29.27 32.74 -26.36
C HIS C 502 -29.05 31.74 -27.50
N VAL C 503 -30.06 30.90 -27.75
CA VAL C 503 -30.00 29.89 -28.79
C VAL C 503 -30.84 30.34 -30.00
N GLY C 504 -30.15 30.49 -31.13
CA GLY C 504 -30.80 30.89 -32.37
C GLY C 504 -31.42 29.70 -33.07
N ALA C 505 -32.73 29.78 -33.34
CA ALA C 505 -33.55 28.75 -33.98
C ALA C 505 -33.68 27.47 -33.15
N LEU C 506 -33.68 26.30 -33.81
CA LEU C 506 -33.82 24.97 -33.18
C LEU C 506 -35.09 24.86 -32.35
N GLU C 507 -36.14 25.53 -32.82
CA GLU C 507 -37.45 25.60 -32.16
C GLU C 507 -38.12 24.24 -31.96
N ASP C 508 -37.89 23.33 -32.90
CA ASP C 508 -38.42 21.96 -32.88
C ASP C 508 -37.79 21.17 -31.73
N VAL C 509 -36.47 21.32 -31.61
CA VAL C 509 -35.66 20.68 -30.58
C VAL C 509 -36.07 21.21 -29.20
N ARG C 510 -36.29 22.53 -29.11
CA ARG C 510 -36.71 23.21 -27.88
C ARG C 510 -37.99 22.60 -27.32
N LYS C 511 -39.00 22.44 -28.19
CA LYS C 511 -40.30 21.83 -27.85
C LYS C 511 -40.17 20.39 -27.34
N LYS C 512 -39.36 19.58 -28.04
CA LYS C 512 -39.09 18.18 -27.69
C LYS C 512 -38.47 18.06 -26.30
N LEU C 513 -37.48 18.93 -26.04
CA LEU C 513 -36.79 19.01 -24.75
C LEU C 513 -37.72 19.39 -23.61
N GLU C 514 -38.59 20.38 -23.87
CA GLU C 514 -39.60 20.84 -22.91
C GLU C 514 -40.50 19.68 -22.49
N MET C 515 -40.98 18.92 -23.48
CA MET C 515 -41.82 17.74 -23.25
C MET C 515 -41.19 16.73 -22.30
N SER C 516 -39.99 16.29 -22.66
CA SER C 516 -39.22 15.31 -21.89
C SER C 516 -38.79 15.71 -20.47
N ILE C 517 -38.10 16.84 -20.32
CA ILE C 517 -37.60 17.29 -19.01
C ILE C 517 -38.50 18.17 -18.13
N ILE C 518 -39.08 19.21 -18.73
CA ILE C 518 -39.91 20.19 -18.03
C ILE C 518 -41.28 19.61 -17.76
N GLY C 519 -41.70 18.68 -18.64
CA GLY C 519 -43.00 18.03 -18.51
C GLY C 519 -43.10 17.29 -17.19
N PRO C 520 -42.19 16.33 -16.89
CA PRO C 520 -42.29 15.62 -15.61
C PRO C 520 -41.97 16.43 -14.35
N ILE C 521 -41.00 17.34 -14.42
CA ILE C 521 -40.64 18.18 -13.27
C ILE C 521 -41.76 19.13 -12.81
N LYS C 522 -42.28 19.92 -13.75
CA LYS C 522 -43.33 20.89 -13.47
C LYS C 522 -44.75 20.33 -13.35
N ASN C 523 -45.06 19.30 -14.15
CA ASN C 523 -46.38 18.66 -14.14
C ASN C 523 -46.43 17.15 -13.83
N PRO C 524 -46.12 16.73 -12.56
CA PRO C 524 -46.15 15.31 -12.17
C PRO C 524 -47.57 14.75 -12.22
N GLU C 525 -48.54 15.63 -11.93
CA GLU C 525 -49.97 15.34 -11.92
C GLU C 525 -50.47 14.81 -13.27
N LEU C 526 -50.00 15.47 -14.34
CA LEU C 526 -50.33 15.12 -15.73
C LEU C 526 -49.83 13.72 -16.08
N PHE C 527 -48.57 13.45 -15.78
CA PHE C 527 -47.95 12.14 -16.05
C PHE C 527 -48.54 10.93 -15.32
N THR C 528 -48.86 11.12 -14.04
CA THR C 528 -49.49 10.08 -13.21
C THR C 528 -50.89 9.72 -13.73
N ARG C 529 -51.67 10.75 -14.09
CA ARG C 529 -53.02 10.59 -14.64
C ARG C 529 -53.09 9.85 -15.98
N VAL C 530 -52.21 10.21 -16.92
CA VAL C 530 -52.15 9.55 -18.24
C VAL C 530 -51.67 8.09 -18.16
N GLY C 531 -50.66 7.84 -17.33
CA GLY C 531 -50.15 6.49 -17.14
C GLY C 531 -48.74 6.13 -17.53
N ILE C 532 -47.96 7.10 -18.04
CA ILE C 532 -46.56 6.82 -18.42
C ILE C 532 -45.51 7.19 -17.39
N LYS C 533 -44.42 6.43 -17.40
CA LYS C 533 -43.27 6.61 -16.52
C LYS C 533 -42.43 7.79 -17.00
N PRO C 534 -41.84 8.57 -16.06
CA PRO C 534 -41.01 9.72 -16.47
C PRO C 534 -39.72 9.28 -17.19
N ALA C 535 -39.21 10.15 -18.06
CA ALA C 535 -37.99 9.93 -18.87
C ALA C 535 -36.73 9.49 -18.13
N ALA C 536 -35.76 9.00 -18.88
CA ALA C 536 -34.49 8.55 -18.33
C ALA C 536 -33.34 9.31 -18.97
N GLY C 537 -33.35 9.41 -20.30
CA GLY C 537 -32.28 10.10 -20.99
C GLY C 537 -32.34 10.38 -22.48
N ILE C 538 -31.53 11.36 -22.90
CA ILE C 538 -31.42 11.80 -24.30
C ILE C 538 -29.97 11.88 -24.77
N LEU C 539 -29.78 11.76 -26.09
CA LEU C 539 -28.45 11.85 -26.69
C LEU C 539 -28.40 12.94 -27.76
N LEU C 540 -27.46 13.88 -27.57
CA LEU C 540 -27.22 14.98 -28.48
C LEU C 540 -26.03 14.62 -29.36
N TRP C 541 -26.27 14.48 -30.66
CA TRP C 541 -25.19 14.10 -31.58
C TRP C 541 -25.14 14.93 -32.86
N GLY C 542 -23.92 15.16 -33.36
CA GLY C 542 -23.75 15.91 -34.59
C GLY C 542 -22.42 16.64 -34.71
N PRO C 543 -22.25 17.57 -35.68
CA PRO C 543 -21.01 18.34 -35.89
C PRO C 543 -20.59 19.19 -34.67
N PRO C 544 -19.26 19.42 -34.47
CA PRO C 544 -18.75 20.20 -33.34
C PRO C 544 -19.13 21.69 -33.31
N GLY C 545 -19.34 22.21 -32.11
CA GLY C 545 -19.69 23.61 -31.89
C GLY C 545 -21.05 24.05 -32.39
N CYS C 546 -22.05 23.19 -32.23
CA CYS C 546 -23.40 23.50 -32.68
C CYS C 546 -24.38 23.80 -31.56
N GLY C 547 -23.86 23.91 -30.33
CA GLY C 547 -24.69 24.22 -29.19
C GLY C 547 -25.17 23.07 -28.33
N LYS C 548 -24.52 21.91 -28.41
CA LYS C 548 -24.90 20.74 -27.62
C LYS C 548 -24.74 20.96 -26.11
N THR C 549 -23.58 21.49 -25.71
CA THR C 549 -23.27 21.79 -24.29
C THR C 549 -24.20 22.88 -23.74
N LEU C 550 -24.46 23.89 -24.57
CA LEU C 550 -25.35 25.02 -24.25
C LEU C 550 -26.77 24.56 -23.96
N VAL C 551 -27.29 23.73 -24.86
CA VAL C 551 -28.63 23.13 -24.77
C VAL C 551 -28.81 22.43 -23.42
N ALA C 552 -27.84 21.59 -23.04
CA ALA C 552 -27.86 20.88 -21.76
C ALA C 552 -28.04 21.83 -20.57
N LYS C 553 -27.21 22.88 -20.53
CA LYS C 553 -27.26 23.92 -19.48
C LYS C 553 -28.56 24.71 -19.49
N ALA C 554 -28.97 25.11 -20.70
CA ALA C 554 -30.20 25.87 -20.95
C ALA C 554 -31.46 25.20 -20.41
N VAL C 555 -31.56 23.89 -20.67
CA VAL C 555 -32.66 23.04 -20.20
C VAL C 555 -32.66 23.01 -18.67
N ALA C 556 -31.49 22.76 -18.08
CA ALA C 556 -31.30 22.73 -16.63
C ALA C 556 -31.73 24.04 -15.96
N ASN C 557 -31.30 25.15 -16.58
CA ASN C 557 -31.66 26.51 -16.14
C ASN C 557 -33.19 26.66 -16.10
N GLU C 558 -33.82 26.47 -17.28
CA GLU C 558 -35.27 26.58 -17.51
C GLU C 558 -36.12 25.85 -16.45
N SER C 559 -35.73 24.61 -16.15
CA SER C 559 -36.36 23.77 -15.13
C SER C 559 -36.04 24.20 -13.69
N LYS C 560 -35.05 25.11 -13.54
CA LYS C 560 -34.55 25.64 -12.25
C LYS C 560 -34.02 24.49 -11.40
N ALA C 561 -33.66 23.44 -12.14
CA ALA C 561 -33.15 22.20 -11.53
C ALA C 561 -31.61 22.18 -11.45
N ASN C 562 -31.06 21.20 -10.72
CA ASN C 562 -29.61 21.07 -10.54
C ASN C 562 -28.89 20.51 -11.78
N PHE C 563 -27.61 20.84 -11.91
CA PHE C 563 -26.83 20.42 -13.07
C PHE C 563 -25.44 19.92 -12.70
N ILE C 564 -25.07 18.74 -13.20
CA ILE C 564 -23.75 18.16 -12.98
C ILE C 564 -23.19 17.78 -14.36
N SER C 565 -21.95 18.22 -14.63
CA SER C 565 -21.28 17.95 -15.89
C SER C 565 -19.98 17.17 -15.72
N ILE C 566 -19.99 15.94 -16.22
CA ILE C 566 -18.81 15.06 -16.19
C ILE C 566 -18.41 14.94 -17.65
N LYS C 567 -17.19 15.38 -17.92
CA LYS C 567 -16.64 15.38 -19.26
C LYS C 567 -15.60 14.28 -19.45
N GLY C 568 -15.68 13.60 -20.61
CA GLY C 568 -14.74 12.55 -20.99
C GLY C 568 -14.25 11.53 -19.97
N PRO C 569 -13.05 11.69 -19.38
CA PRO C 569 -12.54 10.72 -18.39
C PRO C 569 -12.25 11.18 -16.95
N GLU C 570 -13.04 12.12 -16.42
CA GLU C 570 -12.86 12.63 -15.05
C GLU C 570 -13.33 11.68 -13.95
N LEU C 571 -13.28 10.37 -14.24
CA LEU C 571 -13.71 9.31 -13.33
C LEU C 571 -12.60 8.34 -12.95
N LEU C 572 -11.85 7.90 -13.96
CA LEU C 572 -10.76 6.93 -13.81
C LEU C 572 -9.60 7.24 -12.86
N ASN C 573 -9.17 6.21 -12.13
CA ASN C 573 -8.07 6.27 -11.17
C ASN C 573 -6.97 5.28 -11.56
N LYS C 574 -5.86 5.30 -10.83
CA LYS C 574 -4.75 4.38 -11.08
C LYS C 574 -4.91 3.04 -10.35
N TYR C 575 -5.79 3.04 -9.34
CA TYR C 575 -6.09 1.86 -8.53
C TYR C 575 -7.13 0.97 -9.22
N VAL C 576 -7.22 -0.29 -8.76
CA VAL C 576 -8.13 -1.28 -9.32
C VAL C 576 -9.59 -1.26 -8.84
N GLY C 577 -9.88 -0.48 -7.80
CA GLY C 577 -11.24 -0.44 -7.29
C GLY C 577 -11.87 0.90 -6.93
N GLU C 578 -11.37 2.00 -7.49
CA GLU C 578 -11.95 3.31 -7.18
C GLU C 578 -12.86 3.89 -8.25
N SER C 579 -12.57 3.59 -9.52
CA SER C 579 -13.36 4.08 -10.66
C SER C 579 -14.82 3.65 -10.59
N GLU C 580 -15.04 2.34 -10.36
CA GLU C 580 -16.37 1.76 -10.23
C GLU C 580 -17.14 2.26 -9.00
N ARG C 581 -16.41 2.39 -7.88
CA ARG C 581 -16.96 2.89 -6.61
C ARG C 581 -17.42 4.33 -6.75
N ALA C 582 -16.63 5.14 -7.46
CA ALA C 582 -16.94 6.54 -7.75
C ALA C 582 -18.23 6.70 -8.56
N VAL C 583 -18.40 5.89 -9.62
CA VAL C 583 -19.61 5.90 -10.46
C VAL C 583 -20.85 5.59 -9.60
N ARG C 584 -20.72 4.58 -8.75
CA ARG C 584 -21.77 4.17 -7.80
C ARG C 584 -22.13 5.36 -6.90
N GLN C 585 -21.11 6.04 -6.37
CA GLN C 585 -21.27 7.24 -5.54
C GLN C 585 -22.06 8.36 -6.22
N LEU C 586 -21.77 8.63 -7.50
CA LEU C 586 -22.47 9.64 -8.30
C LEU C 586 -23.97 9.40 -8.35
N PHE C 587 -24.35 8.16 -8.68
CA PHE C 587 -25.76 7.77 -8.73
C PHE C 587 -26.45 7.85 -7.37
N SER C 588 -25.73 7.49 -6.30
CA SER C 588 -26.22 7.57 -4.92
C SER C 588 -26.53 9.03 -4.54
N ARG C 589 -25.60 9.93 -4.87
CA ARG C 589 -25.73 11.38 -4.64
C ARG C 589 -26.94 11.95 -5.42
N ALA C 590 -27.08 11.53 -6.68
CA ALA C 590 -28.18 11.92 -7.57
C ALA C 590 -29.53 11.44 -7.02
N LYS C 591 -29.57 10.19 -6.56
CA LYS C 591 -30.77 9.59 -5.95
C LYS C 591 -31.24 10.34 -4.71
N SER C 592 -30.29 10.71 -3.85
CA SER C 592 -30.55 11.47 -2.62
C SER C 592 -31.20 12.84 -2.92
N SER C 593 -30.65 13.57 -3.89
CA SER C 593 -31.19 14.87 -4.29
C SER C 593 -31.65 14.93 -5.76
N ALA C 594 -32.97 15.04 -5.94
CA ALA C 594 -33.61 15.13 -7.26
C ALA C 594 -34.63 16.26 -7.12
N PRO C 595 -34.94 17.03 -8.21
CA PRO C 595 -34.50 17.07 -9.61
C PRO C 595 -33.11 17.58 -10.01
N CYS C 596 -32.48 16.78 -10.87
CA CYS C 596 -31.14 17.04 -11.39
C CYS C 596 -30.92 16.45 -12.77
N ILE C 597 -30.14 17.17 -13.57
CA ILE C 597 -29.77 16.74 -14.90
C ILE C 597 -28.30 16.32 -14.84
N LEU C 598 -28.04 15.08 -15.23
CA LEU C 598 -26.70 14.53 -15.23
C LEU C 598 -26.20 14.56 -16.67
N PHE C 599 -25.20 15.40 -16.92
CA PHE C 599 -24.64 15.57 -18.25
C PHE C 599 -23.29 14.91 -18.47
N PHE C 600 -23.22 14.11 -19.52
CA PHE C 600 -22.01 13.42 -19.93
C PHE C 600 -21.54 13.96 -21.28
N ASP C 601 -20.45 14.73 -21.26
CA ASP C 601 -19.90 15.34 -22.47
C ASP C 601 -18.81 14.43 -23.06
N GLN C 602 -18.87 14.23 -24.37
CA GLN C 602 -17.95 13.39 -25.16
C GLN C 602 -17.92 11.92 -24.71
N MET C 603 -18.96 11.19 -25.11
CA MET C 603 -19.13 9.77 -24.77
C MET C 603 -18.45 8.80 -25.73
N ASP C 604 -17.80 9.36 -26.75
CA ASP C 604 -17.06 8.60 -27.75
C ASP C 604 -15.87 7.79 -27.20
N ALA C 605 -15.44 8.15 -25.99
CA ALA C 605 -14.33 7.48 -25.31
C ALA C 605 -14.68 6.17 -24.57
N LEU C 606 -15.67 6.25 -23.67
CA LEU C 606 -16.13 5.14 -22.83
C LEU C 606 -16.93 3.99 -23.48
N VAL C 607 -17.84 4.37 -24.36
CA VAL C 607 -18.76 3.45 -25.05
C VAL C 607 -18.29 2.43 -26.14
N PRO C 608 -17.37 2.80 -27.07
CA PRO C 608 -16.94 1.82 -28.10
C PRO C 608 -16.05 0.65 -27.68
N ARG C 609 -15.54 0.66 -26.45
CA ARG C 609 -14.66 -0.39 -25.95
C ARG C 609 -15.36 -1.68 -25.49
N ARG C 610 -16.53 -1.92 -26.09
CA ARG C 610 -17.34 -3.10 -25.80
C ARG C 610 -17.32 -4.08 -26.96
N ASP C 611 -17.63 -3.58 -28.17
CA ASP C 611 -17.67 -4.38 -29.42
C ASP C 611 -16.39 -5.15 -29.79
N ASP C 612 -15.26 -4.67 -29.29
CA ASP C 612 -13.95 -5.27 -29.50
C ASP C 612 -13.21 -5.38 -28.16
N SER C 613 -12.72 -6.58 -27.87
CA SER C 613 -12.00 -6.87 -26.62
C SER C 613 -10.61 -6.25 -26.53
N LEU C 614 -10.47 -5.24 -25.67
CA LEU C 614 -9.19 -4.56 -25.48
C LEU C 614 -8.74 -4.48 -24.01
N SER C 615 -9.25 -3.50 -23.26
CA SER C 615 -8.88 -3.32 -21.85
C SER C 615 -9.88 -3.90 -20.86
N ASP C 616 -9.39 -4.16 -19.65
CA ASP C 616 -10.16 -4.73 -18.54
C ASP C 616 -10.80 -3.64 -17.68
N ALA C 617 -10.06 -2.55 -17.46
CA ALA C 617 -10.53 -1.41 -16.65
C ALA C 617 -11.75 -0.74 -17.29
N SER C 618 -11.64 -0.50 -18.61
CA SER C 618 -12.70 0.11 -19.42
C SER C 618 -13.96 -0.75 -19.44
N ALA C 619 -13.75 -2.07 -19.47
CA ALA C 619 -14.83 -3.06 -19.48
C ALA C 619 -15.65 -2.98 -18.20
N ARG C 620 -14.98 -2.98 -17.05
CA ARG C 620 -15.64 -2.87 -15.74
C ARG C 620 -16.49 -1.61 -15.58
N VAL C 621 -15.90 -0.46 -15.92
CA VAL C 621 -16.58 0.85 -15.83
C VAL C 621 -17.87 0.92 -16.66
N VAL C 622 -17.79 0.54 -17.94
CA VAL C 622 -18.96 0.56 -18.83
C VAL C 622 -20.08 -0.39 -18.35
N ASN C 623 -19.68 -1.58 -17.89
CA ASN C 623 -20.62 -2.55 -17.34
C ASN C 623 -21.34 -2.03 -16.10
N THR C 624 -20.61 -1.33 -15.21
CA THR C 624 -21.19 -0.69 -14.01
C THR C 624 -22.20 0.38 -14.43
N LEU C 625 -21.82 1.16 -15.45
CA LEU C 625 -22.67 2.22 -16.02
C LEU C 625 -24.01 1.67 -16.54
N LEU C 626 -23.95 0.60 -17.34
CA LEU C 626 -25.14 -0.08 -17.90
C LEU C 626 -26.08 -0.55 -16.79
N THR C 627 -25.46 -1.11 -15.76
CA THR C 627 -26.11 -1.59 -14.55
C THR C 627 -26.84 -0.46 -13.80
N GLU C 628 -26.16 0.66 -13.58
CA GLU C 628 -26.73 1.83 -12.91
C GLU C 628 -27.92 2.44 -13.65
N LEU C 629 -27.83 2.48 -14.97
CA LEU C 629 -28.90 2.97 -15.85
C LEU C 629 -30.17 2.11 -15.85
N ASP C 630 -30.02 0.84 -16.22
CA ASP C 630 -31.10 -0.16 -16.32
C ASP C 630 -31.46 -1.10 -15.14
N GLY C 631 -30.47 -1.44 -14.31
CA GLY C 631 -30.62 -2.39 -13.20
C GLY C 631 -31.81 -2.33 -12.25
N VAL C 632 -31.79 -1.34 -11.35
CA VAL C 632 -32.86 -1.14 -10.37
C VAL C 632 -32.98 0.36 -10.01
N GLY C 633 -31.85 1.07 -10.08
CA GLY C 633 -31.81 2.49 -9.75
C GLY C 633 -32.05 3.50 -10.86
N ASP C 634 -33.32 3.89 -11.01
CA ASP C 634 -33.78 4.88 -12.00
C ASP C 634 -35.20 5.24 -11.56
N ARG C 635 -35.30 5.80 -10.35
CA ARG C 635 -36.58 6.19 -9.75
C ARG C 635 -36.99 7.64 -10.03
N SER C 636 -36.63 8.09 -11.24
CA SER C 636 -36.89 9.43 -11.79
C SER C 636 -36.48 10.68 -11.00
N GLY C 637 -36.56 11.83 -11.68
CA GLY C 637 -36.16 13.10 -11.12
C GLY C 637 -34.76 13.39 -11.68
N ILE C 638 -34.04 12.30 -11.96
CA ILE C 638 -32.69 12.32 -12.50
C ILE C 638 -32.78 11.99 -13.99
N TYR C 639 -32.48 12.99 -14.82
CA TYR C 639 -32.52 12.83 -16.27
C TYR C 639 -31.11 12.94 -16.80
N VAL C 640 -30.68 11.90 -17.51
CA VAL C 640 -29.34 11.82 -18.05
C VAL C 640 -29.25 12.29 -19.50
N ILE C 641 -28.36 13.27 -19.74
CA ILE C 641 -28.16 13.80 -21.08
C ILE C 641 -26.74 13.48 -21.53
N GLY C 642 -26.62 12.90 -22.73
CA GLY C 642 -25.33 12.56 -23.28
C GLY C 642 -25.08 13.37 -24.54
N ALA C 643 -23.82 13.75 -24.75
CA ALA C 643 -23.42 14.49 -25.95
C ALA C 643 -22.15 13.96 -26.57
N THR C 644 -22.14 13.88 -27.90
CA THR C 644 -20.98 13.42 -28.67
C THR C 644 -20.90 14.08 -30.05
N ASN C 645 -19.66 14.41 -30.42
CA ASN C 645 -19.34 15.02 -31.70
C ASN C 645 -19.17 13.92 -32.75
N ARG C 646 -19.07 12.68 -32.24
CA ARG C 646 -18.89 11.48 -33.06
C ARG C 646 -19.87 10.38 -32.66
N PRO C 647 -21.03 10.27 -33.36
CA PRO C 647 -22.04 9.25 -33.07
C PRO C 647 -21.71 7.84 -33.60
N ASP C 648 -20.68 7.77 -34.44
CA ASP C 648 -20.21 6.55 -35.10
C ASP C 648 -19.99 5.30 -34.23
N MET C 649 -18.83 5.23 -33.57
CA MET C 649 -18.48 4.10 -32.72
C MET C 649 -19.01 4.23 -31.30
N ILE C 650 -20.20 3.66 -31.11
CA ILE C 650 -20.94 3.64 -29.85
C ILE C 650 -21.65 2.26 -29.80
N ASP C 651 -21.72 1.65 -28.61
CA ASP C 651 -22.39 0.37 -28.43
C ASP C 651 -23.91 0.54 -28.36
N GLU C 652 -24.59 -0.25 -29.19
CA GLU C 652 -26.05 -0.26 -29.31
C GLU C 652 -26.78 -0.49 -27.98
N ALA C 653 -26.10 -1.19 -27.06
CA ALA C 653 -26.62 -1.50 -25.73
C ALA C 653 -26.95 -0.23 -24.94
N ILE C 654 -26.08 0.79 -25.05
CA ILE C 654 -26.29 2.09 -24.39
C ILE C 654 -27.48 2.82 -25.06
N ARG C 655 -27.56 2.73 -26.39
CA ARG C 655 -28.65 3.35 -27.16
C ARG C 655 -30.09 2.85 -26.89
N ARG C 656 -30.22 1.58 -26.49
CA ARG C 656 -31.48 0.91 -26.12
C ARG C 656 -32.40 1.73 -25.18
N PRO C 657 -33.74 1.77 -25.44
CA PRO C 657 -34.71 2.50 -24.62
C PRO C 657 -34.73 2.11 -23.14
N GLY C 658 -34.72 3.12 -22.29
CA GLY C 658 -34.69 2.90 -20.84
C GLY C 658 -33.38 3.46 -20.33
N ARG C 659 -32.40 3.51 -21.23
CA ARG C 659 -31.05 4.04 -20.96
C ARG C 659 -30.99 5.40 -21.68
N LEU C 660 -30.39 5.46 -22.86
CA LEU C 660 -30.30 6.71 -23.65
C LEU C 660 -30.96 6.50 -25.02
N GLY C 661 -32.29 6.42 -25.00
CA GLY C 661 -33.07 6.17 -26.20
C GLY C 661 -33.43 7.30 -27.15
N THR C 662 -33.59 8.51 -26.64
CA THR C 662 -33.96 9.66 -27.46
C THR C 662 -32.77 10.34 -28.15
N SER C 663 -32.55 9.97 -29.40
CA SER C 663 -31.46 10.50 -30.21
C SER C 663 -31.86 11.79 -30.93
N ILE C 664 -31.30 12.90 -30.45
CA ILE C 664 -31.58 14.23 -30.99
C ILE C 664 -30.38 14.70 -31.79
N TYR C 665 -30.64 15.04 -33.06
CA TYR C 665 -29.61 15.51 -33.97
C TYR C 665 -29.53 17.04 -33.98
N VAL C 666 -28.33 17.56 -33.75
CA VAL C 666 -28.07 19.01 -33.73
C VAL C 666 -27.17 19.39 -34.92
N GLY C 667 -27.78 19.96 -35.97
CA GLY C 667 -27.07 20.39 -37.17
C GLY C 667 -27.45 21.80 -37.61
N LEU C 668 -26.78 22.33 -38.64
CA LEU C 668 -27.06 23.70 -39.11
C LEU C 668 -26.85 23.97 -40.62
N PRO C 669 -27.94 24.01 -41.42
CA PRO C 669 -27.85 24.27 -42.87
C PRO C 669 -28.79 25.32 -43.53
N SER C 670 -29.50 26.13 -42.75
CA SER C 670 -30.48 27.11 -43.29
C SER C 670 -30.29 28.62 -43.05
N ALA C 671 -30.76 29.39 -44.04
CA ALA C 671 -30.69 30.86 -44.07
C ALA C 671 -31.38 31.63 -42.94
N GLU C 672 -32.64 31.27 -42.68
CA GLU C 672 -33.46 31.90 -41.63
C GLU C 672 -32.81 31.76 -40.25
N ASP C 673 -32.24 30.58 -40.01
CA ASP C 673 -31.54 30.23 -38.77
C ASP C 673 -30.33 31.13 -38.57
N ARG C 674 -29.52 31.28 -39.63
CA ARG C 674 -28.33 32.12 -39.61
C ARG C 674 -28.62 33.58 -39.22
N VAL C 675 -29.68 34.16 -39.78
CA VAL C 675 -30.11 35.52 -39.46
C VAL C 675 -30.39 35.64 -37.96
N LYS C 676 -31.14 34.67 -37.41
CA LYS C 676 -31.47 34.61 -35.99
C LYS C 676 -30.22 34.57 -35.10
N ILE C 677 -29.24 33.73 -35.48
CA ILE C 677 -27.96 33.61 -34.78
C ILE C 677 -27.20 34.94 -34.79
N LEU C 678 -27.09 35.57 -35.96
CA LEU C 678 -26.42 36.86 -36.13
C LEU C 678 -27.03 37.93 -35.22
N LYS C 679 -28.37 37.98 -35.18
CA LYS C 679 -29.10 38.90 -34.32
C LYS C 679 -28.86 38.62 -32.85
N THR C 680 -28.86 37.34 -32.47
CA THR C 680 -28.61 36.87 -31.10
C THR C 680 -27.21 37.30 -30.58
N LEU C 681 -26.20 37.14 -31.42
CA LEU C 681 -24.82 37.53 -31.08
C LEU C 681 -24.65 39.05 -30.97
N TYR C 682 -25.19 39.78 -31.96
CA TYR C 682 -25.13 41.25 -32.02
C TYR C 682 -26.16 41.92 -31.09
N ARG C 683 -26.88 41.10 -30.32
CA ARG C 683 -27.89 41.55 -29.37
C ARG C 683 -27.15 42.02 -28.11
N ASN C 684 -26.11 41.27 -27.76
CA ASN C 684 -25.26 41.51 -26.59
C ASN C 684 -24.09 42.43 -26.95
N THR C 685 -24.39 43.72 -27.06
CA THR C 685 -23.40 44.77 -27.39
C THR C 685 -23.31 45.81 -26.27
N VAL C 686 -24.46 46.39 -25.91
CA VAL C 686 -24.54 47.41 -24.86
C VAL C 686 -25.17 46.85 -23.58
N GLN C 712 -25.22 55.84 -31.64
CA GLN C 712 -26.06 54.65 -31.70
C GLN C 712 -26.29 54.19 -33.15
N GLY C 713 -26.37 52.87 -33.32
CA GLY C 713 -26.58 52.28 -34.64
C GLY C 713 -26.67 50.77 -34.57
N THR C 714 -27.87 50.23 -34.80
CA THR C 714 -28.13 48.80 -34.76
C THR C 714 -28.08 48.13 -36.15
N THR C 715 -28.68 48.79 -37.15
CA THR C 715 -28.76 48.33 -38.56
C THR C 715 -29.16 46.87 -38.81
N ASP C 716 -30.44 46.67 -39.13
CA ASP C 716 -31.00 45.34 -39.40
C ASP C 716 -30.73 44.83 -40.81
N ALA C 717 -30.91 45.73 -41.80
CA ALA C 717 -30.72 45.43 -43.23
C ALA C 717 -29.36 44.82 -43.56
N ASP C 718 -28.33 45.32 -42.89
CA ASP C 718 -26.94 44.86 -43.05
C ASP C 718 -26.78 43.38 -42.67
N LEU C 719 -27.41 42.98 -41.57
CA LEU C 719 -27.38 41.61 -41.06
C LEU C 719 -27.96 40.60 -42.06
N GLU C 720 -29.11 40.95 -42.64
CA GLU C 720 -29.76 40.11 -43.66
C GLU C 720 -28.89 39.88 -44.91
N LYS C 721 -28.33 40.97 -45.45
CA LYS C 721 -27.44 40.93 -46.63
C LYS C 721 -26.22 40.04 -46.41
N VAL C 722 -25.59 40.17 -45.24
CA VAL C 722 -24.43 39.37 -44.83
C VAL C 722 -24.77 37.88 -44.91
N ALA C 723 -25.94 37.50 -44.37
CA ALA C 723 -26.44 36.12 -44.40
C ALA C 723 -26.63 35.56 -45.83
N LEU C 724 -27.16 36.39 -46.74
CA LEU C 724 -27.38 36.03 -48.14
C LEU C 724 -26.15 35.52 -48.92
N ASP C 725 -24.99 36.16 -48.71
CA ASP C 725 -23.72 35.77 -49.36
C ASP C 725 -23.34 34.27 -49.38
N LEU C 726 -22.71 33.85 -50.48
CA LEU C 726 -22.29 32.44 -50.71
C LEU C 726 -21.36 31.84 -49.65
N ARG C 727 -20.39 32.64 -49.23
CA ARG C 727 -19.41 32.25 -48.20
C ARG C 727 -20.09 31.94 -46.87
N CYS C 728 -21.14 32.70 -46.57
CA CYS C 728 -21.95 32.54 -45.36
C CYS C 728 -22.78 31.26 -45.39
N THR C 729 -23.27 30.88 -46.57
CA THR C 729 -24.05 29.64 -46.78
C THR C 729 -23.28 28.40 -46.28
N GLY C 730 -22.00 28.32 -46.63
CA GLY C 730 -21.18 27.20 -46.18
C GLY C 730 -20.50 27.41 -44.82
N PHE C 731 -21.26 27.82 -43.80
CA PHE C 731 -20.76 28.09 -42.45
C PHE C 731 -21.45 27.29 -41.32
N SER C 732 -21.05 27.59 -40.07
CA SER C 732 -21.59 26.97 -38.84
C SER C 732 -21.68 28.04 -37.74
N GLY C 733 -22.21 27.66 -36.57
CA GLY C 733 -22.36 28.56 -35.43
C GLY C 733 -21.07 29.18 -34.93
N ALA C 734 -20.03 28.34 -34.88
CA ALA C 734 -18.69 28.74 -34.45
C ALA C 734 -18.06 29.72 -35.45
N ASP C 735 -18.29 29.49 -36.74
CA ASP C 735 -17.79 30.33 -37.83
C ASP C 735 -18.37 31.75 -37.78
N LEU C 736 -19.68 31.84 -37.58
CA LEU C 736 -20.38 33.13 -37.47
C LEU C 736 -19.85 33.94 -36.29
N GLY C 737 -19.59 33.27 -35.16
CA GLY C 737 -19.01 33.91 -33.98
C GLY C 737 -17.64 34.50 -34.28
N ASN C 738 -16.81 33.72 -34.98
CA ASN C 738 -15.47 34.13 -35.41
C ASN C 738 -15.51 35.35 -36.36
N LEU C 739 -16.45 35.32 -37.32
CA LEU C 739 -16.67 36.41 -38.29
C LEU C 739 -16.95 37.72 -37.54
N MET C 740 -17.84 37.66 -36.54
CA MET C 740 -18.19 38.80 -35.70
C MET C 740 -16.94 39.36 -35.00
N GLN C 741 -16.14 38.47 -34.41
CA GLN C 741 -14.88 38.85 -33.75
C GLN C 741 -13.87 39.49 -34.71
N ALA C 742 -13.71 38.88 -35.89
CA ALA C 742 -12.82 39.36 -36.96
C ALA C 742 -13.17 40.79 -37.40
N ALA C 743 -14.47 41.02 -37.60
CA ALA C 743 -15.02 42.33 -37.98
C ALA C 743 -14.69 43.38 -36.92
N ALA C 744 -14.87 43.01 -35.64
CA ALA C 744 -14.55 43.86 -34.50
C ALA C 744 -13.07 44.27 -34.48
N GLN C 745 -12.17 43.32 -34.73
CA GLN C 745 -10.72 43.56 -34.78
C GLN C 745 -10.31 44.54 -35.89
N ALA C 746 -10.87 44.36 -37.09
CA ALA C 746 -10.64 45.24 -38.25
C ALA C 746 -11.07 46.69 -37.95
N CYS C 747 -12.24 46.82 -37.30
CA CYS C 747 -12.79 48.10 -36.87
C CYS C 747 -11.84 48.82 -35.91
N LEU C 748 -11.30 48.08 -34.94
CA LEU C 748 -10.32 48.61 -33.97
C LEU C 748 -9.08 49.18 -34.66
N GLU C 749 -8.58 48.47 -35.68
CA GLU C 749 -7.43 48.90 -36.49
C GLU C 749 -7.69 50.28 -37.12
N ARG C 750 -8.88 50.44 -37.71
CA ARG C 750 -9.32 51.70 -38.33
C ARG C 750 -9.37 52.84 -37.31
N VAL C 751 -9.98 52.58 -36.14
CA VAL C 751 -10.10 53.55 -35.04
C VAL C 751 -8.73 54.00 -34.53
N TYR C 752 -7.82 53.04 -34.30
CA TYR C 752 -6.46 53.31 -33.84
C TYR C 752 -5.61 54.16 -34.78
N THR C 753 -5.56 53.77 -36.07
CA THR C 753 -4.78 54.49 -37.10
C THR C 753 -5.24 55.93 -37.32
N GLN C 754 -6.56 56.12 -37.42
CA GLN C 754 -7.19 57.42 -37.62
C GLN C 754 -7.03 58.36 -36.42
N ARG C 755 -7.33 57.85 -35.22
CA ARG C 755 -7.23 58.61 -33.95
C ARG C 755 -5.80 59.08 -33.63
N GLN C 756 -4.82 58.19 -33.75
CA GLN C 756 -3.41 58.52 -33.50
C GLN C 756 -2.87 59.60 -34.44
N GLN C 757 -3.20 59.49 -35.74
CA GLN C 757 -2.81 60.47 -36.76
C GLN C 757 -3.34 61.87 -36.43
N LYS C 758 -4.65 61.96 -36.13
CA LYS C 758 -5.32 63.21 -35.76
C LYS C 758 -4.86 63.86 -34.46
N ARG C 759 -4.71 63.06 -33.39
CA ARG C 759 -4.27 63.53 -32.07
C ARG C 759 -2.85 64.14 -32.05
N LYS C 760 -1.91 63.43 -32.67
CA LYS C 760 -0.51 63.86 -32.76
C LYS C 760 -0.29 65.11 -33.63
N GLU C 761 -0.86 65.12 -34.83
CA GLU C 761 -0.75 66.25 -35.77
C GLU C 761 -1.55 67.49 -35.35
N GLY C 762 -2.80 67.27 -34.92
CA GLY C 762 -3.68 68.34 -34.48
C GLY C 762 -3.35 68.95 -33.13
N GLU C 768 -6.68 66.08 -27.38
CA GLU C 768 -7.24 64.73 -27.28
C GLU C 768 -8.71 64.69 -27.66
N GLU C 769 -9.04 63.81 -28.61
CA GLU C 769 -10.41 63.64 -29.10
C GLU C 769 -11.14 62.43 -28.49
N GLU C 770 -12.36 62.17 -28.95
CA GLU C 770 -13.19 61.06 -28.49
C GLU C 770 -13.00 59.75 -29.27
N ILE C 771 -13.32 58.63 -28.61
CA ILE C 771 -13.21 57.29 -29.20
C ILE C 771 -14.58 56.83 -29.72
N GLU C 772 -14.60 56.30 -30.95
CA GLU C 772 -15.83 55.82 -31.60
C GLU C 772 -15.86 54.27 -31.70
N PRO C 773 -16.78 53.61 -30.95
CA PRO C 773 -16.90 52.14 -30.98
C PRO C 773 -17.84 51.59 -32.07
N VAL C 774 -18.27 52.46 -32.99
CA VAL C 774 -19.19 52.11 -34.08
C VAL C 774 -18.58 51.19 -35.16
N ILE C 775 -19.38 50.23 -35.62
CA ILE C 775 -18.98 49.26 -36.64
C ILE C 775 -19.90 49.32 -37.88
N THR C 776 -19.29 49.63 -39.02
CA THR C 776 -20.01 49.75 -40.30
C THR C 776 -19.88 48.49 -41.17
N MET C 777 -20.38 48.55 -42.40
CA MET C 777 -20.36 47.43 -43.35
C MET C 777 -19.01 47.11 -43.98
N GLU C 778 -18.18 48.14 -44.20
CA GLU C 778 -16.84 47.99 -44.80
C GLU C 778 -15.95 47.03 -43.99
N ASP C 779 -16.09 47.09 -42.67
CA ASP C 779 -15.36 46.24 -41.73
C ASP C 779 -15.81 44.79 -41.88
N TRP C 780 -17.13 44.59 -41.97
CA TRP C 780 -17.76 43.28 -42.16
C TRP C 780 -17.34 42.63 -43.47
N GLU C 781 -17.39 43.41 -44.55
CA GLU C 781 -17.01 42.96 -45.90
C GLU C 781 -15.56 42.46 -46.00
N LYS C 782 -14.62 43.23 -45.46
CA LYS C 782 -13.18 42.85 -45.44
C LYS C 782 -12.93 41.56 -44.67
N ALA C 783 -13.51 41.48 -43.47
CA ALA C 783 -13.42 40.30 -42.60
C ALA C 783 -13.99 39.05 -43.28
N LEU C 784 -15.14 39.24 -43.92
CA LEU C 784 -15.86 38.22 -44.69
C LEU C 784 -15.01 37.63 -45.83
N ASN C 785 -14.35 38.51 -46.58
CA ASN C 785 -13.45 38.11 -47.69
C ASN C 785 -12.34 37.15 -47.27
N GLU C 786 -11.68 37.47 -46.16
CA GLU C 786 -10.59 36.64 -45.61
C GLU C 786 -10.94 35.28 -44.99
N VAL C 787 -11.87 35.27 -44.03
CA VAL C 787 -12.29 34.05 -43.30
C VAL C 787 -12.81 32.86 -44.13
N LYS C 788 -12.32 31.67 -43.78
CA LYS C 788 -12.67 30.39 -44.42
C LYS C 788 -13.33 29.43 -43.40
N PRO C 789 -14.21 28.51 -43.86
CA PRO C 789 -14.88 27.55 -42.96
C PRO C 789 -13.99 26.49 -42.28
N SER C 790 -14.52 25.89 -41.21
CA SER C 790 -13.83 24.86 -40.43
C SER C 790 -14.15 23.42 -40.81
N VAL C 791 -15.43 23.05 -40.70
CA VAL C 791 -15.90 21.70 -41.04
C VAL C 791 -16.08 21.60 -42.55
N LYS C 792 -15.51 20.54 -43.14
CA LYS C 792 -15.57 20.32 -44.59
C LYS C 792 -16.61 19.32 -45.09
N ASP C 793 -16.50 18.06 -44.68
CA ASP C 793 -17.42 17.00 -45.12
C ASP C 793 -18.50 16.58 -44.11
N PRO C 794 -19.79 16.86 -44.41
CA PRO C 794 -20.91 16.50 -43.52
C PRO C 794 -21.37 15.03 -43.68
N GLU C 795 -20.84 14.37 -44.71
CA GLU C 795 -21.13 12.97 -45.06
C GLU C 795 -20.78 11.98 -43.95
N LYS C 796 -19.68 12.25 -43.25
CA LYS C 796 -19.18 11.43 -42.15
C LYS C 796 -20.20 11.32 -41.00
N TYR C 797 -20.68 12.47 -40.53
CA TYR C 797 -21.66 12.58 -39.44
C TYR C 797 -23.04 11.99 -39.76
N MET C 798 -23.57 12.32 -40.93
CA MET C 798 -24.88 11.84 -41.39
C MET C 798 -25.04 10.34 -41.65
N HIS C 799 -24.09 9.76 -42.39
CA HIS C 799 -24.10 8.32 -42.71
C HIS C 799 -23.82 7.39 -41.53
N SER C 800 -22.76 7.70 -40.79
CA SER C 800 -22.34 6.89 -39.62
C SER C 800 -23.17 7.14 -38.37
N ARG D 193 -10.00 32.63 32.86
CA ARG D 193 -10.60 33.73 32.06
C ARG D 193 -9.75 34.05 30.84
N THR D 194 -10.41 34.32 29.71
CA THR D 194 -9.74 34.64 28.44
C THR D 194 -10.37 35.88 27.76
N PRO D 195 -9.80 37.09 28.00
CA PRO D 195 -10.28 38.37 27.42
C PRO D 195 -9.84 38.54 25.94
N PRO D 196 -10.53 39.41 25.15
CA PRO D 196 -10.16 39.63 23.74
C PRO D 196 -8.82 40.35 23.46
N THR D 197 -8.32 40.19 22.23
CA THR D 197 -7.05 40.78 21.79
C THR D 197 -7.22 42.07 20.96
N LYS D 198 -6.13 42.81 20.79
CA LYS D 198 -6.11 44.07 20.04
C LYS D 198 -5.43 43.94 18.67
N VAL D 199 -6.21 43.59 17.66
CA VAL D 199 -5.75 43.43 16.27
C VAL D 199 -6.43 44.52 15.43
N SER D 200 -5.74 44.98 14.38
CA SER D 200 -6.24 46.03 13.48
C SER D 200 -7.30 45.51 12.50
N ILE D 201 -8.46 46.16 12.51
CA ILE D 201 -9.62 45.83 11.67
C ILE D 201 -9.47 46.49 10.29
N LEU D 202 -8.65 47.54 10.23
CA LEU D 202 -8.39 48.30 9.02
C LEU D 202 -7.31 47.64 8.14
N ASP D 203 -6.90 46.44 8.52
CA ASP D 203 -5.87 45.67 7.81
C ASP D 203 -6.42 44.77 6.70
N ILE D 204 -7.63 44.25 6.89
CA ILE D 204 -8.25 43.37 5.90
C ILE D 204 -9.21 44.16 4.98
N ALA D 205 -9.07 43.93 3.68
CA ALA D 205 -9.88 44.59 2.66
C ALA D 205 -10.00 43.73 1.40
N GLY D 206 -11.01 44.03 0.58
CA GLY D 206 -11.26 43.30 -0.66
C GLY D 206 -12.30 42.21 -0.49
N VAL D 207 -12.82 42.12 0.72
CA VAL D 207 -13.83 41.15 1.11
C VAL D 207 -15.15 41.86 1.46
N ASP D 208 -15.58 42.78 0.60
CA ASP D 208 -16.80 43.57 0.80
C ASP D 208 -18.10 42.79 0.99
N ASP D 209 -18.44 41.95 -0.01
CA ASP D 209 -19.66 41.13 0.01
C ASP D 209 -19.70 40.09 1.13
N THR D 210 -18.59 39.37 1.30
CA THR D 210 -18.44 38.34 2.33
C THR D 210 -18.50 38.89 3.75
N LEU D 211 -17.79 40.00 4.00
CA LEU D 211 -17.78 40.66 5.33
C LEU D 211 -19.17 41.14 5.71
N GLN D 212 -19.92 41.66 4.73
CA GLN D 212 -21.32 42.09 4.91
C GLN D 212 -22.20 40.95 5.40
N ARG D 213 -22.12 39.79 4.72
CA ARG D 213 -22.87 38.59 5.10
C ARG D 213 -22.55 38.14 6.53
N LEU D 214 -21.25 38.10 6.83
CA LEU D 214 -20.73 37.73 8.16
C LEU D 214 -21.31 38.65 9.23
N LEU D 215 -21.28 39.97 8.96
CA LEU D 215 -21.82 41.00 9.84
C LEU D 215 -23.30 40.73 10.18
N LYS D 216 -24.11 40.48 9.14
CA LYS D 216 -25.54 40.18 9.29
C LYS D 216 -25.82 38.98 10.21
N GLU D 217 -25.11 37.87 9.96
CA GLU D 217 -25.23 36.64 10.72
C GLU D 217 -24.72 36.68 12.17
N VAL D 218 -23.66 37.45 12.40
CA VAL D 218 -23.01 37.54 13.72
C VAL D 218 -23.45 38.72 14.60
N TRP D 219 -23.76 39.87 14.01
CA TRP D 219 -24.15 41.07 14.75
C TRP D 219 -25.40 40.95 15.63
N PHE D 220 -26.51 40.53 15.05
CA PHE D 220 -27.79 40.40 15.77
C PHE D 220 -27.73 39.50 17.03
N PRO D 221 -27.24 38.23 16.94
CA PRO D 221 -27.20 37.40 18.15
C PRO D 221 -26.26 37.86 19.28
N LEU D 222 -25.09 38.37 18.91
CA LEU D 222 -24.10 38.85 19.87
C LEU D 222 -24.37 40.20 20.53
N ARG D 223 -24.71 41.19 19.71
CA ARG D 223 -24.95 42.56 20.17
C ARG D 223 -26.29 42.86 20.83
N GLY D 224 -27.37 42.32 20.25
CA GLY D 224 -28.71 42.54 20.78
C GLY D 224 -29.25 41.28 21.41
N GLY D 225 -28.59 40.84 22.49
CA GLY D 225 -28.96 39.64 23.22
C GLY D 225 -30.32 39.66 23.89
N GLU D 226 -30.69 40.80 24.46
CA GLU D 226 -31.97 41.00 25.14
C GLU D 226 -33.16 40.85 24.19
N ALA D 227 -33.00 41.38 22.98
CA ALA D 227 -34.00 41.34 21.91
C ALA D 227 -34.33 39.92 21.43
N CYS D 228 -33.29 39.12 21.19
CA CYS D 228 -33.44 37.73 20.73
C CYS D 228 -34.10 36.83 21.79
N GLU D 229 -33.75 37.04 23.06
CA GLU D 229 -34.33 36.33 24.21
C GLU D 229 -35.84 36.57 24.32
N LYS D 230 -36.24 37.84 24.22
CA LYS D 230 -37.65 38.27 24.27
C LYS D 230 -38.51 37.69 23.16
N MET D 231 -37.99 37.73 21.93
CA MET D 231 -38.67 37.20 20.74
C MET D 231 -38.87 35.68 20.76
N GLY D 232 -37.84 34.95 21.19
CA GLY D 232 -37.90 33.49 21.28
C GLY D 232 -37.50 32.75 20.02
N TYR D 233 -37.09 33.48 18.99
CA TYR D 233 -36.67 32.91 17.70
C TYR D 233 -35.22 32.42 17.78
N ARG D 234 -34.88 31.39 17.00
CA ARG D 234 -33.53 30.82 16.98
C ARG D 234 -32.61 31.40 15.89
N TYR D 235 -31.31 31.45 16.20
CA TYR D 235 -30.28 32.01 15.30
C TYR D 235 -29.20 31.06 14.75
N ASP D 236 -28.14 31.67 14.16
CA ASP D 236 -27.00 30.94 13.56
C ASP D 236 -25.98 30.47 14.60
N ASN D 237 -25.60 29.20 14.49
CA ASN D 237 -24.67 28.58 15.43
C ASN D 237 -23.22 28.45 14.93
N GLY D 238 -23.04 27.80 13.78
CA GLY D 238 -21.71 27.58 13.24
C GLY D 238 -21.40 28.26 11.92
N VAL D 239 -20.25 28.93 11.88
CA VAL D 239 -19.77 29.64 10.68
C VAL D 239 -18.42 29.06 10.25
N LEU D 240 -18.41 28.43 9.07
CA LEU D 240 -17.20 27.83 8.50
C LEU D 240 -16.56 28.69 7.43
N LEU D 241 -15.27 28.99 7.60
CA LEU D 241 -14.50 29.79 6.66
C LEU D 241 -13.55 28.87 5.89
N HIS D 242 -13.66 28.88 4.56
CA HIS D 242 -12.78 28.06 3.73
C HIS D 242 -12.07 28.86 2.64
N GLY D 243 -11.04 28.24 2.06
CA GLY D 243 -10.24 28.87 1.01
C GLY D 243 -8.78 28.46 1.16
N PRO D 244 -7.85 28.94 0.28
CA PRO D 244 -6.42 28.59 0.37
C PRO D 244 -5.69 29.10 1.63
N SER D 245 -4.46 28.61 1.84
CA SER D 245 -3.63 29.00 2.99
C SER D 245 -3.14 30.45 2.87
N GLY D 246 -3.10 31.14 4.02
CA GLY D 246 -2.65 32.53 4.05
C GLY D 246 -3.65 33.55 3.52
N CYS D 247 -4.91 33.12 3.36
CA CYS D 247 -5.99 33.97 2.84
C CYS D 247 -6.57 34.94 3.86
N GLY D 248 -6.05 34.89 5.09
CA GLY D 248 -6.50 35.76 6.15
C GLY D 248 -7.66 35.26 6.96
N LYS D 249 -7.80 33.93 7.04
CA LYS D 249 -8.87 33.30 7.79
C LYS D 249 -8.71 33.52 9.29
N THR D 250 -7.49 33.26 9.78
CA THR D 250 -7.13 33.43 11.20
C THR D 250 -7.24 34.90 11.61
N THR D 251 -6.74 35.79 10.74
CA THR D 251 -6.78 37.23 10.98
C THR D 251 -8.21 37.80 11.04
N LEU D 252 -9.05 37.37 10.09
CA LEU D 252 -10.46 37.78 10.00
C LEU D 252 -11.18 37.45 11.30
N ALA D 253 -10.99 36.22 11.79
CA ALA D 253 -11.58 35.74 13.05
C ALA D 253 -11.14 36.59 14.24
N HIS D 254 -9.82 36.83 14.34
CA HIS D 254 -9.21 37.67 15.37
C HIS D 254 -9.75 39.10 15.35
N ALA D 255 -9.85 39.65 14.15
CA ALA D 255 -10.39 41.00 13.88
C ALA D 255 -11.83 41.15 14.36
N ILE D 256 -12.67 40.19 13.95
CA ILE D 256 -14.09 40.13 14.31
C ILE D 256 -14.30 40.11 15.82
N ALA D 257 -13.48 39.31 16.52
CA ALA D 257 -13.51 39.22 17.98
C ALA D 257 -13.22 40.58 18.64
N GLY D 258 -12.11 41.20 18.22
CA GLY D 258 -11.71 42.50 18.74
C GLY D 258 -12.70 43.62 18.47
N SER D 259 -13.21 43.67 17.23
CA SER D 259 -14.21 44.66 16.80
C SER D 259 -15.53 44.62 17.59
N ILE D 260 -16.09 43.41 17.75
CA ILE D 260 -17.33 43.22 18.51
C ILE D 260 -17.08 43.44 20.01
N GLY D 261 -15.96 42.92 20.50
CA GLY D 261 -15.60 43.10 21.90
C GLY D 261 -16.00 41.94 22.79
N VAL D 262 -16.29 40.80 22.15
CA VAL D 262 -16.70 39.58 22.85
C VAL D 262 -15.49 38.75 23.28
N ALA D 263 -15.71 37.75 24.14
CA ALA D 263 -14.64 36.89 24.64
C ALA D 263 -14.16 35.90 23.58
N PHE D 264 -12.84 35.85 23.39
CA PHE D 264 -12.25 34.99 22.37
C PHE D 264 -11.57 33.75 22.98
N ILE D 265 -12.06 32.58 22.57
CA ILE D 265 -11.52 31.29 23.03
C ILE D 265 -10.87 30.65 21.79
N PRO D 266 -9.53 30.70 21.68
CA PRO D 266 -8.83 30.11 20.52
C PRO D 266 -8.54 28.62 20.71
N VAL D 267 -9.12 27.80 19.83
CA VAL D 267 -8.90 26.36 19.88
C VAL D 267 -8.13 26.00 18.61
N SER D 268 -6.84 25.77 18.77
CA SER D 268 -5.96 25.38 17.66
C SER D 268 -6.03 23.86 17.54
N ALA D 269 -5.63 23.34 16.38
CA ALA D 269 -5.67 21.91 16.10
C ALA D 269 -5.05 20.92 17.13
N PRO D 270 -3.86 21.23 17.71
CA PRO D 270 -3.32 20.25 18.69
C PRO D 270 -3.30 20.72 20.14
N SER D 271 -3.98 21.83 20.44
CA SER D 271 -4.02 22.41 21.79
C SER D 271 -4.83 21.64 22.84
N VAL D 272 -5.77 20.81 22.38
CA VAL D 272 -6.63 20.02 23.27
C VAL D 272 -6.16 18.60 23.58
N ILE D 273 -5.26 18.07 22.74
CA ILE D 273 -4.72 16.71 22.87
C ILE D 273 -3.74 16.59 24.07
N GLY D 274 -3.94 15.54 24.87
CA GLY D 274 -3.11 15.29 26.03
C GLY D 274 -2.27 14.02 25.93
N GLY D 275 -1.75 13.58 27.08
CA GLY D 275 -0.91 12.38 27.14
C GLY D 275 -1.67 11.07 27.27
N THR D 276 -2.53 10.99 28.29
CA THR D 276 -3.36 9.80 28.55
C THR D 276 -4.65 9.79 27.72
N SER D 277 -5.20 8.58 27.53
CA SER D 277 -6.44 8.39 26.76
C SER D 277 -7.68 8.69 27.61
N GLY D 278 -7.98 9.99 27.72
CA GLY D 278 -9.12 10.46 28.49
C GLY D 278 -9.03 11.95 28.76
N GLU D 279 -7.80 12.45 28.86
CA GLU D 279 -7.50 13.86 29.11
C GLU D 279 -7.97 14.76 27.97
N SER D 280 -7.84 14.24 26.73
CA SER D 280 -8.24 14.94 25.51
C SER D 280 -9.74 15.25 25.52
N GLU D 281 -10.53 14.22 25.81
CA GLU D 281 -12.00 14.30 25.88
C GLU D 281 -12.48 15.20 27.02
N LYS D 282 -11.83 15.07 28.18
CA LYS D 282 -12.11 15.87 29.38
C LYS D 282 -11.94 17.37 29.07
N ASN D 283 -10.83 17.71 28.37
CA ASN D 283 -10.55 19.08 27.95
C ASN D 283 -11.61 19.66 27.02
N ILE D 284 -12.05 18.87 26.02
CA ILE D 284 -13.11 19.27 25.08
C ILE D 284 -14.39 19.64 25.85
N ARG D 285 -14.76 18.81 26.83
CA ARG D 285 -15.91 19.03 27.70
C ARG D 285 -15.77 20.35 28.46
N ASP D 286 -14.64 20.55 29.13
CA ASP D 286 -14.32 21.76 29.91
C ASP D 286 -14.39 23.05 29.07
N VAL D 287 -13.90 22.97 27.82
CA VAL D 287 -13.93 24.07 26.84
C VAL D 287 -15.39 24.49 26.59
N PHE D 288 -16.23 23.52 26.21
CA PHE D 288 -17.65 23.77 25.97
C PHE D 288 -18.41 24.21 27.22
N ASP D 289 -18.10 23.60 28.36
CA ASP D 289 -18.71 23.93 29.67
C ASP D 289 -18.45 25.39 30.12
N GLU D 290 -17.18 25.81 30.08
CA GLU D 290 -16.79 27.18 30.44
C GLU D 290 -17.38 28.19 29.44
N ALA D 291 -17.34 27.82 28.16
CA ALA D 291 -17.89 28.62 27.06
C ALA D 291 -19.38 28.92 27.19
N ILE D 292 -20.20 27.90 27.46
CA ILE D 292 -21.64 28.10 27.66
C ILE D 292 -21.94 28.92 28.91
N ARG D 293 -21.18 28.68 29.99
CA ARG D 293 -21.30 29.41 31.26
C ARG D 293 -21.09 30.92 31.10
N LEU D 294 -19.99 31.31 30.42
CA LEU D 294 -19.65 32.71 30.16
C LEU D 294 -20.10 33.16 28.75
N ALA D 295 -20.85 34.26 28.68
CA ALA D 295 -21.37 34.79 27.41
C ALA D 295 -21.37 36.34 27.37
N PRO D 296 -21.25 36.97 26.18
CA PRO D 296 -21.07 36.49 24.79
C PRO D 296 -19.63 36.13 24.41
N CYS D 297 -19.48 35.00 23.73
CA CYS D 297 -18.17 34.50 23.32
C CYS D 297 -18.08 33.97 21.89
N LEU D 298 -16.85 33.92 21.39
CA LEU D 298 -16.54 33.40 20.07
C LEU D 298 -15.49 32.31 20.15
N ILE D 299 -15.92 31.08 19.86
CA ILE D 299 -15.03 29.91 19.87
C ILE D 299 -14.49 29.76 18.45
N PHE D 300 -13.17 29.78 18.32
CA PHE D 300 -12.53 29.64 17.02
C PHE D 300 -11.72 28.35 16.89
N LEU D 301 -12.17 27.50 15.97
CA LEU D 301 -11.53 26.22 15.68
C LEU D 301 -10.63 26.39 14.45
N ASP D 302 -9.34 26.64 14.69
CA ASP D 302 -8.37 26.84 13.62
C ASP D 302 -7.82 25.48 13.19
N GLN D 303 -7.81 25.25 11.87
CA GLN D 303 -7.35 23.99 11.24
C GLN D 303 -8.09 22.79 11.82
N ILE D 304 -9.30 22.54 11.30
CA ILE D 304 -10.15 21.48 11.81
C ILE D 304 -9.98 20.06 11.20
N ASP D 305 -9.32 19.96 10.05
CA ASP D 305 -9.09 18.66 9.39
C ASP D 305 -8.14 17.72 10.14
N ALA D 306 -7.37 18.29 11.06
CA ALA D 306 -6.41 17.56 11.89
C ALA D 306 -7.10 16.88 13.08
N ILE D 307 -8.21 17.47 13.52
CA ILE D 307 -9.00 16.97 14.64
C ILE D 307 -10.09 16.03 14.12
N ALA D 308 -10.91 16.56 13.21
CA ALA D 308 -12.03 15.81 12.65
C ALA D 308 -11.94 15.53 11.14
N GLY D 309 -11.17 14.50 10.80
CA GLY D 309 -11.04 14.06 9.42
C GLY D 309 -12.11 13.01 9.22
N ARG D 310 -12.16 12.39 8.04
CA ARG D 310 -13.15 11.34 7.76
C ARG D 310 -12.90 10.14 8.67
N ARG D 311 -13.96 9.64 9.32
CA ARG D 311 -13.85 8.51 10.24
C ARG D 311 -13.50 7.16 9.62
N GLU D 312 -13.53 7.11 8.28
CA GLU D 312 -13.16 5.91 7.52
C GLU D 312 -11.64 5.92 7.27
N SER D 313 -11.07 7.12 7.18
CA SER D 313 -9.64 7.32 6.95
C SER D 313 -8.82 7.26 8.24
N ALA D 314 -9.53 7.24 9.37
CA ALA D 314 -8.94 7.16 10.70
C ALA D 314 -9.26 5.81 11.32
N ASN D 315 -8.25 4.94 11.41
CA ASN D 315 -8.41 3.60 11.96
C ASN D 315 -8.13 3.53 13.47
N LYS D 316 -7.93 4.70 14.08
CA LYS D 316 -7.66 4.82 15.52
C LYS D 316 -8.96 4.99 16.30
N GLY D 317 -9.00 4.41 17.51
CA GLY D 317 -10.17 4.49 18.37
C GLY D 317 -10.31 5.80 19.14
N MET D 318 -9.25 6.60 19.13
CA MET D 318 -9.22 7.89 19.81
C MET D 318 -9.79 9.01 18.95
N GLU D 319 -9.44 8.99 17.66
CA GLU D 319 -9.89 10.00 16.69
C GLU D 319 -11.40 10.03 16.48
N SER D 320 -12.00 8.84 16.37
CA SER D 320 -13.45 8.66 16.21
C SER D 320 -14.19 9.15 17.46
N ARG D 321 -13.58 8.89 18.63
CA ARG D 321 -14.10 9.29 19.93
C ARG D 321 -14.13 10.81 20.09
N ILE D 322 -13.11 11.49 19.55
CA ILE D 322 -13.00 12.95 19.59
C ILE D 322 -14.11 13.60 18.76
N VAL D 323 -14.37 13.07 17.55
CA VAL D 323 -15.44 13.55 16.66
C VAL D 323 -16.78 13.48 17.40
N ALA D 324 -17.00 12.35 18.08
CA ALA D 324 -18.18 12.11 18.91
C ALA D 324 -18.35 13.16 20.02
N GLU D 325 -17.26 13.50 20.70
CA GLU D 325 -17.24 14.53 21.76
C GLU D 325 -17.71 15.90 21.24
N ILE D 326 -17.23 16.27 20.05
CA ILE D 326 -17.60 17.52 19.38
C ILE D 326 -19.11 17.56 19.12
N MET D 327 -19.64 16.47 18.54
CA MET D 327 -21.07 16.31 18.22
C MET D 327 -21.95 16.49 19.46
N ASN D 328 -21.56 15.84 20.55
CA ASN D 328 -22.25 15.91 21.85
C ASN D 328 -22.30 17.36 22.36
N GLY D 329 -21.14 18.04 22.29
CA GLY D 329 -21.02 19.43 22.68
C GLY D 329 -21.96 20.37 21.92
N MET D 330 -22.02 20.17 20.59
CA MET D 330 -22.89 20.93 19.69
C MET D 330 -24.37 20.87 20.09
N ASP D 331 -24.83 19.65 20.41
CA ASP D 331 -26.20 19.41 20.88
C ASP D 331 -26.52 20.13 22.20
N ARG D 332 -25.58 20.05 23.17
CA ARG D 332 -25.72 20.71 24.48
C ARG D 332 -25.97 22.22 24.37
N ILE D 333 -25.24 22.86 23.45
CA ILE D 333 -25.39 24.30 23.16
C ILE D 333 -26.82 24.60 22.71
N ARG D 334 -27.30 23.86 21.69
CA ARG D 334 -28.66 24.02 21.14
C ARG D 334 -29.77 23.98 22.19
N GLN D 335 -29.65 23.04 23.14
CA GLN D 335 -30.60 22.89 24.25
C GLN D 335 -30.61 24.07 25.24
N ASN D 336 -29.41 24.48 25.67
CA ASN D 336 -29.23 25.60 26.60
C ASN D 336 -29.60 27.01 26.11
N THR D 337 -29.42 27.24 24.80
CA THR D 337 -29.71 28.51 24.08
C THR D 337 -30.92 29.44 24.43
N PRO D 338 -32.17 28.90 24.61
CA PRO D 338 -33.30 29.81 24.93
C PRO D 338 -33.27 30.60 26.26
N LEU D 339 -32.30 30.29 27.14
CA LEU D 339 -32.16 30.95 28.43
C LEU D 339 -31.51 32.34 28.36
N GLY D 340 -30.28 32.38 27.82
CA GLY D 340 -29.55 33.63 27.68
C GLY D 340 -28.11 33.36 27.27
N LYS D 341 -27.88 32.17 26.73
CA LYS D 341 -26.57 31.70 26.27
C LYS D 341 -26.32 32.15 24.83
N ASN D 342 -25.28 32.95 24.63
CA ASN D 342 -24.91 33.48 23.31
C ASN D 342 -23.48 33.17 22.91
N VAL D 343 -23.28 32.04 22.21
CA VAL D 343 -21.97 31.62 21.73
C VAL D 343 -22.02 31.20 20.25
N VAL D 344 -21.11 31.78 19.46
CA VAL D 344 -21.02 31.46 18.04
C VAL D 344 -19.69 30.75 17.79
N VAL D 345 -19.77 29.61 17.11
CA VAL D 345 -18.60 28.80 16.81
C VAL D 345 -18.09 29.05 15.38
N LEU D 346 -16.91 29.67 15.32
CA LEU D 346 -16.23 29.97 14.07
C LEU D 346 -15.22 28.86 13.81
N ALA D 347 -14.99 28.55 12.53
CA ALA D 347 -14.04 27.50 12.15
C ALA D 347 -13.35 27.81 10.83
N ALA D 348 -12.09 27.40 10.73
CA ALA D 348 -11.29 27.62 9.53
C ALA D 348 -10.63 26.35 9.03
N THR D 349 -10.75 26.11 7.72
CA THR D 349 -10.17 24.95 7.06
C THR D 349 -9.61 25.34 5.70
N ASN D 350 -8.68 24.54 5.20
CA ASN D 350 -8.02 24.77 3.91
C ASN D 350 -8.61 23.90 2.79
N ARG D 351 -9.23 22.78 3.19
CA ARG D 351 -9.84 21.82 2.27
C ARG D 351 -11.15 21.21 2.79
N PRO D 352 -12.28 21.45 2.08
CA PRO D 352 -13.60 20.93 2.48
C PRO D 352 -13.83 19.42 2.30
N GLU D 353 -13.09 18.83 1.35
CA GLU D 353 -13.18 17.41 1.01
C GLU D 353 -12.63 16.47 2.08
N PHE D 354 -11.67 16.96 2.86
CA PHE D 354 -11.04 16.18 3.93
C PHE D 354 -11.89 16.11 5.20
N LEU D 355 -12.83 17.04 5.34
CA LEU D 355 -13.73 17.09 6.49
C LEU D 355 -14.77 15.99 6.43
N ASP D 356 -15.14 15.49 7.60
CA ASP D 356 -16.15 14.42 7.75
C ASP D 356 -17.54 14.99 7.39
N PRO D 357 -18.25 14.34 6.43
CA PRO D 357 -19.59 14.77 6.00
C PRO D 357 -20.58 15.03 7.15
N ALA D 358 -20.37 14.33 8.26
CA ALA D 358 -21.19 14.46 9.47
C ALA D 358 -21.09 15.86 10.12
N ILE D 359 -19.87 16.36 10.31
CA ILE D 359 -19.65 17.70 10.87
C ILE D 359 -20.08 18.81 9.91
N ARG D 360 -19.95 18.56 8.61
CA ARG D 360 -20.37 19.49 7.54
C ARG D 360 -21.86 19.81 7.70
N ARG D 361 -22.66 18.77 7.93
CA ARG D 361 -24.12 18.88 8.17
C ARG D 361 -24.43 19.70 9.41
N ARG D 362 -23.68 19.47 10.50
CA ARG D 362 -23.82 20.23 11.76
C ARG D 362 -23.64 21.73 11.56
N PHE D 363 -22.63 22.11 10.77
CA PHE D 363 -22.35 23.51 10.44
C PHE D 363 -23.32 24.02 9.38
N SER D 364 -23.92 25.19 9.64
CA SER D 364 -24.91 25.78 8.75
C SER D 364 -24.47 26.88 7.78
N VAL D 365 -23.68 27.83 8.27
CA VAL D 365 -23.22 28.96 7.45
C VAL D 365 -21.80 28.73 6.94
N GLU D 366 -21.59 29.03 5.66
CA GLU D 366 -20.30 28.87 4.99
C GLU D 366 -19.89 30.11 4.18
N ILE D 367 -18.66 30.57 4.39
CA ILE D 367 -18.10 31.73 3.69
C ILE D 367 -16.83 31.33 2.93
N ASP D 368 -16.81 31.66 1.63
CA ASP D 368 -15.69 31.37 0.75
C ASP D 368 -14.76 32.58 0.64
N MET D 369 -13.56 32.44 1.21
CA MET D 369 -12.52 33.47 1.19
C MET D 369 -11.54 33.06 0.09
N GLY D 370 -11.91 33.36 -1.16
CA GLY D 370 -11.10 33.01 -2.31
C GLY D 370 -10.03 33.97 -2.78
N MET D 371 -9.96 34.11 -4.11
CA MET D 371 -9.00 34.97 -4.82
C MET D 371 -9.45 36.43 -5.09
N PRO D 372 -8.55 37.43 -4.82
CA PRO D 372 -8.83 38.86 -5.03
C PRO D 372 -8.82 39.34 -6.50
N SER D 373 -9.34 40.57 -6.71
CA SER D 373 -9.41 41.22 -8.02
C SER D 373 -8.49 42.45 -8.05
N GLU D 374 -8.53 43.22 -9.13
CA GLU D 374 -7.71 44.44 -9.31
C GLU D 374 -7.97 45.48 -8.22
N ARG D 375 -9.27 45.71 -7.98
CA ARG D 375 -9.77 46.66 -6.98
C ARG D 375 -9.40 46.20 -5.57
N ALA D 376 -9.56 44.89 -5.35
CA ALA D 376 -9.27 44.23 -4.07
C ALA D 376 -7.79 44.33 -3.70
N ARG D 377 -6.91 44.04 -4.66
CA ARG D 377 -5.46 44.11 -4.48
C ARG D 377 -5.01 45.52 -4.10
N GLU D 378 -5.59 46.52 -4.78
CA GLU D 378 -5.35 47.96 -4.55
C GLU D 378 -5.62 48.28 -3.08
N GLN D 379 -6.78 47.82 -2.59
CA GLN D 379 -7.21 47.98 -1.21
C GLN D 379 -6.25 47.33 -0.21
N ILE D 380 -5.83 46.09 -0.49
CA ILE D 380 -4.86 45.35 0.34
C ILE D 380 -3.53 46.12 0.43
N LEU D 381 -3.04 46.59 -0.71
CA LEU D 381 -1.80 47.38 -0.79
C LEU D 381 -1.86 48.59 0.14
N ARG D 382 -2.98 49.32 0.09
CA ARG D 382 -3.23 50.49 0.93
C ARG D 382 -3.21 50.18 2.44
N SER D 383 -3.80 49.05 2.81
CA SER D 383 -3.82 48.57 4.19
C SER D 383 -2.42 48.33 4.76
N LEU D 384 -1.57 47.70 3.96
CA LEU D 384 -0.17 47.40 4.32
C LEU D 384 0.73 48.64 4.34
N THR D 385 0.58 49.50 3.34
CA THR D 385 1.34 50.75 3.23
C THR D 385 1.03 51.80 4.30
N ARG D 386 -0.18 51.75 4.86
CA ARG D 386 -0.68 52.60 5.95
C ARG D 386 0.32 53.17 6.98
N ASP D 387 1.29 52.35 7.42
CA ASP D 387 2.31 52.76 8.40
C ASP D 387 3.60 53.31 7.77
N LEU D 388 3.73 53.16 6.45
CA LEU D 388 4.92 53.60 5.70
C LEU D 388 4.75 54.98 5.06
N SER D 389 5.88 55.67 4.88
CA SER D 389 5.93 56.99 4.26
C SER D 389 6.28 56.84 2.78
N LEU D 390 5.23 56.75 1.95
CA LEU D 390 5.36 56.58 0.50
C LEU D 390 5.69 57.90 -0.20
N ALA D 391 6.44 57.79 -1.30
CA ALA D 391 6.80 58.94 -2.10
C ALA D 391 5.65 59.25 -3.06
N ASP D 392 5.71 60.43 -3.69
CA ASP D 392 4.68 60.90 -4.63
C ASP D 392 4.62 60.15 -5.96
N ASP D 393 5.74 59.54 -6.35
CA ASP D 393 5.85 58.79 -7.62
C ASP D 393 5.20 57.40 -7.58
N ILE D 394 4.86 56.93 -6.38
CA ILE D 394 4.24 55.62 -6.18
C ILE D 394 2.74 55.67 -6.44
N ASN D 395 2.31 54.82 -7.38
CA ASN D 395 0.92 54.70 -7.74
C ASN D 395 0.51 53.25 -7.47
N PHE D 396 -0.12 53.03 -6.31
CA PHE D 396 -0.60 51.73 -5.86
C PHE D 396 -1.56 51.07 -6.87
N LYS D 397 -2.25 51.91 -7.63
CA LYS D 397 -3.18 51.49 -8.69
C LYS D 397 -2.43 50.75 -9.80
N GLU D 398 -1.26 51.29 -10.19
CA GLU D 398 -0.41 50.68 -11.23
C GLU D 398 0.15 49.34 -10.76
N LEU D 399 0.56 49.28 -9.49
CA LEU D 399 1.07 48.04 -8.88
C LEU D 399 0.01 46.94 -8.95
N ALA D 400 -1.19 47.24 -8.46
CA ALA D 400 -2.35 46.33 -8.45
C ALA D 400 -2.71 45.78 -9.83
N LYS D 401 -2.71 46.66 -10.84
CA LYS D 401 -2.99 46.31 -12.25
C LYS D 401 -2.01 45.26 -12.78
N MET D 402 -0.72 45.52 -12.57
CA MET D 402 0.35 44.62 -13.01
C MET D 402 0.77 43.57 -11.97
N THR D 403 -0.22 43.05 -11.24
CA THR D 403 -0.02 42.03 -10.20
C THR D 403 -1.13 40.97 -10.43
N PRO D 404 -0.92 40.04 -11.39
CA PRO D 404 -1.87 38.97 -11.74
C PRO D 404 -2.42 37.99 -10.68
N GLY D 405 -1.68 36.92 -10.42
CA GLY D 405 -2.12 35.90 -9.48
C GLY D 405 -1.50 35.94 -8.09
N TYR D 406 -1.50 37.11 -7.46
CA TYR D 406 -0.96 37.27 -6.12
C TYR D 406 -2.08 37.34 -5.08
N VAL D 407 -1.83 36.73 -3.92
CA VAL D 407 -2.80 36.67 -2.82
C VAL D 407 -2.46 37.73 -1.76
N GLY D 408 -3.30 37.81 -0.70
CA GLY D 408 -3.12 38.74 0.41
C GLY D 408 -1.77 38.66 1.10
N SER D 409 -1.28 37.42 1.23
CA SER D 409 0.01 37.12 1.83
C SER D 409 1.16 37.57 0.91
N ASP D 410 1.00 37.33 -0.40
CA ASP D 410 1.99 37.71 -1.42
C ASP D 410 2.22 39.21 -1.48
N LEU D 411 1.12 39.98 -1.48
CA LEU D 411 1.15 41.44 -1.47
C LEU D 411 1.84 41.97 -0.21
N GLN D 412 1.55 41.33 0.94
CA GLN D 412 2.17 41.64 2.24
C GLN D 412 3.70 41.55 2.13
N TYR D 413 4.16 40.49 1.49
CA TYR D 413 5.57 40.25 1.23
C TYR D 413 6.23 41.24 0.27
N VAL D 414 5.52 41.62 -0.80
CA VAL D 414 6.01 42.63 -1.78
C VAL D 414 6.35 43.94 -1.04
N VAL D 415 5.49 44.33 -0.10
CA VAL D 415 5.69 45.52 0.74
C VAL D 415 6.97 45.36 1.59
N LYS D 416 7.14 44.19 2.24
CA LYS D 416 8.33 43.85 3.03
C LYS D 416 9.62 43.87 2.20
N ALA D 417 9.53 43.31 0.98
CA ALA D 417 10.63 43.26 0.01
C ALA D 417 11.14 44.67 -0.35
N ALA D 418 10.22 45.60 -0.57
CA ALA D 418 10.52 47.01 -0.86
C ALA D 418 11.34 47.66 0.27
N VAL D 419 10.93 47.40 1.53
CA VAL D 419 11.62 47.90 2.73
C VAL D 419 13.12 47.51 2.73
N SER D 420 13.40 46.22 2.50
CA SER D 420 14.77 45.72 2.43
C SER D 420 15.60 46.37 1.31
N GLU D 421 14.99 46.52 0.13
CA GLU D 421 15.62 47.15 -1.05
C GLU D 421 16.07 48.60 -0.81
N SER D 422 15.23 49.37 -0.11
CA SER D 422 15.53 50.77 0.24
C SER D 422 16.74 50.91 1.16
N PHE D 423 16.82 50.06 2.19
CA PHE D 423 17.91 50.08 3.15
C PHE D 423 19.28 49.53 2.71
N GLN D 424 19.54 49.54 1.39
CA GLN D 424 20.81 49.09 0.82
C GLN D 424 21.83 50.23 0.84
N ALA D 425 21.30 51.46 0.81
CA ALA D 425 22.09 52.70 0.84
C ALA D 425 22.86 52.81 2.16
N ASN D 426 22.16 52.47 3.25
CA ASN D 426 22.71 52.47 4.60
C ASN D 426 23.82 51.44 4.77
N ILE D 427 23.68 50.29 4.10
CA ILE D 427 24.66 49.21 4.11
C ILE D 427 25.97 49.69 3.46
N ASP D 428 25.86 50.32 2.28
CA ASP D 428 27.01 50.87 1.56
C ASP D 428 27.78 51.92 2.39
N SER D 429 27.02 52.80 3.06
CA SER D 429 27.55 53.84 3.95
C SER D 429 28.38 53.25 5.10
N LEU D 430 27.81 52.24 5.77
CA LEU D 430 28.46 51.52 6.86
C LEU D 430 29.77 50.83 6.44
N LEU D 431 29.77 50.23 5.25
CA LEU D 431 30.94 49.56 4.66
C LEU D 431 32.13 50.53 4.50
N ALA D 432 31.86 51.69 3.89
CA ALA D 432 32.85 52.75 3.69
C ALA D 432 33.39 53.29 5.03
N GLN D 433 32.47 53.52 5.97
CA GLN D 433 32.76 54.00 7.33
C GLN D 433 33.66 53.02 8.11
N ALA D 434 33.32 51.73 8.05
CA ALA D 434 34.07 50.64 8.70
C ALA D 434 35.52 50.52 8.20
N ARG D 435 35.70 50.58 6.88
CA ARG D 435 37.02 50.53 6.24
C ARG D 435 37.95 51.72 6.55
N ALA D 436 37.40 52.73 7.23
CA ALA D 436 38.13 53.93 7.63
C ALA D 436 38.54 53.87 9.11
N LYS D 437 37.67 53.29 9.93
CA LYS D 437 37.92 53.13 11.38
C LYS D 437 38.94 52.02 11.64
N HIS D 438 38.68 50.85 11.04
CA HIS D 438 39.56 49.68 11.12
C HIS D 438 39.96 49.35 9.68
N PRO D 439 41.15 49.85 9.23
CA PRO D 439 41.62 49.59 7.86
C PRO D 439 41.99 48.13 7.60
N ALA D 440 42.87 47.60 8.46
CA ALA D 440 43.40 46.23 8.40
C ALA D 440 44.14 45.89 7.10
N ASP D 441 44.41 46.94 6.31
CA ASP D 441 45.09 46.89 5.00
C ASP D 441 44.47 45.92 3.98
N HIS D 442 45.18 44.83 3.68
CA HIS D 442 44.73 43.82 2.72
C HIS D 442 44.73 42.39 3.32
N LEU D 443 44.86 42.33 4.64
CA LEU D 443 44.89 41.06 5.39
C LEU D 443 43.50 40.50 5.65
N ALA D 444 42.53 41.39 5.75
CA ALA D 444 41.14 41.04 6.02
C ALA D 444 40.34 40.63 4.78
N ASN D 445 40.98 40.64 3.61
CA ASN D 445 40.30 40.28 2.36
C ASN D 445 40.87 39.15 1.50
N VAL D 446 39.98 38.22 1.16
CA VAL D 446 40.26 37.06 0.31
C VAL D 446 39.19 37.18 -0.79
N SER D 447 38.00 37.63 -0.39
CA SER D 447 36.84 37.84 -1.27
C SER D 447 36.05 39.07 -0.76
N GLN D 448 34.92 39.37 -1.40
CA GLN D 448 34.08 40.52 -1.02
C GLN D 448 33.08 40.33 0.13
N PRO D 449 32.29 39.21 0.14
CA PRO D 449 31.34 39.03 1.25
C PRO D 449 32.01 38.85 2.62
N GLN D 450 33.07 38.03 2.63
CA GLN D 450 33.84 37.73 3.83
C GLN D 450 34.47 38.93 4.51
N ARG D 451 35.01 39.87 3.72
CA ARG D 451 35.62 41.09 4.27
C ARG D 451 34.58 41.96 4.98
N ASP D 452 33.40 42.10 4.36
CA ASP D 452 32.29 42.87 4.92
C ASP D 452 31.89 42.32 6.30
N TRP D 453 31.70 41.01 6.36
CA TRP D 453 31.34 40.29 7.58
C TRP D 453 32.32 40.54 8.73
N LEU D 454 33.61 40.37 8.44
CA LEU D 454 34.70 40.58 9.40
C LEU D 454 34.72 41.97 10.06
N LEU D 455 34.53 43.02 9.25
CA LEU D 455 34.48 44.41 9.74
C LEU D 455 33.37 44.61 10.79
N LEU D 456 32.17 44.10 10.48
CA LEU D 456 31.00 44.19 11.38
C LEU D 456 31.24 43.47 12.72
N GLU D 457 31.87 42.30 12.62
CA GLU D 457 32.26 41.46 13.78
C GLU D 457 33.19 42.21 14.73
N ALA D 458 34.15 42.95 14.16
CA ALA D 458 35.10 43.77 14.92
C ALA D 458 34.43 44.89 15.73
N HIS D 459 33.48 45.59 15.09
CA HIS D 459 32.71 46.69 15.71
C HIS D 459 31.88 46.34 16.95
N ARG D 460 30.99 45.35 16.82
CA ARG D 460 30.11 44.86 17.91
C ARG D 460 29.22 45.86 18.68
N ASP D 461 29.80 46.54 19.67
CA ASP D 461 29.11 47.51 20.52
C ASP D 461 28.96 48.94 19.97
N GLU D 462 29.11 49.08 18.64
CA GLU D 462 29.00 50.37 17.97
C GLU D 462 27.58 50.61 17.45
N GLU D 463 26.86 51.54 18.10
CA GLU D 463 25.49 51.91 17.74
C GLU D 463 25.49 53.04 16.71
N VAL D 464 24.72 52.84 15.64
CA VAL D 464 24.61 53.81 14.55
C VAL D 464 23.16 54.28 14.32
N SER D 465 23.02 55.57 14.00
CA SER D 465 21.73 56.20 13.74
C SER D 465 21.32 56.03 12.27
N TRP D 466 20.13 55.48 12.07
CA TRP D 466 19.59 55.22 10.73
C TRP D 466 18.56 56.25 10.27
N PRO D 467 18.82 56.95 9.14
CA PRO D 467 17.90 57.96 8.61
C PRO D 467 16.67 57.33 7.93
N SER D 468 15.49 57.92 8.19
CA SER D 468 14.23 57.44 7.63
C SER D 468 14.04 57.93 6.19
N THR D 469 14.29 57.03 5.23
CA THR D 469 14.19 57.32 3.81
C THR D 469 12.86 56.88 3.18
N LYS D 470 12.51 57.53 2.07
CA LYS D 470 11.28 57.22 1.33
C LYS D 470 11.57 56.28 0.16
N ILE D 471 10.57 55.47 -0.16
CA ILE D 471 10.64 54.48 -1.23
C ILE D 471 10.21 55.02 -2.61
N THR D 472 10.87 54.55 -3.66
CA THR D 472 10.54 54.95 -5.04
C THR D 472 9.75 53.86 -5.74
N MET D 473 9.23 54.18 -6.94
CA MET D 473 8.46 53.25 -7.77
C MET D 473 9.39 52.20 -8.37
N GLU D 474 10.64 52.61 -8.60
CA GLU D 474 11.70 51.75 -9.14
C GLU D 474 12.04 50.62 -8.17
N GLN D 475 12.10 50.97 -6.87
CA GLN D 475 12.38 50.03 -5.78
C GLN D 475 11.29 48.97 -5.66
N PHE D 476 10.04 49.38 -5.93
CA PHE D 476 8.89 48.47 -5.90
C PHE D 476 8.97 47.47 -7.04
N ARG D 477 9.29 47.95 -8.25
CA ARG D 477 9.46 47.11 -9.44
C ARG D 477 10.56 46.05 -9.24
N LYS D 478 11.66 46.47 -8.60
CA LYS D 478 12.80 45.60 -8.27
C LYS D 478 12.32 44.51 -7.28
N ALA D 479 11.58 44.95 -6.25
CA ALA D 479 10.99 44.06 -5.24
C ALA D 479 10.04 43.03 -5.88
N VAL D 480 9.16 43.49 -6.78
CA VAL D 480 8.21 42.65 -7.52
C VAL D 480 8.90 41.54 -8.34
N SER D 481 9.99 41.89 -9.05
CA SER D 481 10.76 40.93 -9.84
C SER D 481 11.29 39.75 -9.00
N LEU D 482 11.80 40.07 -7.81
CA LEU D 482 12.32 39.07 -6.86
C LEU D 482 11.30 38.25 -6.06
N VAL D 483 10.01 38.54 -6.24
CA VAL D 483 8.94 37.82 -5.51
C VAL D 483 8.37 36.63 -6.28
N GLN D 484 7.99 35.59 -5.53
CA GLN D 484 7.39 34.37 -6.06
C GLN D 484 5.85 34.48 -5.96
N PRO D 485 5.10 34.00 -6.98
CA PRO D 485 3.63 34.08 -6.94
C PRO D 485 2.92 33.03 -6.06
N ALA D 486 3.64 32.54 -5.03
CA ALA D 486 3.18 31.51 -4.07
C ALA D 486 3.03 30.12 -4.70
N SER D 487 2.83 30.13 -6.02
CA SER D 487 2.68 28.93 -6.84
C SER D 487 3.90 28.90 -7.77
N LYS D 488 5.08 29.01 -7.16
CA LYS D 488 6.35 28.99 -7.89
C LYS D 488 6.69 27.56 -8.31
N ARG D 489 6.40 26.60 -7.43
CA ARG D 489 6.63 25.18 -7.68
C ARG D 489 5.49 24.72 -8.61
N GLU D 490 5.71 25.01 -9.89
CA GLU D 490 4.76 24.73 -10.95
C GLU D 490 5.58 24.52 -12.23
N GLY D 491 4.91 24.52 -13.39
CA GLY D 491 5.56 24.39 -14.67
C GLY D 491 5.92 25.78 -15.19
N PHE D 492 6.06 26.72 -14.25
CA PHE D 492 6.40 28.11 -14.54
C PHE D 492 7.82 28.30 -15.04
N SER D 493 7.90 28.72 -16.30
CA SER D 493 9.15 28.96 -17.00
C SER D 493 9.30 30.47 -17.20
N THR D 494 10.50 30.98 -16.91
CA THR D 494 10.79 32.41 -17.05
C THR D 494 10.95 32.86 -18.52
N ILE D 495 10.51 34.09 -18.79
CA ILE D 495 10.57 34.68 -20.12
C ILE D 495 12.00 35.10 -20.55
N PRO D 496 12.50 34.60 -21.70
CA PRO D 496 13.84 34.94 -22.21
C PRO D 496 13.97 36.38 -22.72
N ASP D 497 15.20 36.75 -23.10
CA ASP D 497 15.52 38.08 -23.61
C ASP D 497 15.18 38.30 -25.10
N THR D 498 14.25 37.51 -25.62
CA THR D 498 13.82 37.59 -27.01
C THR D 498 12.77 38.66 -27.26
N THR D 499 13.12 39.63 -28.11
CA THR D 499 12.24 40.74 -28.48
C THR D 499 11.95 40.64 -29.99
N TRP D 500 11.29 41.66 -30.53
CA TRP D 500 10.95 41.71 -31.96
C TRP D 500 12.16 41.97 -32.85
N SER D 501 13.19 42.57 -32.26
CA SER D 501 14.44 42.89 -32.94
C SER D 501 15.27 41.65 -33.28
N HIS D 502 14.94 40.54 -32.63
CA HIS D 502 15.60 39.24 -32.84
C HIS D 502 14.97 38.49 -34.00
N VAL D 503 13.77 38.91 -34.39
CA VAL D 503 13.02 38.30 -35.48
C VAL D 503 13.11 39.18 -36.73
N GLY D 504 13.70 38.63 -37.78
CA GLY D 504 13.84 39.34 -39.05
C GLY D 504 12.58 39.21 -39.88
N ALA D 505 12.01 40.36 -40.26
CA ALA D 505 10.78 40.48 -41.06
C ALA D 505 9.52 39.99 -40.31
N LEU D 506 8.58 39.37 -41.04
CA LEU D 506 7.30 38.85 -40.51
C LEU D 506 6.47 39.93 -39.80
N GLU D 507 6.57 41.16 -40.32
CA GLU D 507 5.89 42.34 -39.79
C GLU D 507 4.37 42.23 -39.74
N ASP D 508 3.80 41.52 -40.71
CA ASP D 508 2.36 41.28 -40.81
C ASP D 508 1.89 40.39 -39.65
N VAL D 509 2.68 39.33 -39.42
CA VAL D 509 2.44 38.35 -38.35
C VAL D 509 2.55 39.04 -36.99
N ARG D 510 3.55 39.91 -36.84
CA ARG D 510 3.80 40.68 -35.61
C ARG D 510 2.58 41.49 -35.21
N LYS D 511 2.01 42.23 -36.18
CA LYS D 511 0.80 43.05 -35.99
C LYS D 511 -0.42 42.23 -35.56
N LYS D 512 -0.63 41.10 -36.24
CA LYS D 512 -1.74 40.16 -35.95
C LYS D 512 -1.65 39.63 -34.51
N LEU D 513 -0.44 39.25 -34.12
CA LEU D 513 -0.13 38.75 -32.77
C LEU D 513 -0.40 39.80 -31.70
N GLU D 514 0.03 41.04 -31.98
CA GLU D 514 -0.19 42.19 -31.09
C GLU D 514 -1.67 42.37 -30.82
N MET D 515 -2.48 42.36 -31.89
CA MET D 515 -3.94 42.48 -31.82
C MET D 515 -4.58 41.47 -30.86
N SER D 516 -4.31 40.19 -31.15
CA SER D 516 -4.83 39.07 -30.36
C SER D 516 -4.41 38.96 -28.89
N ILE D 517 -3.11 38.96 -28.61
CA ILE D 517 -2.61 38.82 -27.23
C ILE D 517 -2.39 40.09 -26.39
N ILE D 518 -1.74 41.09 -26.98
CA ILE D 518 -1.38 42.33 -26.29
C ILE D 518 -2.60 43.22 -26.18
N GLY D 519 -3.52 43.06 -27.14
CA GLY D 519 -4.75 43.83 -27.17
C GLY D 519 -5.55 43.61 -25.91
N PRO D 520 -5.96 42.36 -25.59
CA PRO D 520 -6.74 42.13 -24.36
C PRO D 520 -6.01 42.32 -23.02
N ILE D 521 -4.72 41.96 -22.96
CA ILE D 521 -3.94 42.13 -21.73
C ILE D 521 -3.73 43.59 -21.32
N LYS D 522 -3.23 44.40 -22.25
CA LYS D 522 -2.96 45.82 -22.01
C LYS D 522 -4.17 46.75 -22.06
N ASN D 523 -5.12 46.45 -22.95
CA ASN D 523 -6.35 47.26 -23.11
C ASN D 523 -7.71 46.54 -22.89
N PRO D 524 -8.02 46.12 -21.62
CA PRO D 524 -9.29 45.44 -21.32
C PRO D 524 -10.49 46.37 -21.53
N GLU D 525 -10.25 47.66 -21.27
CA GLU D 525 -11.24 48.74 -21.39
C GLU D 525 -11.81 48.82 -22.81
N LEU D 526 -10.91 48.72 -23.79
CA LEU D 526 -11.24 48.76 -25.22
C LEU D 526 -12.16 47.60 -25.61
N PHE D 527 -11.77 46.38 -25.22
CA PHE D 527 -12.54 45.17 -25.51
C PHE D 527 -13.94 45.09 -24.91
N THR D 528 -14.08 45.52 -23.66
CA THR D 528 -15.37 45.56 -22.96
C THR D 528 -16.34 46.55 -23.61
N ARG D 529 -15.82 47.74 -23.97
CA ARG D 529 -16.58 48.78 -24.66
C ARG D 529 -17.12 48.41 -26.04
N VAL D 530 -16.28 47.79 -26.88
CA VAL D 530 -16.69 47.35 -28.22
C VAL D 530 -17.69 46.19 -28.20
N GLY D 531 -17.47 45.23 -27.29
CA GLY D 531 -18.40 44.12 -27.15
C GLY D 531 -17.94 42.71 -27.43
N ILE D 532 -16.67 42.51 -27.78
CA ILE D 532 -16.17 41.16 -28.06
C ILE D 532 -15.42 40.50 -26.92
N LYS D 533 -15.52 39.16 -26.89
CA LYS D 533 -14.88 38.31 -25.89
C LYS D 533 -13.39 38.16 -26.25
N PRO D 534 -12.50 38.10 -25.23
CA PRO D 534 -11.07 37.96 -25.52
C PRO D 534 -10.71 36.60 -26.14
N ALA D 535 -9.63 36.59 -26.92
CA ALA D 535 -9.12 35.40 -27.63
C ALA D 535 -8.93 34.13 -26.82
N ALA D 536 -8.80 33.01 -27.52
CA ALA D 536 -8.60 31.72 -26.90
C ALA D 536 -7.30 31.09 -27.35
N GLY D 537 -7.07 31.08 -28.67
CA GLY D 537 -5.85 30.48 -29.18
C GLY D 537 -5.49 30.59 -30.65
N ILE D 538 -4.20 30.38 -30.93
CA ILE D 538 -3.64 30.45 -32.28
C ILE D 538 -2.78 29.22 -32.60
N LEU D 539 -2.64 28.94 -33.90
CA LEU D 539 -1.83 27.81 -34.36
C LEU D 539 -0.75 28.28 -35.33
N LEU D 540 0.49 27.95 -35.01
CA LEU D 540 1.66 28.28 -35.83
C LEU D 540 2.03 27.01 -36.60
N TRP D 541 1.93 27.07 -37.92
CA TRP D 541 2.26 25.91 -38.75
C TRP D 541 3.13 26.23 -39.97
N GLY D 542 3.99 25.28 -40.33
CA GLY D 542 4.85 25.46 -41.50
C GLY D 542 6.15 24.69 -41.43
N PRO D 543 7.16 24.98 -42.31
CA PRO D 543 8.46 24.29 -42.34
C PRO D 543 9.29 24.44 -41.03
N PRO D 544 10.13 23.42 -40.70
CA PRO D 544 10.95 23.42 -39.49
C PRO D 544 12.03 24.51 -39.41
N GLY D 545 12.23 25.03 -38.19
CA GLY D 545 13.23 26.06 -37.92
C GLY D 545 12.96 27.42 -38.52
N CYS D 546 11.70 27.83 -38.51
CA CYS D 546 11.33 29.13 -39.08
C CYS D 546 10.96 30.19 -38.04
N GLY D 547 11.21 29.85 -36.76
CA GLY D 547 10.94 30.78 -35.68
C GLY D 547 9.62 30.66 -34.94
N LYS D 548 8.95 29.51 -35.04
CA LYS D 548 7.67 29.29 -34.37
C LYS D 548 7.78 29.33 -32.84
N THR D 549 8.79 28.64 -32.30
CA THR D 549 9.05 28.58 -30.85
C THR D 549 9.47 29.97 -30.31
N LEU D 550 10.27 30.68 -31.11
CA LEU D 550 10.76 32.03 -30.79
C LEU D 550 9.62 33.03 -30.68
N VAL D 551 8.73 33.00 -31.68
CA VAL D 551 7.54 33.85 -31.76
C VAL D 551 6.72 33.72 -30.47
N ALA D 552 6.44 32.48 -30.05
CA ALA D 552 5.68 32.19 -28.82
C ALA D 552 6.28 32.90 -27.59
N LYS D 553 7.59 32.72 -27.41
CA LYS D 553 8.34 33.34 -26.31
C LYS D 553 8.37 34.86 -26.40
N ALA D 554 8.63 35.36 -27.62
CA ALA D 554 8.68 36.79 -27.95
C ALA D 554 7.41 37.55 -27.57
N VAL D 555 6.26 36.95 -27.91
CA VAL D 555 4.93 37.50 -27.61
C VAL D 555 4.74 37.57 -26.08
N ALA D 556 5.06 36.46 -25.40
CA ALA D 556 4.98 36.34 -23.94
C ALA D 556 5.83 37.42 -23.26
N ASN D 557 7.06 37.58 -23.76
CA ASN D 557 7.99 38.59 -23.27
C ASN D 557 7.34 39.99 -23.38
N GLU D 558 7.00 40.38 -24.62
CA GLU D 558 6.38 41.68 -24.98
C GLU D 558 5.23 42.07 -24.04
N SER D 559 4.32 41.14 -23.80
CA SER D 559 3.18 41.30 -22.90
C SER D 559 3.55 41.32 -21.41
N LYS D 560 4.81 40.95 -21.09
CA LYS D 560 5.39 40.86 -19.73
C LYS D 560 4.58 39.86 -18.92
N ALA D 561 3.96 38.96 -19.68
CA ALA D 561 3.09 37.91 -19.11
C ALA D 561 3.84 36.60 -18.87
N ASN D 562 3.21 35.65 -18.17
CA ASN D 562 3.81 34.35 -17.85
C ASN D 562 3.82 33.40 -19.05
N PHE D 563 4.74 32.44 -19.04
CA PHE D 563 4.90 31.50 -20.14
C PHE D 563 5.16 30.07 -19.66
N ILE D 564 4.38 29.14 -20.20
CA ILE D 564 4.54 27.72 -19.89
C ILE D 564 4.64 26.97 -21.22
N SER D 565 5.67 26.13 -21.35
CA SER D 565 5.91 25.35 -22.56
C SER D 565 5.88 23.84 -22.32
N ILE D 566 4.87 23.19 -22.88
CA ILE D 566 4.71 21.74 -22.79
C ILE D 566 4.96 21.24 -24.21
N LYS D 567 5.98 20.41 -24.32
CA LYS D 567 6.39 19.87 -25.61
C LYS D 567 5.99 18.41 -25.78
N GLY D 568 5.51 18.08 -26.98
CA GLY D 568 5.12 16.72 -27.36
C GLY D 568 4.37 15.79 -26.41
N PRO D 569 4.97 14.67 -25.98
CA PRO D 569 4.28 13.75 -25.06
C PRO D 569 4.67 13.79 -23.58
N GLU D 570 5.02 14.99 -23.07
CA GLU D 570 5.41 15.15 -21.66
C GLU D 570 4.22 15.16 -20.69
N LEU D 571 3.18 14.42 -21.06
CA LEU D 571 1.95 14.30 -20.28
C LEU D 571 1.63 12.85 -19.87
N LEU D 572 1.74 11.94 -20.84
CA LEU D 572 1.43 10.51 -20.67
C LEU D 572 2.16 9.69 -19.61
N ASN D 573 1.40 8.80 -18.97
CA ASN D 573 1.90 7.91 -17.91
C ASN D 573 1.67 6.44 -18.29
N LYS D 574 2.16 5.55 -17.43
CA LYS D 574 2.04 4.10 -17.60
C LYS D 574 0.69 3.63 -17.03
N TYR D 575 0.18 4.40 -16.07
CA TYR D 575 -1.08 4.11 -15.39
C TYR D 575 -2.31 4.57 -16.19
N VAL D 576 -3.48 4.03 -15.82
CA VAL D 576 -4.74 4.33 -16.49
C VAL D 576 -5.45 5.63 -16.10
N GLY D 577 -4.95 6.31 -15.06
CA GLY D 577 -5.60 7.54 -14.62
C GLY D 577 -4.81 8.75 -14.15
N GLU D 578 -3.55 8.89 -14.55
CA GLU D 578 -2.77 10.07 -14.14
C GLU D 578 -2.62 11.11 -15.24
N SER D 579 -2.61 10.67 -16.50
CA SER D 579 -2.47 11.54 -17.67
C SER D 579 -3.59 12.59 -17.75
N GLU D 580 -4.83 12.13 -17.63
CA GLU D 580 -6.02 13.00 -17.66
C GLU D 580 -6.09 13.96 -16.46
N ARG D 581 -5.71 13.45 -15.28
CA ARG D 581 -5.69 14.21 -14.02
C ARG D 581 -4.66 15.35 -14.12
N ALA D 582 -3.51 15.04 -14.72
CA ALA D 582 -2.43 16.00 -14.95
C ALA D 582 -2.84 17.15 -15.86
N VAL D 583 -3.52 16.84 -16.96
CA VAL D 583 -4.04 17.85 -17.91
C VAL D 583 -5.01 18.80 -17.19
N ARG D 584 -5.91 18.23 -16.38
CA ARG D 584 -6.87 18.97 -15.56
C ARG D 584 -6.12 19.93 -14.63
N GLN D 585 -5.07 19.42 -13.96
CA GLN D 585 -4.20 20.19 -13.08
C GLN D 585 -3.56 21.41 -13.76
N LEU D 586 -3.05 21.23 -14.98
CA LEU D 586 -2.45 22.30 -15.78
C LEU D 586 -3.40 23.47 -15.98
N PHE D 587 -4.62 23.16 -16.42
CA PHE D 587 -5.66 24.17 -16.62
C PHE D 587 -6.07 24.88 -15.32
N SER D 588 -6.12 24.12 -14.22
CA SER D 588 -6.42 24.64 -12.89
C SER D 588 -5.37 25.66 -12.45
N ARG D 589 -4.09 25.31 -12.66
CA ARG D 589 -2.94 26.17 -12.35
C ARG D 589 -2.99 27.46 -13.18
N ALA D 590 -3.29 27.30 -14.47
CA ALA D 590 -3.43 28.42 -15.43
C ALA D 590 -4.57 29.37 -15.02
N LYS D 591 -5.71 28.78 -14.64
CA LYS D 591 -6.88 29.55 -14.18
C LYS D 591 -6.59 30.39 -12.95
N SER D 592 -5.87 29.81 -11.98
CA SER D 592 -5.46 30.47 -10.75
C SER D 592 -4.59 31.72 -11.01
N SER D 593 -3.61 31.59 -11.91
CA SER D 593 -2.75 32.72 -12.28
C SER D 593 -2.82 33.13 -13.76
N ALA D 594 -3.44 34.28 -14.00
CA ALA D 594 -3.62 34.85 -15.35
C ALA D 594 -3.24 36.34 -15.25
N PRO D 595 -2.63 36.96 -16.31
CA PRO D 595 -2.21 36.54 -17.66
C PRO D 595 -1.02 35.57 -17.88
N CYS D 596 -1.29 34.58 -18.72
CA CYS D 596 -0.33 33.55 -19.08
C CYS D 596 -0.58 32.99 -20.48
N ILE D 597 0.51 32.65 -21.15
CA ILE D 597 0.47 32.05 -22.47
C ILE D 597 0.84 30.57 -22.29
N LEU D 598 -0.05 29.69 -22.73
CA LEU D 598 0.16 28.25 -22.64
C LEU D 598 0.58 27.77 -24.02
N PHE D 599 1.84 27.33 -24.12
CA PHE D 599 2.41 26.87 -25.37
C PHE D 599 2.54 25.36 -25.50
N PHE D 600 2.01 24.85 -26.60
CA PHE D 600 2.07 23.43 -26.93
C PHE D 600 2.90 23.23 -28.20
N ASP D 601 4.12 22.71 -28.02
CA ASP D 601 5.04 22.48 -29.13
C ASP D 601 4.88 21.05 -29.66
N GLN D 602 4.81 20.92 -30.99
CA GLN D 602 4.64 19.65 -31.73
C GLN D 602 3.36 18.89 -31.35
N MET D 603 2.24 19.35 -31.91
CA MET D 603 0.92 18.76 -31.65
C MET D 603 0.52 17.63 -32.60
N ASP D 604 1.42 17.32 -33.53
CA ASP D 604 1.24 16.25 -34.53
C ASP D 604 1.08 14.85 -33.93
N ALA D 605 1.48 14.69 -32.67
CA ALA D 605 1.38 13.43 -31.93
C ALA D 605 0.01 13.10 -31.33
N LEU D 606 -0.52 14.02 -30.52
CA LEU D 606 -1.81 13.88 -29.81
C LEU D 606 -3.12 13.95 -30.62
N VAL D 607 -3.15 14.90 -31.56
CA VAL D 607 -4.32 15.20 -32.39
C VAL D 607 -4.84 14.24 -33.51
N PRO D 608 -3.96 13.58 -34.32
CA PRO D 608 -4.46 12.68 -35.37
C PRO D 608 -5.07 11.33 -34.98
N ARG D 609 -4.95 10.95 -33.70
CA ARG D 609 -5.46 9.67 -33.21
C ARG D 609 -6.97 9.65 -32.91
N ARG D 610 -7.71 10.49 -33.63
CA ARG D 610 -9.17 10.59 -33.50
C ARG D 610 -9.88 10.04 -34.73
N ASP D 611 -9.46 10.50 -35.92
CA ASP D 611 -10.03 10.09 -37.22
C ASP D 611 -10.01 8.58 -37.52
N ASP D 612 -9.07 7.88 -36.90
CA ASP D 612 -8.90 6.44 -37.04
C ASP D 612 -8.76 5.80 -35.65
N SER D 613 -9.56 4.77 -35.40
CA SER D 613 -9.58 4.05 -34.12
C SER D 613 -8.33 3.21 -33.87
N LEU D 614 -7.48 3.71 -32.96
CA LEU D 614 -6.23 3.04 -32.60
C LEU D 614 -6.16 2.67 -31.10
N SER D 615 -5.72 3.62 -30.27
CA SER D 615 -5.56 3.40 -28.84
C SER D 615 -6.67 4.02 -27.99
N ASP D 616 -6.75 3.54 -26.75
CA ASP D 616 -7.74 3.97 -25.75
C ASP D 616 -7.20 5.10 -24.87
N ALA D 617 -5.91 5.04 -24.53
CA ALA D 617 -5.24 6.05 -23.71
C ALA D 617 -5.20 7.41 -24.41
N SER D 618 -4.82 7.38 -25.68
CA SER D 618 -4.73 8.56 -26.56
C SER D 618 -6.10 9.21 -26.73
N ALA D 619 -7.13 8.36 -26.83
CA ALA D 619 -8.52 8.78 -26.99
C ALA D 619 -8.99 9.61 -25.78
N ARG D 620 -8.76 9.08 -24.57
CA ARG D 620 -9.13 9.77 -23.33
C ARG D 620 -8.47 11.15 -23.16
N VAL D 621 -7.15 11.21 -23.39
CA VAL D 621 -6.37 12.45 -23.29
C VAL D 621 -6.88 13.57 -24.21
N VAL D 622 -7.03 13.25 -25.50
CA VAL D 622 -7.52 14.21 -26.49
C VAL D 622 -8.94 14.73 -26.17
N ASN D 623 -9.81 13.81 -25.73
CA ASN D 623 -11.17 14.17 -25.35
C ASN D 623 -11.19 15.11 -24.14
N THR D 624 -10.31 14.88 -23.16
CA THR D 624 -10.16 15.76 -21.97
C THR D 624 -9.70 17.14 -22.42
N LEU D 625 -8.73 17.16 -23.34
CA LEU D 625 -8.19 18.40 -23.91
C LEU D 625 -9.28 19.26 -24.58
N LEU D 626 -10.09 18.64 -25.45
CA LEU D 626 -11.21 19.30 -26.15
C LEU D 626 -12.18 19.92 -25.16
N THR D 627 -12.46 19.15 -24.12
CA THR D 627 -13.31 19.51 -23.00
C THR D 627 -12.79 20.75 -22.24
N GLU D 628 -11.50 20.73 -21.91
CA GLU D 628 -10.84 21.84 -21.22
C GLU D 628 -10.84 23.14 -22.01
N LEU D 629 -10.63 23.03 -23.33
CA LEU D 629 -10.65 24.16 -24.26
C LEU D 629 -12.03 24.84 -24.42
N ASP D 630 -13.04 24.04 -24.81
CA ASP D 630 -14.43 24.48 -25.04
C ASP D 630 -15.46 24.50 -23.88
N GLY D 631 -15.33 23.54 -22.95
CA GLY D 631 -16.28 23.38 -21.84
C GLY D 631 -16.59 24.46 -20.81
N VAL D 632 -17.24 24.03 -19.71
CA VAL D 632 -17.65 24.88 -18.58
C VAL D 632 -16.49 25.60 -17.90
N GLY D 633 -16.65 26.91 -17.71
CA GLY D 633 -15.62 27.74 -17.10
C GLY D 633 -14.60 28.20 -18.13
N ASP D 634 -13.32 28.04 -17.80
CA ASP D 634 -12.16 28.40 -18.66
C ASP D 634 -12.23 29.83 -19.23
N ARG D 635 -12.10 30.80 -18.32
CA ARG D 635 -12.14 32.22 -18.69
C ARG D 635 -10.88 32.70 -19.41
N SER D 636 -10.87 33.99 -19.78
CA SER D 636 -9.75 34.59 -20.48
C SER D 636 -8.54 34.93 -19.60
N GLY D 637 -7.52 35.50 -20.24
CA GLY D 637 -6.27 35.84 -19.58
C GLY D 637 -5.27 34.77 -19.97
N ILE D 638 -5.82 33.57 -20.25
CA ILE D 638 -5.05 32.39 -20.66
C ILE D 638 -5.22 32.23 -22.17
N TYR D 639 -4.12 32.45 -22.89
CA TYR D 639 -4.12 32.33 -24.35
C TYR D 639 -3.25 31.15 -24.74
N VAL D 640 -3.86 30.21 -25.45
CA VAL D 640 -3.20 28.97 -25.86
C VAL D 640 -2.59 29.07 -27.27
N ILE D 641 -1.29 28.80 -27.36
CA ILE D 641 -0.59 28.84 -28.64
C ILE D 641 -0.11 27.43 -28.97
N GLY D 642 -0.43 26.98 -30.18
CA GLY D 642 0.00 25.66 -30.62
C GLY D 642 0.94 25.79 -31.79
N ALA D 643 1.93 24.90 -31.87
CA ALA D 643 2.89 24.89 -32.97
C ALA D 643 3.15 23.49 -33.51
N THR D 644 3.22 23.38 -34.83
CA THR D 644 3.50 22.12 -35.50
C THR D 644 4.24 22.29 -36.82
N ASN D 645 5.19 21.39 -37.05
CA ASN D 645 6.01 21.37 -38.26
C ASN D 645 5.26 20.61 -39.35
N ARG D 646 4.20 19.91 -38.92
CA ARG D 646 3.36 19.10 -39.80
C ARG D 646 1.86 19.39 -39.59
N PRO D 647 1.24 20.23 -40.45
CA PRO D 647 -0.19 20.58 -40.35
C PRO D 647 -1.16 19.56 -40.95
N ASP D 648 -0.62 18.57 -41.68
CA ASP D 648 -1.37 17.52 -42.37
C ASP D 648 -2.43 16.74 -41.58
N MET D 649 -1.99 15.75 -40.82
CA MET D 649 -2.89 14.92 -40.02
C MET D 649 -3.17 15.52 -38.65
N ILE D 650 -4.28 16.26 -38.60
CA ILE D 650 -4.79 16.95 -37.41
C ILE D 650 -6.33 16.89 -37.52
N ASP D 651 -7.01 16.69 -36.38
CA ASP D 651 -8.47 16.62 -36.33
C ASP D 651 -9.08 18.03 -36.39
N GLU D 652 -10.03 18.18 -37.33
CA GLU D 652 -10.74 19.43 -37.58
C GLU D 652 -11.44 20.00 -36.35
N ALA D 653 -11.80 19.11 -35.41
CA ALA D 653 -12.45 19.46 -34.14
C ALA D 653 -11.60 20.42 -33.32
N ILE D 654 -10.29 20.18 -33.29
CA ILE D 654 -9.34 21.04 -32.57
C ILE D 654 -9.23 22.41 -33.28
N ARG D 655 -9.22 22.37 -34.62
CA ARG D 655 -9.16 23.59 -35.44
C ARG D 655 -10.33 24.59 -35.32
N ARG D 656 -11.51 24.07 -35.02
CA ARG D 656 -12.76 24.83 -34.80
C ARG D 656 -12.60 26.09 -33.90
N PRO D 657 -13.23 27.24 -34.29
CA PRO D 657 -13.16 28.49 -33.52
C PRO D 657 -13.65 28.37 -32.07
N GLY D 658 -12.87 28.93 -31.15
CA GLY D 658 -13.18 28.86 -29.73
C GLY D 658 -12.10 28.02 -29.06
N ARG D 659 -11.47 27.17 -29.87
CA ARG D 659 -10.39 26.30 -29.44
C ARG D 659 -9.12 26.91 -30.07
N LEU D 660 -8.64 26.36 -31.19
CA LEU D 660 -7.45 26.89 -31.88
C LEU D 660 -7.84 27.29 -33.31
N GLY D 661 -8.58 28.39 -33.41
CA GLY D 661 -9.08 28.88 -34.69
C GLY D 661 -8.20 29.72 -35.60
N THR D 662 -7.29 30.51 -35.02
CA THR D 662 -6.42 31.38 -35.80
C THR D 662 -5.15 30.66 -36.32
N SER D 663 -5.23 30.21 -37.57
CA SER D 663 -4.14 29.50 -38.24
C SER D 663 -3.17 30.47 -38.91
N ILE D 664 -1.99 30.60 -38.30
CA ILE D 664 -0.94 31.49 -38.79
C ILE D 664 0.17 30.66 -39.45
N TYR D 665 0.45 30.98 -40.71
CA TYR D 665 1.47 30.30 -41.48
C TYR D 665 2.82 31.02 -41.38
N VAL D 666 3.86 30.27 -41.00
CA VAL D 666 5.22 30.79 -40.86
C VAL D 666 6.11 30.15 -41.95
N GLY D 667 6.40 30.91 -43.00
CA GLY D 667 7.23 30.43 -44.11
C GLY D 667 8.28 31.48 -44.51
N LEU D 668 9.18 31.13 -45.44
CA LEU D 668 10.24 32.05 -45.88
C LEU D 668 10.73 31.90 -47.34
N PRO D 669 10.24 32.77 -48.27
CA PRO D 669 10.66 32.72 -49.67
C PRO D 669 11.13 34.02 -50.38
N SER D 670 11.24 35.13 -49.65
CA SER D 670 11.61 36.44 -50.24
C SER D 670 12.97 37.08 -49.91
N ALA D 671 13.49 37.81 -50.90
CA ALA D 671 14.77 38.51 -50.86
C ALA D 671 14.95 39.58 -49.78
N GLU D 672 13.97 40.47 -49.67
CA GLU D 672 13.97 41.57 -48.69
C GLU D 672 14.07 41.05 -47.26
N ASP D 673 13.33 39.97 -47.00
CA ASP D 673 13.29 39.29 -45.71
C ASP D 673 14.66 38.74 -45.34
N ARG D 674 15.30 38.06 -46.29
CA ARG D 674 16.64 37.49 -46.11
C ARG D 674 17.69 38.51 -45.70
N VAL D 675 17.68 39.69 -46.35
CA VAL D 675 18.60 40.79 -46.03
C VAL D 675 18.41 41.21 -44.56
N LYS D 676 17.15 41.37 -44.15
CA LYS D 676 16.80 41.72 -42.77
C LYS D 676 17.33 40.70 -41.76
N ILE D 677 17.15 39.41 -42.05
CA ILE D 677 17.65 38.31 -41.21
C ILE D 677 19.18 38.35 -41.09
N LEU D 678 19.88 38.51 -42.22
CA LEU D 678 21.34 38.60 -42.26
C LEU D 678 21.85 39.75 -41.38
N LYS D 679 21.20 40.90 -41.49
CA LYS D 679 21.51 42.08 -40.68
C LYS D 679 21.27 41.83 -39.19
N THR D 680 20.14 41.19 -38.87
CA THR D 680 19.75 40.83 -37.49
C THR D 680 20.78 39.90 -36.81
N LEU D 681 21.26 38.90 -37.54
CA LEU D 681 22.27 37.97 -37.04
C LEU D 681 23.64 38.62 -36.85
N TYR D 682 24.08 39.38 -37.86
CA TYR D 682 25.35 40.10 -37.85
C TYR D 682 25.31 41.40 -37.02
N ARG D 683 24.17 41.63 -36.37
CA ARG D 683 23.95 42.80 -35.51
C ARG D 683 24.61 42.53 -34.17
N ASN D 684 24.48 41.27 -33.73
CA ASN D 684 25.01 40.76 -32.47
C ASN D 684 26.44 40.24 -32.66
N THR D 685 27.39 41.16 -32.76
CA THR D 685 28.81 40.84 -32.93
C THR D 685 29.65 41.39 -31.77
N VAL D 686 29.53 42.70 -31.52
CA VAL D 686 30.25 43.37 -30.44
C VAL D 686 29.34 43.71 -29.26
N GLN D 712 37.69 47.87 -36.91
CA GLN D 712 36.24 47.95 -37.12
C GLN D 712 35.87 47.79 -38.60
N GLY D 713 34.72 47.14 -38.83
CA GLY D 713 34.23 46.91 -40.19
C GLY D 713 32.89 46.20 -40.19
N THR D 714 31.84 46.93 -40.57
CA THR D 714 30.47 46.40 -40.63
C THR D 714 30.06 45.91 -42.02
N THR D 715 30.40 46.68 -43.06
CA THR D 715 30.11 46.42 -44.48
C THR D 715 28.68 45.97 -44.85
N ASP D 716 27.87 46.93 -45.29
CA ASP D 716 26.47 46.69 -45.67
C ASP D 716 26.30 46.10 -47.06
N ALA D 717 27.07 46.64 -48.02
CA ALA D 717 27.05 46.23 -49.43
C ALA D 717 27.26 44.72 -49.65
N ASP D 718 28.15 44.16 -48.84
CA ASP D 718 28.49 42.73 -48.86
C ASP D 718 27.29 41.85 -48.53
N LEU D 719 26.51 42.25 -47.51
CA LEU D 719 25.31 41.54 -47.07
C LEU D 719 24.25 41.43 -48.17
N GLU D 720 24.01 42.54 -48.87
CA GLU D 720 23.04 42.58 -49.98
C GLU D 720 23.42 41.64 -51.13
N LYS D 721 24.69 41.69 -51.55
CA LYS D 721 25.22 40.83 -52.63
C LYS D 721 25.08 39.33 -52.33
N VAL D 722 25.40 38.96 -51.08
CA VAL D 722 25.28 37.58 -50.58
C VAL D 722 23.84 37.08 -50.76
N ALA D 723 22.88 37.92 -50.37
CA ALA D 723 21.44 37.62 -50.51
C ALA D 723 21.00 37.38 -51.97
N LEU D 724 21.52 38.19 -52.89
CA LEU D 724 21.23 38.09 -54.33
C LEU D 724 21.51 36.73 -54.99
N ASP D 725 22.62 36.10 -54.62
CA ASP D 725 23.03 34.76 -55.14
C ASP D 725 21.94 33.66 -55.16
N LEU D 726 21.99 32.82 -56.21
CA LEU D 726 21.06 31.71 -56.46
C LEU D 726 20.92 30.69 -55.33
N ARG D 727 22.05 30.30 -54.76
CA ARG D 727 22.14 29.35 -53.65
C ARG D 727 21.40 29.87 -52.40
N CYS D 728 21.48 31.19 -52.20
CA CYS D 728 20.80 31.88 -51.10
C CYS D 728 19.28 31.90 -51.24
N THR D 729 18.82 32.03 -52.50
CA THR D 729 17.38 32.02 -52.83
C THR D 729 16.68 30.76 -52.30
N GLY D 730 17.30 29.60 -52.52
CA GLY D 730 16.73 28.36 -52.01
C GLY D 730 17.13 27.99 -50.58
N PHE D 731 17.00 28.95 -49.65
CA PHE D 731 17.38 28.76 -48.24
C PHE D 731 16.24 29.02 -47.22
N SER D 732 16.57 28.88 -45.92
CA SER D 732 15.66 29.11 -44.79
C SER D 732 16.42 29.83 -43.66
N GLY D 733 15.71 30.15 -42.57
CA GLY D 733 16.30 30.84 -41.42
C GLY D 733 17.46 30.10 -40.75
N ALA D 734 17.29 28.79 -40.63
CA ALA D 734 18.28 27.88 -40.05
C ALA D 734 19.53 27.79 -40.93
N ASP D 735 19.33 27.78 -42.25
CA ASP D 735 20.40 27.72 -43.24
C ASP D 735 21.31 28.95 -43.20
N LEU D 736 20.68 30.14 -43.15
CA LEU D 736 21.40 31.41 -43.06
C LEU D 736 22.26 31.48 -41.79
N GLY D 737 21.72 30.99 -40.67
CA GLY D 737 22.45 30.92 -39.41
C GLY D 737 23.70 30.04 -39.53
N ASN D 738 23.53 28.88 -40.17
CA ASN D 738 24.62 27.92 -40.44
C ASN D 738 25.70 28.53 -41.35
N LEU D 739 25.29 29.25 -42.40
CA LEU D 739 26.18 29.93 -43.34
C LEU D 739 27.09 30.91 -42.58
N MET D 740 26.48 31.69 -41.69
CA MET D 740 27.19 32.66 -40.84
C MET D 740 28.25 31.95 -39.99
N GLN D 741 27.87 30.84 -39.35
CA GLN D 741 28.78 30.02 -38.55
C GLN D 741 29.94 29.43 -39.36
N ALA D 742 29.60 28.89 -40.54
CA ALA D 742 30.58 28.31 -41.48
C ALA D 742 31.65 29.33 -41.91
N ALA D 743 31.19 30.54 -42.24
CA ALA D 743 32.05 31.67 -42.62
C ALA D 743 33.01 32.01 -41.49
N ALA D 744 32.49 32.05 -40.26
CA ALA D 744 33.27 32.33 -39.05
C ALA D 744 34.38 31.29 -38.84
N GLN D 745 34.07 30.01 -39.03
CA GLN D 745 35.03 28.90 -38.93
C GLN D 745 36.18 28.99 -39.94
N ALA D 746 35.83 29.29 -41.20
CA ALA D 746 36.81 29.46 -42.29
C ALA D 746 37.79 30.60 -41.99
N CYS D 747 37.24 31.70 -41.46
CA CYS D 747 38.01 32.89 -41.05
C CYS D 747 39.03 32.53 -39.95
N LEU D 748 38.60 31.75 -38.96
CA LEU D 748 39.46 31.26 -37.86
C LEU D 748 40.64 30.46 -38.39
N GLU D 749 40.39 29.60 -39.38
CA GLU D 749 41.44 28.78 -40.04
C GLU D 749 42.52 29.67 -40.65
N ARG D 750 42.09 30.73 -41.36
CA ARG D 750 42.99 31.71 -41.98
C ARG D 750 43.85 32.43 -40.92
N VAL D 751 43.21 32.90 -39.84
CA VAL D 751 43.86 33.60 -38.72
C VAL D 751 44.92 32.70 -38.04
N TYR D 752 44.55 31.44 -37.75
CA TYR D 752 45.45 30.46 -37.13
C TYR D 752 46.69 30.11 -37.95
N THR D 753 46.50 29.76 -39.23
CA THR D 753 47.61 29.41 -40.14
C THR D 753 48.62 30.54 -40.36
N GLN D 754 48.10 31.75 -40.60
CA GLN D 754 48.90 32.95 -40.81
C GLN D 754 49.68 33.40 -39.56
N ARG D 755 48.98 33.47 -38.43
CA ARG D 755 49.55 33.87 -37.12
C ARG D 755 50.68 32.95 -36.64
N GLN D 756 50.44 31.62 -36.68
CA GLN D 756 51.43 30.62 -36.27
C GLN D 756 52.70 30.67 -37.10
N GLN D 757 52.56 30.79 -38.42
CA GLN D 757 53.69 30.90 -39.36
C GLN D 757 54.57 32.11 -39.03
N LYS D 758 53.95 33.29 -38.87
CA LYS D 758 54.63 34.55 -38.53
C LYS D 758 55.31 34.59 -37.15
N ARG D 759 54.60 34.13 -36.11
CA ARG D 759 55.11 34.08 -34.73
C ARG D 759 56.36 33.20 -34.53
N LYS D 760 56.31 31.99 -35.08
CA LYS D 760 57.41 31.02 -35.00
C LYS D 760 58.66 31.43 -35.79
N GLU D 761 58.48 31.82 -37.04
CA GLU D 761 59.59 32.26 -37.92
C GLU D 761 60.19 33.63 -37.53
N GLY D 762 59.32 34.59 -37.26
CA GLY D 762 59.73 35.94 -36.88
C GLY D 762 60.29 36.08 -35.48
N GLU D 768 55.61 37.84 -30.23
CA GLU D 768 54.17 37.60 -30.26
C GLU D 768 53.40 38.80 -30.80
N GLU D 769 52.56 38.56 -31.81
CA GLU D 769 51.75 39.58 -32.47
C GLU D 769 50.30 39.61 -31.98
N GLU D 770 49.49 40.47 -32.61
CA GLU D 770 48.07 40.64 -32.28
C GLU D 770 47.13 39.74 -33.10
N ILE D 771 45.96 39.45 -32.52
CA ILE D 771 44.93 38.61 -33.13
C ILE D 771 43.87 39.50 -33.81
N GLU D 772 43.52 39.14 -35.05
CA GLU D 772 42.53 39.87 -35.85
C GLU D 772 41.21 39.09 -36.01
N PRO D 773 40.09 39.57 -35.40
CA PRO D 773 38.78 38.91 -35.49
C PRO D 773 37.92 39.35 -36.70
N VAL D 774 38.53 40.08 -37.63
CA VAL D 774 37.86 40.60 -38.83
C VAL D 774 37.49 39.51 -39.88
N ILE D 775 36.31 39.66 -40.46
CA ILE D 775 35.78 38.74 -41.46
C ILE D 775 35.46 39.47 -42.78
N THR D 776 36.15 39.04 -43.85
CA THR D 776 35.99 39.61 -45.19
C THR D 776 35.06 38.78 -46.08
N MET D 777 34.98 39.14 -47.36
CA MET D 777 34.13 38.47 -48.35
C MET D 777 34.60 37.10 -48.84
N GLU D 778 35.93 36.92 -48.92
CA GLU D 778 36.54 35.66 -49.38
C GLU D 778 36.12 34.46 -48.53
N ASP D 779 35.98 34.71 -47.22
CA ASP D 779 35.55 33.71 -46.23
C ASP D 779 34.09 33.32 -46.48
N TRP D 780 33.25 34.34 -46.74
CA TRP D 780 31.82 34.16 -47.03
C TRP D 780 31.60 33.37 -48.32
N GLU D 781 32.34 33.75 -49.38
CA GLU D 781 32.28 33.09 -50.68
C GLU D 781 32.62 31.59 -50.64
N LYS D 782 33.71 31.23 -49.97
CA LYS D 782 34.14 29.83 -49.81
C LYS D 782 33.08 29.00 -49.07
N ALA D 783 32.60 29.52 -47.93
CA ALA D 783 31.57 28.89 -47.11
C ALA D 783 30.28 28.69 -47.90
N LEU D 784 29.90 29.70 -48.67
CA LEU D 784 28.73 29.72 -49.55
C LEU D 784 28.76 28.60 -50.60
N ASN D 785 29.92 28.44 -51.25
CA ASN D 785 30.16 27.40 -52.26
C ASN D 785 29.87 25.98 -51.75
N GLU D 786 30.39 25.66 -50.57
CA GLU D 786 30.20 24.35 -49.94
C GLU D 786 28.80 23.99 -49.41
N VAL D 787 28.22 24.85 -48.56
CA VAL D 787 26.91 24.63 -47.94
C VAL D 787 25.69 24.39 -48.86
N LYS D 788 24.92 23.36 -48.50
CA LYS D 788 23.71 22.94 -49.23
C LYS D 788 22.46 23.08 -48.33
N PRO D 789 21.25 23.32 -48.92
CA PRO D 789 20.01 23.46 -48.13
C PRO D 789 19.51 22.23 -47.35
N SER D 790 18.72 22.50 -46.30
CA SER D 790 18.15 21.46 -45.43
C SER D 790 16.82 20.91 -45.92
N VAL D 791 15.84 21.79 -46.15
CA VAL D 791 14.50 21.41 -46.62
C VAL D 791 14.49 21.40 -48.15
N LYS D 792 13.95 20.33 -48.74
CA LYS D 792 13.88 20.16 -50.19
C LYS D 792 12.56 20.50 -50.87
N ASP D 793 11.49 19.78 -50.51
CA ASP D 793 10.17 19.98 -51.10
C ASP D 793 9.14 20.73 -50.22
N PRO D 794 8.73 21.95 -50.64
CA PRO D 794 7.74 22.75 -49.89
C PRO D 794 6.28 22.38 -50.19
N GLU D 795 6.11 21.51 -51.20
CA GLU D 795 4.81 21.00 -51.68
C GLU D 795 4.01 20.25 -50.61
N LYS D 796 4.73 19.53 -49.76
CA LYS D 796 4.18 18.74 -48.66
C LYS D 796 3.44 19.63 -47.64
N TYR D 797 4.13 20.67 -47.18
CA TYR D 797 3.61 21.64 -46.20
C TYR D 797 2.42 22.47 -46.69
N MET D 798 2.55 23.03 -47.90
CA MET D 798 1.51 23.87 -48.52
C MET D 798 0.18 23.18 -48.88
N HIS D 799 0.27 22.04 -49.57
CA HIS D 799 -0.92 21.27 -49.99
C HIS D 799 -1.69 20.61 -48.85
N SER D 800 -0.97 19.90 -47.99
CA SER D 800 -1.56 19.19 -46.86
C SER D 800 -1.87 20.08 -45.65
N ARG E 193 19.01 27.24 28.68
CA ARG E 193 19.76 28.23 27.85
C ARG E 193 20.63 27.53 26.80
N THR E 194 20.69 28.12 25.60
CA THR E 194 21.47 27.58 24.49
C THR E 194 22.31 28.69 23.79
N PRO E 195 23.60 28.87 24.20
CA PRO E 195 24.52 29.86 23.63
C PRO E 195 25.10 29.42 22.25
N PRO E 196 25.59 30.38 21.42
CA PRO E 196 26.15 30.04 20.10
C PRO E 196 27.48 29.25 20.09
N THR E 197 27.75 28.61 18.95
CA THR E 197 28.96 27.79 18.74
C THR E 197 30.06 28.51 17.96
N LYS E 198 31.29 27.97 18.02
CA LYS E 198 32.46 28.53 17.35
C LYS E 198 32.89 27.75 16.10
N VAL E 199 32.30 28.12 14.97
CA VAL E 199 32.59 27.50 13.66
C VAL E 199 33.31 28.54 12.79
N SER E 200 34.19 28.06 11.91
CA SER E 200 34.95 28.93 11.00
C SER E 200 34.11 29.44 9.82
N ILE E 201 34.07 30.76 9.69
CA ILE E 201 33.31 31.46 8.65
C ILE E 201 34.12 31.54 7.34
N LEU E 202 35.43 31.38 7.47
CA LEU E 202 36.37 31.43 6.35
C LEU E 202 36.49 30.08 5.61
N ASP E 203 35.63 29.12 5.99
CA ASP E 203 35.62 27.79 5.41
C ASP E 203 34.73 27.67 4.16
N ILE E 204 33.63 28.43 4.14
CA ILE E 204 32.69 28.41 3.01
C ILE E 204 33.01 29.51 2.00
N ALA E 205 33.09 29.13 0.73
CA ALA E 205 33.37 30.04 -0.39
C ALA E 205 32.73 29.52 -1.68
N GLY E 206 32.53 30.44 -2.64
CA GLY E 206 31.92 30.09 -3.92
C GLY E 206 30.46 30.47 -3.99
N VAL E 207 29.97 31.00 -2.87
CA VAL E 207 28.58 31.41 -2.71
C VAL E 207 28.47 32.94 -2.54
N ASP E 208 29.16 33.68 -3.41
CA ASP E 208 29.20 35.15 -3.38
C ASP E 208 27.85 35.87 -3.46
N ASP E 209 27.09 35.61 -4.52
CA ASP E 209 25.78 36.21 -4.76
C ASP E 209 24.72 35.84 -3.72
N THR E 210 24.64 34.54 -3.42
CA THR E 210 23.70 33.99 -2.44
C THR E 210 23.94 34.48 -1.01
N LEU E 211 25.21 34.49 -0.58
CA LEU E 211 25.60 34.96 0.76
C LEU E 211 25.25 36.45 0.94
N GLN E 212 25.46 37.23 -0.13
CA GLN E 212 25.11 38.67 -0.15
C GLN E 212 23.62 38.88 0.12
N ARG E 213 22.76 38.13 -0.59
CA ARG E 213 21.30 38.19 -0.41
C ARG E 213 20.89 37.84 1.01
N LEU E 214 21.47 36.75 1.52
CA LEU E 214 21.24 36.26 2.89
C LEU E 214 21.59 37.35 3.91
N LEU E 215 22.76 37.97 3.72
CA LEU E 215 23.25 39.08 4.56
C LEU E 215 22.23 40.23 4.62
N LYS E 216 21.75 40.66 3.47
CA LYS E 216 20.76 41.75 3.35
C LYS E 216 19.47 41.46 4.15
N GLU E 217 18.93 40.26 3.95
CA GLU E 217 17.71 39.79 4.62
C GLU E 217 17.80 39.54 6.12
N VAL E 218 18.97 39.07 6.57
CA VAL E 218 19.19 38.73 7.97
C VAL E 218 19.86 39.80 8.86
N TRP E 219 20.75 40.60 8.27
CA TRP E 219 21.48 41.63 9.02
C TRP E 219 20.64 42.72 9.68
N PHE E 220 19.78 43.39 8.88
CA PHE E 220 18.94 44.47 9.39
C PHE E 220 18.03 44.10 10.59
N PRO E 221 17.20 43.02 10.51
CA PRO E 221 16.35 42.69 11.66
C PRO E 221 17.07 42.26 12.95
N LEU E 222 18.14 41.49 12.80
CA LEU E 222 18.92 41.00 13.94
C LEU E 222 19.85 42.01 14.62
N ARG E 223 20.64 42.71 13.81
CA ARG E 223 21.62 43.68 14.30
C ARG E 223 21.11 45.05 14.75
N GLY E 224 20.17 45.61 13.99
CA GLY E 224 19.63 46.93 14.30
C GLY E 224 18.19 46.80 14.75
N GLY E 225 18.00 46.13 15.89
CA GLY E 225 16.69 45.89 16.47
C GLY E 225 15.93 47.13 16.92
N GLU E 226 16.65 48.10 17.49
CA GLU E 226 16.08 49.36 17.97
C GLU E 226 15.48 50.18 16.83
N ALA E 227 16.18 50.20 15.70
CA ALA E 227 15.77 50.91 14.48
C ALA E 227 14.47 50.39 13.87
N CYS E 228 14.35 49.06 13.77
CA CYS E 228 13.15 48.40 13.22
C CYS E 228 11.91 48.61 14.09
N GLU E 229 12.09 48.57 15.42
CA GLU E 229 11.03 48.81 16.40
C GLU E 229 10.45 50.23 16.27
N LYS E 230 11.35 51.23 16.19
CA LYS E 230 11.00 52.64 16.03
C LYS E 230 10.21 52.96 14.75
N MET E 231 10.67 52.41 13.63
CA MET E 231 10.03 52.57 12.32
C MET E 231 8.63 51.96 12.22
N GLY E 232 8.47 50.75 12.76
CA GLY E 232 7.19 50.05 12.76
C GLY E 232 6.92 49.19 11.54
N TYR E 233 7.90 49.10 10.63
CA TYR E 233 7.80 48.31 9.40
C TYR E 233 8.12 46.84 9.69
N ARG E 234 7.52 45.93 8.91
CA ARG E 234 7.72 44.49 9.09
C ARG E 234 8.82 43.89 8.21
N TYR E 235 9.47 42.84 8.72
CA TYR E 235 10.60 42.16 8.05
C TYR E 235 10.41 40.69 7.63
N ASP E 236 11.53 40.04 7.24
CA ASP E 236 11.58 38.64 6.81
C ASP E 236 11.55 37.64 7.96
N ASN E 237 10.67 36.65 7.85
CA ASN E 237 10.49 35.64 8.89
C ASN E 237 11.17 34.29 8.64
N GLY E 238 10.87 33.68 7.50
CA GLY E 238 11.43 32.37 7.17
C GLY E 238 12.33 32.32 5.96
N VAL E 239 13.50 31.68 6.14
CA VAL E 239 14.51 31.52 5.09
C VAL E 239 14.75 30.03 4.84
N LEU E 240 14.38 29.56 3.65
CA LEU E 240 14.55 28.16 3.25
C LEU E 240 15.76 27.94 2.34
N LEU E 241 16.64 27.02 2.75
CA LEU E 241 17.83 26.67 1.99
C LEU E 241 17.65 25.31 1.33
N HIS E 242 17.78 25.27 0.01
CA HIS E 242 17.64 24.01 -0.72
C HIS E 242 18.83 23.70 -1.63
N GLY E 243 18.90 22.45 -2.06
CA GLY E 243 19.99 21.98 -2.92
C GLY E 243 20.35 20.55 -2.56
N PRO E 244 21.32 19.90 -3.25
CA PRO E 244 21.72 18.51 -2.96
C PRO E 244 22.36 18.30 -1.56
N SER E 245 22.57 17.03 -1.20
CA SER E 245 23.17 16.65 0.09
C SER E 245 24.66 16.98 0.13
N GLY E 246 25.13 17.44 1.31
CA GLY E 246 26.53 17.79 1.50
C GLY E 246 26.96 19.10 0.87
N CYS E 247 25.98 19.94 0.50
CA CYS E 247 26.22 21.24 -0.13
C CYS E 247 26.60 22.36 0.83
N GLY E 248 26.68 22.02 2.11
CA GLY E 248 27.05 22.97 3.14
C GLY E 248 25.91 23.79 3.73
N LYS E 249 24.71 23.22 3.70
CA LYS E 249 23.51 23.87 4.24
C LYS E 249 23.58 24.02 5.76
N THR E 250 23.92 22.91 6.42
CA THR E 250 24.05 22.85 7.89
C THR E 250 25.21 23.76 8.36
N THR E 251 26.33 23.70 7.63
CA THR E 251 27.51 24.52 7.94
C THR E 251 27.26 26.02 7.78
N LEU E 252 26.60 26.40 6.68
CA LEU E 252 26.23 27.80 6.40
C LEU E 252 25.41 28.39 7.53
N ALA E 253 24.41 27.65 7.98
CA ALA E 253 23.54 28.03 9.10
C ALA E 253 24.32 28.23 10.41
N HIS E 254 25.17 27.25 10.73
CA HIS E 254 26.05 27.27 11.91
C HIS E 254 27.01 28.48 11.89
N ALA E 255 27.59 28.72 10.71
CA ALA E 255 28.51 29.83 10.43
C ALA E 255 27.83 31.19 10.66
N ILE E 256 26.65 31.36 10.06
CA ILE E 256 25.83 32.58 10.17
C ILE E 256 25.50 32.91 11.63
N ALA E 257 25.14 31.89 12.41
CA ALA E 257 24.86 32.01 13.84
C ALA E 257 26.07 32.55 14.62
N GLY E 258 27.21 31.89 14.42
CA GLY E 258 28.47 32.27 15.05
C GLY E 258 28.96 33.67 14.69
N SER E 259 28.89 34.00 13.40
CA SER E 259 29.30 35.31 12.88
C SER E 259 28.49 36.50 13.42
N ILE E 260 27.16 36.36 13.42
CA ILE E 260 26.26 37.40 13.95
C ILE E 260 26.39 37.48 15.48
N GLY E 261 26.43 36.31 16.12
CA GLY E 261 26.58 36.24 17.57
C GLY E 261 25.27 36.08 18.30
N VAL E 262 24.24 35.65 17.57
CA VAL E 262 22.90 35.43 18.12
C VAL E 262 22.75 34.01 18.70
N ALA E 263 21.67 33.78 19.45
CA ALA E 263 21.42 32.49 20.08
C ALA E 263 20.96 31.44 19.05
N PHE E 264 21.62 30.29 19.07
CA PHE E 264 21.32 29.22 18.13
C PHE E 264 20.53 28.07 18.76
N ILE E 265 19.33 27.83 18.21
CA ILE E 265 18.45 26.76 18.67
C ILE E 265 18.39 25.74 17.52
N PRO E 266 19.13 24.62 17.63
CA PRO E 266 19.13 23.60 16.57
C PRO E 266 17.99 22.59 16.72
N VAL E 267 17.12 22.54 15.71
CA VAL E 267 16.00 21.62 15.70
C VAL E 267 16.25 20.64 14.56
N SER E 268 16.68 19.43 14.92
CA SER E 268 16.95 18.37 13.95
C SER E 268 15.64 17.62 13.73
N ALA E 269 15.56 16.88 12.62
CA ALA E 269 14.37 16.11 12.25
C ALA E 269 13.70 15.20 13.31
N PRO E 270 14.48 14.38 14.07
CA PRO E 270 13.79 13.54 15.06
C PRO E 270 13.98 13.94 16.54
N SER E 271 14.54 15.12 16.77
CA SER E 271 14.82 15.62 18.12
C SER E 271 13.60 16.02 18.98
N VAL E 272 12.49 16.35 18.32
CA VAL E 272 11.25 16.77 19.00
C VAL E 272 10.23 15.65 19.27
N ILE E 273 10.39 14.52 18.59
CA ILE E 273 9.50 13.36 18.72
C ILE E 273 9.71 12.61 20.05
N GLY E 274 8.61 12.32 20.74
CA GLY E 274 8.65 11.62 22.02
C GLY E 274 8.01 10.24 21.99
N GLY E 275 7.74 9.70 23.17
CA GLY E 275 7.14 8.37 23.31
C GLY E 275 5.61 8.35 23.25
N THR E 276 4.98 9.16 24.10
CA THR E 276 3.53 9.27 24.16
C THR E 276 2.97 10.25 23.13
N SER E 277 1.69 10.08 22.79
CA SER E 277 1.01 10.93 21.81
C SER E 277 0.53 12.24 22.45
N GLY E 278 1.46 13.17 22.61
CA GLY E 278 1.19 14.48 23.20
C GLY E 278 2.47 15.20 23.57
N GLU E 279 3.50 14.44 23.92
CA GLU E 279 4.82 14.96 24.31
C GLU E 279 5.51 15.69 23.14
N SER E 280 5.31 15.17 21.93
CA SER E 280 5.86 15.75 20.69
C SER E 280 5.37 17.18 20.47
N GLU E 281 4.04 17.34 20.58
CA GLU E 281 3.35 18.62 20.41
C GLU E 281 3.72 19.62 21.50
N LYS E 282 3.80 19.14 22.75
CA LYS E 282 4.17 19.92 23.93
C LYS E 282 5.58 20.52 23.74
N ASN E 283 6.51 19.70 23.25
CA ASN E 283 7.88 20.12 22.97
C ASN E 283 7.96 21.21 21.90
N ILE E 284 7.20 21.06 20.81
CA ILE E 284 7.14 22.07 19.73
C ILE E 284 6.69 23.43 20.31
N ARG E 285 5.67 23.41 21.16
CA ARG E 285 5.15 24.60 21.85
C ARG E 285 6.24 25.26 22.69
N ASP E 286 6.89 24.46 23.55
CA ASP E 286 7.99 24.91 24.42
C ASP E 286 9.15 25.55 23.66
N VAL E 287 9.51 24.95 22.51
CA VAL E 287 10.57 25.45 21.62
C VAL E 287 10.23 26.88 21.17
N PHE E 288 9.03 27.05 20.60
CA PHE E 288 8.54 28.36 20.14
C PHE E 288 8.37 29.36 21.28
N ASP E 289 7.83 28.91 22.42
CA ASP E 289 7.64 29.75 23.63
C ASP E 289 8.95 30.33 24.20
N GLU E 290 9.95 29.47 24.37
CA GLU E 290 11.28 29.89 24.87
C GLU E 290 11.97 30.80 23.85
N ALA E 291 11.85 30.44 22.58
CA ALA E 291 12.41 31.20 21.45
C ALA E 291 11.89 32.64 21.37
N ILE E 292 10.57 32.82 21.44
CA ILE E 292 9.98 34.17 21.40
C ILE E 292 10.35 35.00 22.64
N ARG E 293 10.39 34.35 23.81
CA ARG E 293 10.77 34.97 25.08
C ARG E 293 12.21 35.56 25.03
N LEU E 294 13.17 34.76 24.57
CA LEU E 294 14.58 35.16 24.45
C LEU E 294 14.92 35.63 23.02
N ALA E 295 15.49 36.83 22.89
CA ALA E 295 15.85 37.41 21.59
C ALA E 295 17.17 38.21 21.65
N PRO E 296 17.94 38.30 20.52
CA PRO E 296 17.80 37.75 19.16
C PRO E 296 18.27 36.29 19.00
N CYS E 297 17.47 35.50 18.29
CA CYS E 297 17.77 34.08 18.07
C CYS E 297 17.55 33.58 16.65
N LEU E 298 18.20 32.46 16.35
CA LEU E 298 18.10 31.78 15.06
C LEU E 298 17.68 30.33 15.25
N ILE E 299 16.47 30.02 14.82
CA ILE E 299 15.92 28.67 14.91
C ILE E 299 16.25 27.97 13.59
N PHE E 300 16.95 26.84 13.68
CA PHE E 300 17.33 26.09 12.50
C PHE E 300 16.65 24.72 12.43
N LEU E 301 15.82 24.56 11.41
CA LEU E 301 15.10 23.31 11.15
C LEU E 301 15.87 22.51 10.10
N ASP E 302 16.69 21.57 10.57
CA ASP E 302 17.50 20.73 9.69
C ASP E 302 16.68 19.50 9.28
N GLN E 303 16.66 19.23 7.96
CA GLN E 303 15.91 18.11 7.34
C GLN E 303 14.42 18.19 7.72
N ILE E 304 13.69 19.02 6.98
CA ILE E 304 12.27 19.26 7.25
C ILE E 304 11.23 18.31 6.61
N ASP E 305 11.64 17.56 5.57
CA ASP E 305 10.74 16.62 4.89
C ASP E 305 10.32 15.40 5.73
N ALA E 306 11.08 15.14 6.80
CA ALA E 306 10.83 14.04 7.73
C ALA E 306 9.74 14.41 8.75
N ILE E 307 9.62 15.70 9.05
CA ILE E 307 8.64 16.22 9.98
C ILE E 307 7.37 16.61 9.23
N ALA E 308 7.52 17.49 8.24
CA ALA E 308 6.40 17.97 7.45
C ALA E 308 6.40 17.60 5.98
N GLY E 309 5.96 16.37 5.70
CA GLY E 309 5.84 15.88 4.34
C GLY E 309 4.43 16.22 3.90
N ARG E 310 4.03 15.79 2.71
CA ARG E 310 2.68 16.06 2.20
C ARG E 310 1.65 15.33 3.07
N ARG E 311 0.61 16.04 3.50
CA ARG E 311 -0.43 15.47 4.36
C ARG E 311 -1.32 14.40 3.73
N GLU E 312 -1.20 14.24 2.42
CA GLU E 312 -1.92 13.22 1.66
C GLU E 312 -1.12 11.91 1.66
N SER E 313 0.21 12.05 1.74
CA SER E 313 1.15 10.91 1.76
C SER E 313 1.32 10.33 3.17
N ALA E 314 0.81 11.05 4.16
CA ALA E 314 0.85 10.64 5.56
C ALA E 314 -0.56 10.28 6.04
N ASN E 315 -0.80 8.99 6.23
CA ASN E 315 -2.09 8.47 6.68
C ASN E 315 -2.22 8.37 8.20
N LYS E 316 -1.21 8.88 8.91
CA LYS E 316 -1.15 8.88 10.37
C LYS E 316 -1.78 10.17 10.93
N GLY E 317 -2.44 10.04 12.08
CA GLY E 317 -3.09 11.16 12.74
C GLY E 317 -2.16 12.03 13.57
N MET E 318 -0.93 11.57 13.75
CA MET E 318 0.11 12.29 14.51
C MET E 318 0.89 13.26 13.63
N GLU E 319 1.22 12.82 12.42
CA GLU E 319 1.98 13.61 11.44
C GLU E 319 1.26 14.88 10.98
N SER E 320 -0.04 14.76 10.72
CA SER E 320 -0.90 15.88 10.30
C SER E 320 -1.02 16.90 11.44
N ARG E 321 -1.10 16.38 12.67
CA ARG E 321 -1.19 17.17 13.89
C ARG E 321 0.07 18.00 14.14
N ILE E 322 1.23 17.42 13.82
CA ILE E 322 2.53 18.09 13.97
C ILE E 322 2.63 19.28 13.00
N VAL E 323 2.21 19.09 11.74
CA VAL E 323 2.20 20.15 10.71
C VAL E 323 1.36 21.34 11.21
N ALA E 324 0.20 21.01 11.80
CA ALA E 324 -0.71 21.99 12.39
C ALA E 324 -0.06 22.80 13.52
N GLU E 325 0.70 22.12 14.40
CA GLU E 325 1.44 22.75 15.50
C GLU E 325 2.44 23.80 15.00
N ILE E 326 3.16 23.46 13.92
CA ILE E 326 4.13 24.35 13.28
C ILE E 326 3.43 25.62 12.77
N MET E 327 2.31 25.43 12.05
CA MET E 327 1.50 26.52 11.50
C MET E 327 1.03 27.50 12.58
N ASN E 328 0.52 26.96 13.69
CA ASN E 328 0.06 27.72 14.86
C ASN E 328 1.21 28.57 15.44
N GLY E 329 2.38 27.94 15.60
CA GLY E 329 3.58 28.61 16.09
C GLY E 329 3.99 29.80 15.23
N MET E 330 3.97 29.60 13.92
CA MET E 330 4.31 30.64 12.92
C MET E 330 3.45 31.90 13.08
N ASP E 331 2.13 31.69 13.26
CA ASP E 331 1.17 32.78 13.48
C ASP E 331 1.44 33.56 14.77
N ARG E 332 1.72 32.84 15.87
CA ARG E 332 2.05 33.44 17.18
C ARG E 332 3.22 34.42 17.11
N ILE E 333 4.26 34.03 16.37
CA ILE E 333 5.44 34.88 16.14
C ILE E 333 5.03 36.20 15.48
N ARG E 334 4.29 36.10 14.37
CA ARG E 334 3.80 37.27 13.60
C ARG E 334 3.07 38.31 14.47
N GLN E 335 2.20 37.84 15.36
CA GLN E 335 1.45 38.70 16.29
C GLN E 335 2.32 39.42 17.32
N ASN E 336 3.21 38.67 17.96
CA ASN E 336 4.15 39.19 18.99
C ASN E 336 5.22 40.19 18.51
N THR E 337 5.69 40.00 17.27
CA THR E 337 6.72 40.82 16.59
C THR E 337 6.84 42.37 16.78
N PRO E 338 5.74 43.18 16.72
CA PRO E 338 5.90 44.63 16.91
C PRO E 338 6.41 45.17 18.26
N LEU E 339 6.50 44.29 19.26
CA LEU E 339 6.97 44.65 20.61
C LEU E 339 8.49 44.81 20.71
N GLY E 340 9.22 43.74 20.37
CA GLY E 340 10.67 43.74 20.42
C GLY E 340 11.24 42.35 20.24
N LYS E 341 10.41 41.46 19.69
CA LYS E 341 10.74 40.06 19.44
C LYS E 341 11.43 39.93 18.08
N ASN E 342 12.67 39.45 18.09
CA ASN E 342 13.48 39.27 16.89
C ASN E 342 13.99 37.84 16.71
N VAL E 343 13.23 37.02 15.98
CA VAL E 343 13.60 35.62 15.71
C VAL E 343 13.43 35.29 14.22
N VAL E 344 14.47 34.73 13.63
CA VAL E 344 14.44 34.34 12.22
C VAL E 344 14.55 32.82 12.16
N VAL E 345 13.62 32.22 11.41
CA VAL E 345 13.56 30.77 11.24
C VAL E 345 14.23 30.30 9.95
N LEU E 346 15.36 29.63 10.11
CA LEU E 346 16.13 29.08 9.00
C LEU E 346 15.72 27.60 8.85
N ALA E 347 15.76 27.11 7.62
CA ALA E 347 15.40 25.72 7.34
C ALA E 347 16.18 25.14 6.17
N ALA E 348 16.49 23.85 6.26
CA ALA E 348 17.24 23.15 5.21
C ALA E 348 16.54 21.88 4.76
N THR E 349 16.46 21.72 3.44
CA THR E 349 15.85 20.55 2.81
C THR E 349 16.66 20.13 1.59
N ASN E 350 16.51 18.87 1.20
CA ASN E 350 17.21 18.30 0.05
C ASN E 350 16.32 18.21 -1.20
N ARG E 351 15.00 18.20 -0.97
CA ARG E 351 14.01 18.11 -2.05
C ARG E 351 12.76 18.97 -1.77
N PRO E 352 12.48 19.98 -2.65
CA PRO E 352 11.32 20.86 -2.50
C PRO E 352 9.95 20.25 -2.81
N GLU E 353 9.95 19.22 -3.65
CA GLU E 353 8.73 18.50 -4.08
C GLU E 353 8.05 17.67 -3.00
N PHE E 354 8.85 17.21 -2.03
CA PHE E 354 8.36 16.38 -0.93
C PHE E 354 7.69 17.20 0.18
N LEU E 355 8.00 18.49 0.22
CA LEU E 355 7.44 19.42 1.21
C LEU E 355 5.98 19.73 0.91
N ASP E 356 5.20 19.91 1.98
CA ASP E 356 3.78 20.23 1.90
C ASP E 356 3.59 21.65 1.34
N PRO E 357 2.81 21.82 0.24
CA PRO E 357 2.56 23.13 -0.37
C PRO E 357 2.13 24.23 0.60
N ALA E 358 1.48 23.82 1.70
CA ALA E 358 1.02 24.71 2.76
C ALA E 358 2.17 25.42 3.49
N ILE E 359 3.20 24.66 3.92
CA ILE E 359 4.37 25.23 4.60
C ILE E 359 5.23 26.08 3.64
N ARG E 360 5.26 25.67 2.36
CA ARG E 360 5.98 26.40 1.30
C ARG E 360 5.47 27.84 1.22
N ARG E 361 4.14 28.00 1.25
CA ARG E 361 3.47 29.31 1.26
C ARG E 361 3.84 30.15 2.49
N ARG E 362 3.89 29.52 3.67
CA ARG E 362 4.29 30.17 4.92
C ARG E 362 5.70 30.79 4.85
N PHE E 363 6.64 30.04 4.27
CA PHE E 363 8.02 30.50 4.07
C PHE E 363 8.11 31.45 2.89
N SER E 364 8.74 32.60 3.12
CA SER E 364 8.87 33.65 2.11
C SER E 364 10.16 33.73 1.30
N VAL E 365 11.31 33.61 1.96
CA VAL E 365 12.60 33.71 1.29
C VAL E 365 13.20 32.33 1.01
N GLU E 366 13.74 32.17 -0.21
CA GLU E 366 14.35 30.92 -0.66
C GLU E 366 15.72 31.14 -1.31
N ILE E 367 16.70 30.35 -0.87
CA ILE E 367 18.07 30.41 -1.41
C ILE E 367 18.47 29.05 -1.98
N ASP E 368 18.93 29.06 -3.24
CA ASP E 368 19.36 27.86 -3.93
C ASP E 368 20.88 27.68 -3.81
N MET E 369 21.29 26.65 -3.06
CA MET E 369 22.70 26.32 -2.85
C MET E 369 23.00 25.17 -3.82
N GLY E 370 23.24 25.55 -5.08
CA GLY E 370 23.50 24.60 -6.16
C GLY E 370 24.78 23.80 -6.22
N MET E 371 24.85 22.98 -7.27
CA MET E 371 25.94 22.07 -7.60
C MET E 371 27.33 22.71 -7.75
N PRO E 372 28.35 22.19 -7.01
CA PRO E 372 29.71 22.74 -7.09
C PRO E 372 30.40 22.44 -8.43
N SER E 373 30.50 23.47 -9.27
CA SER E 373 31.11 23.41 -10.61
C SER E 373 32.65 23.45 -10.53
N GLU E 374 33.30 23.53 -11.70
CA GLU E 374 34.77 23.59 -11.81
C GLU E 374 35.36 24.77 -11.02
N ARG E 375 34.71 25.92 -11.19
CA ARG E 375 35.07 27.19 -10.54
C ARG E 375 34.86 27.10 -9.03
N ALA E 376 33.71 26.54 -8.64
CA ALA E 376 33.32 26.36 -7.24
C ALA E 376 34.26 25.42 -6.49
N ARG E 377 34.63 24.30 -7.11
CA ARG E 377 35.57 23.32 -6.54
C ARG E 377 36.93 23.96 -6.26
N GLU E 378 37.41 24.77 -7.23
CA GLU E 378 38.66 25.54 -7.16
C GLU E 378 38.66 26.40 -5.89
N GLN E 379 37.55 27.12 -5.70
CA GLN E 379 37.33 27.97 -4.53
C GLN E 379 37.34 27.20 -3.22
N ILE E 380 36.64 26.06 -3.17
CA ILE E 380 36.60 25.18 -1.99
C ILE E 380 38.02 24.69 -1.64
N LEU E 381 38.77 24.24 -2.65
CA LEU E 381 40.16 23.78 -2.48
C LEU E 381 41.02 24.85 -1.81
N ARG E 382 40.90 26.09 -2.29
CA ARG E 382 41.60 27.25 -1.74
C ARG E 382 41.27 27.52 -0.26
N SER E 383 40.00 27.37 0.10
CA SER E 383 39.51 27.54 1.48
C SER E 383 40.16 26.56 2.46
N LEU E 384 40.25 25.30 2.04
CA LEU E 384 40.86 24.22 2.83
C LEU E 384 42.38 24.32 2.92
N THR E 385 43.03 24.62 1.78
CA THR E 385 44.48 24.77 1.70
C THR E 385 45.06 25.97 2.46
N ARG E 386 44.23 27.00 2.66
CA ARG E 386 44.51 28.23 3.42
C ARG E 386 45.52 28.16 4.60
N ASP E 387 45.43 27.10 5.41
CA ASP E 387 46.31 26.91 6.57
C ASP E 387 47.57 26.08 6.28
N LEU E 388 47.64 25.51 5.08
CA LEU E 388 48.75 24.66 4.63
C LEU E 388 49.79 25.40 3.79
N SER E 389 51.03 24.92 3.85
CA SER E 389 52.15 25.48 3.09
C SER E 389 52.33 24.66 1.81
N LEU E 390 51.67 25.12 0.74
CA LEU E 390 51.72 24.47 -0.57
C LEU E 390 53.00 24.78 -1.34
N ALA E 391 53.44 23.82 -2.14
CA ALA E 391 54.63 23.98 -2.98
C ALA E 391 54.22 24.70 -4.27
N ASP E 392 55.23 25.17 -5.01
CA ASP E 392 55.02 25.91 -6.27
C ASP E 392 54.49 25.08 -7.44
N ASP E 393 54.71 23.76 -7.39
CA ASP E 393 54.27 22.83 -8.44
C ASP E 393 52.77 22.48 -8.38
N ILE E 394 52.13 22.84 -7.27
CA ILE E 394 50.70 22.57 -7.05
C ILE E 394 49.82 23.62 -7.74
N ASN E 395 48.96 23.12 -8.63
CA ASN E 395 48.02 23.96 -9.36
C ASN E 395 46.62 23.47 -9.01
N PHE E 396 45.99 24.18 -8.07
CA PHE E 396 44.63 23.88 -7.59
C PHE E 396 43.59 23.86 -8.71
N LYS E 397 43.87 24.63 -9.77
CA LYS E 397 43.04 24.73 -10.97
C LYS E 397 42.99 23.38 -11.69
N GLU E 398 44.15 22.73 -11.82
CA GLU E 398 44.27 21.40 -12.45
C GLU E 398 43.53 20.34 -11.64
N LEU E 399 43.67 20.41 -10.31
CA LEU E 399 42.97 19.49 -9.40
C LEU E 399 41.46 19.58 -9.61
N ALA E 400 40.92 20.81 -9.54
CA ALA E 400 39.49 21.11 -9.74
C ALA E 400 38.91 20.60 -11.06
N LYS E 401 39.66 20.80 -12.15
CA LYS E 401 39.30 20.33 -13.50
C LYS E 401 39.12 18.82 -13.57
N MET E 402 40.10 18.09 -13.03
CA MET E 402 40.09 16.62 -12.99
C MET E 402 39.46 16.01 -11.73
N THR E 403 38.38 16.64 -11.26
CA THR E 403 37.62 16.23 -10.07
C THR E 403 36.14 16.35 -10.48
N PRO E 404 35.58 15.32 -11.17
CA PRO E 404 34.17 15.32 -11.64
C PRO E 404 33.01 15.46 -10.64
N GLY E 405 32.63 14.35 -10.01
CA GLY E 405 31.51 14.35 -9.07
C GLY E 405 31.82 14.36 -7.59
N TYR E 406 32.71 15.28 -7.18
CA TYR E 406 33.09 15.40 -5.77
C TYR E 406 32.40 16.60 -5.13
N VAL E 407 32.00 16.42 -3.87
CA VAL E 407 31.29 17.45 -3.10
C VAL E 407 32.26 18.17 -2.16
N GLY E 408 31.75 19.16 -1.41
CA GLY E 408 32.54 19.93 -0.46
C GLY E 408 33.26 19.10 0.60
N SER E 409 32.57 18.05 1.08
CA SER E 409 33.09 17.11 2.07
C SER E 409 34.20 16.24 1.48
N ASP E 410 34.00 15.80 0.22
CA ASP E 410 34.96 14.96 -0.52
C ASP E 410 36.28 15.69 -0.73
N LEU E 411 36.20 16.94 -1.16
CA LEU E 411 37.36 17.82 -1.38
C LEU E 411 38.12 18.05 -0.07
N GLN E 412 37.37 18.23 1.03
CA GLN E 412 37.89 18.38 2.39
C GLN E 412 38.79 17.18 2.74
N TYR E 413 38.28 15.99 2.42
CA TYR E 413 38.98 14.72 2.63
C TYR E 413 40.23 14.51 1.76
N VAL E 414 40.17 14.93 0.49
CA VAL E 414 41.30 14.86 -0.46
C VAL E 414 42.50 15.63 0.15
N VAL E 415 42.21 16.80 0.73
CA VAL E 415 43.21 17.64 1.42
C VAL E 415 43.82 16.87 2.63
N LYS E 416 42.97 16.25 3.46
CA LYS E 416 43.39 15.43 4.62
C LYS E 416 44.25 14.21 4.21
N ALA E 417 43.84 13.57 3.10
CA ALA E 417 44.54 12.41 2.50
C ALA E 417 45.99 12.77 2.12
N ALA E 418 46.16 13.93 1.47
CA ALA E 418 47.46 14.47 1.07
C ALA E 418 48.41 14.63 2.28
N VAL E 419 47.85 15.13 3.40
CA VAL E 419 48.56 15.32 4.68
C VAL E 419 49.20 14.00 5.18
N SER E 420 48.37 12.94 5.25
CA SER E 420 48.84 11.61 5.67
C SER E 420 49.95 11.04 4.75
N GLU E 421 49.77 11.20 3.44
CA GLU E 421 50.73 10.77 2.41
C GLU E 421 52.12 11.39 2.53
N SER E 422 52.17 12.70 2.82
CA SER E 422 53.42 13.43 3.02
C SER E 422 54.22 12.94 4.24
N PHE E 423 53.51 12.69 5.35
CA PHE E 423 54.13 12.21 6.59
C PHE E 423 54.57 10.73 6.68
N GLN E 424 54.87 10.15 5.51
CA GLN E 424 55.35 8.77 5.40
C GLN E 424 56.87 8.73 5.52
N ALA E 425 57.51 9.84 5.15
CA ALA E 425 58.96 10.02 5.22
C ALA E 425 59.45 9.98 6.66
N ASN E 426 58.69 10.62 7.54
CA ASN E 426 58.95 10.67 8.99
C ASN E 426 58.81 9.30 9.64
N ILE E 427 57.86 8.50 9.14
CA ILE E 427 57.61 7.13 9.61
C ILE E 427 58.83 6.25 9.30
N ASP E 428 59.34 6.34 8.07
CA ASP E 428 60.55 5.60 7.62
C ASP E 428 61.79 5.95 8.48
N SER E 429 61.96 7.24 8.75
CA SER E 429 63.05 7.77 9.59
C SER E 429 63.02 7.19 11.01
N LEU E 430 61.83 7.19 11.64
CA LEU E 430 61.61 6.64 12.98
C LEU E 430 61.90 5.14 13.08
N LEU E 431 61.50 4.38 12.04
CA LEU E 431 61.75 2.94 11.94
C LEU E 431 63.26 2.61 11.99
N ALA E 432 64.04 3.31 11.15
CA ALA E 432 65.50 3.17 11.09
C ALA E 432 66.17 3.54 12.42
N GLN E 433 65.71 4.65 13.01
CA GLN E 433 66.17 5.16 14.31
C GLN E 433 65.90 4.18 15.46
N ALA E 434 64.67 3.63 15.51
CA ALA E 434 64.25 2.63 16.51
C ALA E 434 65.07 1.35 16.48
N ARG E 435 65.35 0.83 15.27
CA ARG E 435 66.17 -0.38 15.05
C ARG E 435 67.65 -0.22 15.41
N ALA E 436 68.05 1.00 15.78
CA ALA E 436 69.42 1.32 16.18
C ALA E 436 69.53 1.49 17.70
N LYS E 437 68.48 2.02 18.32
CA LYS E 437 68.40 2.22 19.78
C LYS E 437 68.15 0.89 20.50
N HIS E 438 67.12 0.18 20.04
CA HIS E 438 66.74 -1.13 20.56
C HIS E 438 66.84 -2.11 19.37
N PRO E 439 67.98 -2.83 19.22
CA PRO E 439 68.16 -3.79 18.12
C PRO E 439 67.28 -5.03 18.21
N ALA E 440 67.36 -5.72 19.34
CA ALA E 440 66.61 -6.96 19.65
C ALA E 440 66.88 -8.13 18.68
N ASP E 441 67.91 -7.94 17.83
CA ASP E 441 68.38 -8.88 16.80
C ASP E 441 67.31 -9.36 15.81
N HIS E 442 66.90 -10.62 15.90
CA HIS E 442 65.89 -11.22 15.02
C HIS E 442 64.76 -11.90 15.81
N LEU E 443 64.66 -11.58 17.11
CA LEU E 443 63.65 -12.13 18.02
C LEU E 443 62.31 -11.37 17.96
N ALA E 444 62.40 -10.08 17.61
CA ALA E 444 61.24 -9.19 17.51
C ALA E 444 60.49 -9.25 16.17
N ASN E 445 61.00 -10.05 15.23
CA ASN E 445 60.39 -10.18 13.91
C ASN E 445 59.92 -11.56 13.45
N VAL E 446 58.64 -11.60 13.05
CA VAL E 446 57.97 -12.78 12.52
C VAL E 446 57.50 -12.31 11.13
N SER E 447 57.13 -11.02 11.08
CA SER E 447 56.67 -10.34 9.87
C SER E 447 57.11 -8.86 9.94
N GLN E 448 56.73 -8.07 8.94
CA GLN E 448 57.09 -6.64 8.88
C GLN E 448 56.24 -5.67 9.74
N PRO E 449 54.88 -5.77 9.71
CA PRO E 449 54.05 -4.86 10.52
C PRO E 449 54.22 -5.01 12.03
N GLN E 450 54.24 -6.27 12.47
CA GLN E 450 54.39 -6.64 13.88
C GLN E 450 55.69 -6.15 14.52
N ARG E 451 56.80 -6.20 13.78
CA ARG E 451 58.09 -5.74 14.27
C ARG E 451 58.08 -4.22 14.49
N ASP E 452 57.51 -3.47 13.54
CA ASP E 452 57.38 -2.01 13.61
C ASP E 452 56.62 -1.59 14.88
N TRP E 453 55.46 -2.23 15.09
CA TRP E 453 54.61 -2.00 16.26
C TRP E 453 55.33 -2.20 17.59
N LEU E 454 56.01 -3.34 17.72
CA LEU E 454 56.79 -3.70 18.92
C LEU E 454 57.85 -2.67 19.31
N LEU E 455 58.59 -2.15 18.33
CA LEU E 455 59.62 -1.11 18.56
C LEU E 455 59.05 0.17 19.19
N LEU E 456 57.92 0.65 18.64
CA LEU E 456 57.22 1.84 19.13
C LEU E 456 56.70 1.67 20.57
N GLU E 457 56.16 0.47 20.86
CA GLU E 457 55.66 0.07 22.18
C GLU E 457 56.75 0.15 23.24
N ALA E 458 57.97 -0.29 22.88
CA ALA E 458 59.15 -0.25 23.76
C ALA E 458 59.56 1.19 24.14
N HIS E 459 59.57 2.08 23.15
CA HIS E 459 59.92 3.50 23.33
C HIS E 459 59.06 4.31 24.33
N ARG E 460 57.73 4.32 24.13
CA ARG E 460 56.74 5.02 24.99
C ARG E 460 56.90 6.51 25.33
N ASP E 461 57.81 6.82 26.26
CA ASP E 461 58.06 8.20 26.71
C ASP E 461 59.11 8.98 25.92
N GLU E 462 59.37 8.54 24.68
CA GLU E 462 60.34 9.18 23.80
C GLU E 462 59.69 10.19 22.85
N GLU E 463 59.94 11.48 23.11
CA GLU E 463 59.42 12.58 22.31
C GLU E 463 60.36 12.93 21.15
N VAL E 464 59.79 13.02 19.95
CA VAL E 464 60.56 13.32 18.75
C VAL E 464 60.04 14.59 18.04
N SER E 465 60.99 15.36 17.49
CA SER E 465 60.69 16.60 16.76
C SER E 465 60.41 16.32 15.28
N TRP E 466 59.25 16.79 14.81
CA TRP E 466 58.82 16.59 13.43
C TRP E 466 59.02 17.82 12.54
N PRO E 467 59.80 17.69 11.44
CA PRO E 467 60.06 18.80 10.50
C PRO E 467 58.84 19.10 9.61
N SER E 468 58.55 20.38 9.43
CA SER E 468 57.41 20.83 8.60
C SER E 468 57.77 20.80 7.12
N THR E 469 57.27 19.77 6.43
CA THR E 469 57.51 19.56 5.00
C THR E 469 56.36 20.04 4.10
N LYS E 470 56.71 20.32 2.84
CA LYS E 470 55.75 20.77 1.82
C LYS E 470 55.28 19.61 0.95
N ILE E 471 54.00 19.69 0.56
CA ILE E 471 53.34 18.68 -0.29
C ILE E 471 53.60 18.94 -1.78
N THR E 472 53.68 17.86 -2.56
CA THR E 472 53.91 17.96 -4.02
C THR E 472 52.61 17.72 -4.80
N MET E 473 52.67 17.98 -6.11
CA MET E 473 51.54 17.80 -7.04
C MET E 473 51.29 16.30 -7.25
N GLU E 474 52.37 15.52 -7.19
CA GLU E 474 52.33 14.06 -7.33
C GLU E 474 51.54 13.42 -6.20
N GLN E 475 51.75 13.93 -4.98
CA GLN E 475 51.07 13.46 -3.77
C GLN E 475 49.56 13.71 -3.83
N PHE E 476 49.18 14.84 -4.46
CA PHE E 476 47.77 15.20 -4.65
C PHE E 476 47.10 14.25 -5.63
N ARG E 477 47.78 13.95 -6.75
CA ARG E 477 47.28 13.00 -7.77
C ARG E 477 47.07 11.60 -7.18
N LYS E 478 48.00 11.18 -6.32
CA LYS E 478 47.93 9.90 -5.60
C LYS E 478 46.70 9.91 -4.67
N ALA E 479 46.53 11.00 -3.92
CA ALA E 479 45.39 11.21 -3.03
C ALA E 479 44.05 11.17 -3.79
N VAL E 480 43.99 11.85 -4.94
CA VAL E 480 42.80 11.89 -5.82
C VAL E 480 42.38 10.49 -6.32
N SER E 481 43.35 9.68 -6.74
CA SER E 481 43.10 8.31 -7.21
C SER E 481 42.40 7.45 -6.14
N LEU E 482 42.85 7.57 -4.89
CA LEU E 482 42.28 6.84 -3.75
C LEU E 482 40.94 7.36 -3.18
N VAL E 483 40.42 8.46 -3.71
CA VAL E 483 39.14 9.03 -3.23
C VAL E 483 37.96 8.59 -4.12
N GLN E 484 36.76 8.51 -3.53
CA GLN E 484 35.55 8.08 -4.26
C GLN E 484 34.46 9.17 -4.42
N PRO E 485 33.82 9.25 -5.61
CA PRO E 485 32.76 10.25 -5.85
C PRO E 485 31.38 9.88 -5.27
N ALA E 486 30.39 10.74 -5.50
CA ALA E 486 29.02 10.53 -5.01
C ALA E 486 28.12 9.93 -6.10
N SER E 487 28.15 10.53 -7.29
CA SER E 487 27.37 10.09 -8.44
C SER E 487 28.21 9.10 -9.27
N LYS E 488 28.26 7.87 -8.79
CA LYS E 488 29.03 6.79 -9.42
C LYS E 488 28.16 5.64 -9.90
N ARG E 489 26.99 5.49 -9.29
CA ARG E 489 26.03 4.42 -9.63
C ARG E 489 25.08 4.76 -10.77
N GLU E 490 25.04 6.04 -11.17
CA GLU E 490 24.19 6.52 -12.25
C GLU E 490 24.85 6.37 -13.63
N GLY E 491 24.27 7.01 -14.65
CA GLY E 491 24.80 6.96 -16.01
C GLY E 491 26.04 7.82 -16.17
N PHE E 492 27.16 7.32 -15.66
CA PHE E 492 28.45 8.00 -15.69
C PHE E 492 29.27 7.63 -16.93
N SER E 493 29.54 6.33 -17.10
CA SER E 493 30.35 5.72 -18.17
C SER E 493 31.73 6.39 -18.31
N THR E 494 32.74 5.73 -17.73
CA THR E 494 34.13 6.22 -17.74
C THR E 494 34.80 6.21 -19.12
N ILE E 495 35.66 7.20 -19.34
CA ILE E 495 36.41 7.37 -20.59
C ILE E 495 37.60 6.39 -20.75
N PRO E 496 37.60 5.58 -21.83
CA PRO E 496 38.68 4.61 -22.09
C PRO E 496 40.03 5.22 -22.49
N ASP E 497 41.03 4.36 -22.65
CA ASP E 497 42.39 4.76 -23.02
C ASP E 497 42.60 5.04 -24.53
N THR E 498 41.52 5.43 -25.21
CA THR E 498 41.56 5.72 -26.64
C THR E 498 41.95 7.16 -26.96
N THR E 499 43.06 7.30 -27.69
CA THR E 499 43.59 8.59 -28.12
C THR E 499 43.59 8.62 -29.65
N TRP E 500 44.19 9.67 -30.22
CA TRP E 500 44.28 9.85 -31.67
C TRP E 500 45.26 8.87 -32.33
N SER E 501 46.20 8.38 -31.53
CA SER E 501 47.23 7.43 -31.97
C SER E 501 46.65 6.04 -32.27
N HIS E 502 45.45 5.79 -31.76
CA HIS E 502 44.73 4.52 -31.94
C HIS E 502 43.94 4.53 -33.26
N VAL E 503 43.74 5.74 -33.79
CA VAL E 503 43.01 5.95 -35.05
C VAL E 503 43.99 6.21 -36.19
N GLY E 504 43.99 5.31 -37.18
CA GLY E 504 44.85 5.43 -38.35
C GLY E 504 44.23 6.38 -39.37
N ALA E 505 45.00 7.41 -39.74
CA ALA E 505 44.62 8.48 -40.68
C ALA E 505 43.42 9.30 -40.22
N LEU E 506 42.51 9.64 -41.16
CA LEU E 506 41.30 10.46 -40.92
C LEU E 506 41.69 11.81 -40.28
N GLU E 507 42.86 12.30 -40.70
CA GLU E 507 43.44 13.56 -40.22
C GLU E 507 42.56 14.78 -40.45
N ASP E 508 41.82 14.77 -41.55
CA ASP E 508 40.89 15.83 -41.92
C ASP E 508 39.71 15.88 -40.94
N VAL E 509 39.18 14.69 -40.63
CA VAL E 509 38.08 14.49 -39.71
C VAL E 509 38.50 14.92 -38.29
N ARG E 510 39.73 14.56 -37.91
CA ARG E 510 40.32 14.90 -36.60
C ARG E 510 40.33 16.41 -36.38
N LYS E 511 40.80 17.16 -37.38
CA LYS E 511 40.85 18.64 -37.37
C LYS E 511 39.46 19.27 -37.22
N LYS E 512 38.49 18.78 -38.01
CA LYS E 512 37.10 19.23 -37.98
C LYS E 512 36.47 19.06 -36.60
N LEU E 513 36.70 17.88 -36.01
CA LEU E 513 36.24 17.52 -34.67
C LEU E 513 36.82 18.42 -33.59
N GLU E 514 38.12 18.68 -33.69
CA GLU E 514 38.85 19.58 -32.78
C GLU E 514 38.20 20.96 -32.78
N MET E 515 37.94 21.49 -33.97
CA MET E 515 37.29 22.80 -34.16
C MET E 515 35.95 22.89 -33.42
N SER E 516 35.06 21.96 -33.73
CA SER E 516 33.73 21.89 -33.13
C SER E 516 33.63 21.66 -31.60
N ILE E 517 34.25 20.60 -31.09
CA ILE E 517 34.18 20.27 -29.67
C ILE E 517 35.23 20.87 -28.71
N ILE E 518 36.50 20.79 -29.09
CA ILE E 518 37.63 21.24 -28.28
C ILE E 518 37.74 22.76 -28.35
N GLY E 519 37.28 23.32 -29.48
CA GLY E 519 37.29 24.75 -29.69
C GLY E 519 36.48 25.48 -28.63
N PRO E 520 35.16 25.19 -28.48
CA PRO E 520 34.39 25.88 -27.45
C PRO E 520 34.73 25.56 -25.99
N ILE E 521 35.09 24.30 -25.70
CA ILE E 521 35.45 23.89 -24.34
C ILE E 521 36.74 24.56 -23.82
N LYS E 522 37.82 24.44 -24.60
CA LYS E 522 39.12 25.01 -24.23
C LYS E 522 39.29 26.51 -24.45
N ASN E 523 38.68 27.03 -25.51
CA ASN E 523 38.76 28.46 -25.86
C ASN E 523 37.41 29.25 -25.94
N PRO E 524 36.72 29.45 -24.78
CA PRO E 524 35.44 30.19 -24.76
C PRO E 524 35.64 31.66 -25.13
N GLU E 525 36.82 32.18 -24.76
CA GLU E 525 37.24 33.57 -25.01
C GLU E 525 37.24 33.90 -26.50
N LEU E 526 37.75 32.96 -27.30
CA LEU E 526 37.83 33.09 -28.76
C LEU E 526 36.43 33.18 -29.38
N PHE E 527 35.55 32.26 -29.00
CA PHE E 527 34.17 32.24 -29.50
C PHE E 527 33.29 33.44 -29.18
N THR E 528 33.40 33.93 -27.93
CA THR E 528 32.66 35.12 -27.49
C THR E 528 33.11 36.39 -28.25
N ARG E 529 34.43 36.53 -28.45
CA ARG E 529 35.02 37.64 -29.20
C ARG E 529 34.64 37.71 -30.67
N VAL E 530 34.67 36.58 -31.38
CA VAL E 530 34.28 36.52 -32.80
C VAL E 530 32.77 36.75 -33.03
N GLY E 531 31.95 36.17 -32.16
CA GLY E 531 30.51 36.37 -32.24
C GLY E 531 29.59 35.20 -32.52
N ILE E 532 30.14 33.98 -32.66
CA ILE E 532 29.32 32.79 -32.91
C ILE E 532 28.96 31.94 -31.70
N LYS E 533 27.79 31.31 -31.78
CA LYS E 533 27.27 30.44 -30.74
C LYS E 533 27.93 29.06 -30.81
N PRO E 534 28.23 28.42 -29.64
CA PRO E 534 28.85 27.09 -29.65
C PRO E 534 27.94 25.96 -30.19
N ALA E 535 28.55 24.81 -30.48
CA ALA E 535 27.89 23.64 -31.04
C ALA E 535 26.78 22.94 -30.25
N ALA E 536 26.03 22.07 -30.94
CA ALA E 536 24.96 21.30 -30.35
C ALA E 536 25.10 19.82 -30.67
N GLY E 537 25.40 19.50 -31.94
CA GLY E 537 25.55 18.10 -32.34
C GLY E 537 26.08 17.75 -33.71
N ILE E 538 26.63 16.53 -33.82
CA ILE E 538 27.21 16.00 -35.06
C ILE E 538 26.69 14.59 -35.38
N LEU E 539 26.77 14.19 -36.66
CA LEU E 539 26.33 12.86 -37.10
C LEU E 539 27.42 12.10 -37.87
N LEU E 540 27.66 10.85 -37.47
CA LEU E 540 28.65 9.96 -38.10
C LEU E 540 28.02 8.84 -38.92
N TRP E 541 28.46 8.67 -40.17
CA TRP E 541 27.94 7.58 -41.02
C TRP E 541 28.94 6.75 -41.83
N GLY E 542 28.79 5.42 -41.78
CA GLY E 542 29.67 4.51 -42.51
C GLY E 542 29.83 3.07 -41.98
N PRO E 543 31.08 2.62 -41.62
CA PRO E 543 31.41 1.27 -41.07
C PRO E 543 30.78 1.10 -39.68
N PRO E 544 31.00 -0.05 -38.96
CA PRO E 544 30.24 0.16 -37.73
C PRO E 544 30.85 0.53 -36.38
N GLY E 545 30.48 -0.27 -35.37
CA GLY E 545 30.90 -0.09 -33.99
C GLY E 545 32.34 0.30 -33.77
N CYS E 546 33.24 -0.39 -34.47
CA CYS E 546 34.68 -0.16 -34.43
C CYS E 546 35.06 1.28 -34.75
N GLY E 547 34.52 1.78 -35.87
CA GLY E 547 34.77 3.14 -36.31
C GLY E 547 34.13 4.15 -35.38
N LYS E 548 32.90 3.86 -34.97
CA LYS E 548 32.13 4.71 -34.07
C LYS E 548 32.69 4.82 -32.65
N THR E 549 33.04 3.68 -32.06
CA THR E 549 33.63 3.59 -30.72
C THR E 549 34.96 4.34 -30.66
N LEU E 550 35.82 4.12 -31.66
CA LEU E 550 37.12 4.81 -31.75
C LEU E 550 36.98 6.34 -31.88
N VAL E 551 35.94 6.80 -32.58
CA VAL E 551 35.66 8.23 -32.73
C VAL E 551 35.03 8.89 -31.49
N ALA E 552 33.93 8.30 -31.02
CA ALA E 552 33.19 8.81 -29.87
C ALA E 552 34.04 8.95 -28.61
N LYS E 553 34.77 7.89 -28.32
CA LYS E 553 35.63 7.84 -27.15
C LYS E 553 36.91 8.67 -27.26
N ALA E 554 37.57 8.67 -28.43
CA ALA E 554 38.79 9.48 -28.65
C ALA E 554 38.60 10.98 -28.41
N VAL E 555 37.52 11.53 -28.96
CA VAL E 555 37.17 12.95 -28.80
C VAL E 555 36.83 13.26 -27.33
N ALA E 556 35.96 12.42 -26.75
CA ALA E 556 35.54 12.53 -25.35
C ALA E 556 36.71 12.51 -24.37
N ASN E 557 37.59 11.52 -24.52
CA ASN E 557 38.79 11.36 -23.69
C ASN E 557 39.63 12.63 -23.72
N GLU E 558 40.04 13.03 -24.93
CA GLU E 558 40.87 14.23 -25.21
C GLU E 558 40.40 15.49 -24.47
N SER E 559 39.10 15.77 -24.55
CA SER E 559 38.47 16.89 -23.85
C SER E 559 38.42 16.70 -22.32
N LYS E 560 38.73 15.46 -21.87
CA LYS E 560 38.73 15.02 -20.45
C LYS E 560 37.35 15.21 -19.86
N ALA E 561 36.39 15.17 -20.78
CA ALA E 561 34.96 15.36 -20.45
C ALA E 561 34.24 14.03 -20.24
N ASN E 562 33.01 14.10 -19.69
CA ASN E 562 32.20 12.90 -19.40
C ASN E 562 31.61 12.32 -20.67
N PHE E 563 31.29 11.03 -20.63
CA PHE E 563 30.74 10.33 -21.80
C PHE E 563 29.60 9.40 -21.42
N ILE E 564 28.49 9.50 -22.15
CA ILE E 564 27.34 8.63 -21.95
C ILE E 564 26.97 8.02 -23.31
N SER E 565 26.82 6.69 -23.35
CA SER E 565 26.48 5.97 -24.57
C SER E 565 25.17 5.19 -24.48
N ILE E 566 24.19 5.62 -25.26
CA ILE E 566 22.87 4.98 -25.33
C ILE E 566 22.78 4.39 -26.72
N LYS E 567 22.66 3.06 -26.77
CA LYS E 567 22.58 2.31 -28.02
C LYS E 567 21.15 1.97 -28.41
N GLY E 568 20.90 2.12 -29.72
CA GLY E 568 19.65 1.81 -30.39
C GLY E 568 18.30 1.46 -29.75
N PRO E 569 17.74 0.26 -30.03
CA PRO E 569 16.44 -0.13 -29.46
C PRO E 569 16.39 -0.63 -28.02
N GLU E 570 17.47 -0.42 -27.26
CA GLU E 570 17.54 -0.85 -25.85
C GLU E 570 16.83 0.12 -24.89
N LEU E 571 15.85 0.85 -25.42
CA LEU E 571 15.06 1.83 -24.66
C LEU E 571 13.56 1.57 -24.67
N LEU E 572 13.03 1.17 -25.82
CA LEU E 572 11.59 0.91 -26.04
C LEU E 572 10.92 -0.17 -25.18
N ASN E 573 9.71 0.17 -24.71
CA ASN E 573 8.88 -0.72 -23.88
C ASN E 573 7.57 -1.01 -24.59
N LYS E 574 6.76 -1.89 -24.00
CA LYS E 574 5.45 -2.26 -24.54
C LYS E 574 4.37 -1.29 -24.05
N TYR E 575 4.70 -0.57 -22.97
CA TYR E 575 3.81 0.41 -22.35
C TYR E 575 3.90 1.78 -23.02
N VAL E 576 2.92 2.63 -22.74
CA VAL E 576 2.81 3.95 -23.35
C VAL E 576 3.54 5.15 -22.70
N GLY E 577 3.98 5.03 -21.45
CA GLY E 577 4.62 6.18 -20.80
C GLY E 577 6.01 6.20 -20.19
N GLU E 578 6.73 5.08 -20.18
CA GLU E 578 8.08 5.08 -19.60
C GLU E 578 9.22 5.44 -20.55
N SER E 579 9.03 5.16 -21.84
CA SER E 579 10.03 5.45 -22.89
C SER E 579 10.37 6.95 -22.97
N GLU E 580 9.32 7.78 -23.03
CA GLU E 580 9.44 9.24 -23.10
C GLU E 580 10.05 9.84 -21.82
N ARG E 581 9.63 9.31 -20.66
CA ARG E 581 10.10 9.73 -19.33
C ARG E 581 11.60 9.42 -19.19
N ALA E 582 12.01 8.25 -19.69
CA ALA E 582 13.41 7.80 -19.69
C ALA E 582 14.31 8.74 -20.50
N VAL E 583 13.87 9.12 -21.71
CA VAL E 583 14.61 10.06 -22.60
C VAL E 583 14.81 11.41 -21.87
N ARG E 584 13.75 11.90 -21.24
CA ARG E 584 13.76 13.13 -20.45
C ARG E 584 14.82 13.01 -19.33
N GLN E 585 14.82 11.87 -18.64
CA GLN E 585 15.79 11.56 -17.58
C GLN E 585 17.25 11.62 -18.05
N LEU E 586 17.53 11.06 -19.22
CA LEU E 586 18.87 11.07 -19.82
C LEU E 586 19.42 12.48 -19.99
N PHE E 587 18.60 13.35 -20.58
CA PHE E 587 18.95 14.76 -20.78
C PHE E 587 19.15 15.51 -19.47
N SER E 588 18.32 15.20 -18.47
CA SER E 588 18.41 15.78 -17.13
C SER E 588 19.75 15.41 -16.47
N ARG E 589 20.13 14.13 -16.57
CA ARG E 589 21.40 13.60 -16.06
C ARG E 589 22.59 14.30 -16.73
N ALA E 590 22.51 14.41 -18.06
CA ALA E 590 23.52 15.09 -18.90
C ALA E 590 23.67 16.57 -18.52
N LYS E 591 22.54 17.26 -18.33
CA LYS E 591 22.50 18.66 -17.91
C LYS E 591 23.18 18.90 -16.56
N SER E 592 22.90 18.01 -15.60
CA SER E 592 23.48 18.04 -14.25
C SER E 592 25.02 17.96 -14.27
N SER E 593 25.57 17.04 -15.08
CA SER E 593 27.02 16.91 -15.21
C SER E 593 27.55 17.38 -16.59
N ALA E 594 27.88 18.68 -16.67
CA ALA E 594 28.43 19.34 -17.88
C ALA E 594 29.85 19.84 -17.55
N PRO E 595 30.84 19.71 -18.48
CA PRO E 595 30.89 19.14 -19.85
C PRO E 595 30.76 17.64 -20.04
N CYS E 596 29.88 17.28 -20.99
CA CYS E 596 29.58 15.90 -21.32
C CYS E 596 29.18 15.72 -22.78
N ILE E 597 29.55 14.55 -23.32
CA ILE E 597 29.22 14.17 -24.68
C ILE E 597 28.15 13.07 -24.59
N LEU E 598 27.01 13.32 -25.21
CA LEU E 598 25.90 12.37 -25.21
C LEU E 598 25.92 11.66 -26.56
N PHE E 599 26.22 10.36 -26.51
CA PHE E 599 26.33 9.54 -27.71
C PHE E 599 25.16 8.59 -27.95
N PHE E 600 24.60 8.69 -29.16
CA PHE E 600 23.49 7.85 -29.60
C PHE E 600 23.96 6.95 -30.74
N ASP E 601 24.11 5.66 -30.44
CA ASP E 601 24.58 4.68 -31.41
C ASP E 601 23.39 3.99 -32.08
N GLN E 602 23.46 3.85 -33.40
CA GLN E 602 22.43 3.25 -34.27
C GLN E 602 21.06 3.95 -34.20
N MET E 603 20.94 5.00 -35.00
CA MET E 603 19.74 5.83 -35.06
C MET E 603 18.75 5.52 -36.19
N ASP E 604 19.10 4.51 -36.99
CA ASP E 604 18.28 4.05 -38.12
C ASP E 604 16.89 3.51 -37.75
N ALA E 605 16.71 3.17 -36.48
CA ALA E 605 15.44 2.66 -35.95
C ALA E 605 14.39 3.74 -35.60
N LEU E 606 14.79 4.70 -34.78
CA LEU E 606 13.94 5.80 -34.30
C LEU E 606 13.52 6.91 -35.27
N VAL E 607 14.47 7.36 -36.07
CA VAL E 607 14.31 8.46 -37.03
C VAL E 607 13.42 8.34 -38.32
N PRO E 608 13.45 7.20 -39.06
CA PRO E 608 12.62 7.11 -40.28
C PRO E 608 11.10 6.98 -40.15
N ARG E 609 10.61 6.79 -38.92
CA ARG E 609 9.17 6.62 -38.66
C ARG E 609 8.36 7.94 -38.60
N ARG E 610 8.84 8.94 -39.32
CA ARG E 610 8.21 10.26 -39.39
C ARG E 610 7.62 10.53 -40.78
N ASP E 611 8.42 10.29 -41.82
CA ASP E 611 8.03 10.51 -43.22
C ASP E 611 6.81 9.71 -43.71
N ASP E 612 6.55 8.58 -43.04
CA ASP E 612 5.42 7.70 -43.32
C ASP E 612 4.70 7.36 -42.01
N SER E 613 3.37 7.53 -42.02
CA SER E 613 2.52 7.27 -40.84
C SER E 613 2.34 5.78 -40.52
N LEU E 614 2.87 5.36 -39.37
CA LEU E 614 2.78 3.96 -38.94
C LEU E 614 2.40 3.81 -37.46
N SER E 615 3.40 3.73 -36.58
CA SER E 615 3.17 3.55 -35.14
C SER E 615 3.02 4.85 -34.35
N ASP E 616 2.36 4.72 -33.19
CA ASP E 616 2.08 5.82 -32.26
C ASP E 616 3.19 5.97 -31.22
N ALA E 617 3.72 4.85 -30.74
CA ALA E 617 4.80 4.82 -29.74
C ALA E 617 6.08 5.46 -30.27
N SER E 618 6.43 5.07 -31.50
CA SER E 618 7.61 5.58 -32.22
C SER E 618 7.50 7.08 -32.49
N ALA E 619 6.28 7.53 -32.79
CA ALA E 619 5.94 8.92 -33.05
C ALA E 619 6.23 9.79 -31.82
N ARG E 620 5.73 9.36 -30.66
CA ARG E 620 5.94 10.06 -29.40
C ARG E 620 7.41 10.22 -29.01
N VAL E 621 8.17 9.11 -29.08
CA VAL E 621 9.61 9.09 -28.75
C VAL E 621 10.44 10.06 -29.61
N VAL E 622 10.28 9.99 -30.93
CA VAL E 622 11.01 10.87 -31.85
C VAL E 622 10.68 12.35 -31.64
N ASN E 623 9.40 12.66 -31.41
CA ASN E 623 8.95 14.01 -31.13
C ASN E 623 9.56 14.57 -29.84
N THR E 624 9.65 13.72 -28.80
CA THR E 624 10.29 14.10 -27.51
C THR E 624 11.77 14.40 -27.74
N LEU E 625 12.42 13.55 -28.56
CA LEU E 625 13.83 13.70 -28.92
C LEU E 625 14.11 15.05 -29.61
N LEU E 626 13.30 15.40 -30.61
CA LEU E 626 13.39 16.67 -31.35
C LEU E 626 13.29 17.86 -30.40
N THR E 627 12.33 17.75 -29.49
CA THR E 627 12.05 18.71 -28.43
C THR E 627 13.27 18.93 -27.50
N GLU E 628 13.85 17.82 -27.03
CA GLU E 628 15.02 17.84 -26.16
C GLU E 628 16.25 18.47 -26.81
N LEU E 629 16.45 18.17 -28.10
CA LEU E 629 17.55 18.72 -28.91
C LEU E 629 17.48 20.25 -29.06
N ASP E 630 16.29 20.76 -29.43
CA ASP E 630 16.05 22.21 -29.57
C ASP E 630 16.28 23.00 -28.27
N GLY E 631 15.79 22.45 -27.16
CA GLY E 631 15.94 23.07 -25.84
C GLY E 631 17.35 23.42 -25.40
N VAL E 632 18.31 22.53 -25.68
CA VAL E 632 19.72 22.75 -25.31
C VAL E 632 20.56 23.33 -26.47
N GLY E 633 21.34 24.37 -26.16
CA GLY E 633 22.19 25.01 -27.16
C GLY E 633 22.71 26.39 -26.76
N ASP E 634 21.97 27.07 -25.87
CA ASP E 634 22.33 28.41 -25.37
C ASP E 634 23.33 28.34 -24.21
N ARG E 635 23.04 27.45 -23.26
CA ARG E 635 23.88 27.23 -22.08
C ARG E 635 25.07 26.31 -22.44
N SER E 636 24.79 25.38 -23.37
CA SER E 636 25.75 24.39 -23.90
C SER E 636 26.49 23.51 -22.87
N GLY E 637 27.63 22.97 -23.30
CA GLY E 637 28.44 22.10 -22.47
C GLY E 637 28.13 20.65 -22.82
N ILE E 638 26.89 20.43 -23.24
CA ILE E 638 26.38 19.11 -23.64
C ILE E 638 26.38 19.05 -25.16
N TYR E 639 27.24 18.19 -25.71
CA TYR E 639 27.37 18.02 -27.16
C TYR E 639 26.89 16.63 -27.53
N VAL E 640 25.87 16.59 -28.38
CA VAL E 640 25.25 15.34 -28.80
C VAL E 640 25.84 14.78 -30.09
N ILE E 641 26.32 13.53 -30.02
CA ILE E 641 26.89 12.87 -31.17
C ILE E 641 25.99 11.68 -31.56
N GLY E 642 25.61 11.64 -32.83
CA GLY E 642 24.79 10.56 -33.33
C GLY E 642 25.57 9.74 -34.33
N ALA E 643 25.34 8.43 -34.33
CA ALA E 643 26.00 7.53 -35.27
C ALA E 643 25.07 6.50 -35.87
N THR E 644 25.24 6.25 -37.17
CA THR E 644 24.45 5.27 -37.91
C THR E 644 25.21 4.64 -39.08
N ASN E 645 24.93 3.35 -39.30
CA ASN E 645 25.55 2.58 -40.38
C ASN E 645 24.72 2.74 -41.65
N ARG E 646 23.54 3.35 -41.51
CA ARG E 646 22.60 3.57 -42.61
C ARG E 646 22.06 5.04 -42.69
N PRO E 647 22.54 5.85 -43.69
CA PRO E 647 22.14 7.26 -43.88
C PRO E 647 20.90 7.60 -44.75
N ASP E 648 20.48 6.63 -45.58
CA ASP E 648 19.34 6.77 -46.51
C ASP E 648 18.02 7.30 -45.94
N MET E 649 17.29 6.43 -45.23
CA MET E 649 16.00 6.80 -44.63
C MET E 649 16.13 7.40 -43.23
N ILE E 650 16.20 8.73 -43.23
CA ILE E 650 16.34 9.56 -42.02
C ILE E 650 15.51 10.82 -42.31
N ASP E 651 14.85 11.36 -41.27
CA ASP E 651 14.04 12.58 -41.40
C ASP E 651 14.93 13.83 -41.37
N GLU E 652 14.71 14.68 -42.37
CA GLU E 652 15.44 15.94 -42.58
C GLU E 652 15.37 16.88 -41.38
N ALA E 653 14.30 16.76 -40.59
CA ALA E 653 14.07 17.56 -39.38
C ALA E 653 15.19 17.36 -38.36
N ILE E 654 15.64 16.11 -38.20
CA ILE E 654 16.75 15.76 -37.30
C ILE E 654 18.06 16.36 -37.85
N ARG E 655 18.24 16.28 -39.17
CA ARG E 655 19.43 16.82 -39.85
C ARG E 655 19.65 18.35 -39.76
N ARG E 656 18.57 19.11 -39.64
CA ARG E 656 18.55 20.58 -39.48
C ARG E 656 19.56 21.14 -38.43
N PRO E 657 20.27 22.26 -38.76
CA PRO E 657 21.24 22.89 -37.85
C PRO E 657 20.68 23.29 -36.48
N GLY E 658 21.42 22.96 -35.43
CA GLY E 658 21.00 23.23 -34.07
C GLY E 658 20.71 21.92 -33.37
N ARG E 659 20.41 20.91 -34.18
CA ARG E 659 20.14 19.56 -33.70
C ARG E 659 21.39 18.75 -34.09
N LEU E 660 21.28 17.95 -35.14
CA LEU E 660 22.40 17.17 -35.63
C LEU E 660 22.70 17.64 -37.04
N GLY E 661 23.19 18.88 -37.13
CA GLY E 661 23.51 19.52 -38.39
C GLY E 661 24.80 19.18 -39.09
N THR E 662 25.85 18.88 -38.31
CA THR E 662 27.16 18.57 -38.87
C THR E 662 27.30 17.09 -39.24
N SER E 663 27.05 16.82 -40.52
CA SER E 663 27.12 15.46 -41.09
C SER E 663 28.54 15.11 -41.50
N ILE E 664 29.17 14.21 -40.72
CA ILE E 664 30.54 13.77 -40.95
C ILE E 664 30.52 12.33 -41.49
N TYR E 665 31.13 12.16 -42.66
CA TYR E 665 31.23 10.88 -43.33
C TYR E 665 32.52 10.16 -42.94
N VAL E 666 32.38 8.92 -42.48
CA VAL E 666 33.52 8.09 -42.04
C VAL E 666 33.74 6.87 -42.95
N GLY E 667 35.03 6.59 -43.21
CA GLY E 667 35.45 5.46 -44.04
C GLY E 667 36.75 4.87 -43.48
N LEU E 668 36.82 3.54 -43.41
CA LEU E 668 37.98 2.81 -42.86
C LEU E 668 38.97 2.01 -43.76
N PRO E 669 38.59 1.60 -45.00
CA PRO E 669 39.53 0.84 -45.84
C PRO E 669 40.83 1.44 -46.46
N SER E 670 41.96 1.16 -45.79
CA SER E 670 43.32 1.56 -46.21
C SER E 670 44.44 0.81 -45.48
N ALA E 671 45.38 0.28 -46.28
CA ALA E 671 46.53 -0.51 -45.82
C ALA E 671 47.49 0.14 -44.83
N GLU E 672 47.89 1.38 -45.11
CA GLU E 672 48.82 2.16 -44.28
C GLU E 672 48.29 2.33 -42.86
N ASP E 673 46.98 2.60 -42.77
CA ASP E 673 46.25 2.79 -41.51
C ASP E 673 46.30 1.52 -40.67
N ARG E 674 46.00 0.38 -41.30
CA ARG E 674 46.03 -0.93 -40.64
C ARG E 674 47.37 -1.26 -39.99
N VAL E 675 48.48 -0.97 -40.69
CA VAL E 675 49.83 -1.19 -40.16
C VAL E 675 50.03 -0.37 -38.88
N LYS E 676 49.63 0.90 -38.92
CA LYS E 676 49.71 1.81 -37.77
C LYS E 676 48.93 1.27 -36.56
N ILE E 677 47.70 0.80 -36.79
CA ILE E 677 46.85 0.21 -35.76
C ILE E 677 47.50 -1.04 -35.13
N LEU E 678 48.02 -1.95 -35.98
CA LEU E 678 48.70 -3.16 -35.53
C LEU E 678 49.89 -2.83 -34.63
N LYS E 679 50.68 -1.83 -35.04
CA LYS E 679 51.82 -1.35 -34.27
C LYS E 679 51.39 -0.74 -32.92
N THR E 680 50.32 0.06 -32.94
CA THR E 680 49.75 0.70 -31.75
C THR E 680 49.27 -0.33 -30.70
N LEU E 681 48.61 -1.39 -31.16
CA LEU E 681 48.14 -2.47 -30.27
C LEU E 681 49.29 -3.29 -29.69
N TYR E 682 50.23 -3.69 -30.55
CA TYR E 682 51.41 -4.48 -30.18
C TYR E 682 52.51 -3.62 -29.52
N ARG E 683 52.21 -2.34 -29.30
CA ARG E 683 53.13 -1.38 -28.66
C ARG E 683 53.03 -1.61 -27.15
N ASN E 684 51.80 -1.88 -26.70
CA ASN E 684 51.49 -2.14 -25.28
C ASN E 684 51.60 -3.62 -24.94
N THR E 685 52.84 -4.08 -24.80
CA THR E 685 53.15 -5.48 -24.46
C THR E 685 53.91 -5.57 -23.13
N VAL E 686 55.03 -4.84 -23.05
CA VAL E 686 55.88 -4.81 -21.85
C VAL E 686 55.73 -3.51 -21.05
N GLN E 712 63.48 -11.43 -25.80
CA GLN E 712 62.98 -10.24 -26.49
C GLN E 712 62.78 -10.49 -27.99
N GLY E 713 61.75 -9.86 -28.55
CA GLY E 713 61.44 -10.00 -29.97
C GLY E 713 60.25 -9.14 -30.37
N THR E 714 60.51 -8.07 -31.13
CA THR E 714 59.47 -7.15 -31.59
C THR E 714 58.93 -7.48 -33.00
N THR E 715 59.85 -7.79 -33.92
CA THR E 715 59.58 -8.14 -35.32
C THR E 715 58.61 -7.23 -36.10
N ASP E 716 59.17 -6.30 -36.87
CA ASP E 716 58.40 -5.34 -37.66
C ASP E 716 57.88 -5.92 -38.98
N ALA E 717 58.76 -6.66 -39.67
CA ALA E 717 58.48 -7.30 -40.97
C ALA E 717 57.22 -8.17 -40.98
N ASP E 718 57.01 -8.88 -39.87
CA ASP E 718 55.86 -9.77 -39.67
C ASP E 718 54.52 -8.99 -39.69
N LEU E 719 54.51 -7.82 -39.04
CA LEU E 719 53.34 -6.94 -38.96
C LEU E 719 52.88 -6.47 -40.34
N GLU E 720 53.84 -6.03 -41.16
CA GLU E 720 53.55 -5.57 -42.54
C GLU E 720 52.93 -6.67 -43.41
N LYS E 721 53.52 -7.87 -43.40
CA LYS E 721 53.03 -9.02 -44.17
C LYS E 721 51.59 -9.42 -43.80
N VAL E 722 51.30 -9.43 -42.49
CA VAL E 722 49.97 -9.73 -41.94
C VAL E 722 48.93 -8.77 -42.55
N ALA E 723 49.26 -7.47 -42.57
CA ALA E 723 48.41 -6.42 -43.17
C ALA E 723 48.11 -6.63 -44.66
N LEU E 724 49.13 -7.04 -45.42
CA LEU E 724 49.02 -7.32 -46.86
C LEU E 724 47.95 -8.34 -47.28
N ASP E 725 47.81 -9.44 -46.52
CA ASP E 725 46.81 -10.49 -46.77
C ASP E 725 45.36 -10.03 -47.07
N LEU E 726 44.69 -10.78 -47.96
CA LEU E 726 43.31 -10.51 -48.42
C LEU E 726 42.24 -10.43 -47.32
N ARG E 727 42.32 -11.37 -46.38
CA ARG E 727 41.41 -11.47 -45.23
C ARG E 727 41.50 -10.21 -44.35
N CYS E 728 42.72 -9.65 -44.24
CA CYS E 728 42.99 -8.43 -43.48
C CYS E 728 42.40 -7.18 -44.14
N THR E 729 42.42 -7.16 -45.48
CA THR E 729 41.84 -6.06 -46.27
C THR E 729 40.37 -5.80 -45.92
N GLY E 730 39.58 -6.87 -45.81
CA GLY E 730 38.18 -6.74 -45.43
C GLY E 730 37.93 -6.74 -43.93
N PHE E 731 38.68 -5.94 -43.18
CA PHE E 731 38.58 -5.85 -41.71
C PHE E 731 38.27 -4.44 -41.16
N SER E 732 38.23 -4.35 -39.83
CA SER E 732 37.97 -3.11 -39.09
C SER E 732 38.83 -3.08 -37.82
N GLY E 733 38.76 -1.97 -37.06
CA GLY E 733 39.54 -1.81 -35.82
C GLY E 733 39.28 -2.87 -34.76
N ALA E 734 38.01 -3.22 -34.59
CA ALA E 734 37.57 -4.24 -33.63
C ALA E 734 38.06 -5.63 -34.03
N ASP E 735 38.05 -5.90 -35.34
CA ASP E 735 38.51 -7.17 -35.92
C ASP E 735 40.00 -7.42 -35.68
N LEU E 736 40.82 -6.38 -35.91
CA LEU E 736 42.27 -6.44 -35.69
C LEU E 736 42.59 -6.71 -34.21
N GLY E 737 41.84 -6.08 -33.31
CA GLY E 737 41.98 -6.30 -31.87
C GLY E 737 41.71 -7.76 -31.50
N ASN E 738 40.63 -8.30 -32.07
CA ASN E 738 40.22 -9.70 -31.87
C ASN E 738 41.28 -10.68 -32.41
N LEU E 739 41.84 -10.39 -33.59
CA LEU E 739 42.90 -11.19 -34.23
C LEU E 739 44.10 -11.30 -33.28
N MET E 740 44.51 -10.16 -32.71
CA MET E 740 45.61 -10.07 -31.74
C MET E 740 45.34 -10.98 -30.53
N GLN E 741 44.13 -10.90 -29.97
CA GLN E 741 43.71 -11.74 -28.85
C GLN E 741 43.70 -13.24 -29.18
N ALA E 742 43.15 -13.57 -30.36
CA ALA E 742 43.09 -14.96 -30.88
C ALA E 742 44.48 -15.58 -30.99
N ALA E 743 45.43 -14.82 -31.56
CA ALA E 743 46.83 -15.22 -31.71
C ALA E 743 47.46 -15.50 -30.34
N ALA E 744 47.19 -14.61 -29.38
CA ALA E 744 47.66 -14.75 -27.99
C ALA E 744 47.18 -16.05 -27.36
N GLN E 745 45.89 -16.38 -27.54
CA GLN E 745 45.28 -17.63 -27.04
C GLN E 745 45.91 -18.90 -27.62
N ALA E 746 46.13 -18.92 -28.94
CA ALA E 746 46.77 -20.04 -29.66
C ALA E 746 48.18 -20.30 -29.14
N CYS E 747 48.93 -19.20 -28.92
CA CYS E 747 50.28 -19.22 -28.36
C CYS E 747 50.30 -19.87 -26.97
N LEU E 748 49.35 -19.49 -26.11
CA LEU E 748 49.19 -20.06 -24.77
C LEU E 748 48.98 -21.58 -24.80
N GLU E 749 48.16 -22.05 -25.73
CA GLU E 749 47.91 -23.48 -25.94
C GLU E 749 49.21 -24.24 -26.22
N ARG E 750 50.03 -23.70 -27.12
CA ARG E 750 51.34 -24.25 -27.48
C ARG E 750 52.28 -24.33 -26.27
N VAL E 751 52.36 -23.23 -25.51
CA VAL E 751 53.19 -23.13 -24.29
C VAL E 751 52.76 -24.17 -23.24
N TYR E 752 51.45 -24.27 -22.99
CA TYR E 752 50.89 -25.22 -22.03
C TYR E 752 51.13 -26.70 -22.35
N THR E 753 50.84 -27.11 -23.59
CA THR E 753 51.03 -28.50 -24.05
C THR E 753 52.50 -28.96 -24.01
N GLN E 754 53.39 -28.10 -24.50
CA GLN E 754 54.84 -28.36 -24.54
C GLN E 754 55.47 -28.42 -23.13
N ARG E 755 55.17 -27.42 -22.30
CA ARG E 755 55.69 -27.31 -20.92
C ARG E 755 55.27 -28.48 -20.02
N GLN E 756 53.98 -28.83 -20.03
CA GLN E 756 53.44 -29.94 -19.23
C GLN E 756 54.07 -31.29 -19.59
N GLN E 757 54.21 -31.56 -20.89
CA GLN E 757 54.84 -32.78 -21.41
C GLN E 757 56.29 -32.92 -20.89
N LYS E 758 57.08 -31.86 -21.05
CA LYS E 758 58.49 -31.80 -20.60
C LYS E 758 58.71 -31.90 -19.09
N ARG E 759 57.93 -31.14 -18.31
CA ARG E 759 58.00 -31.13 -16.83
C ARG E 759 57.71 -32.48 -16.17
N LYS E 760 56.61 -33.11 -16.60
CA LYS E 760 56.18 -34.43 -16.08
C LYS E 760 57.12 -35.59 -16.44
N GLU E 761 57.50 -35.69 -17.72
CA GLU E 761 58.40 -36.75 -18.20
C GLU E 761 59.86 -36.56 -17.75
N GLY E 762 60.37 -35.33 -17.87
CA GLY E 762 61.73 -35.00 -17.48
C GLY E 762 61.99 -34.95 -15.99
N GLU E 768 61.30 -28.51 -12.75
CA GLU E 768 60.51 -27.39 -13.23
C GLU E 768 61.32 -26.43 -14.08
N GLU E 769 60.84 -26.16 -15.29
CA GLU E 769 61.49 -25.26 -16.26
C GLU E 769 60.87 -23.86 -16.30
N GLU E 770 61.37 -23.03 -17.22
CA GLU E 770 60.91 -21.65 -17.40
C GLU E 770 59.76 -21.51 -18.41
N ILE E 771 58.98 -20.45 -18.24
CA ILE E 771 57.82 -20.14 -19.10
C ILE E 771 58.23 -19.12 -20.18
N GLU E 772 57.84 -19.38 -21.42
CA GLU E 772 58.15 -18.52 -22.57
C GLU E 772 56.90 -17.79 -23.11
N PRO E 773 56.82 -16.45 -22.97
CA PRO E 773 55.68 -15.66 -23.45
C PRO E 773 55.82 -15.10 -24.87
N VAL E 774 56.81 -15.60 -25.61
CA VAL E 774 57.10 -15.19 -26.98
C VAL E 774 56.05 -15.66 -27.99
N ILE E 775 55.72 -14.78 -28.93
CA ILE E 775 54.72 -15.05 -29.97
C ILE E 775 55.34 -14.94 -31.39
N THR E 776 55.30 -16.04 -32.12
CA THR E 776 55.85 -16.14 -33.48
C THR E 776 54.77 -16.01 -34.56
N MET E 777 55.16 -16.22 -35.82
CA MET E 777 54.27 -16.10 -36.97
C MET E 777 53.26 -17.23 -37.17
N GLU E 778 53.65 -18.46 -36.78
CA GLU E 778 52.78 -19.65 -36.89
C GLU E 778 51.47 -19.49 -36.14
N ASP E 779 51.54 -18.83 -34.98
CA ASP E 779 50.39 -18.54 -34.13
C ASP E 779 49.44 -17.55 -34.82
N TRP E 780 50.04 -16.51 -35.41
CA TRP E 780 49.31 -15.47 -36.15
C TRP E 780 48.59 -16.04 -37.37
N GLU E 781 49.30 -16.86 -38.15
CA GLU E 781 48.78 -17.53 -39.34
C GLU E 781 47.56 -18.41 -39.08
N LYS E 782 47.63 -19.26 -38.04
CA LYS E 782 46.52 -20.14 -37.64
C LYS E 782 45.28 -19.35 -37.23
N ALA E 783 45.49 -18.35 -36.37
CA ALA E 783 44.43 -17.44 -35.88
C ALA E 783 43.76 -16.71 -37.05
N LEU E 784 44.59 -16.22 -37.98
CA LEU E 784 44.18 -15.52 -39.20
C LEU E 784 43.26 -16.37 -40.09
N ASN E 785 43.63 -17.63 -40.30
CA ASN E 785 42.85 -18.59 -41.10
C ASN E 785 41.41 -18.77 -40.60
N GLU E 786 41.25 -18.94 -39.28
CA GLU E 786 39.94 -19.10 -38.66
C GLU E 786 39.00 -17.89 -38.59
N VAL E 787 39.49 -16.75 -38.06
CA VAL E 787 38.70 -15.53 -37.88
C VAL E 787 38.04 -14.90 -39.14
N LYS E 788 36.77 -14.53 -38.98
CA LYS E 788 35.93 -13.94 -40.03
C LYS E 788 35.42 -12.53 -39.62
N PRO E 789 35.15 -11.63 -40.61
CA PRO E 789 34.65 -10.27 -40.31
C PRO E 789 33.14 -10.21 -39.99
N SER E 790 32.52 -9.04 -40.18
CA SER E 790 31.09 -8.85 -39.93
C SER E 790 30.42 -8.10 -41.09
N ARG F 193 38.21 8.96 36.81
CA ARG F 193 39.43 8.63 36.00
C ARG F 193 39.42 7.16 35.57
N THR F 194 39.86 6.91 34.32
CA THR F 194 39.91 5.56 33.76
C THR F 194 41.26 5.30 33.06
N PRO F 195 42.24 4.67 33.77
CA PRO F 195 43.58 4.34 33.24
C PRO F 195 43.56 3.09 32.31
N PRO F 196 44.59 2.92 31.43
CA PRO F 196 44.63 1.76 30.52
C PRO F 196 44.89 0.38 31.17
N THR F 197 44.53 -0.67 30.44
CA THR F 197 44.69 -2.07 30.89
C THR F 197 45.94 -2.76 30.32
N LYS F 198 46.32 -3.89 30.95
CA LYS F 198 47.49 -4.68 30.56
C LYS F 198 47.11 -5.99 29.82
N VAL F 199 46.96 -5.88 28.49
CA VAL F 199 46.62 -7.01 27.62
C VAL F 199 47.83 -7.30 26.74
N SER F 200 48.02 -8.58 26.38
CA SER F 200 49.13 -9.01 25.53
C SER F 200 48.94 -8.66 24.05
N ILE F 201 49.94 -7.95 23.50
CA ILE F 201 49.95 -7.49 22.11
C ILE F 201 50.50 -8.58 21.18
N LEU F 202 51.22 -9.53 21.76
CA LEU F 202 51.83 -10.65 21.03
C LEU F 202 50.86 -11.82 20.82
N ASP F 203 49.60 -11.61 21.21
CA ASP F 203 48.54 -12.61 21.11
C ASP F 203 47.83 -12.62 19.74
N ILE F 204 47.69 -11.45 19.14
CA ILE F 204 47.02 -11.30 17.84
C ILE F 204 48.03 -11.32 16.68
N ALA F 205 47.74 -12.15 15.67
CA ALA F 205 48.58 -12.31 14.46
C ALA F 205 47.74 -12.74 13.25
N GLY F 206 48.29 -12.52 12.06
CA GLY F 206 47.62 -12.86 10.81
C GLY F 206 46.92 -11.66 10.17
N VAL F 207 47.02 -10.53 10.88
CA VAL F 207 46.41 -9.26 10.45
C VAL F 207 47.51 -8.24 10.08
N ASP F 208 48.48 -8.70 9.29
CA ASP F 208 49.61 -7.88 8.87
C ASP F 208 49.29 -6.56 8.16
N ASP F 209 48.59 -6.65 7.03
CA ASP F 209 48.21 -5.48 6.22
C ASP F 209 47.27 -4.50 6.94
N THR F 210 46.25 -5.05 7.61
CA THR F 210 45.27 -4.27 8.34
C THR F 210 45.83 -3.53 9.56
N LEU F 211 46.67 -4.22 10.34
CA LEU F 211 47.33 -3.64 11.52
C LEU F 211 48.26 -2.48 11.12
N GLN F 212 48.94 -2.64 9.97
CA GLN F 212 49.81 -1.61 9.39
C GLN F 212 49.03 -0.33 9.09
N ARG F 213 47.87 -0.47 8.42
CA ARG F 213 46.99 0.66 8.11
C ARG F 213 46.50 1.37 9.37
N LEU F 214 46.08 0.59 10.36
CA LEU F 214 45.60 1.07 11.66
C LEU F 214 46.70 1.91 12.34
N LEU F 215 47.94 1.39 12.30
CA LEU F 215 49.14 2.07 12.83
C LEU F 215 49.32 3.46 12.25
N LYS F 216 49.32 3.53 10.91
CA LYS F 216 49.48 4.77 10.16
C LYS F 216 48.46 5.84 10.58
N GLU F 217 47.18 5.44 10.61
CA GLU F 217 46.07 6.32 10.98
C GLU F 217 45.99 6.76 12.45
N VAL F 218 46.40 5.89 13.36
CA VAL F 218 46.33 6.15 14.80
C VAL F 218 47.62 6.69 15.46
N TRP F 219 48.78 6.26 14.97
CA TRP F 219 50.07 6.67 15.54
C TRP F 219 50.39 8.17 15.51
N PHE F 220 50.31 8.80 14.33
CA PHE F 220 50.60 10.22 14.18
C PHE F 220 49.77 11.18 15.09
N PRO F 221 48.41 11.10 15.10
CA PRO F 221 47.65 12.01 15.97
C PRO F 221 47.83 11.83 17.50
N LEU F 222 47.93 10.59 17.94
CA LEU F 222 48.10 10.27 19.37
C LEU F 222 49.49 10.49 19.95
N ARG F 223 50.51 10.00 19.26
CA ARG F 223 51.91 10.07 19.70
C ARG F 223 52.64 11.41 19.52
N GLY F 224 52.43 12.05 18.37
CA GLY F 224 53.09 13.31 18.08
C GLY F 224 52.08 14.44 18.07
N GLY F 225 51.48 14.68 19.24
CA GLY F 225 50.47 15.72 19.42
C GLY F 225 50.93 17.15 19.19
N GLU F 226 52.16 17.45 19.64
CA GLU F 226 52.76 18.79 19.49
C GLU F 226 52.96 19.17 18.02
N ALA F 227 53.38 18.18 17.22
CA ALA F 227 53.62 18.32 15.79
C ALA F 227 52.36 18.67 14.99
N CYS F 228 51.27 17.95 15.25
CA CYS F 228 49.98 18.17 14.57
C CYS F 228 49.37 19.54 14.89
N GLU F 229 49.50 19.97 16.16
CA GLU F 229 49.04 21.28 16.63
C GLU F 229 49.74 22.42 15.91
N LYS F 230 51.08 22.32 15.80
CA LYS F 230 51.93 23.31 15.10
C LYS F 230 51.61 23.47 13.62
N MET F 231 51.45 22.34 12.93
CA MET F 231 51.12 22.30 11.49
C MET F 231 49.75 22.89 11.16
N GLY F 232 48.74 22.54 11.97
CA GLY F 232 47.38 23.03 11.76
C GLY F 232 46.51 22.20 10.84
N TYR F 233 47.06 21.07 10.39
CA TYR F 233 46.36 20.15 9.48
C TYR F 233 45.44 19.21 10.29
N ARG F 234 44.34 18.77 9.68
CA ARG F 234 43.38 17.88 10.34
C ARG F 234 43.60 16.39 10.09
N TYR F 235 43.24 15.57 11.07
CA TYR F 235 43.42 14.11 11.04
C TYR F 235 42.16 13.21 11.05
N ASP F 236 42.37 11.91 11.29
CA ASP F 236 41.32 10.88 11.35
C ASP F 236 40.58 10.84 12.70
N ASN F 237 39.25 10.84 12.62
CA ASN F 237 38.39 10.85 13.81
C ASN F 237 37.79 9.50 14.22
N GLY F 238 37.08 8.86 13.29
CA GLY F 238 36.45 7.58 13.57
C GLY F 238 36.95 6.38 12.80
N VAL F 239 37.24 5.30 13.53
CA VAL F 239 37.73 4.04 12.95
C VAL F 239 36.73 2.91 13.26
N LEU F 240 36.10 2.38 12.22
CA LEU F 240 35.13 1.29 12.37
C LEU F 240 35.73 -0.07 12.00
N LEU F 241 35.61 -1.02 12.93
CA LEU F 241 36.09 -2.39 12.74
C LEU F 241 34.92 -3.32 12.52
N HIS F 242 34.92 -4.02 11.38
CA HIS F 242 33.84 -4.97 11.07
C HIS F 242 34.35 -6.37 10.74
N GLY F 243 33.43 -7.32 10.78
CA GLY F 243 33.73 -8.72 10.50
C GLY F 243 32.88 -9.63 11.38
N PRO F 244 32.98 -10.97 11.27
CA PRO F 244 32.19 -11.91 12.10
C PRO F 244 32.49 -11.84 13.61
N SER F 245 31.65 -12.50 14.40
CA SER F 245 31.78 -12.55 15.87
C SER F 245 32.98 -13.41 16.30
N GLY F 246 33.71 -12.95 17.33
CA GLY F 246 34.87 -13.68 17.83
C GLY F 246 36.13 -13.52 16.99
N CYS F 247 36.13 -12.53 16.09
CA CYS F 247 37.26 -12.24 15.20
C CYS F 247 38.41 -11.46 15.83
N GLY F 248 38.22 -11.09 17.10
CA GLY F 248 39.23 -10.36 17.85
C GLY F 248 39.14 -8.86 17.75
N LYS F 249 37.93 -8.35 17.53
CA LYS F 249 37.68 -6.90 17.42
C LYS F 249 37.88 -6.18 18.76
N THR F 250 37.30 -6.77 19.82
CA THR F 250 37.38 -6.25 21.20
C THR F 250 38.84 -6.34 21.71
N THR F 251 39.49 -7.47 21.44
CA THR F 251 40.89 -7.70 21.84
C THR F 251 41.87 -6.75 21.15
N LEU F 252 41.70 -6.55 19.83
CA LEU F 252 42.52 -5.64 19.02
C LEU F 252 42.47 -4.22 19.59
N ALA F 253 41.26 -3.73 19.89
CA ALA F 253 41.03 -2.41 20.49
C ALA F 253 41.74 -2.26 21.85
N HIS F 254 41.56 -3.26 22.71
CA HIS F 254 42.19 -3.35 24.05
C HIS F 254 43.72 -3.35 23.96
N ALA F 255 44.24 -4.16 23.02
CA ALA F 255 45.68 -4.29 22.73
C ALA F 255 46.29 -2.96 22.29
N ILE F 256 45.62 -2.30 21.34
CA ILE F 256 46.01 -0.99 20.79
C ILE F 256 46.10 0.09 21.91
N ALA F 257 45.11 0.10 22.80
CA ALA F 257 45.07 1.01 23.97
C ALA F 257 46.29 0.81 24.90
N GLY F 258 46.53 -0.45 25.28
CA GLY F 258 47.66 -0.82 26.12
C GLY F 258 49.02 -0.52 25.51
N SER F 259 49.18 -0.87 24.22
CA SER F 259 50.41 -0.65 23.45
C SER F 259 50.84 0.82 23.30
N ILE F 260 49.88 1.69 22.94
CA ILE F 260 50.11 3.14 22.81
C ILE F 260 50.30 3.77 24.20
N GLY F 261 49.46 3.36 25.17
CA GLY F 261 49.55 3.85 26.53
C GLY F 261 48.60 4.99 26.83
N VAL F 262 47.60 5.14 25.95
CA VAL F 262 46.57 6.18 26.08
C VAL F 262 45.42 5.74 26.99
N ALA F 263 44.58 6.70 27.40
CA ALA F 263 43.45 6.41 28.30
C ALA F 263 42.33 5.68 27.55
N PHE F 264 41.87 4.58 28.14
CA PHE F 264 40.83 3.77 27.53
C PHE F 264 39.47 3.94 28.20
N ILE F 265 38.49 4.41 27.40
CA ILE F 265 37.11 4.62 27.86
C ILE F 265 36.25 3.57 27.13
N PRO F 266 35.89 2.45 27.81
CA PRO F 266 35.06 1.41 27.18
C PRO F 266 33.57 1.70 27.25
N VAL F 267 32.94 1.84 26.08
CA VAL F 267 31.50 2.09 26.00
C VAL F 267 30.89 0.86 25.36
N SER F 268 30.26 0.03 26.20
CA SER F 268 29.59 -1.19 25.76
C SER F 268 28.16 -0.81 25.36
N ALA F 269 27.50 -1.67 24.58
CA ALA F 269 26.14 -1.45 24.11
C ALA F 269 25.04 -1.05 25.13
N PRO F 270 24.96 -1.72 26.33
CA PRO F 270 23.91 -1.30 27.27
C PRO F 270 24.39 -0.54 28.53
N SER F 271 25.68 -0.14 28.54
CA SER F 271 26.29 0.57 29.68
C SER F 271 25.85 2.01 29.92
N VAL F 272 25.34 2.68 28.89
CA VAL F 272 24.89 4.07 28.97
C VAL F 272 23.38 4.26 29.24
N ILE F 273 22.60 3.21 29.05
CA ILE F 273 21.14 3.22 29.25
C ILE F 273 20.76 3.23 30.75
N GLY F 274 19.85 4.14 31.11
CA GLY F 274 19.39 4.27 32.50
C GLY F 274 17.93 3.91 32.70
N GLY F 275 17.38 4.35 33.83
CA GLY F 275 15.99 4.07 34.17
C GLY F 275 14.98 5.08 33.64
N THR F 276 15.22 6.36 33.94
CA THR F 276 14.36 7.47 33.51
C THR F 276 14.69 7.95 32.09
N SER F 277 13.73 8.61 31.44
CA SER F 277 13.88 9.14 30.08
C SER F 277 14.59 10.51 30.09
N GLY F 278 15.92 10.45 30.24
CA GLY F 278 16.76 11.64 30.28
C GLY F 278 18.15 11.32 30.78
N GLU F 279 18.25 10.32 31.66
CA GLU F 279 19.51 9.87 32.25
C GLU F 279 20.47 9.29 31.20
N SER F 280 19.90 8.61 30.20
CA SER F 280 20.65 8.00 29.08
C SER F 280 21.41 9.06 28.27
N GLU F 281 20.70 10.12 27.91
CA GLU F 281 21.22 11.26 27.14
C GLU F 281 22.27 12.06 27.93
N LYS F 282 21.98 12.28 29.22
CA LYS F 282 22.87 12.98 30.15
C LYS F 282 24.22 12.26 30.24
N ASN F 283 24.18 10.93 30.37
CA ASN F 283 25.39 10.08 30.41
C ASN F 283 26.23 10.17 29.13
N ILE F 284 25.58 10.15 27.96
CA ILE F 284 26.26 10.29 26.65
C ILE F 284 27.04 11.62 26.60
N ARG F 285 26.39 12.70 27.06
CA ARG F 285 26.99 14.03 27.15
C ARG F 285 28.23 14.02 28.05
N ASP F 286 28.08 13.50 29.28
CA ASP F 286 29.16 13.38 30.27
C ASP F 286 30.38 12.59 29.77
N VAL F 287 30.12 11.51 29.04
CA VAL F 287 31.15 10.66 28.40
C VAL F 287 31.98 11.51 27.43
N PHE F 288 31.31 12.18 26.49
CA PHE F 288 31.97 13.07 25.52
C PHE F 288 32.67 14.27 26.16
N ASP F 289 32.04 14.88 27.17
CA ASP F 289 32.60 16.01 27.93
C ASP F 289 33.90 15.69 28.67
N GLU F 290 33.90 14.58 29.43
CA GLU F 290 35.10 14.11 30.15
C GLU F 290 36.20 13.69 29.19
N ALA F 291 35.80 13.01 28.11
CA ALA F 291 36.70 12.56 27.04
C ALA F 291 37.45 13.69 26.34
N ILE F 292 36.74 14.75 25.93
CA ILE F 292 37.39 15.91 25.29
C ILE F 292 38.31 16.67 26.26
N ARG F 293 37.89 16.78 27.54
CA ARG F 293 38.66 17.43 28.60
C ARG F 293 40.02 16.75 28.85
N LEU F 294 40.02 15.42 28.99
CA LEU F 294 41.23 14.62 29.19
C LEU F 294 41.76 14.00 27.88
N ALA F 295 43.04 14.23 27.58
CA ALA F 295 43.67 13.74 26.34
C ALA F 295 45.14 13.30 26.57
N PRO F 296 45.67 12.32 25.78
CA PRO F 296 45.11 11.51 24.67
C PRO F 296 44.31 10.28 25.14
N CYS F 297 43.14 10.07 24.51
CA CYS F 297 42.24 8.97 24.84
C CYS F 297 41.67 8.20 23.65
N LEU F 298 41.22 6.98 23.93
CA LEU F 298 40.60 6.10 22.96
C LEU F 298 39.23 5.65 23.45
N ILE F 299 38.18 6.14 22.78
CA ILE F 299 36.81 5.79 23.10
C ILE F 299 36.44 4.58 22.23
N PHE F 300 36.02 3.49 22.88
CA PHE F 300 35.66 2.28 22.18
C PHE F 300 34.17 1.94 22.34
N LEU F 301 33.47 1.97 21.20
CA LEU F 301 32.04 1.65 21.11
C LEU F 301 31.89 0.20 20.68
N ASP F 302 31.73 -0.70 21.65
CA ASP F 302 31.58 -2.13 21.37
C ASP F 302 30.12 -2.44 21.12
N GLN F 303 29.84 -3.16 20.03
CA GLN F 303 28.49 -3.56 19.58
C GLN F 303 27.60 -2.31 19.42
N ILE F 304 27.73 -1.65 18.26
CA ILE F 304 27.01 -0.42 17.99
C ILE F 304 25.60 -0.52 17.37
N ASP F 305 25.24 -1.69 16.83
CA ASP F 305 23.92 -1.90 16.21
C ASP F 305 22.75 -1.93 17.22
N ALA F 306 23.08 -2.13 18.50
CA ALA F 306 22.12 -2.17 19.59
C ALA F 306 21.72 -0.77 20.06
N ILE F 307 22.65 0.18 19.88
CA ILE F 307 22.46 1.58 20.25
C ILE F 307 21.89 2.35 19.04
N ALA F 308 22.62 2.31 17.93
CA ALA F 308 22.25 3.01 16.72
C ALA F 308 21.91 2.13 15.52
N GLY F 309 20.68 1.63 15.51
CA GLY F 309 20.18 0.82 14.41
C GLY F 309 19.50 1.80 13.47
N ARG F 310 18.88 1.31 12.39
CA ARG F 310 18.18 2.17 11.44
C ARG F 310 16.99 2.86 12.12
N ARG F 311 16.87 4.18 11.95
CA ARG F 311 15.80 4.97 12.57
C ARG F 311 14.38 4.69 12.07
N GLU F 312 14.29 3.94 10.97
CA GLU F 312 13.02 3.52 10.38
C GLU F 312 12.55 2.22 11.03
N SER F 313 13.52 1.41 11.48
CA SER F 313 13.27 0.12 12.14
C SER F 313 12.98 0.28 13.65
N ALA F 314 13.23 1.49 14.16
CA ALA F 314 13.02 1.85 15.55
C ALA F 314 11.84 2.83 15.64
N ASN F 315 10.70 2.34 16.14
CA ASN F 315 9.49 3.14 16.29
C ASN F 315 9.38 3.84 17.66
N LYS F 316 10.46 3.74 18.44
CA LYS F 316 10.55 4.36 19.77
C LYS F 316 11.16 5.76 19.68
N GLY F 317 10.66 6.66 20.53
CA GLY F 317 11.13 8.05 20.57
C GLY F 317 12.42 8.27 21.33
N MET F 318 12.86 7.25 22.05
CA MET F 318 14.10 7.29 22.84
C MET F 318 15.32 6.90 22.01
N GLU F 319 15.16 5.88 21.14
CA GLU F 319 16.22 5.36 20.27
C GLU F 319 16.71 6.37 19.23
N SER F 320 15.76 7.10 18.62
CA SER F 320 16.04 8.15 17.64
C SER F 320 16.78 9.33 18.29
N ARG F 321 16.39 9.62 19.54
CA ARG F 321 16.98 10.69 20.37
C ARG F 321 18.43 10.39 20.74
N ILE F 322 18.73 9.13 21.00
CA ILE F 322 20.08 8.66 21.33
C ILE F 322 21.03 8.83 20.13
N VAL F 323 20.56 8.45 18.92
CA VAL F 323 21.32 8.61 17.66
C VAL F 323 21.68 10.10 17.46
N ALA F 324 20.70 10.97 17.71
CA ALA F 324 20.87 12.44 17.64
C ALA F 324 21.95 12.94 18.62
N GLU F 325 21.95 12.42 19.85
CA GLU F 325 22.96 12.75 20.88
C GLU F 325 24.39 12.41 20.43
N ILE F 326 24.56 11.25 19.80
CA ILE F 326 25.85 10.78 19.25
C ILE F 326 26.35 11.76 18.16
N MET F 327 25.46 12.12 17.22
CA MET F 327 25.75 13.08 16.13
C MET F 327 26.24 14.43 16.63
N ASN F 328 25.53 14.98 17.64
CA ASN F 328 25.84 16.25 18.31
C ASN F 328 27.24 16.19 18.93
N GLY F 329 27.53 15.09 19.64
CA GLY F 329 28.82 14.84 20.26
C GLY F 329 29.97 14.85 19.26
N MET F 330 29.77 14.16 18.12
CA MET F 330 30.74 14.08 17.02
C MET F 330 31.14 15.47 16.48
N ASP F 331 30.14 16.33 16.29
CA ASP F 331 30.34 17.72 15.85
C ASP F 331 31.17 18.55 16.85
N ARG F 332 30.84 18.43 18.15
CA ARG F 332 31.56 19.11 19.24
C ARG F 332 33.05 18.82 19.25
N ILE F 333 33.41 17.55 19.04
CA ILE F 333 34.81 17.11 18.96
C ILE F 333 35.53 17.84 17.81
N ARG F 334 34.93 17.82 16.61
CA ARG F 334 35.47 18.48 15.41
C ARG F 334 35.83 19.97 15.62
N GLN F 335 34.94 20.72 16.30
CA GLN F 335 35.14 22.13 16.63
C GLN F 335 36.30 22.40 17.61
N ASN F 336 36.34 21.64 18.70
CA ASN F 336 37.37 21.73 19.75
C ASN F 336 38.81 21.34 19.34
N THR F 337 38.94 20.35 18.46
CA THR F 337 40.19 19.80 17.91
C THR F 337 41.47 20.68 17.64
N PRO F 338 41.35 21.89 17.00
CA PRO F 338 42.58 22.69 16.76
C PRO F 338 43.36 23.23 17.97
N LEU F 339 42.78 23.12 19.17
CA LEU F 339 43.39 23.59 20.42
C LEU F 339 44.50 22.68 20.96
N GLY F 340 44.13 21.43 21.24
CA GLY F 340 45.06 20.44 21.76
C GLY F 340 44.36 19.17 22.21
N LYS F 341 43.13 19.00 21.69
CA LYS F 341 42.28 17.84 22.00
C LYS F 341 42.58 16.69 21.03
N ASN F 342 43.04 15.57 21.58
CA ASN F 342 43.40 14.37 20.81
C ASN F 342 42.62 13.13 21.26
N VAL F 343 41.48 12.88 20.62
CA VAL F 343 40.64 11.70 20.91
C VAL F 343 40.22 10.97 19.63
N VAL F 344 40.46 9.66 19.60
CA VAL F 344 40.09 8.83 18.45
C VAL F 344 38.99 7.87 18.89
N VAL F 345 37.90 7.84 18.12
CA VAL F 345 36.75 7.00 18.41
C VAL F 345 36.78 5.69 17.61
N LEU F 346 37.02 4.59 18.32
CA LEU F 346 37.05 3.26 17.75
C LEU F 346 35.66 2.65 17.94
N ALA F 347 35.25 1.79 17.00
CA ALA F 347 33.96 1.13 17.06
C ALA F 347 33.99 -0.26 16.45
N ALA F 348 33.20 -1.17 17.02
CA ALA F 348 33.12 -2.54 16.54
C ALA F 348 31.68 -3.00 16.30
N THR F 349 31.47 -3.61 15.13
CA THR F 349 30.16 -4.13 14.73
C THR F 349 30.32 -5.47 14.02
N ASN F 350 29.25 -6.26 14.03
CA ASN F 350 29.23 -7.58 13.41
C ASN F 350 28.55 -7.55 12.03
N ARG F 351 27.69 -6.56 11.83
CA ARG F 351 26.94 -6.38 10.59
C ARG F 351 26.80 -4.91 10.16
N PRO F 352 27.35 -4.52 8.99
CA PRO F 352 27.28 -3.15 8.48
C PRO F 352 25.91 -2.69 7.95
N GLU F 353 25.09 -3.67 7.57
CA GLU F 353 23.74 -3.46 7.01
C GLU F 353 22.71 -2.95 8.01
N PHE F 354 22.90 -3.34 9.27
CA PHE F 354 22.00 -2.96 10.36
C PHE F 354 22.24 -1.55 10.88
N LEU F 355 23.43 -1.01 10.60
CA LEU F 355 23.80 0.34 11.02
C LEU F 355 23.09 1.40 10.18
N ASP F 356 22.76 2.51 10.82
CA ASP F 356 22.07 3.64 10.20
C ASP F 356 23.03 4.33 9.20
N PRO F 357 22.61 4.49 7.92
CA PRO F 357 23.43 5.13 6.88
C PRO F 357 24.03 6.49 7.26
N ALA F 358 23.34 7.19 8.17
CA ALA F 358 23.75 8.50 8.71
C ALA F 358 25.06 8.43 9.51
N ILE F 359 25.15 7.47 10.44
CA ILE F 359 26.37 7.27 11.26
C ILE F 359 27.53 6.74 10.41
N ARG F 360 27.20 5.94 9.38
CA ARG F 360 28.18 5.38 8.42
C ARG F 360 28.95 6.52 7.73
N ARG F 361 28.21 7.56 7.30
CA ARG F 361 28.77 8.77 6.68
C ARG F 361 29.70 9.53 7.64
N ARG F 362 29.30 9.65 8.91
CA ARG F 362 30.11 10.30 9.96
C ARG F 362 31.48 9.65 10.16
N PHE F 363 31.50 8.31 10.20
CA PHE F 363 32.73 7.51 10.32
C PHE F 363 33.48 7.47 8.99
N SER F 364 34.77 7.79 9.04
CA SER F 364 35.62 7.85 7.85
C SER F 364 36.49 6.63 7.49
N VAL F 365 37.15 6.06 8.50
CA VAL F 365 38.06 4.92 8.29
C VAL F 365 37.38 3.60 8.64
N GLU F 366 37.56 2.61 7.76
CA GLU F 366 36.99 1.26 7.93
C GLU F 366 38.01 0.14 7.72
N ILE F 367 38.07 -0.79 8.67
CA ILE F 367 38.97 -1.94 8.62
C ILE F 367 38.17 -3.25 8.66
N ASP F 368 38.42 -4.12 7.68
CA ASP F 368 37.77 -5.41 7.56
C ASP F 368 38.62 -6.52 8.21
N MET F 369 38.13 -7.03 9.33
CA MET F 369 38.79 -8.11 10.07
C MET F 369 38.07 -9.40 9.67
N GLY F 370 38.45 -9.92 8.49
CA GLY F 370 37.86 -11.13 7.93
C GLY F 370 38.26 -12.47 8.49
N MET F 371 38.10 -13.49 7.65
CA MET F 371 38.38 -14.90 7.95
C MET F 371 39.67 -15.21 8.74
N PRO F 372 39.52 -15.79 9.98
CA PRO F 372 40.65 -16.15 10.87
C PRO F 372 41.59 -17.15 10.19
N SER F 373 42.89 -16.92 10.35
CA SER F 373 43.90 -17.77 9.72
C SER F 373 44.34 -18.98 10.54
N GLU F 374 45.11 -19.84 9.88
CA GLU F 374 45.67 -21.08 10.45
C GLU F 374 46.54 -20.80 11.68
N ARG F 375 47.37 -19.76 11.55
CA ARG F 375 48.28 -19.30 12.60
C ARG F 375 47.51 -18.76 13.80
N ALA F 376 46.48 -17.97 13.49
CA ALA F 376 45.59 -17.34 14.48
C ALA F 376 44.83 -18.36 15.33
N ARG F 377 44.27 -19.37 14.66
CA ARG F 377 43.53 -20.47 15.30
C ARG F 377 44.44 -21.24 16.27
N GLU F 378 45.69 -21.51 15.83
CA GLU F 378 46.75 -22.17 16.61
C GLU F 378 46.96 -21.42 17.94
N GLN F 379 47.09 -20.10 17.83
CA GLN F 379 47.26 -19.21 18.97
C GLN F 379 46.07 -19.24 19.94
N ILE F 380 44.85 -19.16 19.40
CA ILE F 380 43.60 -19.24 20.18
C ILE F 380 43.53 -20.57 20.96
N LEU F 381 43.82 -21.68 20.27
CA LEU F 381 43.84 -23.01 20.88
C LEU F 381 44.77 -23.05 22.10
N ARG F 382 45.97 -22.49 21.93
CA ARG F 382 46.97 -22.39 23.01
C ARG F 382 46.49 -21.60 24.23
N SER F 383 45.77 -20.49 23.97
CA SER F 383 45.18 -19.64 25.02
C SER F 383 44.17 -20.39 25.90
N LEU F 384 43.31 -21.17 25.24
CA LEU F 384 42.29 -21.99 25.91
C LEU F 384 42.84 -23.20 26.66
N THR F 385 43.79 -23.91 26.02
CA THR F 385 44.45 -25.08 26.59
C THR F 385 45.35 -24.79 27.81
N ARG F 386 45.86 -23.56 27.89
CA ARG F 386 46.69 -23.02 28.98
C ARG F 386 46.50 -23.58 30.41
N ASP F 387 45.24 -23.79 30.81
CA ASP F 387 44.91 -24.32 32.14
C ASP F 387 44.76 -25.85 32.21
N LEU F 388 44.76 -26.50 31.04
CA LEU F 388 44.62 -27.95 30.92
C LEU F 388 45.95 -28.69 30.79
N SER F 389 45.95 -29.95 31.23
CA SER F 389 47.12 -30.83 31.17
C SER F 389 47.01 -31.71 29.92
N LEU F 390 47.63 -31.23 28.84
CA LEU F 390 47.62 -31.92 27.55
C LEU F 390 48.64 -33.04 27.48
N ALA F 391 48.30 -34.09 26.74
CA ALA F 391 49.19 -35.23 26.54
C ALA F 391 50.19 -34.90 25.42
N ASP F 392 51.23 -35.72 25.32
CA ASP F 392 52.29 -35.52 24.32
C ASP F 392 51.89 -35.78 22.86
N ASP F 393 50.83 -36.58 22.67
CA ASP F 393 50.33 -36.92 21.33
C ASP F 393 49.50 -35.82 20.66
N ILE F 394 49.12 -34.81 21.46
CA ILE F 394 48.32 -33.67 21.00
C ILE F 394 49.18 -32.62 20.27
N ASN F 395 48.83 -32.37 19.02
CA ASN F 395 49.50 -31.39 18.19
C ASN F 395 48.46 -30.35 17.79
N PHE F 396 48.46 -29.24 18.53
CA PHE F 396 47.55 -28.10 18.31
C PHE F 396 47.64 -27.53 16.89
N LYS F 397 48.82 -27.69 16.29
CA LYS F 397 49.11 -27.25 14.91
C LYS F 397 48.24 -28.05 13.92
N GLU F 398 48.14 -29.37 14.13
CA GLU F 398 47.32 -30.26 13.29
C GLU F 398 45.84 -29.92 13.42
N LEU F 399 45.40 -29.64 14.65
CA LEU F 399 44.01 -29.24 14.93
C LEU F 399 43.65 -27.98 14.13
N ALA F 400 44.48 -26.94 14.28
CA ALA F 400 44.32 -25.64 13.59
C ALA F 400 44.23 -25.75 12.06
N LYS F 401 45.10 -26.58 11.48
CA LYS F 401 45.14 -26.86 10.04
C LYS F 401 43.83 -27.44 9.52
N MET F 402 43.33 -28.47 10.21
CA MET F 402 42.07 -29.14 9.87
C MET F 402 40.83 -28.55 10.55
N THR F 403 40.80 -27.23 10.66
CA THR F 403 39.70 -26.47 11.27
C THR F 403 39.45 -25.26 10.34
N PRO F 404 38.71 -25.45 9.22
CA PRO F 404 38.42 -24.39 8.24
C PRO F 404 37.71 -23.09 8.66
N GLY F 405 36.38 -23.12 8.78
CA GLY F 405 35.62 -21.92 9.14
C GLY F 405 35.13 -21.79 10.56
N TYR F 406 36.03 -22.01 11.51
CA TYR F 406 35.68 -21.90 12.93
C TYR F 406 36.19 -20.60 13.50
N VAL F 407 35.40 -20.02 14.39
CA VAL F 407 35.73 -18.74 15.03
C VAL F 407 36.26 -18.96 16.45
N GLY F 408 36.62 -17.85 17.12
CA GLY F 408 37.15 -17.88 18.49
C GLY F 408 36.26 -18.59 19.50
N SER F 409 34.95 -18.38 19.35
CA SER F 409 33.93 -18.98 20.19
C SER F 409 33.80 -20.50 19.92
N ASP F 410 33.89 -20.86 18.63
CA ASP F 410 33.82 -22.26 18.19
C ASP F 410 34.97 -23.10 18.73
N LEU F 411 36.19 -22.55 18.65
CA LEU F 411 37.41 -23.17 19.16
C LEU F 411 37.32 -23.37 20.68
N GLN F 412 36.78 -22.35 21.37
CA GLN F 412 36.52 -22.37 22.82
C GLN F 412 35.66 -23.60 23.20
N TYR F 413 34.60 -23.81 22.41
CA TYR F 413 33.69 -24.93 22.55
C TYR F 413 34.31 -26.30 22.26
N VAL F 414 35.15 -26.38 21.23
CA VAL F 414 35.88 -27.61 20.87
C VAL F 414 36.69 -28.11 22.08
N VAL F 415 37.35 -27.16 22.77
CA VAL F 415 38.12 -27.43 23.99
C VAL F 415 37.19 -28.00 25.11
N LYS F 416 36.04 -27.34 25.34
CA LYS F 416 35.02 -27.77 26.31
C LYS F 416 34.46 -29.18 26.02
N ALA F 417 34.19 -29.42 24.72
CA ALA F 417 33.71 -30.70 24.20
C ALA F 417 34.66 -31.85 24.54
N ALA F 418 35.97 -31.60 24.36
CA ALA F 418 37.04 -32.54 24.70
C ALA F 418 37.00 -32.94 26.18
N VAL F 419 36.77 -31.95 27.06
CA VAL F 419 36.66 -32.14 28.52
C VAL F 419 35.54 -33.16 28.88
N SER F 420 34.34 -32.95 28.33
CA SER F 420 33.21 -33.85 28.56
C SER F 420 33.47 -35.29 28.07
N GLU F 421 34.07 -35.41 26.88
CA GLU F 421 34.44 -36.69 26.27
C GLU F 421 35.40 -37.54 27.12
N SER F 422 36.39 -36.89 27.72
CA SER F 422 37.36 -37.56 28.61
C SER F 422 36.71 -38.13 29.89
N PHE F 423 35.81 -37.36 30.49
CA PHE F 423 35.10 -37.78 31.70
C PHE F 423 33.98 -38.82 31.58
N GLN F 424 34.06 -39.64 30.53
CA GLN F 424 33.09 -40.72 30.28
C GLN F 424 33.52 -41.99 31.01
N ALA F 425 34.83 -42.10 31.24
CA ALA F 425 35.46 -43.24 31.94
C ALA F 425 34.99 -43.28 33.40
N ASN F 426 34.92 -42.10 34.01
CA ASN F 426 34.46 -41.92 35.39
C ASN F 426 32.99 -42.29 35.55
N ILE F 427 32.21 -42.00 34.50
CA ILE F 427 30.77 -42.33 34.45
C ILE F 427 30.58 -43.86 34.48
N ASP F 428 31.32 -44.58 33.62
CA ASP F 428 31.29 -46.05 33.56
C ASP F 428 31.65 -46.70 34.89
N SER F 429 32.71 -46.17 35.54
CA SER F 429 33.19 -46.63 36.86
C SER F 429 32.11 -46.50 37.93
N LEU F 430 31.47 -45.33 37.99
CA LEU F 430 30.37 -45.04 38.92
C LEU F 430 29.17 -45.98 38.75
N LEU F 431 28.81 -46.26 37.49
CA LEU F 431 27.72 -47.18 37.13
C LEU F 431 27.94 -48.59 37.72
N ALA F 432 29.14 -49.14 37.49
CA ALA F 432 29.53 -50.47 38.00
C ALA F 432 29.53 -50.50 39.53
N GLN F 433 30.08 -49.45 40.14
CA GLN F 433 30.16 -49.26 41.60
C GLN F 433 28.75 -49.20 42.24
N ALA F 434 27.86 -48.43 41.64
CA ALA F 434 26.46 -48.27 42.08
C ALA F 434 25.66 -49.58 42.07
N ARG F 435 25.81 -50.36 41.00
CA ARG F 435 25.15 -51.68 40.84
C ARG F 435 25.62 -52.76 41.82
N ALA F 436 26.66 -52.42 42.60
CA ALA F 436 27.24 -53.31 43.61
C ALA F 436 26.79 -52.94 45.02
N LYS F 437 26.63 -51.63 45.26
CA LYS F 437 26.18 -51.08 46.56
C LYS F 437 24.68 -51.31 46.74
N HIS F 438 23.92 -50.89 45.72
CA HIS F 438 22.46 -51.03 45.68
C HIS F 438 22.16 -51.88 44.43
N PRO F 439 22.01 -53.22 44.57
CA PRO F 439 21.73 -54.10 43.43
C PRO F 439 20.34 -53.90 42.83
N ALA F 440 19.31 -53.98 43.69
CA ALA F 440 17.89 -53.84 43.33
C ALA F 440 17.39 -54.87 42.31
N ASP F 441 18.23 -55.89 42.06
CA ASP F 441 18.01 -57.00 41.13
C ASP F 441 17.66 -56.58 39.68
N HIS F 442 16.41 -56.81 39.28
CA HIS F 442 15.92 -56.46 37.94
C HIS F 442 14.63 -55.61 37.97
N LEU F 443 14.33 -55.07 39.16
CA LEU F 443 13.14 -54.24 39.40
C LEU F 443 13.37 -52.78 38.99
N ALA F 444 14.62 -52.34 39.06
CA ALA F 444 15.02 -50.97 38.72
C ALA F 444 15.27 -50.74 37.22
N ASN F 445 15.12 -51.78 36.41
CA ASN F 445 15.33 -51.67 34.97
C ASN F 445 14.20 -52.03 34.01
N VAL F 446 13.90 -51.08 33.12
CA VAL F 446 12.90 -51.20 32.07
C VAL F 446 13.71 -50.92 30.79
N SER F 447 14.65 -49.99 30.90
CA SER F 447 15.57 -49.57 29.82
C SER F 447 16.94 -49.24 30.43
N GLN F 448 17.88 -48.78 29.59
CA GLN F 448 19.23 -48.43 30.03
C GLN F 448 19.42 -47.02 30.66
N PRO F 449 18.90 -45.92 30.03
CA PRO F 449 19.08 -44.60 30.63
C PRO F 449 18.39 -44.43 31.99
N GLN F 450 17.16 -44.94 32.07
CA GLN F 450 16.33 -44.87 33.27
C GLN F 450 16.94 -45.56 34.50
N ARG F 451 17.55 -46.74 34.30
CA ARG F 451 18.18 -47.48 35.40
C ARG F 451 19.36 -46.72 35.99
N ASP F 452 20.19 -46.14 35.10
CA ASP F 452 21.36 -45.34 35.50
C ASP F 452 20.93 -44.16 36.40
N TRP F 453 19.91 -43.43 35.93
CA TRP F 453 19.34 -42.30 36.65
C TRP F 453 18.90 -42.67 38.06
N LEU F 454 18.11 -43.74 38.18
CA LEU F 454 17.60 -44.25 39.45
C LEU F 454 18.66 -44.55 40.51
N LEU F 455 19.76 -45.17 40.09
CA LEU F 455 20.89 -45.49 40.98
C LEU F 455 21.52 -44.24 41.63
N LEU F 456 21.76 -43.22 40.80
CA LEU F 456 22.33 -41.94 41.24
C LEU F 456 21.42 -41.23 42.26
N GLU F 457 20.12 -41.27 41.98
CA GLU F 457 19.05 -40.71 42.83
C GLU F 457 19.06 -41.31 44.24
N ALA F 458 19.24 -42.63 44.30
CA ALA F 458 19.33 -43.37 45.57
C ALA F 458 20.52 -42.94 46.44
N HIS F 459 21.69 -42.78 45.80
CA HIS F 459 22.92 -42.34 46.48
C HIS F 459 22.91 -40.99 47.20
N ARG F 460 22.54 -39.92 46.48
CA ARG F 460 22.46 -38.54 47.00
C ARG F 460 23.66 -37.92 47.72
N ASP F 461 23.80 -38.24 49.01
CA ASP F 461 24.87 -37.69 49.86
C ASP F 461 26.22 -38.43 49.80
N GLU F 462 26.43 -39.20 48.72
CA GLU F 462 27.66 -39.95 48.53
C GLU F 462 28.68 -39.17 47.68
N GLU F 463 29.74 -38.72 48.34
CA GLU F 463 30.82 -37.95 47.69
C GLU F 463 31.91 -38.89 47.16
N VAL F 464 32.30 -38.69 45.91
CA VAL F 464 33.31 -39.49 45.24
C VAL F 464 34.50 -38.65 44.73
N SER F 465 35.70 -39.23 44.85
CA SER F 465 36.95 -38.59 44.40
C SER F 465 37.20 -38.88 42.92
N TRP F 466 37.40 -37.80 42.15
CA TRP F 466 37.64 -37.90 40.72
C TRP F 466 39.13 -37.72 40.33
N PRO F 467 39.72 -38.73 39.66
CA PRO F 467 41.13 -38.67 39.23
C PRO F 467 41.33 -37.74 38.03
N SER F 468 42.40 -36.93 38.07
CA SER F 468 42.74 -35.99 37.00
C SER F 468 43.44 -36.70 35.82
N THR F 469 42.67 -36.94 34.76
CA THR F 469 43.16 -37.63 33.57
C THR F 469 43.54 -36.67 32.42
N LYS F 470 44.42 -37.15 31.55
CA LYS F 470 44.88 -36.38 30.39
C LYS F 470 44.08 -36.71 29.14
N ILE F 471 43.83 -35.68 28.32
CA ILE F 471 43.08 -35.80 27.06
C ILE F 471 43.98 -36.32 25.93
N THR F 472 43.39 -37.12 25.04
CA THR F 472 44.13 -37.67 23.89
C THR F 472 43.79 -36.91 22.61
N MET F 473 44.55 -37.19 21.54
CA MET F 473 44.37 -36.59 20.21
C MET F 473 43.09 -37.14 19.58
N GLU F 474 42.77 -38.40 19.91
CA GLU F 474 41.58 -39.10 19.43
C GLU F 474 40.31 -38.42 19.94
N GLN F 475 40.33 -38.01 21.21
CA GLN F 475 39.23 -37.32 21.88
C GLN F 475 38.95 -35.96 21.24
N PHE F 476 40.01 -35.29 20.79
CA PHE F 476 39.92 -34.01 20.11
C PHE F 476 39.26 -34.16 18.74
N ARG F 477 39.67 -35.19 17.99
CA ARG F 477 39.09 -35.50 16.67
C ARG F 477 37.60 -35.82 16.77
N LYS F 478 37.22 -36.55 17.81
CA LYS F 478 35.82 -36.90 18.11
C LYS F 478 35.04 -35.60 18.40
N ALA F 479 35.62 -34.74 19.24
CA ALA F 479 35.05 -33.43 19.60
C ALA F 479 34.85 -32.54 18.35
N VAL F 480 35.86 -32.48 17.48
CA VAL F 480 35.83 -31.73 16.21
C VAL F 480 34.69 -32.17 15.28
N SER F 481 34.50 -33.48 15.13
CA SER F 481 33.42 -34.05 14.31
C SER F 481 32.03 -33.57 14.75
N LEU F 482 31.80 -33.54 16.06
CA LEU F 482 30.53 -33.08 16.65
C LEU F 482 30.28 -31.57 16.70
N VAL F 483 31.25 -30.75 16.28
CA VAL F 483 31.09 -29.29 16.28
C VAL F 483 30.66 -28.79 14.88
N GLN F 484 29.78 -27.79 14.83
CA GLN F 484 29.32 -27.23 13.56
C GLN F 484 28.86 -25.76 13.66
N PRO F 485 29.59 -24.83 12.99
CA PRO F 485 29.24 -23.40 13.02
C PRO F 485 28.25 -22.97 11.94
N ALA F 486 28.49 -23.43 10.70
CA ALA F 486 27.72 -23.14 9.48
C ALA F 486 27.92 -21.70 8.99
N SER F 487 28.51 -20.88 9.85
CA SER F 487 28.83 -19.46 9.66
C SER F 487 27.67 -18.52 9.30
N LYS F 488 27.47 -18.26 8.01
CA LYS F 488 26.39 -17.38 7.53
C LYS F 488 25.15 -18.21 7.16
N ARG F 489 24.56 -17.96 5.99
CA ARG F 489 23.38 -18.68 5.49
C ARG F 489 23.89 -19.99 4.87
N GLU F 490 24.96 -19.86 4.09
CA GLU F 490 25.64 -20.98 3.44
C GLU F 490 26.98 -21.06 4.18
N GLY F 491 27.61 -19.89 4.32
CA GLY F 491 28.88 -19.74 5.01
C GLY F 491 30.10 -20.28 4.30
N PHE F 492 30.95 -20.95 5.09
CA PHE F 492 32.17 -21.57 4.58
C PHE F 492 31.80 -22.88 3.89
N SER F 493 32.44 -23.17 2.76
CA SER F 493 32.18 -24.40 2.04
C SER F 493 33.48 -25.04 1.62
N THR F 494 33.77 -26.20 2.24
CA THR F 494 34.98 -26.97 1.96
C THR F 494 34.87 -27.72 0.62
N ILE F 495 36.01 -27.86 -0.05
CA ILE F 495 36.11 -28.54 -1.35
C ILE F 495 36.02 -30.08 -1.26
N PRO F 496 35.03 -30.69 -1.96
CA PRO F 496 34.84 -32.15 -1.95
C PRO F 496 35.93 -32.94 -2.69
N ASP F 497 35.81 -34.27 -2.65
CA ASP F 497 36.77 -35.18 -3.29
C ASP F 497 36.54 -35.40 -4.81
N THR F 498 35.93 -34.40 -5.46
CA THR F 498 35.64 -34.45 -6.90
C THR F 498 36.80 -33.95 -7.76
N THR F 499 37.30 -34.85 -8.60
CA THR F 499 38.40 -34.57 -9.51
C THR F 499 37.89 -34.75 -10.95
N TRP F 500 38.82 -34.72 -11.92
CA TRP F 500 38.48 -34.89 -13.34
C TRP F 500 38.14 -36.33 -13.72
N SER F 501 38.62 -37.27 -12.89
CA SER F 501 38.40 -38.71 -13.08
C SER F 501 36.94 -39.11 -12.78
N HIS F 502 36.23 -38.24 -12.08
CA HIS F 502 34.81 -38.44 -11.73
C HIS F 502 33.89 -37.99 -12.86
N VAL F 503 34.45 -37.17 -13.77
CA VAL F 503 33.71 -36.64 -14.92
C VAL F 503 34.10 -37.42 -16.18
N GLY F 504 33.10 -38.10 -16.76
CA GLY F 504 33.29 -38.87 -17.97
C GLY F 504 33.22 -37.99 -19.19
N ALA F 505 34.28 -38.03 -20.00
CA ALA F 505 34.46 -37.25 -21.24
C ALA F 505 34.55 -35.74 -20.98
N LEU F 506 33.97 -34.93 -21.87
CA LEU F 506 33.96 -33.46 -21.80
C LEU F 506 35.38 -32.89 -21.74
N GLU F 507 36.30 -33.57 -22.43
CA GLU F 507 37.72 -33.20 -22.49
C GLU F 507 38.00 -31.81 -23.05
N ASP F 508 37.16 -31.39 -24.00
CA ASP F 508 37.23 -30.07 -24.65
C ASP F 508 36.89 -28.98 -23.63
N VAL F 509 35.82 -29.22 -22.87
CA VAL F 509 35.31 -28.33 -21.82
C VAL F 509 36.37 -28.20 -20.71
N ARG F 510 36.99 -29.34 -20.34
CA ARG F 510 38.03 -29.41 -19.31
C ARG F 510 39.19 -28.47 -19.63
N LYS F 511 39.69 -28.55 -20.88
CA LYS F 511 40.78 -27.70 -21.38
C LYS F 511 40.44 -26.20 -21.36
N LYS F 512 39.23 -25.85 -21.82
CA LYS F 512 38.71 -24.48 -21.81
C LYS F 512 38.66 -23.89 -20.41
N LEU F 513 38.16 -24.70 -19.46
CA LEU F 513 38.06 -24.35 -18.04
C LEU F 513 39.44 -24.11 -17.41
N GLU F 514 40.39 -24.99 -17.73
CA GLU F 514 41.78 -24.88 -17.27
C GLU F 514 42.39 -23.54 -17.70
N MET F 515 42.22 -23.20 -18.98
CA MET F 515 42.69 -21.93 -19.55
C MET F 515 42.20 -20.71 -18.76
N SER F 516 40.88 -20.61 -18.62
CA SER F 516 40.22 -19.51 -17.92
C SER F 516 40.50 -19.35 -16.42
N ILE F 517 40.28 -20.40 -15.62
CA ILE F 517 40.48 -20.33 -14.17
C ILE F 517 41.88 -20.65 -13.59
N ILE F 518 42.47 -21.76 -14.04
CA ILE F 518 43.76 -22.27 -13.56
C ILE F 518 44.88 -21.43 -14.17
N GLY F 519 44.62 -20.89 -15.37
CA GLY F 519 45.58 -20.07 -16.07
C GLY F 519 45.96 -18.84 -15.27
N PRO F 520 45.00 -17.95 -14.91
CA PRO F 520 45.36 -16.76 -14.12
C PRO F 520 45.82 -17.00 -12.67
N ILE F 521 45.23 -17.99 -11.98
CA ILE F 521 45.63 -18.32 -10.60
C ILE F 521 47.08 -18.83 -10.48
N LYS F 522 47.38 -19.87 -11.24
CA LYS F 522 48.71 -20.51 -11.23
C LYS F 522 49.81 -19.77 -11.98
N ASN F 523 49.46 -19.15 -13.11
CA ASN F 523 50.43 -18.40 -13.94
C ASN F 523 50.14 -16.88 -14.18
N PRO F 524 50.22 -16.04 -13.11
CA PRO F 524 49.97 -14.59 -13.25
C PRO F 524 51.03 -13.92 -14.12
N GLU F 525 52.25 -14.48 -14.07
CA GLU F 525 53.43 -14.02 -14.82
C GLU F 525 53.17 -14.05 -16.33
N LEU F 526 52.56 -15.14 -16.79
CA LEU F 526 52.22 -15.35 -18.20
C LEU F 526 51.23 -14.31 -18.70
N PHE F 527 50.16 -14.09 -17.93
CA PHE F 527 49.11 -13.11 -18.27
C PHE F 527 49.55 -11.63 -18.32
N THR F 528 50.37 -11.22 -17.35
CA THR F 528 50.92 -9.87 -17.29
C THR F 528 51.85 -9.58 -18.49
N ARG F 529 52.69 -10.56 -18.83
CA ARG F 529 53.61 -10.47 -19.97
C ARG F 529 52.94 -10.38 -21.36
N VAL F 530 51.91 -11.20 -21.61
CA VAL F 530 51.17 -11.15 -22.89
C VAL F 530 50.34 -9.86 -23.05
N GLY F 531 49.70 -9.42 -21.97
CA GLY F 531 48.94 -8.18 -22.01
C GLY F 531 47.44 -8.20 -21.78
N ILE F 532 46.84 -9.37 -21.56
CA ILE F 532 45.40 -9.46 -21.33
C ILE F 532 44.99 -9.48 -19.85
N LYS F 533 43.81 -8.93 -19.59
CA LYS F 533 43.22 -8.86 -18.24
C LYS F 533 42.67 -10.24 -17.84
N PRO F 534 42.83 -10.63 -16.56
CA PRO F 534 42.34 -11.92 -16.08
C PRO F 534 40.83 -12.08 -16.17
N ALA F 535 40.41 -13.34 -16.04
CA ALA F 535 39.01 -13.71 -16.09
C ALA F 535 38.21 -13.17 -14.90
N ALA F 536 36.91 -13.07 -15.11
CA ALA F 536 36.01 -12.59 -14.07
C ALA F 536 34.87 -13.59 -13.89
N GLY F 537 34.47 -14.25 -14.97
CA GLY F 537 33.39 -15.22 -14.89
C GLY F 537 32.97 -16.02 -16.10
N ILE F 538 32.33 -17.17 -15.82
CA ILE F 538 31.83 -18.09 -16.86
C ILE F 538 30.38 -18.51 -16.57
N LEU F 539 29.68 -18.96 -17.61
CA LEU F 539 28.28 -19.41 -17.49
C LEU F 539 28.09 -20.84 -18.03
N LEU F 540 27.50 -21.70 -17.20
CA LEU F 540 27.21 -23.09 -17.54
C LEU F 540 25.72 -23.29 -17.83
N TRP F 541 25.37 -23.62 -19.08
CA TRP F 541 23.97 -23.83 -19.44
C TRP F 541 23.68 -25.14 -20.17
N GLY F 542 22.52 -25.73 -19.86
CA GLY F 542 22.12 -26.97 -20.52
C GLY F 542 20.90 -27.67 -19.95
N PRO F 543 20.77 -29.02 -20.09
CA PRO F 543 19.64 -29.81 -19.59
C PRO F 543 19.57 -29.92 -18.03
N PRO F 544 18.35 -30.12 -17.46
CA PRO F 544 18.19 -30.25 -15.99
C PRO F 544 18.83 -31.47 -15.32
N GLY F 545 19.76 -31.18 -14.39
CA GLY F 545 20.46 -32.20 -13.64
C GLY F 545 21.50 -33.00 -14.41
N CYS F 546 22.42 -32.29 -15.07
CA CYS F 546 23.48 -32.91 -15.86
C CYS F 546 24.84 -33.02 -15.13
N GLY F 547 24.90 -32.45 -13.92
CA GLY F 547 26.10 -32.49 -13.13
C GLY F 547 26.88 -31.18 -13.12
N LYS F 548 26.16 -30.06 -13.16
CA LYS F 548 26.74 -28.71 -13.14
C LYS F 548 27.51 -28.43 -11.86
N THR F 549 26.94 -28.88 -10.74
CA THR F 549 27.50 -28.72 -9.39
C THR F 549 28.82 -29.50 -9.27
N LEU F 550 28.84 -30.72 -9.83
CA LEU F 550 30.02 -31.60 -9.83
C LEU F 550 31.20 -31.02 -10.60
N VAL F 551 30.93 -30.48 -11.79
CA VAL F 551 31.95 -29.84 -12.64
C VAL F 551 32.57 -28.62 -11.93
N ALA F 552 31.71 -27.76 -11.36
CA ALA F 552 32.13 -26.56 -10.60
C ALA F 552 33.09 -26.88 -9.45
N LYS F 553 32.71 -27.88 -8.64
CA LYS F 553 33.52 -28.37 -7.52
C LYS F 553 34.88 -28.91 -7.96
N ALA F 554 34.89 -29.69 -9.05
CA ALA F 554 36.10 -30.28 -9.66
C ALA F 554 37.17 -29.25 -10.03
N VAL F 555 36.72 -28.17 -10.67
CA VAL F 555 37.58 -27.04 -11.08
C VAL F 555 38.17 -26.37 -9.82
N ALA F 556 37.30 -26.03 -8.86
CA ALA F 556 37.67 -25.40 -7.60
C ALA F 556 38.65 -26.24 -6.78
N ASN F 557 38.35 -27.54 -6.65
CA ASN F 557 39.18 -28.51 -5.94
C ASN F 557 40.60 -28.51 -6.50
N GLU F 558 40.71 -28.78 -7.81
CA GLU F 558 41.98 -28.85 -8.57
C GLU F 558 42.91 -27.65 -8.35
N SER F 559 42.35 -26.44 -8.39
CA SER F 559 43.07 -25.19 -8.11
C SER F 559 43.45 -25.06 -6.62
N LYS F 560 42.90 -25.94 -5.78
CA LYS F 560 43.08 -26.00 -4.31
C LYS F 560 42.63 -24.70 -3.68
N ALA F 561 41.71 -24.07 -4.41
CA ALA F 561 41.14 -22.77 -4.02
C ALA F 561 39.83 -22.92 -3.25
N ASN F 562 39.39 -21.83 -2.62
CA ASN F 562 38.15 -21.82 -1.83
C ASN F 562 36.92 -21.85 -2.72
N PHE F 563 35.80 -22.32 -2.17
CA PHE F 563 34.56 -22.44 -2.92
C PHE F 563 33.34 -22.01 -2.08
N ILE F 564 32.51 -21.15 -2.67
CA ILE F 564 31.27 -20.69 -2.03
C ILE F 564 30.13 -20.91 -3.03
N SER F 565 29.06 -21.57 -2.56
CA SER F 565 27.89 -21.87 -3.40
C SER F 565 26.59 -21.25 -2.87
N ILE F 566 26.06 -20.30 -3.63
CA ILE F 566 24.79 -19.63 -3.30
C ILE F 566 23.80 -20.08 -4.36
N LYS F 567 22.76 -20.77 -3.91
CA LYS F 567 21.71 -21.30 -4.79
C LYS F 567 20.49 -20.40 -4.87
N GLY F 568 19.95 -20.27 -6.09
CA GLY F 568 18.76 -19.50 -6.43
C GLY F 568 17.99 -18.62 -5.46
N PRO F 569 16.84 -19.08 -4.89
CA PRO F 569 16.08 -18.25 -3.95
C PRO F 569 16.61 -18.14 -2.51
N GLU F 570 17.76 -18.78 -2.24
CA GLU F 570 18.40 -18.75 -0.92
C GLU F 570 19.25 -17.48 -0.74
N LEU F 571 18.77 -16.39 -1.31
CA LEU F 571 19.43 -15.08 -1.27
C LEU F 571 18.46 -14.01 -0.76
N LEU F 572 17.23 -14.07 -1.27
CA LEU F 572 16.16 -13.13 -0.95
C LEU F 572 15.71 -12.99 0.51
N ASN F 573 15.54 -11.75 0.94
CA ASN F 573 15.10 -11.39 2.28
C ASN F 573 13.81 -10.57 2.23
N LYS F 574 13.26 -10.27 3.42
CA LYS F 574 12.02 -9.50 3.57
C LYS F 574 12.27 -7.98 3.49
N TYR F 575 13.51 -7.57 3.79
CA TYR F 575 13.94 -6.17 3.77
C TYR F 575 14.28 -5.65 2.36
N VAL F 576 14.27 -4.33 2.22
CA VAL F 576 14.54 -3.64 0.95
C VAL F 576 15.96 -3.13 0.70
N GLY F 577 16.45 -2.33 1.66
CA GLY F 577 17.78 -1.73 1.57
C GLY F 577 18.92 -2.63 2.04
N GLU F 578 18.56 -3.81 2.54
CA GLU F 578 19.53 -4.79 3.01
C GLU F 578 20.01 -5.74 1.91
N SER F 579 19.19 -5.92 0.87
CA SER F 579 19.52 -6.79 -0.28
C SER F 579 20.79 -6.34 -1.00
N GLU F 580 20.87 -5.04 -1.32
CA GLU F 580 22.03 -4.45 -1.99
C GLU F 580 23.30 -4.46 -1.11
N ARG F 581 23.12 -4.18 0.18
CA ARG F 581 24.22 -4.16 1.15
C ARG F 581 24.78 -5.59 1.35
N ALA F 582 23.90 -6.59 1.35
CA ALA F 582 24.27 -8.01 1.45
C ALA F 582 25.13 -8.47 0.28
N VAL F 583 24.75 -8.09 -0.95
CA VAL F 583 25.51 -8.40 -2.18
C VAL F 583 26.93 -7.80 -2.08
N ARG F 584 26.99 -6.53 -1.64
CA ARG F 584 28.26 -5.80 -1.43
C ARG F 584 29.13 -6.59 -0.43
N GLN F 585 28.52 -7.04 0.67
CA GLN F 585 29.17 -7.86 1.70
C GLN F 585 29.79 -9.16 1.17
N LEU F 586 29.05 -9.87 0.32
CA LEU F 586 29.52 -11.12 -0.32
C LEU F 586 30.82 -10.91 -1.10
N PHE F 587 30.85 -9.88 -1.94
CA PHE F 587 32.03 -9.52 -2.72
C PHE F 587 33.22 -9.09 -1.84
N SER F 588 32.93 -8.37 -0.75
CA SER F 588 33.94 -7.97 0.24
C SER F 588 34.59 -9.19 0.91
N ARG F 589 33.76 -10.15 1.32
CA ARG F 589 34.21 -11.42 1.92
C ARG F 589 35.08 -12.22 0.95
N ALA F 590 34.63 -12.30 -0.31
CA ALA F 590 35.35 -12.97 -1.40
C ALA F 590 36.71 -12.31 -1.68
N LYS F 591 36.73 -10.98 -1.71
CA LYS F 591 37.96 -10.17 -1.90
C LYS F 591 39.01 -10.43 -0.82
N SER F 592 38.55 -10.46 0.45
CA SER F 592 39.38 -10.73 1.63
C SER F 592 40.07 -12.11 1.55
N SER F 593 39.31 -13.14 1.19
CA SER F 593 39.86 -14.48 1.03
C SER F 593 39.92 -14.93 -0.44
N ALA F 594 40.99 -14.48 -1.12
CA ALA F 594 41.28 -14.79 -2.51
C ALA F 594 42.56 -15.65 -2.51
N PRO F 595 42.68 -16.69 -3.38
CA PRO F 595 41.79 -17.24 -4.42
C PRO F 595 40.53 -18.03 -4.02
N CYS F 596 39.42 -17.65 -4.65
CA CYS F 596 38.11 -18.25 -4.40
C CYS F 596 37.21 -18.22 -5.64
N ILE F 597 36.38 -19.25 -5.75
CA ILE F 597 35.42 -19.39 -6.83
C ILE F 597 34.03 -19.15 -6.21
N LEU F 598 33.32 -18.15 -6.76
CA LEU F 598 31.99 -17.80 -6.28
C LEU F 598 30.98 -18.42 -7.26
N PHE F 599 30.25 -19.41 -6.77
CA PHE F 599 29.28 -20.13 -7.59
C PHE F 599 27.81 -19.76 -7.32
N PHE F 600 27.12 -19.40 -8.41
CA PHE F 600 25.71 -19.05 -8.37
C PHE F 600 24.91 -20.09 -9.15
N ASP F 601 24.18 -20.93 -8.41
CA ASP F 601 23.36 -22.01 -9.00
C ASP F 601 21.93 -21.52 -9.22
N GLN F 602 21.40 -21.82 -10.41
CA GLN F 602 20.04 -21.44 -10.87
C GLN F 602 19.83 -19.90 -10.89
N MET F 603 20.43 -19.28 -11.90
CA MET F 603 20.39 -17.82 -12.12
C MET F 603 19.17 -17.31 -12.89
N ASP F 604 18.26 -18.24 -13.22
CA ASP F 604 17.02 -17.97 -13.93
C ASP F 604 16.06 -17.01 -13.22
N ALA F 605 16.26 -16.83 -11.91
CA ALA F 605 15.43 -15.93 -11.09
C ALA F 605 15.79 -14.43 -11.16
N LEU F 606 17.06 -14.12 -10.90
CA LEU F 606 17.60 -12.76 -10.87
C LEU F 606 17.79 -12.00 -12.20
N VAL F 607 18.27 -12.70 -13.22
CA VAL F 607 18.59 -12.13 -14.53
C VAL F 607 17.48 -11.69 -15.55
N PRO F 608 16.35 -12.43 -15.69
CA PRO F 608 15.31 -12.02 -16.65
C PRO F 608 14.47 -10.77 -16.36
N ARG F 609 14.58 -10.25 -15.14
CA ARG F 609 13.81 -9.07 -14.70
C ARG F 609 14.35 -7.71 -15.17
N ARG F 610 15.04 -7.73 -16.32
CA ARG F 610 15.63 -6.54 -16.91
C ARG F 610 14.97 -6.13 -18.23
N ASP F 611 14.75 -7.11 -19.11
CA ASP F 611 14.13 -6.92 -20.43
C ASP F 611 12.68 -6.39 -20.40
N ASP F 612 12.00 -6.64 -19.28
CA ASP F 612 10.63 -6.19 -19.06
C ASP F 612 10.54 -5.56 -17.66
N SER F 613 9.94 -4.37 -17.60
CA SER F 613 9.79 -3.61 -16.35
C SER F 613 8.82 -4.21 -15.33
N LEU F 614 9.41 -4.87 -14.31
CA LEU F 614 8.66 -5.50 -13.22
C LEU F 614 8.53 -4.55 -12.04
N SER F 615 9.64 -4.37 -11.31
CA SER F 615 9.68 -3.54 -10.13
C SER F 615 10.97 -2.73 -9.96
N ASP F 616 11.06 -2.11 -8.79
CA ASP F 616 12.16 -1.26 -8.40
C ASP F 616 13.24 -1.98 -7.59
N ALA F 617 12.82 -2.93 -6.73
CA ALA F 617 13.73 -3.72 -5.89
C ALA F 617 14.68 -4.58 -6.72
N SER F 618 14.10 -5.29 -7.70
CA SER F 618 14.82 -6.17 -8.64
C SER F 618 15.82 -5.38 -9.48
N ALA F 619 15.43 -4.16 -9.86
CA ALA F 619 16.24 -3.23 -10.65
C ALA F 619 17.51 -2.84 -9.90
N ARG F 620 17.37 -2.42 -8.64
CA ARG F 620 18.51 -2.05 -7.78
C ARG F 620 19.52 -3.17 -7.59
N VAL F 621 19.03 -4.37 -7.25
CA VAL F 621 19.87 -5.57 -7.03
C VAL F 621 20.71 -5.94 -8.26
N VAL F 622 20.08 -6.06 -9.43
CA VAL F 622 20.78 -6.40 -10.67
C VAL F 622 21.82 -5.34 -11.07
N ASN F 623 21.49 -4.07 -10.92
CA ASN F 623 22.41 -2.96 -11.20
C ASN F 623 23.65 -3.00 -10.29
N THR F 624 23.45 -3.31 -9.00
CA THR F 624 24.53 -3.47 -8.01
C THR F 624 25.43 -4.64 -8.44
N LEU F 625 24.82 -5.74 -8.87
CA LEU F 625 25.52 -6.94 -9.35
C LEU F 625 26.44 -6.63 -10.54
N LEU F 626 25.90 -5.92 -11.55
CA LEU F 626 26.64 -5.50 -12.75
C LEU F 626 27.85 -4.65 -12.36
N THR F 627 27.64 -3.73 -11.42
CA THR F 627 28.65 -2.84 -10.84
C THR F 627 29.78 -3.63 -10.17
N GLU F 628 29.41 -4.60 -9.33
CA GLU F 628 30.36 -5.48 -8.62
C GLU F 628 31.21 -6.34 -9.56
N LEU F 629 30.59 -6.86 -10.62
CA LEU F 629 31.26 -7.65 -11.65
C LEU F 629 32.32 -6.86 -12.42
N ASP F 630 31.93 -5.66 -12.88
CA ASP F 630 32.82 -4.74 -13.61
C ASP F 630 34.09 -4.37 -12.82
N GLY F 631 33.91 -4.13 -11.51
CA GLY F 631 35.02 -3.81 -10.62
C GLY F 631 36.11 -4.87 -10.51
N VAL F 632 35.72 -6.16 -10.48
CA VAL F 632 36.68 -7.27 -10.39
C VAL F 632 37.14 -7.76 -11.78
N GLY F 633 38.41 -7.47 -12.09
CA GLY F 633 39.00 -7.86 -13.37
C GLY F 633 40.52 -7.76 -13.40
N ASP F 634 41.07 -6.71 -12.79
CA ASP F 634 42.52 -6.47 -12.72
C ASP F 634 43.09 -7.03 -11.41
N ARG F 635 42.38 -6.74 -10.32
CA ARG F 635 42.73 -7.19 -8.97
C ARG F 635 42.61 -8.71 -8.87
N SER F 636 41.51 -9.22 -9.43
CA SER F 636 41.16 -10.65 -9.53
C SER F 636 41.34 -11.57 -8.33
N GLY F 637 41.43 -12.87 -8.62
CA GLY F 637 41.57 -13.90 -7.62
C GLY F 637 40.21 -14.53 -7.38
N ILE F 638 39.16 -13.71 -7.56
CA ILE F 638 37.77 -14.12 -7.39
C ILE F 638 37.17 -14.36 -8.78
N TYR F 639 36.82 -15.62 -9.06
CA TYR F 639 36.23 -16.01 -10.34
C TYR F 639 34.80 -16.48 -10.10
N VAL F 640 33.87 -15.78 -10.75
CA VAL F 640 32.44 -16.05 -10.61
C VAL F 640 31.91 -17.03 -11.65
N ILE F 641 31.32 -18.11 -11.18
CA ILE F 641 30.75 -19.12 -12.07
C ILE F 641 29.24 -19.13 -11.88
N GLY F 642 28.51 -19.03 -13.00
CA GLY F 642 27.06 -19.07 -12.96
C GLY F 642 26.54 -20.31 -13.67
N ALA F 643 25.47 -20.89 -13.14
CA ALA F 643 24.86 -22.07 -13.76
C ALA F 643 23.36 -21.96 -13.84
N THR F 644 22.80 -22.42 -14.97
CA THR F 644 21.36 -22.41 -15.20
C THR F 644 20.91 -23.55 -16.13
N ASN F 645 19.74 -24.10 -15.81
CA ASN F 645 19.13 -25.17 -16.58
C ASN F 645 18.29 -24.56 -17.72
N ARG F 646 18.12 -23.23 -17.69
CA ARG F 646 17.33 -22.47 -18.67
C ARG F 646 18.05 -21.15 -19.13
N PRO F 647 18.45 -21.03 -20.43
CA PRO F 647 19.15 -19.86 -21.03
C PRO F 647 18.42 -18.72 -21.78
N ASP F 648 17.15 -18.94 -22.13
CA ASP F 648 16.32 -17.99 -22.89
C ASP F 648 16.28 -16.50 -22.50
N MET F 649 15.47 -16.14 -21.50
CA MET F 649 15.35 -14.75 -21.05
C MET F 649 16.43 -14.38 -20.02
N ILE F 650 17.48 -13.75 -20.55
CA ILE F 650 18.66 -13.29 -19.80
C ILE F 650 19.10 -12.00 -20.51
N ASP F 651 19.53 -10.99 -19.74
CA ASP F 651 20.00 -9.72 -20.30
C ASP F 651 21.43 -9.85 -20.86
N GLU F 652 21.58 -9.40 -22.10
CA GLU F 652 22.85 -9.43 -22.84
C GLU F 652 24.00 -8.72 -22.12
N ALA F 653 23.64 -7.73 -21.28
CA ALA F 653 24.59 -6.95 -20.47
C ALA F 653 25.41 -7.84 -19.54
N ILE F 654 24.75 -8.81 -18.91
CA ILE F 654 25.39 -9.79 -18.02
C ILE F 654 26.31 -10.70 -18.86
N ARG F 655 25.84 -11.09 -20.05
CA ARG F 655 26.61 -11.93 -20.97
C ARG F 655 27.92 -11.36 -21.54
N ARG F 656 28.02 -10.02 -21.63
CA ARG F 656 29.22 -9.28 -22.09
C ARG F 656 30.56 -9.70 -21.45
N PRO F 657 31.66 -9.78 -22.25
CA PRO F 657 32.99 -10.17 -21.74
C PRO F 657 33.52 -9.27 -20.62
N GLY F 658 34.02 -9.91 -19.57
CA GLY F 658 34.53 -9.19 -18.41
C GLY F 658 33.63 -9.46 -17.22
N ARG F 659 32.39 -9.89 -17.51
CA ARG F 659 31.39 -10.23 -16.50
C ARG F 659 31.22 -11.75 -16.59
N LEU F 660 30.03 -12.20 -17.01
CA LEU F 660 29.77 -13.63 -17.21
C LEU F 660 29.75 -13.81 -18.73
N GLY F 661 30.89 -13.47 -19.34
CA GLY F 661 31.08 -13.54 -20.78
C GLY F 661 31.29 -14.87 -21.44
N THR F 662 31.97 -15.78 -20.75
CA THR F 662 32.27 -17.10 -21.30
C THR F 662 31.13 -18.10 -21.11
N SER F 663 30.31 -18.22 -22.16
CA SER F 663 29.16 -19.12 -22.19
C SER F 663 29.58 -20.54 -22.60
N ILE F 664 29.58 -21.44 -21.63
CA ILE F 664 29.97 -22.83 -21.83
C ILE F 664 28.71 -23.71 -21.80
N TYR F 665 28.53 -24.48 -22.87
CA TYR F 665 27.39 -25.38 -23.02
C TYR F 665 27.75 -26.80 -22.55
N VAL F 666 26.93 -27.34 -21.64
CA VAL F 666 27.13 -28.67 -21.05
C VAL F 666 25.97 -29.66 -21.35
N GLY F 667 26.30 -30.96 -21.38
CA GLY F 667 25.32 -32.02 -21.61
C GLY F 667 25.68 -33.29 -20.84
N LEU F 668 24.92 -34.37 -21.03
CA LEU F 668 25.18 -35.68 -20.36
C LEU F 668 24.74 -36.88 -21.22
N PRO F 669 25.64 -37.42 -22.07
CA PRO F 669 25.29 -38.58 -22.92
C PRO F 669 26.19 -39.84 -22.83
N SER F 670 26.97 -39.98 -21.76
CA SER F 670 27.89 -41.12 -21.63
C SER F 670 27.45 -42.37 -20.86
N ALA F 671 27.75 -43.52 -21.48
CA ALA F 671 27.43 -44.87 -20.99
C ALA F 671 28.05 -45.27 -19.64
N GLU F 672 29.36 -45.02 -19.51
CA GLU F 672 30.13 -45.33 -18.28
C GLU F 672 29.55 -44.63 -17.05
N ASP F 673 29.17 -43.36 -17.24
CA ASP F 673 28.56 -42.52 -16.21
C ASP F 673 27.24 -43.10 -15.74
N ARG F 674 26.39 -43.49 -16.70
CA ARG F 674 25.08 -44.10 -16.40
C ARG F 674 25.16 -45.35 -15.53
N VAL F 675 26.13 -46.24 -15.83
CA VAL F 675 26.36 -47.47 -15.03
C VAL F 675 26.69 -47.08 -13.58
N LYS F 676 27.58 -46.10 -13.41
CA LYS F 676 27.97 -45.59 -12.08
C LYS F 676 26.76 -45.06 -11.29
N ILE F 677 25.90 -44.28 -11.95
CA ILE F 677 24.67 -43.73 -11.36
C ILE F 677 23.72 -44.86 -10.92
N LEU F 678 23.49 -45.84 -11.80
CA LEU F 678 22.64 -47.00 -11.52
C LEU F 678 23.12 -47.76 -10.27
N LYS F 679 24.44 -47.99 -10.19
CA LYS F 679 25.08 -48.64 -9.06
C LYS F 679 24.92 -47.82 -7.77
N THR F 680 25.13 -46.50 -7.86
CA THR F 680 24.98 -45.56 -6.74
C THR F 680 23.55 -45.57 -6.14
N LEU F 681 22.54 -45.57 -7.01
CA LEU F 681 21.13 -45.63 -6.58
C LEU F 681 20.76 -46.97 -5.95
N TYR F 682 21.16 -48.07 -6.60
CA TYR F 682 20.90 -49.43 -6.14
C TYR F 682 21.86 -49.89 -5.03
N ARG F 683 22.72 -48.97 -4.58
CA ARG F 683 23.69 -49.19 -3.51
C ARG F 683 22.95 -49.09 -2.18
N ASN F 684 22.03 -48.12 -2.12
CA ASN F 684 21.20 -47.83 -0.96
C ASN F 684 19.92 -48.65 -0.98
N THR F 685 20.07 -49.95 -0.65
CA THR F 685 18.94 -50.89 -0.62
C THR F 685 18.74 -51.45 0.79
N VAL F 686 19.79 -52.02 1.37
CA VAL F 686 19.76 -52.60 2.71
C VAL F 686 20.49 -51.73 3.74
N GLN F 712 19.00 -62.84 -0.68
CA GLN F 712 20.00 -61.88 -1.13
C GLN F 712 20.22 -61.99 -2.65
N GLY F 713 20.47 -60.83 -3.27
CA GLY F 713 20.72 -60.77 -4.70
C GLY F 713 21.03 -59.36 -5.17
N THR F 714 22.28 -59.14 -5.56
CA THR F 714 22.75 -57.82 -6.03
C THR F 714 22.74 -57.68 -7.56
N THR F 715 23.20 -58.73 -8.26
CA THR F 715 23.29 -58.82 -9.73
C THR F 715 23.89 -57.61 -10.48
N ASP F 716 25.17 -57.70 -10.81
CA ASP F 716 25.89 -56.64 -11.52
C ASP F 716 25.65 -56.63 -13.03
N ALA F 717 25.66 -57.82 -13.63
CA ALA F 717 25.47 -58.02 -15.08
C ALA F 717 24.19 -57.38 -15.64
N ASP F 718 23.12 -57.46 -14.84
CA ASP F 718 21.82 -56.88 -15.18
C ASP F 718 21.87 -55.36 -15.34
N LEU F 719 22.60 -54.69 -14.44
CA LEU F 719 22.78 -53.24 -14.45
C LEU F 719 23.46 -52.74 -15.73
N GLU F 720 24.53 -53.44 -16.14
CA GLU F 720 25.25 -53.10 -17.38
C GLU F 720 24.38 -53.20 -18.64
N LYS F 721 23.64 -54.32 -18.77
CA LYS F 721 22.73 -54.56 -19.90
C LYS F 721 21.64 -53.49 -20.04
N VAL F 722 21.05 -53.11 -18.89
CA VAL F 722 20.03 -52.06 -18.81
C VAL F 722 20.57 -50.74 -19.40
N ALA F 723 21.80 -50.38 -19.00
CA ALA F 723 22.49 -49.18 -19.52
C ALA F 723 22.70 -49.18 -21.04
N LEU F 724 23.07 -50.34 -21.59
CA LEU F 724 23.29 -50.54 -23.03
C LEU F 724 22.13 -50.17 -23.97
N ASP F 725 20.89 -50.53 -23.56
CA ASP F 725 19.67 -50.23 -24.33
C ASP F 725 19.50 -48.79 -24.87
N LEU F 726 18.90 -48.69 -26.06
CA LEU F 726 18.67 -47.41 -26.78
C LEU F 726 17.87 -46.35 -26.02
N ARG F 727 16.81 -46.80 -25.36
CA ARG F 727 15.93 -45.95 -24.54
C ARG F 727 16.69 -45.30 -23.38
N CYS F 728 17.65 -46.05 -22.82
CA CYS F 728 18.52 -45.60 -21.74
C CYS F 728 19.52 -44.53 -22.19
N THR F 729 20.02 -44.67 -23.42
CA THR F 729 20.95 -43.70 -24.04
C THR F 729 20.39 -42.27 -24.02
N GLY F 730 19.12 -42.12 -24.40
CA GLY F 730 18.49 -40.80 -24.38
C GLY F 730 17.82 -40.43 -23.05
N PHE F 731 18.55 -40.58 -21.94
CA PHE F 731 18.07 -40.28 -20.57
C PHE F 731 18.90 -39.26 -19.78
N SER F 732 18.48 -39.02 -18.54
CA SER F 732 19.14 -38.10 -17.59
C SER F 732 19.13 -38.72 -16.19
N GLY F 733 19.75 -38.04 -15.22
CA GLY F 733 19.81 -38.52 -13.83
C GLY F 733 18.44 -38.71 -13.17
N ALA F 734 17.54 -37.77 -13.42
CA ALA F 734 16.17 -37.79 -12.91
C ALA F 734 15.37 -38.95 -13.50
N ASP F 735 15.60 -39.22 -14.79
CA ASP F 735 14.94 -40.32 -15.53
C ASP F 735 15.33 -41.69 -14.98
N LEU F 736 16.62 -41.89 -14.73
CA LEU F 736 17.14 -43.14 -14.16
C LEU F 736 16.55 -43.41 -12.77
N GLY F 737 16.42 -42.35 -11.96
CA GLY F 737 15.80 -42.43 -10.64
C GLY F 737 14.34 -42.90 -10.73
N ASN F 738 13.61 -42.31 -11.68
CA ASN F 738 12.21 -42.65 -11.97
C ASN F 738 12.05 -44.11 -12.44
N LEU F 739 12.94 -44.56 -13.33
CA LEU F 739 12.98 -45.93 -13.85
C LEU F 739 13.10 -46.94 -12.68
N MET F 740 14.01 -46.65 -11.77
CA MET F 740 14.25 -47.45 -10.56
C MET F 740 12.96 -47.55 -9.72
N GLN F 741 12.30 -46.41 -9.50
CA GLN F 741 11.03 -46.36 -8.77
C GLN F 741 9.91 -47.14 -9.46
N ALA F 742 9.79 -46.97 -10.79
CA ALA F 742 8.80 -47.65 -11.63
C ALA F 742 8.94 -49.18 -11.54
N ALA F 743 10.19 -49.65 -11.62
CA ALA F 743 10.53 -51.08 -11.50
C ALA F 743 10.11 -51.63 -10.13
N ALA F 744 10.38 -50.85 -9.08
CA ALA F 744 9.99 -51.19 -7.71
C ALA F 744 8.48 -51.36 -7.57
N GLN F 745 7.70 -50.44 -8.15
CA GLN F 745 6.23 -50.49 -8.17
C GLN F 745 5.65 -51.73 -8.86
N ALA F 746 6.19 -52.07 -10.04
CA ALA F 746 5.79 -53.26 -10.82
C ALA F 746 6.03 -54.55 -10.02
N CYS F 747 7.19 -54.61 -9.36
CA CYS F 747 7.58 -55.73 -8.50
C CYS F 747 6.58 -55.92 -7.36
N LEU F 748 6.17 -54.82 -6.72
CA LEU F 748 5.16 -54.84 -5.64
C LEU F 748 3.83 -55.43 -6.10
N GLU F 749 3.40 -55.06 -7.31
CA GLU F 749 2.17 -55.58 -7.93
C GLU F 749 2.21 -57.10 -8.05
N ARG F 750 3.34 -57.63 -8.53
CA ARG F 750 3.59 -59.07 -8.66
C ARG F 750 3.52 -59.79 -7.29
N VAL F 751 4.20 -59.23 -6.29
CA VAL F 751 4.22 -59.76 -4.92
C VAL F 751 2.82 -59.80 -4.30
N TYR F 752 2.07 -58.71 -4.43
CA TYR F 752 0.70 -58.59 -3.93
C TYR F 752 -0.30 -59.59 -4.53
N THR F 753 -0.34 -59.67 -5.87
CA THR F 753 -1.25 -60.58 -6.59
C THR F 753 -1.00 -62.07 -6.29
N GLN F 754 0.27 -62.46 -6.31
CA GLN F 754 0.71 -63.83 -6.03
C GLN F 754 0.47 -64.26 -4.57
N ARG F 755 0.87 -63.41 -3.62
CA ARG F 755 0.72 -63.66 -2.18
C ARG F 755 -0.74 -63.79 -1.72
N GLN F 756 -1.60 -62.86 -2.16
CA GLN F 756 -3.03 -62.88 -1.84
C GLN F 756 -3.74 -64.14 -2.34
N GLN F 757 -3.45 -64.53 -3.60
CA GLN F 757 -4.00 -65.73 -4.22
C GLN F 757 -3.66 -67.01 -3.41
N LYS F 758 -2.37 -67.16 -3.07
CA LYS F 758 -1.87 -68.30 -2.29
C LYS F 758 -2.36 -68.37 -0.83
N ARG F 759 -2.35 -67.25 -0.11
CA ARG F 759 -2.82 -67.16 1.28
C ARG F 759 -4.30 -67.51 1.48
N LYS F 760 -5.16 -66.94 0.64
CA LYS F 760 -6.61 -67.18 0.67
C LYS F 760 -7.03 -68.61 0.31
N GLU F 761 -6.52 -69.11 -0.82
CA GLU F 761 -6.82 -70.47 -1.30
C GLU F 761 -6.19 -71.59 -0.46
N GLY F 762 -4.90 -71.41 -0.12
CA GLY F 762 -4.16 -72.39 0.68
C GLY F 762 -4.53 -72.43 2.15
N GLU F 768 -0.60 -68.22 6.61
CA GLU F 768 0.12 -67.01 6.23
C GLU F 768 1.58 -67.32 5.88
N GLU F 769 2.00 -66.88 4.70
CA GLU F 769 3.37 -67.09 4.20
C GLU F 769 4.27 -65.85 4.35
N GLU F 770 5.49 -65.95 3.84
CA GLU F 770 6.49 -64.88 3.91
C GLU F 770 6.45 -63.93 2.71
N ILE F 771 6.93 -62.70 2.93
CA ILE F 771 6.98 -61.65 1.91
C ILE F 771 8.38 -61.60 1.28
N GLU F 772 8.42 -61.53 -0.06
CA GLU F 772 9.67 -61.47 -0.82
C GLU F 772 9.93 -60.10 -1.46
N PRO F 773 10.95 -59.35 -0.98
CA PRO F 773 11.30 -58.02 -1.51
C PRO F 773 12.27 -58.02 -2.70
N VAL F 774 12.52 -59.22 -3.25
CA VAL F 774 13.45 -59.40 -4.38
C VAL F 774 12.94 -58.84 -5.73
N ILE F 775 13.85 -58.21 -6.47
CA ILE F 775 13.55 -57.60 -7.77
C ILE F 775 14.41 -58.23 -8.89
N THR F 776 13.74 -58.82 -9.87
CA THR F 776 14.38 -59.48 -11.01
C THR F 776 14.39 -58.60 -12.27
N MET F 777 14.83 -59.17 -13.39
CA MET F 777 14.93 -58.46 -14.67
C MET F 777 13.62 -58.19 -15.41
N GLU F 778 12.65 -59.10 -15.26
CA GLU F 778 11.32 -58.97 -15.90
C GLU F 778 10.60 -57.67 -15.49
N ASP F 779 10.78 -57.29 -14.23
CA ASP F 779 10.21 -56.07 -13.65
C ASP F 779 10.86 -54.83 -14.29
N TRP F 780 12.18 -54.88 -14.43
CA TRP F 780 12.98 -53.81 -15.05
C TRP F 780 12.61 -53.61 -16.51
N GLU F 781 12.51 -54.72 -17.26
CA GLU F 781 12.14 -54.72 -18.68
C GLU F 781 10.78 -54.09 -18.97
N LYS F 782 9.75 -54.48 -18.20
CA LYS F 782 8.40 -53.93 -18.34
C LYS F 782 8.36 -52.42 -18.08
N ALA F 783 8.98 -52.00 -16.97
CA ALA F 783 9.08 -50.59 -16.57
C ALA F 783 9.80 -49.76 -17.64
N LEU F 784 10.90 -50.33 -18.16
CA LEU F 784 11.71 -49.74 -19.23
C LEU F 784 10.91 -49.47 -20.51
N ASN F 785 10.11 -50.46 -20.93
CA ASN F 785 9.24 -50.35 -22.12
C ASN F 785 8.29 -49.15 -22.08
N GLU F 786 7.62 -48.96 -20.94
CA GLU F 786 6.67 -47.86 -20.74
C GLU F 786 7.24 -46.43 -20.62
N VAL F 787 8.21 -46.23 -19.71
CA VAL F 787 8.81 -44.91 -19.43
C VAL F 787 9.47 -44.16 -20.62
N LYS F 788 9.16 -42.86 -20.71
CA LYS F 788 9.65 -41.96 -21.75
C LYS F 788 10.46 -40.78 -21.15
N PRO F 789 11.44 -40.21 -21.90
CA PRO F 789 12.25 -39.09 -21.39
C PRO F 789 11.56 -37.71 -21.35
N SER F 790 12.34 -36.68 -21.01
CA SER F 790 11.84 -35.30 -20.92
C SER F 790 12.67 -34.37 -21.81
N UNK G 1 7.07 3.30 49.46
CA UNK G 1 5.64 3.03 49.10
C UNK G 1 5.00 4.26 48.45
N UNK G 2 4.45 4.06 47.24
CA UNK G 2 3.80 5.12 46.47
C UNK G 2 2.65 4.59 45.60
N UNK G 3 2.81 3.34 45.12
CA UNK G 3 1.85 2.63 44.25
C UNK G 3 1.61 3.28 42.88
N UNK G 4 2.26 2.72 41.85
CA UNK G 4 2.14 3.22 40.48
C UNK G 4 0.97 2.60 39.72
N UNK G 5 0.13 3.48 39.16
CA UNK G 5 -1.06 3.08 38.41
C UNK G 5 -0.73 2.88 36.93
N UNK G 6 -1.64 2.19 36.22
CA UNK G 6 -1.49 1.91 34.79
C UNK G 6 -2.18 2.95 33.90
N UNK G 7 -1.51 3.28 32.79
CA UNK G 7 -2.03 4.25 31.82
C UNK G 7 -1.84 3.71 30.41
N UNK G 8 -2.87 3.91 29.58
CA UNK G 8 -2.86 3.47 28.19
C UNK G 8 -2.69 4.64 27.22
N UNK G 9 -1.70 4.51 26.33
CA UNK G 9 -1.39 5.53 25.32
C UNK G 9 -0.64 4.86 24.15
N UNK G 10 -1.26 4.88 22.98
CA UNK G 10 -0.68 4.28 21.78
C UNK G 10 -0.24 5.32 20.75
N UNK G 11 0.87 5.01 20.06
CA UNK G 11 1.43 5.89 19.04
C UNK G 11 1.96 5.10 17.84
N UNK G 12 2.02 3.78 17.99
CA UNK G 12 2.52 2.88 16.93
C UNK G 12 1.44 2.37 15.97
N UNK G 13 1.82 2.23 14.70
CA UNK G 13 0.95 1.76 13.62
C UNK G 13 1.80 1.28 12.43
N UNK G 14 1.40 0.14 11.85
CA UNK G 14 2.10 -0.46 10.72
C UNK G 14 1.47 -0.09 9.37
N UNK G 15 2.27 -0.13 8.30
CA UNK G 15 1.83 0.20 6.94
C UNK G 15 1.36 -1.03 6.15
N UNK G 16 0.57 -0.78 5.12
CA UNK G 16 0.02 -1.83 4.26
C UNK G 16 0.41 -1.63 2.78
N UNK G 17 0.01 -2.59 1.94
CA UNK G 17 0.29 -2.57 0.51
C UNK G 17 -0.98 -2.32 -0.31
N UNK G 18 -0.79 -1.96 -1.59
CA UNK G 18 -1.90 -1.69 -2.51
C UNK G 18 -1.58 -2.18 -3.92
N UNK G 19 -2.62 -2.36 -4.73
CA UNK G 19 -2.49 -2.83 -6.11
C UNK G 19 -2.87 -1.72 -7.11
N UNK G 20 -2.38 -1.85 -8.34
CA UNK G 20 -2.64 -0.87 -9.41
C UNK G 20 -2.74 -1.53 -10.79
N UNK G 21 -3.40 -0.83 -11.72
CA UNK G 21 -3.59 -1.30 -13.09
C UNK G 21 -2.66 -0.58 -14.08
N UNK G 22 -2.53 -1.14 -15.29
CA UNK G 22 -1.68 -0.58 -16.34
C UNK G 22 -2.24 -0.82 -17.74
N UNK G 23 -2.04 0.16 -18.63
CA UNK G 23 -2.49 0.10 -20.01
C UNK G 23 -1.29 0.01 -20.95
N UNK G 24 -1.28 -1.04 -21.77
CA UNK G 24 -0.20 -1.28 -22.74
C UNK G 24 -0.72 -1.31 -24.17
N UNK G 25 0.07 -0.74 -25.08
CA UNK G 25 -0.30 -0.69 -26.50
C UNK G 25 0.89 -1.00 -27.40
N UNK G 26 0.67 -1.90 -28.36
CA UNK G 26 1.69 -2.32 -29.34
C UNK G 26 1.04 -2.78 -30.64
N UNK G 27 0.56 -4.04 -30.66
CA UNK G 27 -0.09 -4.63 -31.84
C UNK G 27 -1.22 -5.55 -31.42
PG ATP H . -13.34 -28.71 -11.71
O1G ATP H . -14.81 -28.79 -12.13
O2G ATP H . -13.08 -28.78 -10.22
O3G ATP H . -12.55 -27.62 -12.38
PB ATP H . -12.19 -31.29 -11.66
O1B ATP H . -11.51 -32.08 -12.73
O2B ATP H . -11.51 -30.83 -10.38
O3B ATP H . -12.69 -29.99 -12.43
PA ATP H . -14.00 -32.29 -9.82
O1A ATP H . -13.29 -33.39 -9.10
O2A ATP H . -14.08 -30.94 -9.16
O3A ATP H . -13.48 -32.17 -11.31
O5' ATP H . -15.48 -32.78 -10.13
C5' ATP H . -16.43 -31.73 -10.27
C4' ATP H . -17.83 -32.33 -10.31
O4' ATP H . -17.91 -33.14 -11.49
C3' ATP H . -18.18 -33.19 -9.09
O3' ATP H . -19.16 -32.57 -8.24
C2' ATP H . -18.70 -34.51 -9.66
O2' ATP H . -20.06 -34.77 -9.27
C1' ATP H . -18.56 -34.39 -11.19
N9 ATP H . -17.70 -35.48 -11.72
C8 ATP H . -16.73 -35.31 -12.64
N7 ATP H . -16.13 -36.49 -12.92
C5 ATP H . -16.72 -37.44 -12.15
C6 ATP H . -16.57 -38.90 -11.95
N6 ATP H . -15.64 -39.61 -12.64
N1 ATP H . -17.41 -39.50 -11.07
C2 ATP H . -18.34 -38.81 -10.38
N3 ATP H . -18.53 -37.48 -10.50
C4 ATP H . -17.77 -36.76 -11.36
PG ATP I . 3.70 -25.24 29.94
O1G ATP I . 2.64 -24.66 29.01
O2G ATP I . 3.52 -24.89 31.41
O3G ATP I . 5.11 -25.03 29.41
PB ATP I . 4.75 -27.81 30.00
O1B ATP I . 5.31 -28.11 28.63
O2B ATP I . 5.66 -27.25 31.07
O3B ATP I . 3.49 -26.84 29.82
PA ATP I . 4.05 -29.42 32.15
O1A ATP I . 5.45 -29.75 32.60
O2A ATP I . 3.26 -28.34 32.87
O3A ATP I . 4.06 -29.13 30.58
O5' ATP I . 3.23 -30.80 32.16
C5' ATP I . 1.80 -30.75 32.29
C4' ATP I . 1.25 -32.10 32.79
O4' ATP I . 0.93 -33.01 31.73
C3' ATP I . 2.13 -32.80 33.84
O3' ATP I . 1.74 -32.53 35.21
C2' ATP I . 2.03 -34.28 33.47
O2' ATP I . 1.18 -34.98 34.40
C1' ATP I . 1.45 -34.32 32.04
N9 ATP I . 2.56 -34.50 31.06
C8 ATP I . 2.97 -33.56 30.19
N7 ATP I . 4.00 -34.02 29.44
C5 ATP I . 4.26 -35.28 29.83
C6 ATP I . 5.24 -36.35 29.46
N6 ATP I . 6.14 -36.15 28.48
N1 ATP I . 5.17 -37.53 30.12
C2 ATP I . 4.26 -37.75 31.09
N3 ATP I . 3.35 -36.83 31.49
C4 ATP I . 3.30 -35.59 30.91
PG ATP J . -30.59 -5.05 -19.91
O1G ATP J . -29.20 -5.21 -20.45
O2G ATP J . -30.63 -5.18 -18.40
O3G ATP J . -31.39 -3.89 -20.47
PB ATP J . -32.13 -7.43 -19.84
O1B ATP J . -32.36 -8.46 -20.91
O2B ATP J . -31.48 -7.70 -18.49
O3B ATP J . -31.24 -6.34 -20.61
PA ATP J . -34.09 -6.33 -18.17
O1A ATP J . -34.70 -7.49 -17.46
O2A ATP J . -33.03 -5.50 -17.46
O3A ATP J . -33.59 -6.76 -19.63
O5' ATP J . -35.26 -5.36 -18.59
C5' ATP J . -34.86 -4.02 -18.86
C4' ATP J . -36.10 -3.16 -19.04
O4' ATP J . -36.74 -3.54 -20.26
C3' ATP J . -37.11 -3.24 -17.89
O3' ATP J . -37.13 -2.05 -17.07
C2' ATP J . -38.46 -3.49 -18.56
O2' ATP J . -39.40 -2.44 -18.27
C1' ATP J . -38.17 -3.63 -20.07
N9 ATP J . -38.61 -4.95 -20.56
C8 ATP J . -37.90 -5.73 -21.41
N7 ATP J . -38.57 -6.88 -21.67
C5 ATP J . -39.74 -6.84 -20.97
C6 ATP J . -40.91 -7.73 -20.81
N6 ATP J . -40.97 -8.93 -21.44
N1 ATP J . -41.90 -7.30 -20.00
C2 ATP J . -41.85 -6.11 -19.36
N3 ATP J . -40.82 -5.26 -19.47
C4 ATP J . -39.75 -5.56 -20.25
PG ATP K . -23.11 -14.55 24.54
O1G ATP K . -22.94 -13.57 23.41
O2G ATP K . -23.21 -13.92 25.93
O3G ATP K . -22.16 -15.71 24.50
PB ATP K . -24.82 -16.73 24.72
O1B ATP K . -24.55 -17.63 23.55
O2B ATP K . -24.14 -16.96 26.03
O3B ATP K . -24.54 -15.22 24.23
PA ATP K . -27.02 -16.55 26.44
O1A ATP K . -26.74 -17.79 27.23
O2A ATP K . -26.64 -15.20 27.04
O3A ATP K . -26.40 -16.70 24.96
O5' ATP K . -28.58 -16.55 26.06
C5' ATP K . -29.24 -15.32 25.78
C4' ATP K . -30.74 -15.48 26.02
O4' ATP K . -31.44 -15.91 24.85
C3' ATP K . -31.13 -16.40 27.20
O3' ATP K . -31.41 -15.72 28.45
C2' ATP K . -32.35 -17.17 26.71
O2' ATP K . -33.56 -16.67 27.32
C1' ATP K . -32.35 -16.96 25.18
N9 ATP K . -31.77 -18.16 24.54
C8 ATP K . -30.58 -18.18 23.90
N7 ATP K . -30.33 -19.43 23.43
C5 ATP K . -31.38 -20.22 23.76
C6 ATP K . -31.77 -21.65 23.56
N6 ATP K . -30.95 -22.52 22.89
N1 ATP K . -32.94 -22.08 24.08
C2 ATP K . -33.77 -21.23 24.74
N3 ATP K . -33.50 -19.93 24.96
C4 ATP K . -32.34 -19.37 24.50
PG ATP L . -18.22 21.34 -29.02
O1G ATP L . -17.60 20.03 -29.42
O2G ATP L . -18.47 21.39 -27.51
O3G ATP L . -17.59 22.56 -29.67
PB ATP L . -21.05 21.47 -29.12
O1B ATP L . -21.99 21.08 -30.21
O2B ATP L . -21.06 20.83 -27.75
O3B ATP L . -19.62 21.20 -29.78
PA ATP L . -21.23 23.79 -27.60
O1A ATP L . -22.60 23.77 -26.99
O2A ATP L . -20.05 23.36 -26.77
O3A ATP L . -21.20 23.06 -29.03
O5' ATP L . -20.96 25.29 -28.09
C5' ATP L . -19.59 25.62 -28.26
C4' ATP L . -19.49 27.12 -28.52
O4' ATP L . -20.04 27.42 -29.82
C3' ATP L . -20.20 28.00 -27.47
O3' ATP L . -19.28 28.67 -26.58
C2' ATP L . -21.03 29.00 -28.30
O2' ATP L . -20.62 30.36 -28.07
C1' ATP L . -20.87 28.58 -29.76
N9 ATP L . -22.20 28.23 -30.34
C8 ATP L . -22.44 27.18 -31.13
N7 ATP L . -23.75 27.14 -31.49
C5 ATP L . -24.36 28.19 -30.91
C6 ATP L . -25.73 28.74 -30.87
N6 ATP L . -26.74 28.13 -31.56
N1 ATP L . -25.94 29.87 -30.15
C2 ATP L . -24.94 30.48 -29.48
N3 ATP L . -23.67 30.04 -29.47
C4 ATP L . -23.32 28.92 -30.16
PG ATP M . -26.76 12.97 15.36
O1G ATP M . -25.67 13.22 14.35
O2G ATP M . -26.50 13.53 16.75
O3G ATP M . -27.28 11.56 15.39
PB ATP M . -29.49 13.32 15.14
O1B ATP M . -30.00 12.49 14.00
O2B ATP M . -29.48 12.77 16.54
O3B ATP M . -28.01 13.83 14.80
PA ATP M . -30.66 15.44 16.47
O1A ATP M . -31.66 14.63 17.24
O2A ATP M . -29.38 15.87 17.14
O3A ATP M . -30.31 14.69 15.10
O5' ATP M . -31.43 16.72 15.89
C5' ATP M . -30.68 17.88 15.55
C4' ATP M . -31.60 19.09 15.54
O4' ATP M . -32.17 19.38 14.25
C3' ATP M . -32.74 19.05 16.57
O3' ATP M . -32.42 19.75 17.80
C2' ATP M . -33.94 19.65 15.88
O2' ATP M . -34.18 20.99 16.33
C1' ATP M . -33.57 19.63 14.38
N9 ATP M . -34.23 18.45 13.78
C8 ATP M . -33.58 17.36 13.33
N7 ATP M . -34.45 16.44 12.85
C5 ATP M . -35.70 16.96 12.99
C6 ATP M . -37.07 16.50 12.68
N6 ATP M . -37.30 15.30 12.10
N1 ATP M . -38.11 17.33 12.98
C2 ATP M . -37.89 18.54 13.54
N3 ATP M . -36.66 19.02 13.86
C4 ATP M . -35.54 18.29 13.61
PG ATP N . 11.77 23.75 -35.02
O1G ATP N . 11.04 22.51 -35.46
O2G ATP N . 11.48 24.11 -33.58
O3G ATP N . 13.23 23.82 -35.45
PB ATP N . 10.44 26.22 -35.43
O1B ATP N . 9.71 26.75 -36.64
O2B ATP N . 9.76 25.99 -34.10
O3B ATP N . 11.04 24.84 -35.96
PA ATP N . 12.13 27.70 -33.80
O1A ATP N . 12.25 26.48 -32.91
O2A ATP N . 11.36 28.89 -33.32
O3A ATP N . 11.68 27.24 -35.26
O5' ATP N . 13.61 28.18 -34.14
C5' ATP N . 14.61 27.17 -34.10
C4' ATP N . 15.97 27.83 -34.29
O4' ATP N . 16.06 28.40 -35.60
C3' ATP N . 16.26 28.95 -33.27
O3' ATP N . 17.23 28.54 -32.27
C2' ATP N . 16.76 30.13 -34.10
O2' ATP N . 18.12 30.51 -33.76
C1' ATP N . 16.64 29.72 -35.57
N9 ATP N . 15.74 30.64 -36.29
C8 ATP N . 14.78 30.27 -37.17
N7 ATP N . 14.13 31.35 -37.65
C5 ATP N . 14.67 32.44 -37.08
C6 ATP N . 14.45 33.90 -37.15
N6 ATP N . 13.49 34.43 -37.95
N1 ATP N . 15.23 34.70 -36.39
C2 ATP N . 16.19 34.19 -35.58
N3 ATP N . 16.45 32.88 -35.47
C4 ATP N . 15.74 31.97 -36.18
PG ATP O . -3.77 29.41 7.49
O1G ATP O . -2.87 28.53 6.63
O2G ATP O . -3.34 29.58 8.94
O3G ATP O . -5.25 29.11 7.35
PB ATP O . -4.85 31.90 6.89
O1B ATP O . -5.65 31.78 5.64
O2B ATP O . -5.50 31.77 8.25
O3B ATP O . -3.62 30.86 6.82
PA ATP O . -3.79 34.11 8.17
O1A ATP O . -5.08 34.64 8.73
O2A ATP O . -2.86 33.30 9.05
O3A ATP O . -4.09 33.30 6.83
O5' ATP O . -3.00 35.36 7.53
C5' ATP O . -1.59 35.28 7.38
C4' ATP O . -0.99 36.68 7.35
O4' ATP O . -0.88 37.18 6.00
C3' ATP O . -1.71 37.73 8.22
O3' ATP O . -1.12 37.94 9.52
C2' ATP O . -1.71 39.00 7.37
O2' ATP O . -0.73 39.95 7.86
C1' ATP O . -1.38 38.53 5.94
N9 ATP O . -2.64 38.43 5.19
C8 ATP O . -3.19 37.27 4.78
N7 ATP O . -4.35 37.51 4.11
C5 ATP O . -4.56 38.84 4.11
C6 ATP O . -5.60 39.77 3.59
N6 ATP O . -6.69 39.31 2.91
N1 ATP O . -5.45 41.10 3.79
C2 ATP O . -4.38 41.58 4.47
N3 ATP O . -3.39 40.80 4.97
C4 ATP O . -3.43 39.45 4.83
PG ATP P . 22.84 17.46 4.56
O1G ATP P . 22.65 16.17 3.82
O2G ATP P . 23.04 17.30 6.05
O3G ATP P . 21.87 18.56 4.18
PB ATP P . 24.49 19.61 3.97
O1B ATP P . 24.14 20.11 2.60
O2B ATP P . 23.87 20.23 5.19
O3B ATP P . 24.26 18.02 4.03
PA ATP P . 26.75 19.99 5.54
O1A ATP P . 26.46 21.42 5.89
O2A ATP P . 26.39 18.88 6.49
O3A ATP P . 26.08 19.68 4.12
O5' ATP P . 28.30 19.93 5.13
C5' ATP P . 28.97 18.68 5.21
C4' ATP P . 30.47 18.91 5.32
O4' ATP P . 31.08 18.98 4.04
C3' ATP P . 30.87 20.17 6.10
O3' ATP P . 31.23 19.86 7.46
C2' ATP P . 32.06 20.74 5.35
O2' ATP P . 33.27 20.41 6.03
C1' ATP P . 32.00 20.08 3.97
N9 ATP P . 31.37 21.02 3.03
C8 ATP P . 30.17 20.83 2.47
N7 ATP P . 29.86 21.87 1.64
C5 ATP P . 30.89 22.74 1.67
C6 ATP P . 31.22 24.03 1.02
N6 ATP P . 30.34 24.61 0.17
N1 ATP P . 32.40 24.61 1.32
C2 ATP P . 33.27 24.03 2.18
N3 ATP P . 33.04 22.85 2.79
C4 ATP P . 31.89 22.16 2.59
PG ATP Q . 22.08 -32.54 -8.50
O1G ATP Q . 21.50 -32.71 -9.88
O2G ATP Q . 23.06 -31.40 -8.36
O3G ATP Q . 21.07 -32.62 -7.38
PB ATP Q . 24.09 -34.27 -9.38
O1B ATP Q . 24.42 -33.04 -10.20
O2B ATP Q . 25.21 -35.00 -8.66
O3B ATP Q . 22.97 -33.87 -8.29
PA ATP Q . 22.81 -36.75 -9.74
O1A ATP Q . 21.83 -37.33 -10.72
O2A ATP Q . 22.39 -36.56 -8.29
O3A ATP Q . 23.32 -35.32 -10.32
O5' ATP Q . 24.15 -37.64 -9.74
C5' ATP Q . 24.29 -38.74 -8.86
C4' ATP Q . 25.75 -38.89 -8.44
O4' ATP Q . 26.11 -37.75 -7.64
C3' ATP Q . 25.94 -40.11 -7.55
O3' ATP Q . 27.09 -40.84 -8.00
C2' ATP Q . 26.17 -39.60 -6.15
O2' ATP Q . 27.41 -40.09 -5.64
C1' ATP Q . 26.24 -38.08 -6.25
N9 ATP Q . 25.12 -37.44 -5.49
C8 ATP Q . 23.96 -38.03 -5.13
N7 ATP Q . 23.17 -37.16 -4.44
C5 ATP Q . 23.83 -36.00 -4.36
C6 ATP Q . 23.56 -34.66 -3.76
N6 ATP Q . 22.40 -34.40 -3.11
N1 ATP Q . 24.51 -33.72 -3.89
C2 ATP Q . 25.67 -33.95 -4.53
N3 ATP Q . 25.97 -35.13 -5.10
C4 ATP Q . 25.11 -36.18 -5.04
PG ATP R . 32.33 -9.88 19.46
O1G ATP R . 32.54 -8.75 18.48
O2G ATP R . 32.37 -9.45 20.90
O3G ATP R . 31.19 -10.81 19.11
PB ATP R . 35.04 -10.11 18.83
O1B ATP R . 35.17 -10.20 17.33
O2B ATP R . 35.14 -8.79 19.52
O3B ATP R . 33.64 -10.79 19.27
PA ATP R . 36.84 -10.81 20.85
O1A ATP R . 37.76 -9.65 20.64
O2A ATP R . 35.82 -10.78 21.96
O3A ATP R . 36.10 -11.13 19.47
O5' ATP R . 37.77 -12.12 21.02
C5' ATP R . 37.25 -13.26 21.69
C4' ATP R . 38.42 -14.12 22.18
O4' ATP R . 38.81 -15.10 21.21
C3' ATP R . 39.65 -13.33 22.60
O3' ATP R . 39.68 -13.12 24.02
C2' ATP R . 40.82 -14.17 22.14
O2' ATP R . 41.36 -14.92 23.24
C1' ATP R . 40.25 -15.11 21.08
N9 ATP R . 40.54 -14.54 19.74
C8 ATP R . 39.60 -14.05 18.91
N7 ATP R . 40.17 -13.61 17.76
C5 ATP R . 41.50 -13.82 17.86
C6 ATP R . 42.68 -13.58 16.99
N6 ATP R . 42.54 -13.01 15.76
N1 ATP R . 43.90 -13.94 17.46
C2 ATP R . 44.04 -14.50 18.67
N3 ATP R . 43.01 -14.75 19.51
C4 ATP R . 41.74 -14.43 19.17
#